data_4TLV
#
_entry.id   4TLV
#
_cell.length_a   191.698
_cell.length_b   107.407
_cell.length_c   222.261
_cell.angle_alpha   90.00
_cell.angle_beta   90.64
_cell.angle_gamma   90.00
#
_symmetry.space_group_name_H-M   'C 1 2 1'
#
loop_
_entity.id
_entity.type
_entity.pdbx_description
1 polymer 'ADP-ribosylating toxin CARDS'
2 non-polymer 'SULFATE ION'
3 non-polymer GLYCEROL
4 non-polymer 'ACETATE ION'
5 water water
#
_entity_poly.entity_id   1
_entity_poly.type   'polypeptide(L)'
_entity_poly.pdbx_seq_one_letter_code
;GHMPNPVRFVYRVDLRSPEEIFEHGFSTLGDVRNFFEHILSTNFGRSYFISTSETPTAAIRFFGSWLREYVPEHPRRAYL
YEIRADQHFYNARATGENLLDLMRQRQVVFDSGDREMAQMGIRALRTSFAYQREWFTDGPIAAANVRSAWLVDAVPVEPG
HAHHPAGRVVETTRINEPEMHNPHYQELQTQANDQPWLPTPGIATPVHLSIPQAASVADVSEGTSASLSFACPDWSPPSS
NGENPLDKCIAEKIDNYNLQSLPQYASSVKELEDTPVYLRGIKTQKTFMLQADPQNNNVFLVEVNPKSSFPQTIFFWDVY
QRICLKDLTGAQISLSLTAFTTQYAGQLKVHLSVSAVNAVNQKWKMTPQDIAITQFRVSSELLGQTENGLFWNTKSGGSQ
HDLYVCPLKNPPSDLEELQIIVDECTTHAQFVTMRAASTFFVDVQLGWYWRGYYYTPQLSGWSYQMKTPDGQIFYDLKTS
KIFFVQDNQNVFFLHNKLNKQTGYSWDWVEWLKHDMNEDKDENFKWYFSRDDLTIPSVEGLNFRHIRCYADNQQLKVIIS
GSRWGGWYSTYDKVESNVEDKILVKDGFDRF
;
_entity_poly.pdbx_strand_id   A,B,C,D,E,F
#
loop_
_chem_comp.id
_chem_comp.type
_chem_comp.name
_chem_comp.formula
ACT non-polymer 'ACETATE ION' 'C2 H3 O2 -1'
GOL non-polymer GLYCEROL 'C3 H8 O3'
SO4 non-polymer 'SULFATE ION' 'O4 S -2'
#
# COMPACT_ATOMS: atom_id res chain seq x y z
N MET A 3 -1.52 -13.37 -65.58
CA MET A 3 -2.06 -12.29 -66.43
C MET A 3 -3.52 -11.91 -66.09
N PRO A 4 -4.29 -12.82 -65.47
CA PRO A 4 -5.63 -12.42 -65.00
C PRO A 4 -5.55 -11.48 -63.80
N ASN A 5 -4.39 -11.47 -63.14
CA ASN A 5 -4.19 -10.77 -61.88
C ASN A 5 -2.84 -10.07 -61.87
N PRO A 6 -2.59 -9.22 -62.86
CA PRO A 6 -1.26 -8.63 -63.00
C PRO A 6 -1.06 -7.54 -61.96
N VAL A 7 0.17 -7.10 -61.77
CA VAL A 7 0.41 -5.86 -61.08
C VAL A 7 0.44 -4.77 -62.14
N ARG A 8 -0.60 -3.95 -62.16
CA ARG A 8 -0.78 -3.00 -63.26
C ARG A 8 -0.20 -1.63 -62.90
N PHE A 9 -0.47 -1.17 -61.69
CA PHE A 9 0.08 0.10 -61.22
C PHE A 9 0.92 -0.08 -59.97
N VAL A 10 1.99 0.70 -59.89
CA VAL A 10 2.77 0.82 -58.67
C VAL A 10 2.80 2.31 -58.30
N TYR A 11 3.37 2.65 -57.15
CA TYR A 11 3.26 4.01 -56.61
C TYR A 11 4.57 4.48 -56.03
N ARG A 12 4.80 5.78 -56.08
CA ARG A 12 6.05 6.32 -55.56
C ARG A 12 5.81 7.76 -55.09
N VAL A 13 6.27 8.05 -53.88
CA VAL A 13 6.20 9.42 -53.36
C VAL A 13 7.55 10.09 -53.66
N ASP A 14 7.50 11.28 -54.23
CA ASP A 14 8.71 11.96 -54.67
C ASP A 14 8.46 13.46 -54.47
N LEU A 15 9.49 14.20 -54.06
CA LEU A 15 9.32 15.62 -53.82
C LEU A 15 9.28 16.44 -55.12
N ARG A 16 9.74 15.86 -56.23
CA ARG A 16 9.67 16.55 -57.51
C ARG A 16 8.23 16.72 -57.97
N SER A 17 7.93 17.87 -58.57
CA SER A 17 6.57 18.23 -58.97
C SER A 17 6.12 17.53 -60.26
N PRO A 18 4.81 17.44 -60.45
CA PRO A 18 4.33 16.78 -61.67
C PRO A 18 4.83 17.47 -62.94
N GLU A 19 5.06 18.77 -62.88
CA GLU A 19 5.55 19.45 -64.07
C GLU A 19 6.83 18.76 -64.55
N GLU A 20 7.72 18.42 -63.62
CA GLU A 20 8.95 17.74 -64.01
C GLU A 20 8.76 16.26 -64.35
N ILE A 21 8.11 15.53 -63.45
CA ILE A 21 7.93 14.09 -63.60
C ILE A 21 7.07 13.71 -64.81
N PHE A 22 5.97 14.43 -65.01
CA PHE A 22 5.06 14.17 -66.12
C PHE A 22 5.79 14.32 -67.45
N GLU A 23 6.85 15.12 -67.47
CA GLU A 23 7.60 15.38 -68.68
C GLU A 23 8.82 14.46 -68.84
N HIS A 24 9.49 14.14 -67.73
CA HIS A 24 10.77 13.43 -67.80
C HIS A 24 10.79 12.03 -67.19
N GLY A 25 9.73 11.61 -66.51
CA GLY A 25 9.76 10.33 -65.80
C GLY A 25 10.69 10.39 -64.60
N PHE A 26 11.23 9.23 -64.20
CA PHE A 26 12.15 9.17 -63.07
C PHE A 26 13.52 8.68 -63.53
N SER A 27 14.57 9.32 -63.04
CA SER A 27 15.93 8.93 -63.42
C SER A 27 16.58 8.14 -62.30
N THR A 28 17.61 7.36 -62.63
CA THR A 28 18.27 6.53 -61.62
C THR A 28 19.29 7.35 -60.83
N LEU A 29 19.68 6.86 -59.66
CA LEU A 29 20.77 7.43 -58.89
C LEU A 29 22.11 7.25 -59.61
N GLY A 30 22.34 6.05 -60.14
CA GLY A 30 23.61 5.69 -60.73
C GLY A 30 23.51 4.50 -61.67
N ASP A 31 24.63 3.79 -61.83
CA ASP A 31 24.68 2.72 -62.84
C ASP A 31 24.94 1.31 -62.31
N VAL A 32 24.79 1.15 -60.99
CA VAL A 32 25.08 -0.14 -60.34
C VAL A 32 23.85 -1.04 -60.24
N ARG A 33 23.91 -2.21 -60.83
CA ARG A 33 22.79 -3.15 -60.78
C ARG A 33 23.11 -4.22 -59.76
N ASN A 34 23.01 -3.86 -58.48
CA ASN A 34 23.34 -4.79 -57.40
C ASN A 34 22.13 -4.92 -56.51
N PHE A 35 21.51 -6.10 -56.49
CA PHE A 35 20.23 -6.26 -55.79
C PHE A 35 20.37 -6.04 -54.28
N PHE A 36 21.34 -6.71 -53.66
CA PHE A 36 21.49 -6.60 -52.22
C PHE A 36 21.85 -5.18 -51.77
N GLU A 37 22.72 -4.50 -52.52
CA GLU A 37 23.07 -3.11 -52.15
C GLU A 37 21.87 -2.19 -52.23
N HIS A 38 20.96 -2.47 -53.15
CA HIS A 38 19.76 -1.67 -53.30
C HIS A 38 18.77 -1.88 -52.14
N ILE A 39 18.59 -3.15 -51.76
CA ILE A 39 17.73 -3.49 -50.63
C ILE A 39 18.31 -2.94 -49.33
N LEU A 40 19.63 -3.00 -49.20
CA LEU A 40 20.28 -2.62 -47.93
C LEU A 40 20.83 -1.19 -47.92
N SER A 41 20.63 -0.47 -49.02
CA SER A 41 21.10 0.91 -49.16
C SER A 41 22.60 1.07 -48.87
N THR A 42 23.38 0.07 -49.28
CA THR A 42 24.83 0.10 -49.09
C THR A 42 25.47 1.23 -49.88
N ASN A 43 26.29 2.05 -49.21
CA ASN A 43 26.94 3.18 -49.87
C ASN A 43 25.96 3.89 -50.80
N PHE A 44 24.84 4.32 -50.22
CA PHE A 44 23.68 4.75 -50.98
C PHE A 44 23.97 5.85 -51.98
N GLY A 45 23.37 5.73 -53.16
CA GLY A 45 23.39 6.82 -54.12
C GLY A 45 23.89 6.40 -55.49
N ARG A 46 24.14 5.11 -55.68
CA ARG A 46 24.70 4.64 -56.96
C ARG A 46 23.78 3.66 -57.71
N SER A 47 22.65 3.28 -57.11
CA SER A 47 21.84 2.22 -57.72
C SER A 47 21.19 2.58 -59.06
N TYR A 48 21.14 1.58 -59.95
CA TYR A 48 20.46 1.70 -61.23
C TYR A 48 18.98 1.42 -61.04
N PHE A 49 18.59 0.92 -59.87
CA PHE A 49 17.22 0.52 -59.64
C PHE A 49 16.41 1.67 -59.05
N ILE A 50 15.18 1.86 -59.52
CA ILE A 50 14.29 2.88 -58.94
C ILE A 50 13.16 2.21 -58.17
N SER A 51 12.93 2.66 -56.93
CA SER A 51 11.93 2.02 -56.07
C SER A 51 10.51 2.54 -56.26
N THR A 52 9.56 1.61 -56.21
CA THR A 52 8.14 1.93 -56.19
C THR A 52 7.48 0.90 -55.28
N SER A 53 6.22 1.11 -54.97
CA SER A 53 5.51 0.21 -54.06
C SER A 53 4.20 -0.29 -54.72
N GLU A 54 3.78 -1.50 -54.37
CA GLU A 54 2.57 -2.05 -54.93
C GLU A 54 1.31 -1.30 -54.46
N THR A 55 1.39 -0.58 -53.34
CA THR A 55 0.22 0.16 -52.83
C THR A 55 0.58 1.59 -52.43
N PRO A 56 -0.40 2.51 -52.50
CA PRO A 56 -0.15 3.88 -52.06
C PRO A 56 0.20 3.94 -50.57
N THR A 57 -0.44 3.10 -49.78
CA THR A 57 -0.19 3.12 -48.35
C THR A 57 1.26 2.76 -48.00
N ALA A 58 1.81 1.76 -48.67
CA ALA A 58 3.20 1.40 -48.45
C ALA A 58 4.16 2.45 -49.04
N ALA A 59 3.82 3.01 -50.19
CA ALA A 59 4.67 4.05 -50.78
C ALA A 59 4.80 5.27 -49.87
N ILE A 60 3.76 5.55 -49.08
CA ILE A 60 3.73 6.82 -48.33
C ILE A 60 4.12 6.66 -46.87
N ARG A 61 4.28 5.42 -46.41
CA ARG A 61 4.60 5.19 -44.98
C ARG A 61 5.80 6.01 -44.47
N PHE A 62 6.89 6.05 -45.23
CA PHE A 62 8.10 6.75 -44.74
C PHE A 62 7.78 8.21 -44.49
N PHE A 63 6.84 8.72 -45.28
CA PHE A 63 6.51 10.13 -45.28
C PHE A 63 5.76 10.54 -44.00
N GLY A 64 5.25 9.57 -43.25
CA GLY A 64 4.65 9.82 -41.95
C GLY A 64 5.60 9.75 -40.76
N SER A 65 6.91 9.84 -40.99
CA SER A 65 7.88 9.83 -39.90
C SER A 65 7.58 10.96 -38.91
N TRP A 66 7.77 10.69 -37.62
CA TRP A 66 7.39 11.63 -36.59
C TRP A 66 8.44 12.72 -36.40
N LEU A 67 8.00 13.91 -35.97
CA LEU A 67 8.92 15.05 -35.90
C LEU A 67 9.50 15.21 -34.51
N ARG A 68 10.66 15.86 -34.42
CA ARG A 68 11.17 16.35 -33.14
C ARG A 68 10.28 17.49 -32.64
N GLU A 69 10.39 17.79 -31.35
CA GLU A 69 9.61 18.85 -30.71
C GLU A 69 10.14 20.25 -31.01
N TYR A 70 9.89 20.75 -32.23
CA TYR A 70 10.23 22.12 -32.61
C TYR A 70 9.11 22.64 -33.49
N VAL A 71 9.13 23.93 -33.78
CA VAL A 71 8.14 24.52 -34.68
C VAL A 71 8.54 24.27 -36.14
N PRO A 72 7.75 23.46 -36.87
CA PRO A 72 8.10 23.16 -38.25
C PRO A 72 7.92 24.40 -39.11
N GLU A 73 9.00 24.91 -39.68
CA GLU A 73 8.92 26.12 -40.49
C GLU A 73 8.65 25.77 -41.94
N HIS A 74 8.81 24.49 -42.25
CA HIS A 74 8.49 23.99 -43.58
C HIS A 74 7.61 22.74 -43.49
N PRO A 75 6.28 22.95 -43.47
CA PRO A 75 5.31 21.87 -43.59
C PRO A 75 5.74 20.89 -44.67
N ARG A 76 5.40 19.63 -44.45
CA ARG A 76 5.97 18.56 -45.24
C ARG A 76 5.00 18.18 -46.36
N ARG A 77 5.42 18.39 -47.61
CA ARG A 77 4.61 18.13 -48.81
C ARG A 77 5.40 17.42 -49.90
N ALA A 78 4.70 16.59 -50.69
CA ALA A 78 5.35 15.81 -51.76
C ALA A 78 4.25 15.38 -52.70
N TYR A 79 4.58 14.52 -53.67
CA TYR A 79 3.58 14.02 -54.60
C TYR A 79 3.57 12.52 -54.66
N LEU A 80 2.37 11.95 -54.69
CA LEU A 80 2.22 10.51 -54.88
C LEU A 80 1.99 10.30 -56.36
N TYR A 81 2.84 9.49 -56.98
CA TYR A 81 2.69 9.18 -58.39
C TYR A 81 2.19 7.76 -58.62
N GLU A 82 1.24 7.63 -59.54
CA GLU A 82 0.71 6.35 -59.97
C GLU A 82 1.35 6.00 -61.31
N ILE A 83 1.99 4.83 -61.38
CA ILE A 83 2.88 4.49 -62.48
C ILE A 83 2.50 3.12 -63.05
N ARG A 84 2.21 3.07 -64.35
CA ARG A 84 1.89 1.81 -64.99
C ARG A 84 3.15 0.97 -65.04
N ALA A 85 3.05 -0.26 -64.55
CA ALA A 85 4.19 -1.19 -64.54
C ALA A 85 4.32 -1.94 -65.86
N ASP A 86 5.55 -2.31 -66.21
CA ASP A 86 5.80 -3.07 -67.44
C ASP A 86 6.93 -4.08 -67.16
N GLN A 87 7.45 -4.72 -68.21
CA GLN A 87 8.41 -5.83 -68.02
C GLN A 87 9.73 -5.43 -67.35
N HIS A 88 10.03 -4.14 -67.23
CA HIS A 88 11.25 -3.80 -66.49
C HIS A 88 11.01 -3.47 -65.00
N PHE A 89 9.81 -3.78 -64.51
CA PHE A 89 9.48 -3.68 -63.09
C PHE A 89 9.49 -5.08 -62.46
N TYR A 90 10.24 -5.23 -61.36
CA TYR A 90 10.44 -6.53 -60.71
C TYR A 90 10.13 -6.47 -59.23
N ASN A 91 9.58 -7.54 -58.69
CA ASN A 91 9.27 -7.58 -57.25
C ASN A 91 10.51 -7.90 -56.38
N ALA A 92 10.79 -7.03 -55.41
CA ALA A 92 11.98 -7.21 -54.57
C ALA A 92 11.88 -8.51 -53.76
N ARG A 93 10.74 -8.74 -53.10
CA ARG A 93 10.64 -9.96 -52.28
C ARG A 93 10.81 -11.27 -53.09
N ALA A 94 10.12 -11.36 -54.23
CA ALA A 94 10.19 -12.57 -55.03
C ALA A 94 11.61 -12.76 -55.57
N THR A 95 12.25 -11.65 -55.94
CA THR A 95 13.62 -11.69 -56.41
C THR A 95 14.52 -12.30 -55.32
N GLY A 96 14.30 -11.87 -54.07
CA GLY A 96 15.07 -12.36 -52.95
C GLY A 96 14.83 -13.84 -52.69
N GLU A 97 13.57 -14.28 -52.78
CA GLU A 97 13.27 -15.68 -52.55
C GLU A 97 13.92 -16.60 -53.59
N ASN A 98 13.99 -16.11 -54.82
CA ASN A 98 14.63 -16.86 -55.90
C ASN A 98 16.12 -17.00 -55.59
N LEU A 99 16.74 -15.92 -55.16
CA LEU A 99 18.16 -15.94 -54.78
C LEU A 99 18.43 -16.88 -53.59
N LEU A 100 17.51 -16.91 -52.63
CA LEU A 100 17.64 -17.86 -51.52
C LEU A 100 17.63 -19.30 -52.04
N ASP A 101 16.64 -19.60 -52.88
CA ASP A 101 16.53 -20.90 -53.52
C ASP A 101 17.86 -21.27 -54.21
N LEU A 102 18.35 -20.41 -55.10
CA LEU A 102 19.61 -20.69 -55.78
C LEU A 102 20.76 -20.93 -54.81
N MET A 103 20.87 -20.10 -53.77
CA MET A 103 21.90 -20.28 -52.75
C MET A 103 21.78 -21.62 -52.02
N ARG A 104 20.56 -22.03 -51.67
CA ARG A 104 20.40 -23.30 -50.96
C ARG A 104 20.71 -24.49 -51.88
N GLN A 105 20.45 -24.34 -53.18
CA GLN A 105 20.69 -25.43 -54.13
C GLN A 105 22.14 -25.37 -54.62
N ARG A 106 22.90 -24.40 -54.12
CA ARG A 106 24.31 -24.24 -54.46
C ARG A 106 24.59 -23.85 -55.92
N GLN A 107 23.84 -22.89 -56.43
CA GLN A 107 23.97 -22.47 -57.82
C GLN A 107 24.39 -21.01 -57.90
N VAL A 108 25.15 -20.58 -56.91
CA VAL A 108 25.59 -19.20 -56.87
C VAL A 108 27.11 -19.10 -56.75
N VAL A 109 27.70 -18.17 -57.47
CA VAL A 109 29.10 -17.84 -57.27
C VAL A 109 29.21 -16.55 -56.50
N PHE A 110 29.82 -16.60 -55.32
CA PHE A 110 29.95 -15.38 -54.53
C PHE A 110 31.19 -14.60 -54.94
N ASP A 111 30.99 -13.55 -55.73
CA ASP A 111 32.07 -12.66 -56.11
C ASP A 111 32.61 -11.95 -54.88
N SER A 112 31.71 -11.70 -53.94
CA SER A 112 32.04 -11.03 -52.70
C SER A 112 31.05 -11.52 -51.65
N GLY A 113 31.49 -11.57 -50.41
CA GLY A 113 30.65 -12.08 -49.33
C GLY A 113 30.41 -13.58 -49.41
N ASP A 114 29.38 -14.06 -48.71
CA ASP A 114 29.07 -15.48 -48.66
C ASP A 114 27.61 -15.73 -48.36
N ARG A 115 27.21 -17.00 -48.32
CA ARG A 115 25.81 -17.34 -48.15
C ARG A 115 25.23 -16.89 -46.79
N GLU A 116 26.01 -17.04 -45.73
CA GLU A 116 25.55 -16.60 -44.41
C GLU A 116 25.17 -15.12 -44.45
N MET A 117 26.04 -14.30 -45.03
CA MET A 117 25.76 -12.88 -45.17
C MET A 117 24.54 -12.60 -46.04
N ALA A 118 24.42 -13.34 -47.15
CA ALA A 118 23.29 -13.13 -48.05
C ALA A 118 21.98 -13.46 -47.34
N GLN A 119 21.99 -14.51 -46.52
CA GLN A 119 20.80 -14.90 -45.78
C GLN A 119 20.40 -13.86 -44.72
N MET A 120 21.38 -13.15 -44.18
CA MET A 120 21.10 -12.02 -43.31
C MET A 120 20.38 -10.93 -44.09
N GLY A 121 20.85 -10.70 -45.32
CA GLY A 121 20.20 -9.74 -46.22
C GLY A 121 18.77 -10.14 -46.54
N ILE A 122 18.57 -11.42 -46.86
CA ILE A 122 17.25 -11.93 -47.18
C ILE A 122 16.32 -11.83 -45.97
N ARG A 123 16.85 -12.11 -44.78
CA ARG A 123 16.04 -11.99 -43.56
C ARG A 123 15.52 -10.56 -43.37
N ALA A 124 16.41 -9.58 -43.58
CA ALA A 124 16.01 -8.18 -43.52
C ALA A 124 14.94 -7.84 -44.57
N LEU A 125 15.13 -8.31 -45.81
CA LEU A 125 14.14 -8.08 -46.87
C LEU A 125 12.78 -8.68 -46.49
N ARG A 126 12.82 -9.87 -45.87
CA ARG A 126 11.61 -10.64 -45.53
C ARG A 126 10.81 -10.01 -44.39
N THR A 127 11.53 -9.35 -43.50
CA THR A 127 10.92 -8.87 -42.27
C THR A 127 10.92 -7.34 -42.29
N SER A 128 12.03 -6.73 -41.90
CA SER A 128 12.16 -5.27 -41.78
C SER A 128 11.68 -4.43 -42.96
N PHE A 129 12.08 -4.79 -44.19
CA PHE A 129 11.72 -3.98 -45.36
C PHE A 129 10.52 -4.49 -46.15
N ALA A 130 9.96 -5.62 -45.78
CA ALA A 130 8.96 -6.28 -46.61
C ALA A 130 7.68 -5.45 -46.80
N TYR A 131 7.29 -4.73 -45.77
CA TYR A 131 6.06 -3.92 -45.79
C TYR A 131 6.10 -2.87 -46.90
N GLN A 132 7.31 -2.55 -47.38
CA GLN A 132 7.44 -1.59 -48.48
C GLN A 132 6.77 -2.07 -49.78
N ARG A 133 6.50 -3.36 -49.87
CA ARG A 133 5.88 -3.92 -51.08
C ARG A 133 6.62 -3.45 -52.31
N GLU A 134 7.95 -3.47 -52.27
CA GLU A 134 8.76 -2.82 -53.32
C GLU A 134 8.77 -3.56 -54.65
N TRP A 135 8.49 -2.81 -55.71
CA TRP A 135 8.78 -3.25 -57.07
C TRP A 135 9.85 -2.27 -57.52
N PHE A 136 11.00 -2.77 -57.96
CA PHE A 136 12.04 -1.88 -58.43
C PHE A 136 12.11 -1.95 -59.95
N THR A 137 12.51 -0.85 -60.57
CA THR A 137 12.66 -0.85 -62.03
C THR A 137 14.13 -1.02 -62.34
N ASP A 138 14.40 -1.74 -63.41
CA ASP A 138 15.77 -2.00 -63.84
C ASP A 138 16.06 -0.82 -64.77
N GLY A 139 16.39 0.30 -64.17
CA GLY A 139 16.66 1.53 -64.90
C GLY A 139 15.57 2.59 -64.87
N PRO A 140 15.72 3.63 -65.70
CA PRO A 140 14.84 4.80 -65.72
C PRO A 140 13.38 4.46 -66.02
N ILE A 141 12.48 5.28 -65.50
CA ILE A 141 11.06 5.14 -65.79
C ILE A 141 10.65 6.28 -66.71
N ALA A 142 10.11 5.93 -67.87
CA ALA A 142 9.70 6.93 -68.86
C ALA A 142 8.48 7.73 -68.40
N ALA A 143 8.39 8.98 -68.87
CA ALA A 143 7.23 9.82 -68.55
C ALA A 143 5.92 9.14 -68.95
N ALA A 144 5.95 8.40 -70.06
CA ALA A 144 4.78 7.72 -70.58
C ALA A 144 4.15 6.68 -69.64
N ASN A 145 4.93 6.18 -68.66
CA ASN A 145 4.39 5.25 -67.66
C ASN A 145 3.60 5.95 -66.55
N VAL A 146 3.80 7.26 -66.38
CA VAL A 146 3.26 7.94 -65.21
C VAL A 146 1.85 8.47 -65.51
N ARG A 147 0.85 7.88 -64.85
CA ARG A 147 -0.52 8.23 -65.20
C ARG A 147 -1.05 9.43 -64.44
N SER A 148 -0.79 9.47 -63.13
CA SER A 148 -1.44 10.45 -62.25
C SER A 148 -0.54 10.89 -61.13
N ALA A 149 -0.90 12.00 -60.48
CA ALA A 149 -0.24 12.44 -59.26
C ALA A 149 -1.25 13.07 -58.31
N TRP A 150 -0.98 12.96 -57.00
CA TRP A 150 -1.75 13.64 -55.96
C TRP A 150 -0.78 14.37 -55.05
N LEU A 151 -1.15 15.58 -54.61
CA LEU A 151 -0.39 16.25 -53.57
C LEU A 151 -0.60 15.51 -52.26
N VAL A 152 0.49 15.21 -51.54
CA VAL A 152 0.33 14.57 -50.24
C VAL A 152 1.01 15.42 -49.20
N ASP A 153 0.52 15.35 -47.98
CA ASP A 153 1.17 16.08 -46.89
C ASP A 153 1.17 15.25 -45.60
N ALA A 154 2.06 15.62 -44.70
CA ALA A 154 2.13 14.96 -43.41
C ALA A 154 1.66 15.99 -42.39
N VAL A 155 0.73 15.61 -41.53
CA VAL A 155 0.23 16.51 -40.49
C VAL A 155 0.16 15.82 -39.12
N PRO A 156 0.37 16.60 -38.04
CA PRO A 156 0.30 15.98 -36.70
C PRO A 156 -1.12 15.52 -36.36
N VAL A 157 -1.21 14.43 -35.62
CA VAL A 157 -2.48 13.95 -35.07
C VAL A 157 -2.86 14.76 -33.83
N GLU A 158 -4.12 15.22 -33.76
CA GLU A 158 -4.59 16.01 -32.61
C GLU A 158 -3.59 17.10 -32.15
N PRO A 159 -3.20 18.01 -33.06
CA PRO A 159 -2.15 18.98 -32.69
C PRO A 159 -2.52 19.87 -31.50
N GLY A 160 -1.52 20.27 -30.74
CA GLY A 160 -1.74 21.12 -29.58
C GLY A 160 -2.16 20.32 -28.36
N HIS A 161 -2.54 19.05 -28.55
CA HIS A 161 -3.05 18.26 -27.44
C HIS A 161 -2.38 16.90 -27.26
N ALA A 162 -2.13 16.19 -28.35
CA ALA A 162 -1.55 14.84 -28.24
C ALA A 162 -0.22 14.91 -27.52
N HIS A 163 0.04 13.98 -26.60
CA HIS A 163 1.36 13.91 -25.98
C HIS A 163 2.34 13.36 -27.01
N HIS A 164 3.63 13.66 -26.80
CA HIS A 164 4.67 13.28 -27.76
C HIS A 164 5.43 12.06 -27.26
N PRO A 165 5.15 10.88 -27.82
CA PRO A 165 5.79 9.68 -27.27
C PRO A 165 7.32 9.74 -27.42
N ALA A 166 8.04 9.54 -26.32
CA ALA A 166 9.50 9.67 -26.30
C ALA A 166 9.98 10.97 -26.92
N GLY A 167 9.18 12.03 -26.81
CA GLY A 167 9.59 13.33 -27.31
C GLY A 167 9.44 13.55 -28.81
N ARG A 168 8.72 12.65 -29.48
CA ARG A 168 8.46 12.79 -30.92
C ARG A 168 6.99 13.08 -31.16
N VAL A 169 6.70 13.83 -32.22
CA VAL A 169 5.33 14.28 -32.49
C VAL A 169 4.65 13.35 -33.49
N VAL A 170 3.54 12.75 -33.09
CA VAL A 170 2.81 11.79 -33.92
C VAL A 170 2.24 12.45 -35.16
N GLU A 171 2.63 11.93 -36.32
CA GLU A 171 2.18 12.44 -37.60
C GLU A 171 1.39 11.39 -38.36
N THR A 172 0.54 11.86 -39.25
CA THR A 172 -0.07 10.97 -40.24
C THR A 172 0.05 11.64 -41.60
N THR A 173 -0.40 10.97 -42.64
CA THR A 173 -0.28 11.52 -43.99
C THR A 173 -1.67 11.68 -44.56
N ARG A 174 -1.79 12.56 -45.56
CA ARG A 174 -3.05 12.74 -46.26
C ARG A 174 -2.80 12.76 -47.75
N ILE A 175 -3.67 12.08 -48.49
CA ILE A 175 -3.64 12.17 -49.94
C ILE A 175 -4.72 13.16 -50.38
N ASN A 176 -4.29 14.32 -50.85
CA ASN A 176 -5.22 15.39 -51.20
C ASN A 176 -5.82 15.27 -52.61
N GLU A 177 -7.13 15.48 -52.71
CA GLU A 177 -7.78 15.67 -54.01
C GLU A 177 -7.35 17.03 -54.53
N PRO A 178 -7.42 17.25 -55.85
CA PRO A 178 -7.86 16.29 -56.86
C PRO A 178 -6.69 15.58 -57.51
N GLU A 179 -6.98 14.46 -58.15
CA GLU A 179 -5.99 13.74 -58.92
C GLU A 179 -5.57 14.59 -60.11
N MET A 180 -4.28 14.60 -60.41
CA MET A 180 -3.80 15.29 -61.60
C MET A 180 -3.39 14.27 -62.66
N HIS A 181 -3.96 14.37 -63.86
CA HIS A 181 -3.63 13.41 -64.91
C HIS A 181 -2.48 13.89 -65.81
N ASN A 182 -1.58 12.97 -66.14
CA ASN A 182 -0.45 13.27 -67.00
C ASN A 182 -0.84 13.22 -68.47
N PRO A 183 -0.80 14.36 -69.17
CA PRO A 183 -1.23 14.33 -70.58
C PRO A 183 -0.28 13.48 -71.45
N HIS A 184 0.94 13.26 -70.99
CA HIS A 184 1.91 12.43 -71.71
C HIS A 184 1.77 10.94 -71.40
N TYR A 185 0.84 10.58 -70.52
CA TYR A 185 0.65 9.17 -70.19
C TYR A 185 0.20 8.38 -71.42
N GLN A 186 0.75 7.19 -71.60
CA GLN A 186 0.27 6.29 -72.64
C GLN A 186 -0.35 5.04 -72.02
N GLU A 187 -1.58 4.71 -72.40
CA GLU A 187 -2.22 3.49 -71.88
C GLU A 187 -1.79 2.31 -72.75
N LEU A 188 -0.82 1.54 -72.28
CA LEU A 188 -0.29 0.47 -73.12
C LEU A 188 -0.74 -0.93 -72.69
N GLN A 189 -1.58 -1.03 -71.67
CA GLN A 189 -2.06 -2.31 -71.17
C GLN A 189 -0.91 -3.33 -70.96
N THR A 190 0.04 -2.93 -70.13
CA THR A 190 1.18 -3.77 -69.77
C THR A 190 0.99 -4.31 -68.36
N GLN A 191 1.93 -5.12 -67.89
CA GLN A 191 1.92 -5.57 -66.50
C GLN A 191 3.36 -5.71 -66.01
N ALA A 192 3.56 -5.67 -64.70
CA ALA A 192 4.89 -5.83 -64.14
C ALA A 192 5.43 -7.21 -64.52
N ASN A 193 6.75 -7.36 -64.57
CA ASN A 193 7.35 -8.66 -64.84
C ASN A 193 6.96 -9.67 -63.75
N ASP A 194 6.47 -10.85 -64.12
CA ASP A 194 6.12 -11.84 -63.08
C ASP A 194 7.28 -12.75 -62.68
N GLN A 195 8.45 -12.48 -63.25
CA GLN A 195 9.64 -13.29 -62.93
C GLN A 195 10.55 -12.61 -61.92
N PRO A 196 11.31 -13.42 -61.18
CA PRO A 196 12.35 -12.87 -60.29
C PRO A 196 13.44 -12.24 -61.14
N TRP A 197 14.02 -11.16 -60.64
CA TRP A 197 15.07 -10.46 -61.37
C TRP A 197 16.41 -11.21 -61.29
N LEU A 198 17.14 -11.24 -62.41
CA LEU A 198 18.54 -11.64 -62.43
C LEU A 198 19.19 -10.70 -63.43
N PRO A 199 20.50 -10.50 -63.33
CA PRO A 199 21.19 -9.46 -64.11
C PRO A 199 21.45 -9.82 -65.57
N THR A 200 21.35 -11.10 -65.92
CA THR A 200 21.71 -11.53 -67.28
C THR A 200 20.54 -12.31 -67.90
N PRO A 201 20.55 -12.46 -69.24
CA PRO A 201 19.41 -13.12 -69.87
C PRO A 201 19.57 -14.62 -70.04
N GLY A 202 18.49 -15.29 -70.44
CA GLY A 202 18.53 -16.71 -70.76
C GLY A 202 18.98 -17.57 -69.60
N ILE A 203 19.95 -18.46 -69.84
CA ILE A 203 20.50 -19.24 -68.74
C ILE A 203 21.44 -18.35 -67.94
N ALA A 204 21.04 -18.04 -66.73
CA ALA A 204 21.88 -17.27 -65.83
C ALA A 204 22.50 -18.22 -64.82
N THR A 205 22.10 -19.49 -64.91
CA THR A 205 22.36 -20.53 -63.90
C THR A 205 23.51 -20.29 -62.93
N PRO A 206 24.74 -20.21 -63.44
CA PRO A 206 25.81 -19.85 -62.50
C PRO A 206 25.62 -18.40 -62.11
N VAL A 207 24.73 -18.12 -61.15
CA VAL A 207 24.47 -16.75 -60.77
C VAL A 207 25.58 -16.21 -59.89
N HIS A 208 26.12 -15.06 -60.28
CA HIS A 208 27.14 -14.38 -59.50
C HIS A 208 26.52 -13.32 -58.61
N LEU A 209 26.91 -13.33 -57.34
CA LEU A 209 26.40 -12.40 -56.36
C LEU A 209 27.54 -11.69 -55.64
N SER A 210 27.39 -10.38 -55.44
CA SER A 210 28.29 -9.62 -54.58
C SER A 210 27.52 -9.11 -53.37
N ILE A 211 27.72 -9.78 -52.24
CA ILE A 211 27.04 -9.41 -50.99
C ILE A 211 27.83 -8.37 -50.23
N PRO A 212 27.19 -7.23 -49.91
CA PRO A 212 27.87 -6.14 -49.22
C PRO A 212 28.09 -6.44 -47.73
N GLN A 213 29.05 -5.75 -47.12
CA GLN A 213 29.33 -5.97 -45.71
C GLN A 213 28.50 -5.08 -44.81
N ALA A 214 27.92 -4.03 -45.37
CA ALA A 214 27.22 -3.02 -44.57
C ALA A 214 25.88 -2.57 -45.16
N ALA A 215 25.06 -1.96 -44.31
CA ALA A 215 23.73 -1.49 -44.69
C ALA A 215 23.45 -0.12 -44.09
N SER A 216 22.50 0.59 -44.66
CA SER A 216 22.00 1.83 -44.11
C SER A 216 20.47 1.72 -44.01
N VAL A 217 19.91 2.27 -42.95
CA VAL A 217 18.50 2.12 -42.65
C VAL A 217 17.97 3.46 -42.19
N ALA A 218 16.88 3.91 -42.78
CA ALA A 218 16.20 5.08 -42.27
C ALA A 218 15.19 4.66 -41.19
N ASP A 219 15.27 5.30 -40.03
CA ASP A 219 14.31 5.08 -38.93
C ASP A 219 13.08 5.96 -39.21
N VAL A 220 11.94 5.35 -39.50
CA VAL A 220 10.75 6.13 -39.82
C VAL A 220 9.64 6.05 -38.76
N SER A 221 10.07 5.85 -37.52
CA SER A 221 9.23 5.91 -36.31
C SER A 221 8.59 4.57 -35.96
N GLU A 222 8.32 4.42 -34.67
CA GLU A 222 7.68 3.23 -34.14
C GLU A 222 8.41 1.95 -34.51
N GLY A 223 9.73 2.03 -34.56
CA GLY A 223 10.55 0.85 -34.78
C GLY A 223 10.71 0.48 -36.24
N THR A 224 10.08 1.24 -37.11
CA THR A 224 9.99 0.88 -38.52
C THR A 224 11.26 1.26 -39.29
N SER A 225 11.78 0.34 -40.09
CA SER A 225 12.93 0.58 -40.96
C SER A 225 12.46 0.89 -42.38
N ALA A 226 13.12 1.84 -43.04
CA ALA A 226 12.87 2.12 -44.45
C ALA A 226 14.19 2.08 -45.20
N SER A 227 14.20 1.62 -46.44
CA SER A 227 15.43 1.80 -47.22
C SER A 227 15.54 3.26 -47.62
N LEU A 228 16.77 3.69 -47.86
CA LEU A 228 16.99 5.06 -48.29
C LEU A 228 16.38 5.35 -49.68
N SER A 229 16.17 4.33 -50.49
CA SER A 229 15.54 4.58 -51.78
CA SER A 229 15.63 4.55 -51.80
C SER A 229 14.10 5.09 -51.59
N PHE A 230 13.46 4.66 -50.51
CA PHE A 230 12.13 5.17 -50.15
C PHE A 230 12.22 6.52 -49.41
N ALA A 231 13.06 6.57 -48.38
CA ALA A 231 13.10 7.74 -47.47
C ALA A 231 13.82 8.96 -48.04
N CYS A 232 14.68 8.75 -49.04
CA CYS A 232 15.44 9.85 -49.65
C CYS A 232 15.19 9.85 -51.16
N PRO A 233 13.94 10.10 -51.59
CA PRO A 233 13.54 9.89 -52.98
C PRO A 233 14.25 10.83 -53.94
N ASP A 234 14.83 11.91 -53.42
CA ASP A 234 15.49 12.88 -54.29
C ASP A 234 16.94 13.15 -53.89
N TRP A 235 17.57 12.12 -53.35
CA TRP A 235 18.97 12.14 -52.97
C TRP A 235 19.86 12.74 -54.07
N SER A 236 20.76 13.65 -53.69
CA SER A 236 21.72 14.26 -54.61
C SER A 236 23.14 14.10 -54.09
N PRO A 237 24.13 14.00 -55.00
CA PRO A 237 25.52 13.91 -54.55
C PRO A 237 25.96 15.21 -53.87
N PRO A 238 26.74 15.11 -52.79
CA PRO A 238 27.24 16.27 -52.03
C PRO A 238 27.90 17.33 -52.92
N ASN A 244 24.84 18.29 -47.01
CA ASN A 244 24.64 16.88 -46.69
C ASN A 244 23.28 16.38 -47.19
N PRO A 245 23.30 15.50 -48.21
CA PRO A 245 22.10 14.89 -48.82
C PRO A 245 21.16 14.27 -47.79
N LEU A 246 21.72 13.66 -46.75
CA LEU A 246 20.94 13.03 -45.68
C LEU A 246 19.94 14.00 -45.04
N ASP A 247 20.22 15.29 -45.14
CA ASP A 247 19.34 16.31 -44.59
C ASP A 247 18.02 16.40 -45.35
N LYS A 248 18.03 15.96 -46.61
CA LYS A 248 16.82 15.96 -47.42
C LYS A 248 15.98 14.67 -47.25
N CYS A 249 16.50 13.70 -46.50
CA CYS A 249 15.78 12.47 -46.23
C CYS A 249 14.64 12.71 -45.27
N ILE A 250 13.54 11.99 -45.47
CA ILE A 250 12.42 12.07 -44.55
C ILE A 250 12.42 10.86 -43.61
N ALA A 251 12.91 11.08 -42.39
CA ALA A 251 13.11 10.00 -41.41
C ALA A 251 13.53 10.65 -40.10
N GLU A 252 13.37 9.92 -38.99
CA GLU A 252 13.87 10.42 -37.69
C GLU A 252 15.38 10.48 -37.74
N LYS A 253 15.98 9.53 -38.44
CA LYS A 253 17.42 9.35 -38.39
C LYS A 253 17.87 8.29 -39.38
N ILE A 254 19.12 8.35 -39.81
CA ILE A 254 19.69 7.28 -40.64
C ILE A 254 20.80 6.58 -39.86
N ASP A 255 20.74 5.25 -39.82
CA ASP A 255 21.76 4.46 -39.15
C ASP A 255 22.51 3.59 -40.14
N ASN A 256 23.81 3.41 -39.90
CA ASN A 256 24.61 2.48 -40.68
C ASN A 256 25.05 1.30 -39.82
N TYR A 257 24.97 0.09 -40.37
CA TYR A 257 25.35 -1.10 -39.64
C TYR A 257 26.11 -2.06 -40.53
N ASN A 258 27.09 -2.75 -39.93
CA ASN A 258 27.58 -3.96 -40.56
C ASN A 258 26.44 -4.96 -40.59
N LEU A 259 26.42 -5.80 -41.62
CA LEU A 259 25.30 -6.70 -41.86
C LEU A 259 24.96 -7.59 -40.68
N GLN A 260 25.99 -8.05 -39.96
CA GLN A 260 25.79 -8.93 -38.83
C GLN A 260 25.25 -8.14 -37.62
N SER A 261 25.27 -6.81 -37.71
CA SER A 261 24.81 -5.94 -36.62
C SER A 261 23.42 -5.35 -36.86
N LEU A 262 22.85 -5.62 -38.04
CA LEU A 262 21.59 -5.00 -38.46
C LEU A 262 20.45 -5.44 -37.53
N PRO A 263 19.81 -4.47 -36.84
CA PRO A 263 18.75 -4.84 -35.90
C PRO A 263 17.40 -5.01 -36.58
N GLN A 264 16.53 -5.82 -36.00
CA GLN A 264 15.18 -5.99 -36.51
C GLN A 264 14.36 -4.69 -36.37
N TYR A 265 14.57 -3.96 -35.28
CA TYR A 265 13.82 -2.72 -35.05
C TYR A 265 14.73 -1.50 -34.97
N ALA A 266 14.20 -0.34 -35.34
CA ALA A 266 14.92 0.93 -35.20
C ALA A 266 14.78 1.47 -33.75
N SER A 267 15.64 2.43 -33.37
CA SER A 267 15.62 3.03 -32.02
C SER A 267 14.23 3.53 -31.63
N SER A 268 13.47 4.00 -32.62
CA SER A 268 12.16 4.60 -32.38
C SER A 268 11.15 3.60 -31.86
N VAL A 269 11.55 2.33 -31.77
CA VAL A 269 10.70 1.32 -31.17
C VAL A 269 10.36 1.73 -29.72
N LYS A 270 11.17 2.59 -29.12
CA LYS A 270 10.90 3.05 -27.75
C LYS A 270 9.65 3.95 -27.68
N GLU A 271 9.16 4.41 -28.83
CA GLU A 271 7.92 5.19 -28.87
C GLU A 271 6.66 4.38 -28.59
N LEU A 272 6.73 3.05 -28.66
CA LEU A 272 5.50 2.25 -28.65
C LEU A 272 4.82 2.29 -27.29
N GLU A 273 3.48 2.41 -27.31
CA GLU A 273 2.67 2.39 -26.09
C GLU A 273 1.48 1.49 -26.35
N ASP A 274 0.96 0.89 -25.29
CA ASP A 274 -0.24 0.07 -25.39
C ASP A 274 -1.46 0.98 -25.49
N THR A 275 -2.24 0.83 -26.56
CA THR A 275 -3.39 1.70 -26.77
C THR A 275 -4.69 0.91 -26.92
N PRO A 276 -5.68 1.19 -26.07
CA PRO A 276 -7.03 0.70 -26.35
C PRO A 276 -7.62 1.50 -27.51
N VAL A 277 -8.74 1.05 -28.06
CA VAL A 277 -9.32 1.69 -29.24
C VAL A 277 -10.77 2.07 -28.98
N TYR A 278 -11.08 3.35 -29.16
CA TYR A 278 -12.41 3.90 -28.95
C TYR A 278 -13.03 4.41 -30.25
N LEU A 279 -14.27 3.99 -30.49
CA LEU A 279 -14.99 4.41 -31.68
C LEU A 279 -16.29 5.12 -31.30
N ARG A 280 -16.75 6.02 -32.17
CA ARG A 280 -17.97 6.77 -31.92
C ARG A 280 -18.89 6.68 -33.14
N GLY A 281 -20.17 6.42 -32.88
CA GLY A 281 -21.17 6.35 -33.93
C GLY A 281 -21.46 7.76 -34.40
N ILE A 282 -21.53 7.94 -35.71
CA ILE A 282 -21.62 9.26 -36.32
C ILE A 282 -22.89 10.03 -35.94
N LYS A 283 -24.02 9.35 -35.94
CA LYS A 283 -25.29 9.99 -35.64
C LYS A 283 -25.67 9.91 -34.16
N THR A 284 -25.66 8.69 -33.62
CA THR A 284 -26.03 8.47 -32.22
C THR A 284 -25.04 9.11 -31.27
N GLN A 285 -23.80 9.30 -31.75
CA GLN A 285 -22.71 9.82 -30.92
C GLN A 285 -22.36 8.92 -29.73
N LYS A 286 -22.82 7.67 -29.78
CA LYS A 286 -22.47 6.69 -28.76
C LYS A 286 -21.02 6.26 -28.93
N THR A 287 -20.36 5.97 -27.82
CA THR A 287 -18.94 5.64 -27.83
C THR A 287 -18.71 4.21 -27.37
N PHE A 288 -17.81 3.52 -28.06
CA PHE A 288 -17.54 2.12 -27.78
C PHE A 288 -16.06 1.84 -27.70
N MET A 289 -15.72 0.82 -26.94
CA MET A 289 -14.37 0.28 -26.93
C MET A 289 -14.34 -1.00 -27.76
N LEU A 290 -13.36 -1.08 -28.65
CA LEU A 290 -13.10 -2.28 -29.40
C LEU A 290 -12.52 -3.34 -28.49
N GLN A 291 -13.04 -4.57 -28.56
CA GLN A 291 -12.50 -5.66 -27.75
C GLN A 291 -12.50 -6.96 -28.55
N ALA A 292 -11.69 -7.93 -28.15
CA ALA A 292 -11.65 -9.20 -28.88
C ALA A 292 -11.25 -10.36 -27.97
N ASP A 293 -11.66 -11.58 -28.35
CA ASP A 293 -11.46 -12.72 -27.48
C ASP A 293 -10.81 -13.86 -28.26
N PRO A 294 -9.55 -14.20 -27.93
CA PRO A 294 -8.86 -15.25 -28.71
C PRO A 294 -9.44 -16.64 -28.48
N GLN A 295 -10.26 -16.80 -27.45
CA GLN A 295 -10.88 -18.10 -27.18
C GLN A 295 -11.89 -18.49 -28.27
N ASN A 296 -12.56 -17.49 -28.85
CA ASN A 296 -13.53 -17.76 -29.91
C ASN A 296 -13.32 -16.85 -31.12
N ASN A 297 -12.22 -16.11 -31.12
CA ASN A 297 -11.91 -15.20 -32.24
C ASN A 297 -12.95 -14.11 -32.47
N ASN A 298 -13.87 -13.91 -31.53
CA ASN A 298 -14.86 -12.83 -31.71
C ASN A 298 -14.25 -11.44 -31.53
N VAL A 299 -14.74 -10.49 -32.31
CA VAL A 299 -14.39 -9.08 -32.17
C VAL A 299 -15.72 -8.38 -31.91
N PHE A 300 -15.74 -7.47 -30.95
CA PHE A 300 -17.00 -6.83 -30.62
C PHE A 300 -16.81 -5.47 -29.97
N LEU A 301 -17.92 -4.77 -29.76
CA LEU A 301 -17.90 -3.41 -29.23
C LEU A 301 -18.64 -3.39 -27.90
N VAL A 302 -18.07 -2.68 -26.94
CA VAL A 302 -18.68 -2.52 -25.62
C VAL A 302 -18.88 -1.04 -25.39
N GLU A 303 -20.11 -0.64 -25.08
CA GLU A 303 -20.40 0.79 -24.95
C GLU A 303 -19.76 1.37 -23.69
N VAL A 304 -19.23 2.58 -23.81
CA VAL A 304 -18.54 3.23 -22.70
C VAL A 304 -19.46 3.75 -21.60
N ASN A 305 -20.33 4.70 -21.94
CA ASN A 305 -21.18 5.37 -20.96
C ASN A 305 -20.42 6.36 -20.06
N SER A 308 -15.53 -18.66 -19.43
CA SER A 308 -14.23 -18.77 -18.78
C SER A 308 -13.09 -18.25 -19.65
N SER A 309 -13.39 -17.22 -20.44
CA SER A 309 -12.36 -16.43 -21.10
C SER A 309 -12.52 -14.96 -20.70
N PHE A 310 -11.80 -14.09 -21.39
CA PHE A 310 -11.89 -12.66 -21.09
C PHE A 310 -11.58 -11.82 -22.33
N PRO A 311 -12.14 -10.62 -22.40
CA PRO A 311 -11.91 -9.74 -23.55
C PRO A 311 -10.53 -9.12 -23.46
N GLN A 312 -9.86 -8.99 -24.60
CA GLN A 312 -8.59 -8.30 -24.62
C GLN A 312 -8.78 -6.97 -25.35
N THR A 313 -8.03 -5.96 -24.93
CA THR A 313 -8.42 -4.57 -25.20
C THR A 313 -7.35 -3.77 -25.90
N ILE A 314 -6.13 -4.29 -25.98
CA ILE A 314 -5.04 -3.53 -26.58
C ILE A 314 -4.75 -3.98 -28.01
N PHE A 315 -4.78 -3.01 -28.94
CA PHE A 315 -4.56 -3.28 -30.36
C PHE A 315 -3.49 -2.35 -30.91
N PHE A 316 -2.89 -2.74 -32.03
CA PHE A 316 -2.02 -1.85 -32.77
C PHE A 316 -2.23 -2.05 -34.26
N TRP A 317 -1.92 -1.01 -35.03
CA TRP A 317 -2.05 -1.05 -36.48
C TRP A 317 -0.60 -1.09 -36.98
N ASP A 318 -0.26 -2.12 -37.76
CA ASP A 318 1.13 -2.30 -38.21
C ASP A 318 1.37 -1.92 -39.68
N VAL A 319 2.62 -2.04 -40.14
CA VAL A 319 2.99 -1.57 -41.46
C VAL A 319 2.49 -2.46 -42.59
N TYR A 320 1.95 -3.63 -42.25
CA TYR A 320 1.25 -4.47 -43.23
C TYR A 320 -0.23 -4.07 -43.27
N GLN A 321 -0.56 -3.01 -42.54
CA GLN A 321 -1.94 -2.51 -42.44
C GLN A 321 -2.87 -3.34 -41.54
N ARG A 322 -2.30 -4.23 -40.72
CA ARG A 322 -3.12 -5.11 -39.91
C ARG A 322 -3.42 -4.46 -38.57
N ILE A 323 -4.62 -4.71 -38.06
CA ILE A 323 -4.92 -4.31 -36.69
C ILE A 323 -4.81 -5.57 -35.82
N CYS A 324 -3.78 -5.65 -34.99
CA CYS A 324 -3.46 -6.86 -34.25
C CYS A 324 -3.72 -6.70 -32.77
N LEU A 325 -4.15 -7.80 -32.12
CA LEU A 325 -4.20 -7.87 -30.66
C LEU A 325 -2.77 -7.89 -30.15
N LYS A 326 -2.53 -7.22 -29.04
CA LYS A 326 -1.18 -7.11 -28.50
C LYS A 326 -0.53 -8.46 -28.20
N ASP A 327 -1.23 -9.34 -27.48
CA ASP A 327 -0.57 -10.55 -26.97
C ASP A 327 -0.71 -11.75 -27.90
N LEU A 328 0.34 -12.57 -27.92
CA LEU A 328 0.29 -13.88 -28.59
C LEU A 328 -0.54 -14.86 -27.79
N THR A 329 -1.11 -15.85 -28.48
CA THR A 329 -1.83 -16.92 -27.78
C THR A 329 -0.83 -17.88 -27.19
N GLY A 330 -1.35 -18.93 -26.55
CA GLY A 330 -0.52 -19.91 -25.89
C GLY A 330 0.36 -20.68 -26.85
N ALA A 331 -0.08 -20.75 -28.11
CA ALA A 331 0.68 -21.45 -29.14
C ALA A 331 1.49 -20.48 -30.00
N GLN A 332 1.74 -19.28 -29.46
CA GLN A 332 2.65 -18.30 -30.05
C GLN A 332 2.18 -17.69 -31.38
N ILE A 333 0.89 -17.67 -31.64
CA ILE A 333 0.43 -16.95 -32.82
C ILE A 333 -0.22 -15.62 -32.48
N SER A 334 -0.16 -14.72 -33.44
CA SER A 334 -0.70 -13.38 -33.36
C SER A 334 -2.04 -13.39 -34.08
N LEU A 335 -3.00 -12.60 -33.60
CA LEU A 335 -4.32 -12.50 -34.22
C LEU A 335 -4.63 -11.08 -34.68
N SER A 336 -5.30 -10.98 -35.83
CA SER A 336 -5.61 -9.69 -36.48
C SER A 336 -7.10 -9.61 -36.83
N LEU A 337 -7.64 -8.40 -36.81
CA LEU A 337 -8.99 -8.13 -37.30
C LEU A 337 -9.08 -8.51 -38.77
N THR A 338 -10.12 -9.26 -39.12
CA THR A 338 -10.24 -9.78 -40.47
C THR A 338 -11.67 -9.54 -40.94
N ALA A 339 -11.81 -8.97 -42.14
CA ALA A 339 -13.13 -8.71 -42.72
C ALA A 339 -13.60 -9.94 -43.50
N PHE A 340 -14.62 -10.61 -42.97
CA PHE A 340 -15.17 -11.82 -43.58
C PHE A 340 -16.49 -11.55 -44.29
N THR A 341 -16.72 -12.23 -45.40
CA THR A 341 -17.98 -12.10 -46.12
C THR A 341 -19.12 -12.73 -45.34
N THR A 342 -20.33 -12.22 -45.55
CA THR A 342 -21.50 -12.78 -44.89
C THR A 342 -22.47 -13.24 -45.97
N GLN A 343 -23.75 -13.32 -45.64
CA GLN A 343 -24.74 -13.64 -46.67
C GLN A 343 -25.42 -12.39 -47.19
N TYR A 344 -25.04 -11.22 -46.66
CA TYR A 344 -25.77 -9.99 -46.97
C TYR A 344 -25.07 -9.09 -47.97
N ALA A 345 -25.87 -8.32 -48.70
CA ALA A 345 -25.35 -7.37 -49.67
C ALA A 345 -24.65 -6.21 -48.97
N GLY A 346 -23.33 -6.16 -49.13
CA GLY A 346 -22.54 -5.06 -48.60
C GLY A 346 -22.46 -5.01 -47.09
N GLN A 347 -22.17 -6.16 -46.50
CA GLN A 347 -21.99 -6.24 -45.06
C GLN A 347 -20.98 -7.33 -44.70
N LEU A 348 -19.73 -6.92 -44.49
CA LEU A 348 -18.71 -7.83 -44.01
C LEU A 348 -18.79 -7.84 -42.50
N LYS A 349 -18.36 -8.93 -41.88
CA LYS A 349 -18.33 -9.00 -40.44
C LYS A 349 -16.89 -9.18 -39.95
N VAL A 350 -16.51 -8.43 -38.92
CA VAL A 350 -15.14 -8.51 -38.42
C VAL A 350 -14.99 -9.61 -37.37
N HIS A 351 -13.88 -10.36 -37.47
CA HIS A 351 -13.63 -11.52 -36.62
C HIS A 351 -12.11 -11.68 -36.60
N LEU A 352 -11.57 -12.39 -35.63
CA LEU A 352 -10.11 -12.56 -35.59
C LEU A 352 -9.68 -13.70 -36.49
N SER A 353 -8.47 -13.59 -37.05
CA SER A 353 -7.80 -14.75 -37.61
C SER A 353 -6.29 -14.60 -37.48
N VAL A 354 -5.55 -15.66 -37.77
CA VAL A 354 -4.09 -15.65 -37.63
C VAL A 354 -3.48 -14.53 -38.49
N SER A 355 -2.68 -13.67 -37.86
CA SER A 355 -2.05 -12.54 -38.58
C SER A 355 -1.21 -13.04 -39.74
N ALA A 356 -1.44 -12.51 -40.94
CA ALA A 356 -0.74 -12.97 -42.14
C ALA A 356 -0.39 -11.76 -42.97
N VAL A 357 0.85 -11.70 -43.44
CA VAL A 357 1.31 -10.50 -44.12
C VAL A 357 0.69 -10.33 -45.50
N ASN A 358 0.17 -11.41 -46.07
CA ASN A 358 -0.37 -11.37 -47.41
C ASN A 358 -1.90 -11.43 -47.46
N ALA A 359 -2.56 -11.35 -46.32
CA ALA A 359 -4.02 -11.47 -46.31
C ALA A 359 -4.69 -10.12 -46.54
N VAL A 360 -5.25 -9.91 -47.73
CA VAL A 360 -5.87 -8.63 -48.06
C VAL A 360 -7.03 -8.33 -47.11
N ASN A 361 -7.75 -9.37 -46.66
CA ASN A 361 -8.86 -9.15 -45.76
C ASN A 361 -8.46 -8.75 -44.33
N GLN A 362 -7.16 -8.71 -44.05
CA GLN A 362 -6.66 -8.17 -42.78
C GLN A 362 -6.05 -6.78 -42.93
N LYS A 363 -6.18 -6.17 -44.11
CA LYS A 363 -5.59 -4.85 -44.32
C LYS A 363 -6.62 -3.72 -44.20
N TRP A 364 -6.22 -2.67 -43.47
CA TRP A 364 -7.11 -1.56 -43.10
C TRP A 364 -6.43 -0.23 -43.38
N LYS A 365 -7.22 0.78 -43.72
CA LYS A 365 -6.71 2.14 -43.88
C LYS A 365 -7.39 2.99 -42.83
N MET A 366 -6.70 4.00 -42.32
CA MET A 366 -7.29 4.93 -41.36
C MET A 366 -7.10 6.36 -41.84
N THR A 367 -8.20 7.01 -42.16
CA THR A 367 -8.10 8.31 -42.85
C THR A 367 -8.81 9.41 -42.06
N PRO A 368 -8.09 10.52 -41.80
CA PRO A 368 -8.63 11.58 -40.94
C PRO A 368 -9.82 12.21 -41.65
N GLN A 369 -10.90 12.49 -40.94
CA GLN A 369 -12.11 13.02 -41.58
C GLN A 369 -12.35 14.51 -41.28
N ASP A 370 -11.69 15.02 -40.25
CA ASP A 370 -11.86 16.41 -39.83
C ASP A 370 -10.53 17.13 -39.96
N ILE A 371 -10.57 18.45 -40.04
CA ILE A 371 -9.33 19.21 -40.25
C ILE A 371 -8.50 19.25 -38.96
N ALA A 372 -9.13 18.97 -37.83
CA ALA A 372 -8.43 18.90 -36.55
C ALA A 372 -7.69 17.56 -36.38
N ILE A 373 -7.84 16.67 -37.36
CA ILE A 373 -7.17 15.38 -37.36
C ILE A 373 -7.40 14.63 -36.05
N THR A 374 -8.67 14.36 -35.73
CA THR A 374 -9.00 13.62 -34.51
C THR A 374 -9.99 12.51 -34.74
N GLN A 375 -10.64 12.50 -35.90
CA GLN A 375 -11.66 11.49 -36.21
C GLN A 375 -11.24 10.72 -37.46
N PHE A 376 -11.24 9.40 -37.37
CA PHE A 376 -10.66 8.58 -38.43
C PHE A 376 -11.62 7.50 -38.91
N ARG A 377 -11.83 7.49 -40.22
CA ARG A 377 -12.59 6.44 -40.86
C ARG A 377 -11.68 5.24 -41.07
N VAL A 378 -12.19 4.06 -40.77
CA VAL A 378 -11.38 2.84 -40.89
C VAL A 378 -11.98 2.02 -42.03
N SER A 379 -11.19 1.79 -43.08
CA SER A 379 -11.69 1.16 -44.30
C SER A 379 -10.99 -0.15 -44.57
N SER A 380 -11.71 -1.10 -45.12
CA SER A 380 -11.09 -2.39 -45.51
C SER A 380 -10.53 -2.38 -46.93
N GLU A 381 -9.29 -2.87 -47.11
CA GLU A 381 -8.71 -3.01 -48.43
C GLU A 381 -9.44 -4.07 -49.25
N LEU A 382 -10.23 -4.92 -48.58
CA LEU A 382 -10.97 -5.96 -49.31
C LEU A 382 -12.00 -5.34 -50.27
N LEU A 383 -12.48 -4.15 -49.94
CA LEU A 383 -13.51 -3.50 -50.74
C LEU A 383 -12.94 -2.58 -51.80
N GLY A 384 -11.61 -2.58 -51.95
CA GLY A 384 -10.97 -1.89 -53.05
C GLY A 384 -11.26 -0.40 -53.10
N GLN A 385 -11.55 0.10 -54.30
CA GLN A 385 -11.78 1.52 -54.50
C GLN A 385 -13.13 1.98 -53.95
N THR A 386 -13.96 1.03 -53.52
CA THR A 386 -15.26 1.39 -52.96
C THR A 386 -15.12 2.02 -51.59
N GLU A 387 -15.53 3.28 -51.46
CA GLU A 387 -15.44 3.96 -50.19
C GLU A 387 -16.25 3.16 -49.18
N ASN A 388 -15.65 2.93 -48.01
CA ASN A 388 -16.27 2.06 -47.02
C ASN A 388 -15.75 2.38 -45.61
N GLY A 389 -16.43 1.85 -44.61
CA GLY A 389 -16.08 2.12 -43.22
C GLY A 389 -16.61 1.08 -42.26
N LEU A 390 -16.29 1.26 -40.99
CA LEU A 390 -16.79 0.36 -39.95
C LEU A 390 -18.20 0.80 -39.53
N PHE A 391 -19.04 -0.17 -39.20
CA PHE A 391 -20.43 0.09 -38.82
C PHE A 391 -20.87 -0.79 -37.65
N TRP A 392 -21.85 -0.31 -36.87
CA TRP A 392 -22.56 -1.19 -35.94
C TRP A 392 -24.05 -1.04 -36.17
N ASN A 393 -24.81 -2.00 -35.68
CA ASN A 393 -26.27 -1.96 -35.76
C ASN A 393 -26.83 -1.24 -34.55
N THR A 394 -27.32 -0.02 -34.77
CA THR A 394 -27.79 0.85 -33.70
C THR A 394 -28.94 0.23 -32.90
N LYS A 395 -29.63 -0.72 -33.51
CA LYS A 395 -30.75 -1.37 -32.83
C LYS A 395 -30.36 -2.63 -32.05
N SER A 396 -29.14 -3.14 -32.29
CA SER A 396 -28.71 -4.34 -31.58
C SER A 396 -28.70 -4.10 -30.08
N GLY A 397 -29.05 -5.12 -29.32
CA GLY A 397 -29.07 -5.00 -27.86
C GLY A 397 -27.98 -5.83 -27.22
N GLY A 398 -27.98 -5.88 -25.89
CA GLY A 398 -27.00 -6.68 -25.17
C GLY A 398 -25.77 -5.88 -24.79
N SER A 399 -24.81 -6.56 -24.19
CA SER A 399 -23.59 -5.94 -23.68
C SER A 399 -22.52 -5.77 -24.76
N GLN A 400 -22.54 -6.66 -25.75
CA GLN A 400 -21.52 -6.66 -26.79
C GLN A 400 -22.19 -6.52 -28.14
N HIS A 401 -21.63 -5.67 -29.00
CA HIS A 401 -22.19 -5.48 -30.33
C HIS A 401 -21.20 -5.89 -31.40
N ASP A 402 -21.73 -6.51 -32.45
CA ASP A 402 -20.91 -6.96 -33.56
C ASP A 402 -20.40 -5.78 -34.40
N LEU A 403 -19.28 -6.00 -35.07
CA LEU A 403 -18.63 -4.98 -35.88
C LEU A 403 -18.67 -5.38 -37.35
N TYR A 404 -19.13 -4.46 -38.20
CA TYR A 404 -19.26 -4.74 -39.63
C TYR A 404 -18.45 -3.78 -40.48
N VAL A 405 -18.27 -4.13 -41.76
CA VAL A 405 -17.72 -3.22 -42.74
C VAL A 405 -18.76 -3.11 -43.85
N CYS A 406 -19.09 -1.87 -44.23
CA CYS A 406 -20.06 -1.60 -45.29
C CYS A 406 -19.56 -0.50 -46.21
N PRO A 407 -19.94 -0.58 -47.49
CA PRO A 407 -19.80 0.59 -48.38
C PRO A 407 -20.49 1.79 -47.73
N LEU A 408 -19.97 2.99 -47.94
CA LEU A 408 -20.58 4.18 -47.36
C LEU A 408 -21.92 4.45 -48.02
N LYS A 409 -22.05 4.05 -49.29
CA LYS A 409 -23.27 4.32 -50.04
C LYS A 409 -24.39 3.34 -49.69
N ASN A 410 -25.56 3.87 -49.36
CA ASN A 410 -26.73 3.03 -49.12
C ASN A 410 -26.44 1.89 -48.15
N PRO A 411 -26.00 2.21 -46.93
CA PRO A 411 -25.73 1.19 -45.92
C PRO A 411 -27.02 0.56 -45.42
N PRO A 412 -26.97 -0.68 -44.92
CA PRO A 412 -28.17 -1.32 -44.40
C PRO A 412 -28.89 -0.47 -43.35
N SER A 413 -30.18 -0.74 -43.18
CA SER A 413 -31.10 0.15 -42.46
C SER A 413 -30.59 0.69 -41.11
N ASP A 414 -30.41 -0.20 -40.15
CA ASP A 414 -30.16 0.22 -38.79
C ASP A 414 -28.67 0.46 -38.49
N LEU A 415 -27.84 0.44 -39.53
CA LEU A 415 -26.39 0.55 -39.32
C LEU A 415 -25.91 1.99 -39.36
N GLU A 416 -24.92 2.31 -38.55
CA GLU A 416 -24.31 3.64 -38.64
C GLU A 416 -22.80 3.51 -38.53
N GLU A 417 -22.10 4.42 -39.18
CA GLU A 417 -20.65 4.36 -39.22
C GLU A 417 -20.01 4.72 -37.87
N LEU A 418 -18.92 4.03 -37.57
CA LEU A 418 -18.11 4.27 -36.39
C LEU A 418 -16.76 4.79 -36.86
N GLN A 419 -16.27 5.82 -36.19
CA GLN A 419 -14.97 6.37 -36.53
C GLN A 419 -14.14 6.41 -35.26
N ILE A 420 -12.83 6.22 -35.42
CA ILE A 420 -11.95 6.26 -34.27
C ILE A 420 -11.84 7.69 -33.78
N ILE A 421 -11.96 7.89 -32.48
CA ILE A 421 -11.79 9.22 -31.91
C ILE A 421 -10.50 9.26 -31.09
N VAL A 422 -9.70 10.27 -31.34
CA VAL A 422 -8.41 10.41 -30.68
C VAL A 422 -8.45 11.56 -29.70
N ASP A 423 -8.13 11.26 -28.45
CA ASP A 423 -8.15 12.24 -27.38
C ASP A 423 -7.51 11.62 -26.15
N GLU A 424 -7.09 12.43 -25.20
CA GLU A 424 -6.52 11.90 -23.97
C GLU A 424 -7.45 10.84 -23.35
N CYS A 425 -8.75 11.11 -23.38
CA CYS A 425 -9.70 10.21 -22.73
C CYS A 425 -10.20 9.07 -23.63
N THR A 426 -9.71 9.02 -24.87
CA THR A 426 -10.10 7.95 -25.77
C THR A 426 -8.90 7.23 -26.40
N THR A 427 -8.83 7.17 -27.72
CA THR A 427 -7.73 6.49 -28.39
C THR A 427 -6.49 7.37 -28.41
N HIS A 428 -5.35 6.84 -27.98
CA HIS A 428 -4.14 7.66 -28.06
C HIS A 428 -3.63 7.76 -29.49
N ALA A 429 -2.91 8.83 -29.78
CA ALA A 429 -2.70 9.26 -31.17
C ALA A 429 -1.94 8.22 -32.01
N GLN A 430 -1.02 7.48 -31.38
CA GLN A 430 -0.19 6.59 -32.18
C GLN A 430 -0.96 5.40 -32.75
N PHE A 431 -2.13 5.10 -32.20
CA PHE A 431 -2.90 4.01 -32.77
C PHE A 431 -3.14 4.19 -34.27
N VAL A 432 -3.41 5.43 -34.70
CA VAL A 432 -3.75 5.67 -36.09
C VAL A 432 -2.53 5.91 -36.98
N THR A 433 -1.41 5.29 -36.60
CA THR A 433 -0.20 5.26 -37.39
C THR A 433 0.28 3.80 -37.48
N MET A 434 1.11 3.49 -38.46
CA MET A 434 1.52 2.11 -38.67
C MET A 434 2.87 1.80 -38.05
N ARG A 435 2.87 0.97 -37.01
CA ARG A 435 4.08 0.67 -36.26
C ARG A 435 4.75 -0.57 -36.87
N ALA A 436 6.00 -0.80 -36.52
CA ALA A 436 6.72 -1.98 -36.99
C ALA A 436 5.96 -3.27 -36.59
N ALA A 437 6.03 -4.27 -37.45
CA ALA A 437 5.32 -5.52 -37.24
C ALA A 437 6.03 -6.41 -36.24
N SER A 438 5.29 -7.33 -35.62
CA SER A 438 5.87 -8.21 -34.60
C SER A 438 5.90 -9.68 -35.00
N THR A 439 5.08 -10.04 -35.99
CA THR A 439 5.14 -11.38 -36.59
C THR A 439 5.08 -11.30 -38.10
N PHE A 440 5.63 -12.32 -38.74
CA PHE A 440 5.83 -12.29 -40.19
C PHE A 440 5.41 -13.60 -40.84
N PHE A 441 4.15 -13.97 -40.63
CA PHE A 441 3.60 -15.21 -41.17
C PHE A 441 2.99 -14.98 -42.54
N VAL A 442 3.31 -15.85 -43.50
CA VAL A 442 2.67 -15.83 -44.82
C VAL A 442 1.67 -16.98 -44.90
N ASP A 443 0.46 -16.68 -45.34
CA ASP A 443 -0.53 -17.74 -45.60
C ASP A 443 -0.15 -18.41 -46.92
N VAL A 444 0.32 -19.66 -46.85
CA VAL A 444 0.78 -20.34 -48.06
C VAL A 444 -0.24 -21.38 -48.55
N GLN A 445 -1.19 -21.75 -47.70
CA GLN A 445 -2.31 -22.55 -48.17
C GLN A 445 -1.86 -23.78 -48.98
N LEU A 446 -0.87 -24.52 -48.49
CA LEU A 446 -0.25 -25.60 -49.27
C LEU A 446 -1.26 -26.68 -49.62
N GLY A 447 -1.14 -27.24 -50.81
CA GLY A 447 -2.02 -28.33 -51.21
C GLY A 447 -1.43 -29.03 -52.42
N TRP A 448 -2.19 -29.96 -52.98
CA TRP A 448 -1.82 -30.53 -54.25
C TRP A 448 -3.05 -30.74 -55.11
N TYR A 449 -2.82 -31.00 -56.39
CA TYR A 449 -3.88 -31.02 -57.39
C TYR A 449 -3.70 -32.26 -58.26
N TRP A 450 -4.80 -32.93 -58.54
CA TRP A 450 -4.74 -34.11 -59.39
C TRP A 450 -6.02 -34.27 -60.18
N ARG A 451 -5.89 -34.16 -61.49
CA ARG A 451 -7.00 -34.42 -62.40
C ARG A 451 -8.26 -33.62 -62.08
N GLY A 452 -8.09 -32.36 -61.70
CA GLY A 452 -9.22 -31.49 -61.43
C GLY A 452 -9.65 -31.42 -59.98
N TYR A 453 -9.07 -32.28 -59.14
CA TYR A 453 -9.41 -32.31 -57.72
C TYR A 453 -8.30 -31.72 -56.84
N TYR A 454 -8.70 -30.93 -55.85
CA TYR A 454 -7.76 -30.41 -54.85
C TYR A 454 -7.62 -31.28 -53.60
N TYR A 455 -6.41 -31.33 -53.07
CA TYR A 455 -6.13 -32.03 -51.82
C TYR A 455 -5.39 -31.12 -50.85
N THR A 456 -5.57 -31.41 -49.57
CA THR A 456 -5.00 -30.62 -48.49
C THR A 456 -4.28 -31.56 -47.50
N PRO A 457 -3.18 -31.10 -46.91
CA PRO A 457 -2.45 -31.92 -45.94
C PRO A 457 -3.29 -32.15 -44.68
N GLN A 458 -3.09 -33.30 -44.04
CA GLN A 458 -3.70 -33.59 -42.74
C GLN A 458 -2.57 -33.78 -41.76
N LEU A 459 -2.85 -33.57 -40.47
CA LEU A 459 -1.81 -33.62 -39.45
C LEU A 459 -1.23 -35.02 -39.33
N SER A 460 -2.00 -36.01 -39.79
CA SER A 460 -1.56 -37.40 -39.80
C SER A 460 -0.43 -37.67 -40.79
N GLY A 461 -0.25 -36.79 -41.78
CA GLY A 461 0.69 -37.03 -42.84
C GLY A 461 -0.02 -37.48 -44.12
N TRP A 462 -1.32 -37.72 -44.03
CA TRP A 462 -2.11 -38.05 -45.21
C TRP A 462 -2.72 -36.77 -45.84
N SER A 463 -3.63 -36.96 -46.80
CA SER A 463 -4.35 -35.85 -47.40
C SER A 463 -5.84 -36.08 -47.38
N TYR A 464 -6.57 -34.97 -47.39
CA TYR A 464 -8.02 -34.96 -47.47
C TYR A 464 -8.35 -34.33 -48.81
N GLN A 465 -9.44 -34.75 -49.43
CA GLN A 465 -9.80 -34.22 -50.73
C GLN A 465 -10.68 -33.00 -50.58
N MET A 466 -10.02 -31.83 -50.59
CA MET A 466 -10.69 -30.54 -50.56
C MET A 466 -9.59 -29.49 -50.72
N LYS A 467 -9.98 -28.29 -51.10
CA LYS A 467 -9.02 -27.23 -51.26
C LYS A 467 -8.60 -26.75 -49.87
N THR A 468 -7.30 -26.51 -49.68
CA THR A 468 -6.81 -26.03 -48.40
C THR A 468 -7.48 -24.70 -48.07
N PRO A 469 -8.05 -24.58 -46.85
CA PRO A 469 -8.71 -23.31 -46.56
C PRO A 469 -7.72 -22.18 -46.29
N ASP A 470 -8.20 -20.95 -46.44
CA ASP A 470 -7.42 -19.80 -46.02
C ASP A 470 -7.19 -19.86 -44.52
N GLY A 471 -6.07 -19.31 -44.08
CA GLY A 471 -5.82 -19.10 -42.67
C GLY A 471 -5.41 -20.34 -41.88
N GLN A 472 -4.80 -21.30 -42.56
CA GLN A 472 -4.48 -22.58 -41.92
C GLN A 472 -3.00 -22.99 -41.98
N ILE A 473 -2.39 -22.85 -43.15
CA ILE A 473 -1.01 -23.28 -43.34
C ILE A 473 -0.18 -22.08 -43.69
N PHE A 474 0.88 -21.89 -42.91
CA PHE A 474 1.67 -20.66 -42.93
C PHE A 474 3.14 -20.93 -43.06
N TYR A 475 3.86 -19.91 -43.52
CA TYR A 475 5.30 -19.95 -43.56
C TYR A 475 5.81 -18.79 -42.73
N ASP A 476 6.65 -19.07 -41.74
CA ASP A 476 7.20 -18.01 -40.88
C ASP A 476 8.45 -17.44 -41.52
N LEU A 477 8.38 -16.21 -42.01
CA LEU A 477 9.53 -15.62 -42.70
C LEU A 477 10.74 -15.40 -41.79
N LYS A 478 10.52 -15.30 -40.47
CA LYS A 478 11.66 -15.11 -39.58
C LYS A 478 12.57 -16.33 -39.53
N THR A 479 11.98 -17.52 -39.56
CA THR A 479 12.71 -18.75 -39.28
C THR A 479 12.64 -19.79 -40.40
N SER A 480 11.85 -19.53 -41.43
CA SER A 480 11.63 -20.47 -42.55
C SER A 480 10.91 -21.76 -42.16
N LYS A 481 10.16 -21.74 -41.06
CA LYS A 481 9.37 -22.92 -40.69
C LYS A 481 7.99 -22.88 -41.35
N ILE A 482 7.39 -24.05 -41.54
CA ILE A 482 6.05 -24.17 -42.08
C ILE A 482 5.16 -24.73 -40.98
N PHE A 483 4.00 -24.10 -40.76
CA PHE A 483 3.13 -24.55 -39.68
C PHE A 483 1.64 -24.60 -40.05
N PHE A 484 0.92 -25.45 -39.34
CA PHE A 484 -0.49 -25.74 -39.55
C PHE A 484 -1.19 -25.32 -38.27
N VAL A 485 -2.14 -24.41 -38.35
CA VAL A 485 -2.84 -23.95 -37.15
C VAL A 485 -4.15 -24.72 -37.02
N GLN A 486 -4.17 -25.64 -36.06
CA GLN A 486 -5.37 -26.40 -35.77
C GLN A 486 -6.37 -25.48 -35.08
N ASP A 487 -5.85 -24.73 -34.11
CA ASP A 487 -6.60 -23.65 -33.50
C ASP A 487 -5.62 -22.77 -32.74
N ASN A 488 -6.13 -21.78 -32.04
CA ASN A 488 -5.25 -20.81 -31.40
C ASN A 488 -4.29 -21.39 -30.35
N GLN A 489 -4.60 -22.55 -29.79
CA GLN A 489 -3.72 -23.16 -28.79
C GLN A 489 -2.97 -24.40 -29.29
N ASN A 490 -3.13 -24.73 -30.57
CA ASN A 490 -2.51 -25.96 -31.09
C ASN A 490 -1.94 -25.70 -32.48
N VAL A 491 -0.61 -25.61 -32.56
CA VAL A 491 0.08 -25.32 -33.80
C VAL A 491 1.14 -26.39 -34.08
N PHE A 492 1.16 -26.91 -35.32
CA PHE A 492 2.06 -28.01 -35.68
C PHE A 492 2.98 -27.62 -36.84
N PHE A 493 4.25 -28.02 -36.74
CA PHE A 493 5.29 -27.63 -37.68
C PHE A 493 5.79 -28.78 -38.55
N LEU A 494 6.05 -28.48 -39.82
CA LEU A 494 6.44 -29.50 -40.79
C LEU A 494 7.88 -29.90 -40.53
N HIS A 495 8.10 -31.19 -40.31
CA HIS A 495 9.41 -31.68 -39.89
C HIS A 495 9.98 -32.75 -40.84
N ASN A 496 11.21 -32.55 -41.29
CA ASN A 496 11.87 -33.53 -42.14
C ASN A 496 12.51 -34.62 -41.28
N LYS A 497 12.43 -35.87 -41.70
CA LYS A 497 13.07 -36.96 -40.93
C LYS A 497 14.22 -37.59 -41.72
N LEU A 498 14.19 -37.41 -43.04
CA LEU A 498 15.17 -38.01 -43.94
C LEU A 498 16.58 -37.43 -43.77
N ASN A 499 17.57 -38.31 -43.72
CA ASN A 499 18.97 -37.91 -43.77
C ASN A 499 19.84 -38.97 -44.45
N LYS A 500 21.14 -38.71 -44.52
CA LYS A 500 22.05 -39.60 -45.24
C LYS A 500 22.27 -40.94 -44.56
N GLN A 501 21.70 -41.10 -43.37
CA GLN A 501 21.81 -42.37 -42.63
C GLN A 501 20.47 -43.09 -42.50
N THR A 502 19.46 -42.65 -43.25
CA THR A 502 18.13 -43.24 -43.13
C THR A 502 18.09 -44.67 -43.69
N GLY A 503 19.04 -44.99 -44.56
CA GLY A 503 19.08 -46.28 -45.19
C GLY A 503 18.29 -46.28 -46.49
N TYR A 504 17.28 -45.41 -46.55
CA TYR A 504 16.47 -45.25 -47.75
C TYR A 504 16.67 -43.86 -48.35
N SER A 505 16.15 -43.69 -49.56
CA SER A 505 16.25 -42.44 -50.30
C SER A 505 15.17 -41.44 -49.90
N TRP A 506 14.21 -41.91 -49.12
CA TRP A 506 13.06 -41.12 -48.72
C TRP A 506 12.60 -41.46 -47.30
N ASP A 507 11.77 -40.59 -46.72
CA ASP A 507 11.12 -40.89 -45.43
C ASP A 507 9.92 -39.95 -45.30
N TRP A 508 8.90 -40.40 -44.58
CA TRP A 508 7.73 -39.59 -44.31
C TRP A 508 8.14 -38.28 -43.64
N VAL A 509 7.34 -37.24 -43.85
CA VAL A 509 7.46 -36.03 -43.04
C VAL A 509 6.42 -36.13 -41.93
N GLU A 510 6.49 -35.25 -40.94
CA GLU A 510 5.52 -35.28 -39.86
C GLU A 510 5.24 -33.88 -39.38
N TRP A 511 4.14 -33.71 -38.65
CA TRP A 511 3.75 -32.40 -38.11
C TRP A 511 3.81 -32.42 -36.61
N LEU A 512 4.67 -31.58 -36.02
CA LEU A 512 4.96 -31.65 -34.58
C LEU A 512 4.79 -30.31 -33.90
N LYS A 513 4.28 -30.31 -32.68
CA LYS A 513 4.30 -29.07 -31.88
C LYS A 513 5.74 -28.70 -31.62
N HIS A 514 6.02 -27.40 -31.59
CA HIS A 514 7.39 -26.94 -31.57
C HIS A 514 7.42 -25.47 -31.20
N ASP A 515 8.55 -24.99 -30.68
CA ASP A 515 8.73 -23.57 -30.34
C ASP A 515 8.79 -22.69 -31.61
N MET A 516 7.79 -21.82 -31.77
CA MET A 516 7.76 -20.88 -32.90
C MET A 516 9.05 -20.08 -33.04
N ASN A 517 9.72 -19.79 -31.92
CA ASN A 517 10.96 -19.00 -31.93
C ASN A 517 12.22 -19.80 -32.25
N GLU A 518 12.12 -21.13 -32.24
CA GLU A 518 13.33 -21.95 -32.45
C GLU A 518 13.86 -21.75 -33.88
N ASP A 519 15.17 -21.54 -34.00
CA ASP A 519 15.72 -21.02 -35.25
C ASP A 519 17.02 -21.70 -35.68
N LYS A 520 17.33 -22.87 -35.14
CA LYS A 520 18.59 -23.50 -35.48
C LYS A 520 18.41 -24.80 -36.27
N ASP A 521 17.42 -25.59 -35.88
CA ASP A 521 17.25 -26.94 -36.42
C ASP A 521 16.75 -26.90 -37.86
N GLU A 522 17.64 -27.19 -38.79
CA GLU A 522 17.30 -27.08 -40.21
C GLU A 522 16.28 -28.10 -40.71
N ASN A 523 16.02 -29.15 -39.92
CA ASN A 523 14.96 -30.09 -40.28
C ASN A 523 13.56 -29.52 -40.17
N PHE A 524 13.45 -28.32 -39.60
CA PHE A 524 12.15 -27.64 -39.56
C PHE A 524 12.14 -26.46 -40.55
N LYS A 525 13.24 -26.26 -41.26
CA LYS A 525 13.36 -25.16 -42.23
C LYS A 525 13.16 -25.57 -43.69
N TRP A 526 12.33 -24.81 -44.41
CA TRP A 526 11.97 -25.12 -45.79
C TRP A 526 12.09 -23.89 -46.68
N TYR A 527 12.27 -24.12 -47.98
CA TYR A 527 12.25 -23.02 -48.94
C TYR A 527 11.57 -23.44 -50.23
N PHE A 528 11.12 -22.45 -51.01
CA PHE A 528 10.38 -22.70 -52.23
C PHE A 528 11.28 -22.54 -53.45
N SER A 529 11.02 -23.33 -54.49
CA SER A 529 11.82 -23.31 -55.73
C SER A 529 10.93 -23.26 -56.95
N ARG A 530 11.27 -22.40 -57.88
CA ARG A 530 10.56 -22.34 -59.16
C ARG A 530 11.06 -23.40 -60.13
N ASP A 531 12.36 -23.70 -60.05
CA ASP A 531 13.02 -24.64 -60.96
C ASP A 531 12.57 -24.42 -62.41
N ASP A 532 12.14 -25.48 -63.09
CA ASP A 532 11.69 -25.36 -64.49
C ASP A 532 10.17 -25.45 -64.61
N LEU A 533 9.46 -25.19 -63.51
CA LEU A 533 8.01 -25.23 -63.52
C LEU A 533 7.42 -24.17 -64.42
N THR A 534 6.30 -24.50 -65.06
CA THR A 534 5.52 -23.51 -65.78
C THR A 534 4.65 -22.77 -64.75
N ILE A 535 4.88 -21.45 -64.66
CA ILE A 535 4.24 -20.62 -63.63
C ILE A 535 3.70 -19.37 -64.30
N PRO A 536 2.37 -19.18 -64.28
CA PRO A 536 1.39 -20.12 -63.75
C PRO A 536 1.26 -21.32 -64.67
N SER A 537 0.60 -22.37 -64.19
CA SER A 537 0.38 -23.55 -65.01
C SER A 537 -0.59 -23.24 -66.14
N VAL A 538 -0.73 -24.18 -67.07
CA VAL A 538 -1.64 -24.00 -68.18
C VAL A 538 -3.07 -23.71 -67.72
N GLU A 539 -3.50 -24.34 -66.62
CA GLU A 539 -4.83 -24.07 -66.08
C GLU A 539 -4.90 -22.94 -65.05
N GLY A 540 -3.82 -22.18 -64.91
CA GLY A 540 -3.82 -21.02 -64.02
C GLY A 540 -3.35 -21.28 -62.60
N LEU A 541 -2.81 -22.47 -62.34
CA LEU A 541 -2.39 -22.82 -60.97
C LEU A 541 -0.98 -22.36 -60.62
N ASN A 542 -0.76 -22.10 -59.33
CA ASN A 542 0.55 -21.65 -58.81
C ASN A 542 1.26 -22.80 -58.09
N PHE A 543 2.28 -23.37 -58.74
CA PHE A 543 3.04 -24.49 -58.17
C PHE A 543 4.46 -24.07 -57.81
N ARG A 544 5.02 -24.74 -56.80
CA ARG A 544 6.45 -24.65 -56.48
C ARG A 544 6.94 -26.01 -56.03
N HIS A 545 8.25 -26.23 -56.14
CA HIS A 545 8.91 -27.30 -55.41
C HIS A 545 9.26 -26.78 -54.02
N ILE A 546 9.29 -27.68 -53.04
CA ILE A 546 9.63 -27.31 -51.66
C ILE A 546 10.74 -28.22 -51.16
N ARG A 547 11.81 -27.62 -50.64
CA ARG A 547 12.96 -28.38 -50.16
C ARG A 547 13.35 -27.97 -48.75
N CYS A 548 13.96 -28.89 -48.02
CA CYS A 548 14.38 -28.64 -46.64
C CYS A 548 15.81 -28.07 -46.64
N TYR A 549 16.06 -27.08 -45.79
CA TYR A 549 17.41 -26.52 -45.68
C TYR A 549 18.48 -27.57 -45.35
N ALA A 550 18.12 -28.55 -44.53
CA ALA A 550 19.13 -29.46 -43.97
C ALA A 550 20.04 -30.07 -45.02
N ASP A 551 19.45 -30.70 -46.03
CA ASP A 551 20.24 -31.39 -47.05
C ASP A 551 19.46 -31.41 -48.36
N ASN A 552 18.62 -30.40 -48.57
CA ASN A 552 17.82 -30.29 -49.79
C ASN A 552 16.87 -31.45 -50.06
N GLN A 553 16.41 -32.10 -49.00
CA GLN A 553 15.38 -33.11 -49.12
C GLN A 553 14.13 -32.48 -49.68
N GLN A 554 13.51 -33.15 -50.65
CA GLN A 554 12.39 -32.57 -51.38
C GLN A 554 11.03 -33.10 -50.95
N LEU A 555 10.13 -32.16 -50.66
CA LEU A 555 8.76 -32.48 -50.28
C LEU A 555 7.98 -32.99 -51.48
N LYS A 556 7.35 -34.15 -51.34
CA LYS A 556 6.46 -34.67 -52.37
C LYS A 556 5.26 -35.40 -51.77
N VAL A 557 4.30 -35.76 -52.62
CA VAL A 557 3.10 -36.48 -52.18
C VAL A 557 2.85 -37.70 -53.08
N ILE A 558 2.48 -38.82 -52.46
CA ILE A 558 2.14 -40.03 -53.23
C ILE A 558 0.80 -39.87 -53.90
N ILE A 559 0.71 -40.21 -55.18
CA ILE A 559 -0.49 -39.94 -55.95
C ILE A 559 -1.57 -41.02 -55.85
N SER A 560 -1.17 -42.28 -55.88
CA SER A 560 -2.16 -43.35 -55.92
C SER A 560 -1.68 -44.56 -55.15
N GLY A 561 -2.54 -45.57 -55.02
CA GLY A 561 -2.21 -46.75 -54.25
C GLY A 561 -2.65 -46.63 -52.80
N SER A 562 -2.25 -47.60 -51.98
CA SER A 562 -2.71 -47.67 -50.59
C SER A 562 -2.19 -46.51 -49.73
N ARG A 563 -1.06 -45.94 -50.13
CA ARG A 563 -0.45 -44.80 -49.43
C ARG A 563 -0.72 -43.47 -50.15
N TRP A 564 -1.80 -43.41 -50.90
CA TRP A 564 -2.11 -42.18 -51.63
C TRP A 564 -2.28 -41.03 -50.65
N GLY A 565 -1.80 -39.84 -51.04
CA GLY A 565 -1.99 -38.67 -50.21
C GLY A 565 -0.93 -38.52 -49.13
N GLY A 566 0.01 -39.46 -49.08
CA GLY A 566 1.05 -39.40 -48.07
C GLY A 566 2.17 -38.43 -48.42
N TRP A 567 2.47 -37.51 -47.50
CA TRP A 567 3.52 -36.52 -47.69
C TRP A 567 4.85 -37.08 -47.22
N TYR A 568 5.88 -36.96 -48.04
CA TYR A 568 7.20 -37.46 -47.66
C TYR A 568 8.27 -36.54 -48.21
N SER A 569 9.51 -36.74 -47.79
CA SER A 569 10.63 -36.05 -48.43
C SER A 569 11.64 -37.05 -48.98
N THR A 570 12.41 -36.63 -49.98
CA THR A 570 13.25 -37.55 -50.74
C THR A 570 14.50 -36.92 -51.35
N TYR A 571 15.52 -37.74 -51.56
CA TYR A 571 16.70 -37.31 -52.30
C TYR A 571 16.55 -37.58 -53.81
N ASP A 572 15.50 -38.29 -54.21
CA ASP A 572 15.31 -38.66 -55.61
C ASP A 572 14.59 -37.58 -56.38
N LYS A 573 15.28 -36.99 -57.35
CA LYS A 573 14.70 -35.89 -58.13
C LYS A 573 13.52 -36.38 -58.98
N VAL A 574 13.66 -37.57 -59.55
CA VAL A 574 12.61 -38.15 -60.38
C VAL A 574 12.12 -39.49 -59.81
N GLU A 575 10.79 -39.62 -59.73
CA GLU A 575 10.15 -40.84 -59.25
C GLU A 575 8.84 -41.00 -60.02
N SER A 576 8.19 -42.14 -59.86
CA SER A 576 6.91 -42.35 -60.54
C SER A 576 5.75 -42.47 -59.54
N ASN A 577 4.54 -42.17 -60.00
CA ASN A 577 3.37 -42.18 -59.13
C ASN A 577 3.48 -41.17 -57.99
N VAL A 578 4.24 -40.10 -58.20
CA VAL A 578 4.33 -39.07 -57.17
C VAL A 578 4.16 -37.66 -57.75
N GLU A 579 3.73 -36.75 -56.90
CA GLU A 579 3.51 -35.37 -57.29
C GLU A 579 4.56 -34.53 -56.59
N ASP A 580 5.38 -33.81 -57.34
CA ASP A 580 6.33 -32.90 -56.71
C ASP A 580 5.91 -31.43 -56.81
N LYS A 581 4.82 -31.18 -57.51
CA LYS A 581 4.32 -29.81 -57.59
C LYS A 581 3.37 -29.55 -56.43
N ILE A 582 3.74 -28.61 -55.57
CA ILE A 582 2.91 -28.24 -54.43
C ILE A 582 2.17 -26.93 -54.76
N LEU A 583 0.86 -26.88 -54.50
CA LEU A 583 0.12 -25.63 -54.67
C LEU A 583 0.49 -24.66 -53.55
N VAL A 584 0.73 -23.41 -53.92
CA VAL A 584 1.02 -22.34 -52.95
C VAL A 584 0.19 -21.10 -53.31
N LYS A 585 -0.34 -20.42 -52.29
CA LYS A 585 -1.21 -19.28 -52.52
C LYS A 585 -0.55 -18.25 -53.46
N ASP A 586 -1.27 -17.83 -54.48
CA ASP A 586 -0.74 -16.84 -55.42
C ASP A 586 -0.28 -15.60 -54.66
N GLY A 587 0.94 -15.14 -54.95
CA GLY A 587 1.47 -13.92 -54.37
C GLY A 587 2.17 -14.11 -53.03
N PHE A 588 2.28 -15.34 -52.56
CA PHE A 588 2.88 -15.62 -51.27
C PHE A 588 4.33 -15.13 -51.21
N ASP A 589 5.02 -15.06 -52.35
CA ASP A 589 6.44 -14.67 -52.35
C ASP A 589 6.66 -13.17 -52.61
N ARG A 590 5.60 -12.37 -52.47
CA ARG A 590 5.66 -10.94 -52.71
C ARG A 590 5.39 -10.04 -51.49
N PHE A 591 4.90 -10.62 -50.39
CA PHE A 591 4.45 -9.82 -49.24
C PHE A 591 5.40 -9.94 -48.02
N ASN B 5 14.61 -8.72 9.21
CA ASN B 5 15.68 -8.91 8.23
C ASN B 5 16.30 -7.58 7.78
N PRO B 6 17.19 -7.02 8.61
CA PRO B 6 17.77 -5.69 8.46
C PRO B 6 18.71 -5.54 7.27
N VAL B 7 18.60 -4.41 6.57
CA VAL B 7 19.60 -4.06 5.57
C VAL B 7 20.78 -3.44 6.29
N ARG B 8 21.91 -4.14 6.29
CA ARG B 8 23.09 -3.75 7.07
C ARG B 8 24.07 -2.97 6.21
N PHE B 9 24.23 -3.42 4.97
CA PHE B 9 25.18 -2.78 4.05
C PHE B 9 24.56 -2.51 2.70
N VAL B 10 25.01 -1.42 2.07
CA VAL B 10 24.60 -1.05 0.71
C VAL B 10 25.86 -0.82 -0.13
N TYR B 11 25.70 -0.60 -1.43
CA TYR B 11 26.84 -0.52 -2.34
C TYR B 11 26.76 0.64 -3.32
N ARG B 12 27.93 1.18 -3.66
CA ARG B 12 27.99 2.31 -4.58
C ARG B 12 29.25 2.20 -5.42
N VAL B 13 29.08 2.26 -6.74
CA VAL B 13 30.22 2.34 -7.65
C VAL B 13 30.56 3.80 -7.85
N ASP B 14 31.84 4.12 -7.70
CA ASP B 14 32.29 5.50 -7.76
C ASP B 14 33.67 5.54 -8.42
N LEU B 15 33.94 6.62 -9.14
CA LEU B 15 35.22 6.79 -9.82
C LEU B 15 36.31 7.26 -8.86
N ARG B 16 35.92 7.81 -7.72
CA ARG B 16 36.89 8.30 -6.73
C ARG B 16 37.62 7.15 -6.04
N SER B 17 38.91 7.35 -5.78
CA SER B 17 39.75 6.28 -5.24
C SER B 17 39.55 6.04 -3.75
N PRO B 18 39.79 4.80 -3.31
CA PRO B 18 39.64 4.44 -1.90
C PRO B 18 40.45 5.35 -0.99
N GLU B 19 41.56 5.89 -1.51
CA GLU B 19 42.38 6.78 -0.70
C GLU B 19 41.60 8.03 -0.31
N GLU B 20 40.80 8.55 -1.25
CA GLU B 20 40.02 9.74 -0.97
C GLU B 20 38.72 9.41 -0.23
N ILE B 21 38.00 8.41 -0.72
CA ILE B 21 36.73 8.03 -0.11
C ILE B 21 36.89 7.53 1.33
N PHE B 22 37.83 6.63 1.54
CA PHE B 22 38.12 6.09 2.88
C PHE B 22 38.32 7.18 3.94
N GLU B 23 38.83 8.33 3.54
CA GLU B 23 39.12 9.39 4.49
C GLU B 23 37.98 10.39 4.66
N HIS B 24 37.25 10.65 3.57
CA HIS B 24 36.26 11.72 3.55
C HIS B 24 34.82 11.24 3.40
N GLY B 25 34.64 9.95 3.09
CA GLY B 25 33.33 9.42 2.77
C GLY B 25 32.82 10.00 1.46
N PHE B 26 31.50 10.15 1.34
CA PHE B 26 30.90 10.69 0.12
C PHE B 26 30.24 12.04 0.40
N SER B 27 30.50 13.02 -0.46
CA SER B 27 29.86 14.33 -0.34
C SER B 27 28.65 14.44 -1.26
N THR B 28 27.68 15.25 -0.87
CA THR B 28 26.48 15.48 -1.68
C THR B 28 26.76 16.45 -2.81
N LEU B 29 25.97 16.37 -3.89
CA LEU B 29 26.08 17.30 -5.00
C LEU B 29 25.67 18.70 -4.58
N GLY B 30 24.68 18.79 -3.69
CA GLY B 30 24.20 20.07 -3.21
C GLY B 30 23.34 19.91 -1.98
N ASP B 31 22.39 20.84 -1.78
CA ASP B 31 21.57 20.82 -0.59
C ASP B 31 20.07 20.63 -0.87
N VAL B 32 19.74 20.32 -2.11
CA VAL B 32 18.34 20.14 -2.50
C VAL B 32 17.80 18.78 -2.04
N ARG B 33 16.68 18.79 -1.33
CA ARG B 33 16.06 17.57 -0.83
C ARG B 33 14.75 17.30 -1.56
N ASN B 34 14.85 17.00 -2.84
CA ASN B 34 13.66 16.76 -3.67
C ASN B 34 13.66 15.31 -4.16
N PHE B 35 12.73 14.51 -3.66
CA PHE B 35 12.71 13.07 -3.96
C PHE B 35 12.51 12.84 -5.45
N PHE B 36 11.54 13.51 -6.06
CA PHE B 36 11.27 13.25 -7.50
C PHE B 36 12.39 13.70 -8.42
N GLU B 37 13.00 14.84 -8.11
CA GLU B 37 14.14 15.31 -8.89
C GLU B 37 15.32 14.36 -8.80
N HIS B 38 15.45 13.70 -7.65
CA HIS B 38 16.53 12.73 -7.47
C HIS B 38 16.27 11.48 -8.31
N ILE B 39 15.03 10.99 -8.25
CA ILE B 39 14.67 9.80 -9.04
C ILE B 39 14.70 10.06 -10.54
N LEU B 40 14.26 11.25 -10.95
CA LEU B 40 14.12 11.55 -12.37
C LEU B 40 15.34 12.27 -12.94
N SER B 41 16.34 12.51 -12.10
CA SER B 41 17.57 13.20 -12.51
C SER B 41 17.28 14.56 -13.15
N THR B 42 16.31 15.27 -12.61
CA THR B 42 15.88 16.53 -13.20
C THR B 42 16.89 17.65 -12.94
N ASN B 43 17.38 18.27 -14.02
CA ASN B 43 18.43 19.29 -13.91
C ASN B 43 19.50 18.76 -12.96
N PHE B 44 20.12 17.66 -13.36
CA PHE B 44 21.00 16.91 -12.48
C PHE B 44 22.12 17.80 -11.93
N GLY B 45 22.40 17.67 -10.64
CA GLY B 45 23.58 18.31 -10.07
C GLY B 45 23.49 19.01 -8.73
N ARG B 46 22.31 19.03 -8.10
CA ARG B 46 22.14 19.80 -6.87
C ARG B 46 21.60 19.02 -5.66
N SER B 47 21.41 17.71 -5.82
CA SER B 47 20.74 16.93 -4.78
C SER B 47 21.53 16.81 -3.48
N TYR B 48 20.81 16.79 -2.36
CA TYR B 48 21.37 16.53 -1.04
C TYR B 48 21.40 15.02 -0.78
N PHE B 49 20.83 14.26 -1.70
CA PHE B 49 20.77 12.81 -1.53
C PHE B 49 21.96 12.14 -2.21
N ILE B 50 22.42 11.05 -1.62
CA ILE B 50 23.43 10.21 -2.26
C ILE B 50 22.87 8.81 -2.50
N SER B 51 23.06 8.29 -3.71
CA SER B 51 22.47 7.00 -4.07
C SER B 51 23.41 5.83 -3.77
N THR B 52 22.82 4.72 -3.35
CA THR B 52 23.52 3.47 -3.16
C THR B 52 22.55 2.36 -3.55
N SER B 53 23.01 1.13 -3.58
CA SER B 53 22.14 0.04 -3.97
C SER B 53 22.17 -1.07 -2.93
N GLU B 54 21.06 -1.80 -2.83
CA GLU B 54 20.96 -2.87 -1.86
C GLU B 54 21.86 -4.06 -2.23
N THR B 55 22.20 -4.24 -3.50
CA THR B 55 23.06 -5.35 -3.88
C THR B 55 24.22 -4.88 -4.76
N PRO B 56 25.34 -5.61 -4.76
CA PRO B 56 26.45 -5.20 -5.62
C PRO B 56 26.05 -5.29 -7.10
N THR B 57 25.28 -6.32 -7.44
CA THR B 57 24.83 -6.50 -8.82
C THR B 57 24.08 -5.28 -9.36
N ALA B 58 23.16 -4.74 -8.57
CA ALA B 58 22.37 -3.60 -9.03
C ALA B 58 23.22 -2.34 -9.02
N ALA B 59 24.14 -2.25 -8.05
CA ALA B 59 25.08 -1.13 -8.03
C ALA B 59 25.95 -1.06 -9.28
N ILE B 60 26.30 -2.22 -9.83
CA ILE B 60 27.25 -2.28 -10.94
C ILE B 60 26.60 -2.33 -12.35
N ARG B 61 25.28 -2.51 -12.42
CA ARG B 61 24.68 -2.70 -13.74
C ARG B 61 25.02 -1.59 -14.76
N PHE B 62 24.88 -0.32 -14.38
CA PHE B 62 25.13 0.76 -15.33
C PHE B 62 26.54 0.69 -15.91
N PHE B 63 27.45 0.12 -15.12
CA PHE B 63 28.87 0.09 -15.47
C PHE B 63 29.13 -0.90 -16.61
N GLY B 64 28.17 -1.77 -16.87
CA GLY B 64 28.26 -2.66 -18.01
C GLY B 64 27.66 -2.12 -19.31
N SER B 65 27.48 -0.80 -19.41
CA SER B 65 26.97 -0.19 -20.65
CA SER B 65 27.06 -0.21 -20.67
C SER B 65 27.88 -0.55 -21.83
N TRP B 66 27.25 -0.89 -22.96
CA TRP B 66 27.97 -1.37 -24.15
C TRP B 66 28.72 -0.26 -24.88
N LEU B 67 29.89 -0.58 -25.42
CA LEU B 67 30.76 0.43 -26.02
C LEU B 67 30.45 0.65 -27.49
N ARG B 68 30.74 1.85 -27.99
CA ARG B 68 30.75 2.07 -29.43
C ARG B 68 31.84 1.23 -30.08
N GLU B 69 31.49 0.59 -31.19
CA GLU B 69 32.42 -0.29 -31.88
C GLU B 69 33.51 0.51 -32.62
N TYR B 70 34.71 -0.06 -32.69
CA TYR B 70 35.81 0.52 -33.46
C TYR B 70 36.11 1.95 -33.01
N VAL B 71 36.38 2.09 -31.72
CA VAL B 71 36.78 3.36 -31.13
C VAL B 71 37.96 3.08 -30.19
N PRO B 72 38.96 3.99 -30.15
CA PRO B 72 40.13 3.84 -29.30
C PRO B 72 39.79 3.23 -27.93
N GLU B 73 40.32 2.04 -27.67
CA GLU B 73 39.97 1.29 -26.47
C GLU B 73 40.76 1.69 -25.23
N HIS B 74 40.19 2.58 -24.42
CA HIS B 74 40.75 2.90 -23.11
C HIS B 74 39.96 2.16 -22.04
N PRO B 75 40.68 1.41 -21.17
CA PRO B 75 40.05 0.55 -20.15
C PRO B 75 39.02 1.33 -19.33
N ARG B 76 37.92 0.67 -18.98
CA ARG B 76 36.92 1.28 -18.10
C ARG B 76 37.02 0.71 -16.70
N ARG B 77 37.33 1.57 -15.72
CA ARG B 77 37.57 1.11 -14.36
C ARG B 77 36.99 2.05 -13.32
N ALA B 78 36.51 1.47 -12.23
CA ALA B 78 36.02 2.24 -11.09
C ALA B 78 36.12 1.41 -9.82
N TYR B 79 35.56 1.94 -8.74
CA TYR B 79 35.56 1.22 -7.48
C TYR B 79 34.16 0.93 -6.95
N LEU B 80 33.97 -0.29 -6.47
CA LEU B 80 32.78 -0.68 -5.75
C LEU B 80 33.03 -0.50 -4.26
N TYR B 81 32.19 0.29 -3.60
CA TYR B 81 32.30 0.49 -2.16
C TYR B 81 31.18 -0.21 -1.41
N GLU B 82 31.55 -0.89 -0.32
CA GLU B 82 30.58 -1.46 0.62
C GLU B 82 30.42 -0.49 1.79
N ILE B 83 29.19 -0.10 2.07
CA ILE B 83 28.91 0.98 3.01
C ILE B 83 27.92 0.49 4.06
N ARG B 84 28.26 0.69 5.33
CA ARG B 84 27.34 0.34 6.41
C ARG B 84 26.17 1.32 6.42
N ALA B 85 24.96 0.80 6.45
CA ALA B 85 23.77 1.65 6.42
C ALA B 85 23.32 2.00 7.84
N ASP B 86 22.79 3.21 8.01
CA ASP B 86 22.25 3.65 9.28
C ASP B 86 20.91 4.36 9.08
N GLN B 87 20.42 5.05 10.10
CA GLN B 87 19.06 5.60 10.03
C GLN B 87 18.85 6.74 9.02
N HIS B 88 19.91 7.26 8.42
CA HIS B 88 19.68 8.24 7.36
C HIS B 88 19.76 7.64 5.94
N PHE B 89 19.66 6.31 5.87
CA PHE B 89 19.55 5.58 4.60
C PHE B 89 18.08 5.13 4.41
N TYR B 90 17.48 5.53 3.30
CA TYR B 90 16.06 5.25 3.03
C TYR B 90 15.89 4.52 1.69
N ASN B 91 14.90 3.64 1.64
CA ASN B 91 14.61 2.89 0.41
C ASN B 91 13.79 3.74 -0.56
N ALA B 92 14.27 3.88 -1.79
CA ALA B 92 13.58 4.70 -2.77
C ALA B 92 12.17 4.18 -3.07
N ARG B 93 12.06 2.89 -3.40
CA ARG B 93 10.77 2.31 -3.77
C ARG B 93 9.72 2.43 -2.65
N ALA B 94 10.12 2.10 -1.41
CA ALA B 94 9.20 2.19 -0.27
C ALA B 94 8.76 3.64 -0.05
N THR B 95 9.70 4.56 -0.20
CA THR B 95 9.40 5.99 -0.11
C THR B 95 8.36 6.38 -1.16
N GLY B 96 8.58 5.95 -2.39
CA GLY B 96 7.64 6.22 -3.47
C GLY B 96 6.25 5.66 -3.21
N GLU B 97 6.20 4.43 -2.71
CA GLU B 97 4.94 3.77 -2.41
C GLU B 97 4.16 4.52 -1.32
N ASN B 98 4.89 5.02 -0.33
CA ASN B 98 4.28 5.82 0.74
C ASN B 98 3.72 7.13 0.20
N LEU B 99 4.44 7.78 -0.73
CA LEU B 99 3.94 9.00 -1.34
C LEU B 99 2.69 8.73 -2.19
N LEU B 100 2.70 7.63 -2.95
CA LEU B 100 1.52 7.26 -3.72
C LEU B 100 0.30 7.11 -2.82
N ASP B 101 0.48 6.42 -1.71
CA ASP B 101 -0.57 6.22 -0.71
C ASP B 101 -1.14 7.58 -0.30
N LEU B 102 -0.26 8.46 0.18
CA LEU B 102 -0.64 9.80 0.62
C LEU B 102 -1.38 10.59 -0.46
N MET B 103 -0.90 10.50 -1.70
CA MET B 103 -1.56 11.18 -2.82
C MET B 103 -2.94 10.61 -3.11
N ARG B 104 -3.08 9.27 -3.06
CA ARG B 104 -4.39 8.69 -3.32
C ARG B 104 -5.36 9.03 -2.18
N GLN B 105 -4.83 9.19 -0.98
CA GLN B 105 -5.67 9.52 0.17
C GLN B 105 -5.93 11.02 0.26
N ARG B 106 -5.46 11.75 -0.75
CA ARG B 106 -5.70 13.20 -0.88
C ARG B 106 -5.09 14.03 0.26
N GLN B 107 -3.85 13.69 0.62
CA GLN B 107 -3.19 14.31 1.75
C GLN B 107 -1.96 15.10 1.35
N VAL B 108 -1.73 15.20 0.04
CA VAL B 108 -0.52 15.85 -0.45
C VAL B 108 -0.84 17.16 -1.18
N VAL B 109 -0.10 18.21 -0.83
CA VAL B 109 -0.15 19.46 -1.58
C VAL B 109 1.02 19.54 -2.55
N PHE B 110 0.73 19.93 -3.78
CA PHE B 110 1.75 19.97 -4.82
C PHE B 110 2.27 21.38 -5.02
N ASP B 111 3.52 21.60 -4.64
CA ASP B 111 4.16 22.90 -4.83
C ASP B 111 4.47 23.13 -6.31
N SER B 112 4.54 22.04 -7.05
CA SER B 112 4.74 22.11 -8.49
C SER B 112 4.22 20.80 -9.06
N GLY B 113 3.72 20.87 -10.30
CA GLY B 113 3.12 19.72 -10.94
C GLY B 113 1.82 19.35 -10.26
N ASP B 114 1.42 18.08 -10.40
CA ASP B 114 0.17 17.60 -9.83
C ASP B 114 0.25 16.10 -9.63
N ARG B 115 -0.86 15.50 -9.19
CA ARG B 115 -0.87 14.09 -8.86
C ARG B 115 -0.64 13.24 -10.12
N GLU B 116 -1.26 13.64 -11.22
CA GLU B 116 -1.11 12.91 -12.48
C GLU B 116 0.38 12.77 -12.82
N MET B 117 1.11 13.87 -12.73
CA MET B 117 2.54 13.87 -12.99
C MET B 117 3.34 13.08 -11.96
N ALA B 118 2.95 13.22 -10.68
CA ALA B 118 3.60 12.44 -9.63
C ALA B 118 3.49 10.95 -9.97
N GLN B 119 2.31 10.52 -10.38
CA GLN B 119 2.08 9.11 -10.68
C GLN B 119 2.91 8.61 -11.86
N MET B 120 3.16 9.48 -12.84
CA MET B 120 4.07 9.14 -13.95
C MET B 120 5.46 8.88 -13.38
N GLY B 121 5.86 9.72 -12.44
CA GLY B 121 7.15 9.57 -11.78
C GLY B 121 7.24 8.30 -10.96
N ILE B 122 6.16 7.97 -10.24
CA ILE B 122 6.11 6.73 -9.48
C ILE B 122 6.13 5.50 -10.40
N ARG B 123 5.47 5.58 -11.55
CA ARG B 123 5.50 4.47 -12.50
C ARG B 123 6.93 4.23 -13.01
N ALA B 124 7.66 5.29 -13.34
CA ALA B 124 9.07 5.13 -13.73
C ALA B 124 9.91 4.49 -12.61
N LEU B 125 9.68 4.93 -11.37
CA LEU B 125 10.37 4.38 -10.21
C LEU B 125 10.05 2.89 -10.03
N ARG B 126 8.79 2.53 -10.21
CA ARG B 126 8.31 1.16 -10.02
C ARG B 126 8.81 0.21 -11.10
N THR B 127 9.04 0.76 -12.28
CA THR B 127 9.37 -0.09 -13.40
C THR B 127 10.79 0.18 -13.87
N SER B 128 10.96 1.19 -14.72
CA SER B 128 12.26 1.49 -15.33
C SER B 128 13.45 1.55 -14.35
N PHE B 129 13.26 2.18 -13.20
CA PHE B 129 14.38 2.41 -12.29
C PHE B 129 14.44 1.44 -11.12
N ALA B 130 13.43 0.58 -10.98
CA ALA B 130 13.32 -0.23 -9.78
C ALA B 130 14.49 -1.20 -9.58
N TYR B 131 15.03 -1.73 -10.67
CA TYR B 131 16.10 -2.73 -10.59
C TYR B 131 17.33 -2.16 -9.86
N GLN B 132 17.41 -0.84 -9.78
CA GLN B 132 18.55 -0.21 -9.11
C GLN B 132 18.60 -0.50 -7.61
N ARG B 133 17.48 -1.01 -7.07
CA ARG B 133 17.38 -1.33 -5.66
C ARG B 133 17.92 -0.18 -4.83
N GLU B 134 17.48 1.03 -5.15
CA GLU B 134 18.15 2.19 -4.61
C GLU B 134 17.82 2.46 -3.15
N TRP B 135 18.87 2.60 -2.33
CA TRP B 135 18.76 3.24 -1.02
C TRP B 135 19.47 4.60 -1.12
N PHE B 136 18.78 5.68 -0.78
CA PHE B 136 19.43 6.99 -0.81
C PHE B 136 19.64 7.53 0.60
N THR B 137 20.70 8.32 0.77
CA THR B 137 20.99 8.93 2.06
C THR B 137 20.42 10.34 2.11
N ASP B 138 19.98 10.77 3.29
CA ASP B 138 19.51 12.13 3.51
C ASP B 138 20.70 12.93 4.04
N GLY B 139 21.60 13.30 3.14
CA GLY B 139 22.83 13.99 3.51
C GLY B 139 24.07 13.18 3.15
N PRO B 140 25.26 13.69 3.52
CA PRO B 140 26.53 13.07 3.16
C PRO B 140 26.76 11.76 3.90
N ILE B 141 27.67 10.95 3.38
CA ILE B 141 28.03 9.70 4.04
C ILE B 141 29.41 9.87 4.66
N ALA B 142 29.49 9.70 5.97
CA ALA B 142 30.76 9.87 6.68
C ALA B 142 31.71 8.75 6.30
N ALA B 143 33.01 9.07 6.31
CA ALA B 143 34.05 8.09 6.07
C ALA B 143 33.88 6.87 6.97
N ALA B 144 33.44 7.11 8.21
CA ALA B 144 33.25 6.03 9.17
C ALA B 144 32.29 4.95 8.69
N ASN B 145 31.42 5.29 7.74
CA ASN B 145 30.47 4.32 7.20
C ASN B 145 31.07 3.39 6.15
N VAL B 146 32.13 3.83 5.47
CA VAL B 146 32.65 3.07 4.34
C VAL B 146 33.55 1.94 4.79
N ARG B 147 33.09 0.70 4.60
CA ARG B 147 33.79 -0.47 5.11
C ARG B 147 34.92 -0.93 4.21
N SER B 148 34.62 -1.20 2.93
CA SER B 148 35.63 -1.72 2.03
C SER B 148 35.36 -1.35 0.58
N ALA B 149 36.34 -1.63 -0.27
CA ALA B 149 36.26 -1.28 -1.68
C ALA B 149 36.88 -2.38 -2.51
N TRP B 150 36.46 -2.47 -3.77
CA TRP B 150 37.03 -3.39 -4.73
C TRP B 150 37.22 -2.62 -6.02
N LEU B 151 38.20 -3.02 -6.82
CA LEU B 151 38.33 -2.44 -8.15
C LEU B 151 37.41 -3.22 -9.08
N VAL B 152 36.72 -2.48 -9.95
CA VAL B 152 35.78 -3.10 -10.88
C VAL B 152 36.13 -2.75 -12.32
N ASP B 153 36.08 -3.75 -13.20
CA ASP B 153 36.34 -3.53 -14.63
C ASP B 153 35.12 -3.85 -15.46
N ALA B 154 34.98 -3.14 -16.58
CA ALA B 154 34.04 -3.55 -17.61
C ALA B 154 34.88 -4.21 -18.69
N VAL B 155 34.47 -5.39 -19.14
CA VAL B 155 35.18 -6.11 -20.19
C VAL B 155 34.21 -6.70 -21.20
N PRO B 156 34.67 -6.84 -22.45
CA PRO B 156 33.88 -7.39 -23.57
C PRO B 156 33.56 -8.86 -23.36
N VAL B 157 32.34 -9.25 -23.67
CA VAL B 157 31.97 -10.66 -23.67
C VAL B 157 32.45 -11.32 -24.96
N GLU B 158 33.08 -12.48 -24.84
CA GLU B 158 33.54 -13.24 -26.00
C GLU B 158 34.20 -12.35 -27.06
N PRO B 159 35.23 -11.60 -26.66
CA PRO B 159 35.85 -10.61 -27.56
C PRO B 159 36.42 -11.25 -28.81
N GLY B 160 36.52 -12.58 -28.82
CA GLY B 160 37.08 -13.30 -29.93
C GLY B 160 36.28 -13.18 -31.21
N HIS B 161 34.96 -13.36 -31.12
CA HIS B 161 34.12 -13.37 -32.31
C HIS B 161 32.74 -12.74 -32.13
N ALA B 162 32.48 -12.12 -30.99
CA ALA B 162 31.15 -11.58 -30.74
C ALA B 162 30.78 -10.52 -31.79
N HIS B 163 29.66 -10.72 -32.47
CA HIS B 163 29.11 -9.64 -33.27
C HIS B 163 28.63 -8.53 -32.34
N HIS B 164 28.50 -7.32 -32.87
CA HIS B 164 28.08 -6.18 -32.08
C HIS B 164 26.62 -5.86 -32.38
N PRO B 165 25.69 -6.25 -31.48
CA PRO B 165 24.26 -6.02 -31.76
C PRO B 165 24.02 -4.53 -31.99
N ALA B 166 23.43 -4.18 -33.13
CA ALA B 166 23.16 -2.79 -33.48
C ALA B 166 24.40 -1.92 -33.42
N GLY B 167 25.57 -2.52 -33.58
CA GLY B 167 26.81 -1.76 -33.63
C GLY B 167 27.41 -1.37 -32.28
N ARG B 168 26.92 -2.01 -31.21
CA ARG B 168 27.46 -1.80 -29.88
C ARG B 168 28.12 -3.09 -29.38
N VAL B 169 29.16 -2.95 -28.56
CA VAL B 169 29.96 -4.09 -28.14
C VAL B 169 29.47 -4.62 -26.80
N VAL B 170 29.07 -5.89 -26.77
CA VAL B 170 28.52 -6.47 -25.55
C VAL B 170 29.59 -6.47 -24.46
N GLU B 171 29.25 -5.88 -23.31
CA GLU B 171 30.18 -5.80 -22.18
C GLU B 171 29.59 -6.49 -20.95
N THR B 172 30.47 -6.97 -20.06
CA THR B 172 30.07 -7.37 -18.72
C THR B 172 31.04 -6.72 -17.74
N THR B 173 30.90 -7.02 -16.45
CA THR B 173 31.76 -6.39 -15.45
C THR B 173 32.42 -7.46 -14.60
N ARG B 174 33.59 -7.11 -14.05
CA ARG B 174 34.27 -8.04 -13.16
C ARG B 174 34.70 -7.31 -11.91
N ILE B 175 34.52 -7.98 -10.77
CA ILE B 175 34.99 -7.45 -9.50
C ILE B 175 36.33 -8.08 -9.17
N ASN B 176 37.35 -7.25 -9.08
CA ASN B 176 38.70 -7.72 -8.84
C ASN B 176 39.03 -7.78 -7.34
N GLU B 177 39.82 -8.79 -6.99
CA GLU B 177 40.20 -9.04 -5.61
C GLU B 177 41.58 -8.46 -5.33
N PRO B 178 41.92 -8.29 -4.04
CA PRO B 178 41.04 -8.65 -2.94
C PRO B 178 40.31 -7.43 -2.46
N GLU B 179 39.41 -7.67 -1.51
CA GLU B 179 38.72 -6.60 -0.83
C GLU B 179 39.74 -5.69 -0.14
N MET B 180 39.55 -4.38 -0.28
CA MET B 180 40.36 -3.40 0.44
C MET B 180 39.62 -2.86 1.67
N HIS B 181 40.17 -3.10 2.86
CA HIS B 181 39.52 -2.66 4.09
C HIS B 181 39.88 -1.22 4.44
N ASN B 182 38.89 -0.45 4.85
CA ASN B 182 39.08 0.93 5.28
C ASN B 182 39.50 0.99 6.74
N PRO B 183 40.70 1.51 7.01
CA PRO B 183 41.16 1.61 8.41
C PRO B 183 40.26 2.53 9.24
N HIS B 184 39.74 3.59 8.61
CA HIS B 184 38.87 4.55 9.30
C HIS B 184 37.45 4.05 9.51
N TYR B 185 37.19 2.78 9.18
CA TYR B 185 35.85 2.26 9.33
C TYR B 185 35.50 2.02 10.79
N GLN B 186 34.32 2.46 11.20
CA GLN B 186 33.82 2.16 12.54
C GLN B 186 32.69 1.14 12.47
N GLU B 187 32.85 0.01 13.14
CA GLU B 187 31.81 -1.01 13.11
C GLU B 187 30.73 -0.80 14.16
N LEU B 188 29.83 0.16 13.89
CA LEU B 188 28.72 0.46 14.78
C LEU B 188 27.55 -0.47 14.52
N GLN B 189 26.69 -0.66 15.51
CA GLN B 189 25.56 -1.58 15.34
C GLN B 189 24.35 -0.85 14.75
N THR B 190 24.41 -0.54 13.46
CA THR B 190 23.35 0.22 12.80
C THR B 190 22.72 -0.58 11.65
N GLN B 191 21.58 -0.08 11.17
CA GLN B 191 20.95 -0.63 9.97
C GLN B 191 20.18 0.47 9.26
N ALA B 192 19.83 0.26 7.99
CA ALA B 192 19.10 1.26 7.23
C ALA B 192 17.74 1.50 7.87
N ASN B 193 17.20 2.69 7.65
CA ASN B 193 15.88 3.03 8.15
C ASN B 193 14.81 2.17 7.50
N ASP B 194 13.94 1.55 8.31
CA ASP B 194 12.89 0.71 7.76
C ASP B 194 11.64 1.52 7.40
N GLN B 195 11.73 2.84 7.57
CA GLN B 195 10.60 3.74 7.29
C GLN B 195 10.72 4.44 5.94
N PRO B 196 9.57 4.77 5.32
CA PRO B 196 9.62 5.57 4.10
C PRO B 196 10.09 6.98 4.45
N TRP B 197 10.81 7.62 3.52
CA TRP B 197 11.32 8.97 3.75
C TRP B 197 10.21 10.02 3.64
N LEU B 198 10.27 11.07 4.46
CA LEU B 198 9.44 12.24 4.25
C LEU B 198 10.27 13.51 4.38
N PRO B 199 9.84 14.60 3.72
CA PRO B 199 10.55 15.88 3.78
C PRO B 199 10.79 16.33 5.23
N THR B 200 9.77 16.22 6.07
CA THR B 200 9.90 16.62 7.47
C THR B 200 9.35 15.54 8.39
N PRO B 201 10.11 15.18 9.43
CA PRO B 201 9.64 14.16 10.39
C PRO B 201 8.33 14.54 11.08
N GLY B 202 7.91 15.81 10.95
CA GLY B 202 6.70 16.34 11.58
C GLY B 202 5.45 15.51 11.44
N ILE B 203 4.81 15.23 12.57
CA ILE B 203 3.67 14.32 12.63
C ILE B 203 2.43 14.84 11.90
N ALA B 204 2.16 16.14 12.08
CA ALA B 204 0.97 16.78 11.56
C ALA B 204 1.28 17.50 10.24
N THR B 205 2.50 18.03 10.18
CA THR B 205 2.98 18.86 9.08
C THR B 205 2.51 18.35 7.71
N PRO B 206 1.68 19.15 7.02
CA PRO B 206 1.14 18.76 5.71
C PRO B 206 2.27 18.42 4.76
N VAL B 207 2.14 17.32 4.02
CA VAL B 207 3.18 16.87 3.09
C VAL B 207 3.11 17.67 1.77
N HIS B 208 4.23 18.26 1.37
CA HIS B 208 4.32 19.01 0.13
C HIS B 208 5.26 18.24 -0.80
N LEU B 209 4.90 18.16 -2.06
CA LEU B 209 5.80 17.59 -3.05
C LEU B 209 5.96 18.55 -4.23
N SER B 210 7.18 18.68 -4.76
CA SER B 210 7.39 19.40 -6.03
C SER B 210 7.72 18.42 -7.17
N ILE B 211 6.80 18.27 -8.11
CA ILE B 211 7.02 17.30 -9.21
C ILE B 211 7.66 18.02 -10.39
N PRO B 212 8.80 17.51 -10.89
CA PRO B 212 9.43 18.18 -12.05
C PRO B 212 8.63 18.04 -13.35
N GLN B 213 8.89 18.92 -14.32
CA GLN B 213 8.25 18.85 -15.64
C GLN B 213 8.95 17.83 -16.52
N ALA B 214 10.23 17.59 -16.25
CA ALA B 214 11.06 16.75 -17.11
C ALA B 214 11.93 15.79 -16.34
N ALA B 215 12.54 14.87 -17.09
CA ALA B 215 13.36 13.83 -16.54
C ALA B 215 14.57 13.64 -17.44
N SER B 216 15.65 13.10 -16.87
CA SER B 216 16.82 12.72 -17.63
C SER B 216 17.12 11.25 -17.35
N VAL B 217 17.55 10.54 -18.39
CA VAL B 217 17.72 9.11 -18.29
C VAL B 217 19.00 8.68 -19.02
N ALA B 218 19.80 7.87 -18.34
CA ALA B 218 20.97 7.25 -18.95
C ALA B 218 20.58 5.92 -19.57
N ASP B 219 20.90 5.77 -20.85
CA ASP B 219 20.66 4.53 -21.58
C ASP B 219 21.86 3.62 -21.34
N VAL B 220 21.67 2.57 -20.57
CA VAL B 220 22.78 1.67 -20.25
C VAL B 220 22.69 0.30 -20.94
N SER B 221 22.12 0.32 -22.15
CA SER B 221 22.10 -0.82 -23.09
C SER B 221 20.93 -1.78 -22.87
N GLU B 222 20.52 -2.46 -23.95
CA GLU B 222 19.42 -3.42 -23.91
C GLU B 222 18.13 -2.83 -23.34
N GLY B 223 17.90 -1.56 -23.64
CA GLY B 223 16.64 -0.92 -23.25
C GLY B 223 16.61 -0.40 -21.82
N THR B 224 17.72 -0.60 -21.11
CA THR B 224 17.77 -0.32 -19.68
C THR B 224 18.00 1.17 -19.37
N SER B 225 17.21 1.69 -18.45
CA SER B 225 17.29 3.07 -18.01
C SER B 225 18.06 3.13 -16.70
N ALA B 226 18.94 4.12 -16.56
CA ALA B 226 19.61 4.38 -15.28
C ALA B 226 19.43 5.83 -14.91
N SER B 227 19.29 6.12 -13.62
CA SER B 227 19.29 7.50 -13.19
C SER B 227 20.72 8.03 -13.27
N LEU B 228 20.85 9.35 -13.43
CA LEU B 228 22.17 9.95 -13.55
C LEU B 228 22.95 9.84 -12.25
N SER B 229 22.24 9.70 -11.13
CA SER B 229 22.92 9.54 -9.84
C SER B 229 23.70 8.22 -9.82
N PHE B 230 23.24 7.23 -10.58
CA PHE B 230 23.98 5.99 -10.73
C PHE B 230 25.06 6.08 -11.83
N ALA B 231 24.68 6.58 -13.00
CA ALA B 231 25.57 6.53 -14.17
C ALA B 231 26.63 7.63 -14.19
N CYS B 232 26.41 8.71 -13.44
CA CYS B 232 27.37 9.79 -13.40
C CYS B 232 27.75 10.04 -11.94
N PRO B 233 28.39 9.05 -11.31
CA PRO B 233 28.61 9.07 -9.86
C PRO B 233 29.50 10.24 -9.40
N ASP B 234 30.18 10.89 -10.33
CA ASP B 234 31.11 11.95 -9.94
C ASP B 234 30.89 13.22 -10.74
N TRP B 235 29.66 13.40 -11.17
CA TRP B 235 29.27 14.59 -11.92
C TRP B 235 29.79 15.84 -11.23
N SER B 236 30.46 16.69 -11.99
CA SER B 236 30.93 17.97 -11.46
C SER B 236 30.37 19.13 -12.28
N PRO B 237 30.16 20.28 -11.61
CA PRO B 237 29.63 21.48 -12.25
C PRO B 237 30.37 21.78 -13.56
N PRO B 238 29.64 22.26 -14.58
CA PRO B 238 30.21 22.56 -15.89
C PRO B 238 31.42 23.47 -15.82
N ASN B 244 32.22 19.55 -20.46
CA ASN B 244 30.91 18.91 -20.35
C ASN B 244 30.93 17.73 -19.39
N PRO B 245 30.15 17.82 -18.31
CA PRO B 245 30.10 16.77 -17.27
C PRO B 245 29.58 15.44 -17.82
N LEU B 246 28.69 15.50 -18.80
CA LEU B 246 28.04 14.29 -19.31
C LEU B 246 28.97 13.36 -20.09
N ASP B 247 30.18 13.83 -20.39
CA ASP B 247 31.19 12.98 -21.00
C ASP B 247 31.77 12.02 -19.97
N LYS B 248 31.59 12.35 -18.69
CA LYS B 248 32.10 11.53 -17.60
C LYS B 248 31.08 10.48 -17.15
N CYS B 249 29.87 10.55 -17.71
CA CYS B 249 28.86 9.54 -17.40
C CYS B 249 29.20 8.22 -18.07
N ILE B 250 28.76 7.13 -17.46
CA ILE B 250 28.90 5.82 -18.08
C ILE B 250 27.57 5.33 -18.64
N ALA B 251 27.42 5.46 -19.96
CA ALA B 251 26.15 5.20 -20.62
C ALA B 251 26.34 5.27 -22.13
N GLU B 252 25.46 4.59 -22.87
CA GLU B 252 25.42 4.73 -24.31
C GLU B 252 25.08 6.17 -24.64
N LYS B 253 24.15 6.74 -23.89
CA LYS B 253 23.82 8.15 -24.07
C LYS B 253 22.84 8.62 -23.00
N ILE B 254 22.62 9.93 -22.93
CA ILE B 254 21.68 10.50 -21.99
C ILE B 254 20.54 11.13 -22.76
N ASP B 255 19.30 10.82 -22.38
CA ASP B 255 18.14 11.40 -23.02
C ASP B 255 17.36 12.27 -22.03
N ASN B 256 16.82 13.37 -22.52
CA ASN B 256 15.96 14.19 -21.69
C ASN B 256 14.53 14.16 -22.23
N TYR B 257 13.56 13.98 -21.35
CA TYR B 257 12.15 13.97 -21.77
C TYR B 257 11.27 14.78 -20.84
N ASN B 258 10.23 15.39 -21.40
CA ASN B 258 9.13 15.82 -20.57
C ASN B 258 8.52 14.59 -19.92
N LEU B 259 8.04 14.77 -18.70
CA LEU B 259 7.58 13.64 -17.92
C LEU B 259 6.53 12.82 -18.66
N GLN B 260 5.59 13.50 -19.31
CA GLN B 260 4.55 12.77 -20.05
C GLN B 260 5.11 12.00 -21.27
N SER B 261 6.37 12.26 -21.61
CA SER B 261 7.01 11.66 -22.79
C SER B 261 8.03 10.58 -22.44
N LEU B 262 8.16 10.29 -21.15
CA LEU B 262 9.18 9.36 -20.67
C LEU B 262 8.87 7.93 -21.17
N PRO B 263 9.79 7.30 -21.90
CA PRO B 263 9.51 5.96 -22.41
C PRO B 263 9.87 4.88 -21.40
N GLN B 264 9.18 3.75 -21.48
CA GLN B 264 9.47 2.62 -20.62
C GLN B 264 10.87 2.07 -20.93
N TYR B 265 11.22 2.08 -22.22
CA TYR B 265 12.51 1.53 -22.67
C TYR B 265 13.38 2.57 -23.36
N ALA B 266 14.70 2.39 -23.24
CA ALA B 266 15.65 3.24 -23.93
C ALA B 266 15.84 2.78 -25.38
N SER B 267 16.40 3.66 -26.22
CA SER B 267 16.71 3.36 -27.63
C SER B 267 17.42 2.03 -27.85
N SER B 268 18.31 1.69 -26.91
CA SER B 268 19.15 0.48 -27.03
C SER B 268 18.37 -0.82 -26.96
N VAL B 269 17.07 -0.72 -26.71
CA VAL B 269 16.21 -1.89 -26.77
C VAL B 269 16.29 -2.54 -28.16
N LYS B 270 16.72 -1.79 -29.17
CA LYS B 270 16.89 -2.37 -30.52
C LYS B 270 18.00 -3.41 -30.54
N GLU B 271 18.82 -3.44 -29.50
CA GLU B 271 19.94 -4.39 -29.40
C GLU B 271 19.48 -5.82 -29.13
N LEU B 272 18.24 -5.98 -28.66
CA LEU B 272 17.78 -7.29 -28.19
C LEU B 272 17.65 -8.33 -29.28
N GLU B 273 18.12 -9.55 -28.97
CA GLU B 273 18.02 -10.71 -29.86
C GLU B 273 17.45 -11.89 -29.11
N ASP B 274 16.71 -12.76 -29.79
CA ASP B 274 16.27 -14.00 -29.18
C ASP B 274 17.47 -14.93 -29.14
N THR B 275 17.76 -15.51 -27.98
CA THR B 275 18.85 -16.46 -27.89
C THR B 275 18.44 -17.69 -27.11
N PRO B 276 18.89 -18.89 -27.56
CA PRO B 276 18.74 -20.08 -26.72
C PRO B 276 19.89 -20.08 -25.71
N VAL B 277 19.96 -21.08 -24.83
CA VAL B 277 21.01 -21.11 -23.83
C VAL B 277 21.67 -22.48 -23.86
N TYR B 278 22.99 -22.48 -24.09
CA TYR B 278 23.77 -23.70 -24.13
C TYR B 278 24.66 -23.76 -22.91
N LEU B 279 24.72 -24.93 -22.30
CA LEU B 279 25.58 -25.16 -21.14
C LEU B 279 26.45 -26.38 -21.37
N ARG B 280 27.66 -26.36 -20.80
CA ARG B 280 28.58 -27.48 -20.96
C ARG B 280 29.04 -28.01 -19.59
N GLY B 281 29.05 -29.33 -19.46
CA GLY B 281 29.52 -29.99 -18.23
C GLY B 281 31.02 -29.91 -18.06
N ILE B 282 31.46 -29.46 -16.89
CA ILE B 282 32.87 -29.16 -16.63
C ILE B 282 33.84 -30.31 -16.91
N LYS B 283 33.45 -31.54 -16.59
CA LYS B 283 34.36 -32.69 -16.73
C LYS B 283 34.09 -33.44 -18.03
N THR B 284 32.85 -33.87 -18.20
CA THR B 284 32.43 -34.69 -19.33
C THR B 284 32.45 -33.93 -20.64
N GLN B 285 32.51 -32.60 -20.54
CA GLN B 285 32.38 -31.71 -21.70
C GLN B 285 31.14 -31.97 -22.55
N LYS B 286 30.12 -32.62 -21.98
CA LYS B 286 28.86 -32.77 -22.69
C LYS B 286 28.16 -31.40 -22.76
N THR B 287 27.42 -31.16 -23.84
CA THR B 287 26.81 -29.86 -24.07
C THR B 287 25.28 -30.01 -24.10
N PHE B 288 24.58 -29.10 -23.44
CA PHE B 288 23.12 -29.20 -23.34
C PHE B 288 22.43 -27.91 -23.79
N MET B 289 21.15 -28.04 -24.14
CA MET B 289 20.29 -26.88 -24.36
C MET B 289 19.28 -26.75 -23.21
N LEU B 290 19.22 -25.58 -22.60
CA LEU B 290 18.19 -25.27 -21.60
C LEU B 290 16.82 -25.23 -22.26
N GLN B 291 15.86 -25.95 -21.71
CA GLN B 291 14.49 -25.89 -22.22
C GLN B 291 13.46 -25.84 -21.08
N ALA B 292 12.25 -25.39 -21.37
CA ALA B 292 11.22 -25.33 -20.32
C ALA B 292 9.84 -25.41 -20.90
N ASP B 293 8.89 -25.85 -20.09
CA ASP B 293 7.54 -26.14 -20.56
C ASP B 293 6.51 -25.46 -19.65
N PRO B 294 5.80 -24.45 -20.18
CA PRO B 294 4.83 -23.67 -19.40
C PRO B 294 3.60 -24.48 -19.01
N GLN B 295 3.41 -25.63 -19.64
CA GLN B 295 2.26 -26.46 -19.34
C GLN B 295 2.38 -27.13 -17.96
N ASN B 296 3.61 -27.45 -17.57
CA ASN B 296 3.84 -28.10 -16.28
C ASN B 296 4.95 -27.45 -15.44
N ASN B 297 5.44 -26.30 -15.91
CA ASN B 297 6.51 -25.55 -15.24
C ASN B 297 7.86 -26.26 -15.13
N ASN B 298 8.06 -27.35 -15.88
CA ASN B 298 9.35 -28.03 -15.85
C ASN B 298 10.45 -27.29 -16.58
N VAL B 299 11.65 -27.34 -16.00
CA VAL B 299 12.85 -26.84 -16.62
C VAL B 299 13.76 -28.04 -16.75
N PHE B 300 14.43 -28.16 -17.89
CA PHE B 300 15.24 -29.34 -18.13
C PHE B 300 16.33 -29.10 -19.19
N LEU B 301 17.17 -30.11 -19.38
CA LEU B 301 18.32 -30.02 -20.28
C LEU B 301 18.17 -31.07 -21.35
N VAL B 302 18.52 -30.71 -22.58
CA VAL B 302 18.49 -31.66 -23.69
C VAL B 302 19.86 -31.71 -24.32
N GLU B 303 20.44 -32.90 -24.41
CA GLU B 303 21.80 -33.03 -24.90
C GLU B 303 21.86 -32.70 -26.39
N VAL B 304 22.91 -32.00 -26.79
CA VAL B 304 23.06 -31.60 -28.19
C VAL B 304 23.34 -32.80 -29.10
N ASN B 305 24.34 -33.59 -28.73
CA ASN B 305 24.77 -34.73 -29.55
C ASN B 305 25.36 -34.31 -30.90
N SER B 308 0.90 -33.30 -24.86
CA SER B 308 0.50 -32.43 -25.97
C SER B 308 0.89 -30.99 -25.71
N SER B 309 2.07 -30.78 -25.14
CA SER B 309 2.67 -29.47 -25.07
C SER B 309 4.01 -29.55 -25.77
N PHE B 310 4.82 -28.51 -25.64
CA PHE B 310 6.12 -28.50 -26.28
C PHE B 310 7.10 -27.70 -25.46
N PRO B 311 8.40 -28.01 -25.59
CA PRO B 311 9.48 -27.30 -24.91
C PRO B 311 9.67 -25.93 -25.53
N GLN B 312 9.93 -24.92 -24.72
CA GLN B 312 10.28 -23.60 -25.25
C GLN B 312 11.76 -23.34 -24.95
N THR B 313 12.41 -22.59 -25.83
CA THR B 313 13.87 -22.59 -25.92
C THR B 313 14.57 -21.25 -25.78
N ILE B 314 13.81 -20.15 -25.83
CA ILE B 314 14.41 -18.83 -25.80
C ILE B 314 14.24 -18.21 -24.43
N PHE B 315 15.35 -17.72 -23.87
CA PHE B 315 15.38 -17.16 -22.51
C PHE B 315 16.14 -15.85 -22.54
N PHE B 316 15.88 -15.00 -21.55
CA PHE B 316 16.73 -13.84 -21.32
C PHE B 316 16.98 -13.61 -19.84
N TRP B 317 18.06 -12.91 -19.54
CA TRP B 317 18.44 -12.60 -18.16
C TRP B 317 18.16 -11.12 -17.98
N ASP B 318 17.32 -10.75 -17.01
CA ASP B 318 16.91 -9.35 -16.89
C ASP B 318 17.55 -8.61 -15.73
N VAL B 319 17.26 -7.31 -15.59
CA VAL B 319 17.89 -6.48 -14.57
C VAL B 319 17.47 -6.81 -13.14
N TYR B 320 16.44 -7.65 -12.98
CA TYR B 320 16.07 -8.14 -11.65
C TYR B 320 16.82 -9.42 -11.37
N GLN B 321 17.71 -9.80 -12.30
CA GLN B 321 18.53 -11.01 -12.23
C GLN B 321 17.78 -12.28 -12.57
N ARG B 322 16.59 -12.13 -13.15
CA ARG B 322 15.75 -13.27 -13.49
C ARG B 322 16.09 -13.86 -14.87
N ILE B 323 16.02 -15.18 -14.98
CA ILE B 323 16.11 -15.85 -16.26
C ILE B 323 14.69 -16.21 -16.65
N CYS B 324 14.19 -15.52 -17.68
CA CYS B 324 12.79 -15.63 -18.09
C CYS B 324 12.63 -16.33 -19.43
N LEU B 325 11.55 -17.09 -19.57
CA LEU B 325 11.10 -17.57 -20.88
C LEU B 325 10.64 -16.39 -21.74
N LYS B 326 10.93 -16.43 -23.03
CA LYS B 326 10.55 -15.31 -23.91
C LYS B 326 9.05 -15.00 -23.91
N ASP B 327 8.21 -16.01 -24.14
CA ASP B 327 6.80 -15.74 -24.41
C ASP B 327 5.93 -15.79 -23.18
N LEU B 328 4.91 -14.93 -23.15
CA LEU B 328 3.89 -14.97 -22.10
C LEU B 328 2.98 -16.16 -22.34
N THR B 329 2.31 -16.62 -21.29
CA THR B 329 1.30 -17.66 -21.43
C THR B 329 0.02 -17.06 -21.97
N GLY B 330 -0.94 -17.92 -22.28
CA GLY B 330 -2.26 -17.46 -22.70
C GLY B 330 -2.94 -16.54 -21.69
N ALA B 331 -2.58 -16.66 -20.42
CA ALA B 331 -3.16 -15.79 -19.41
C ALA B 331 -2.27 -14.58 -19.14
N GLN B 332 -1.33 -14.35 -20.04
CA GLN B 332 -0.52 -13.12 -20.05
C GLN B 332 0.48 -13.05 -18.91
N ILE B 333 0.86 -14.20 -18.36
CA ILE B 333 1.90 -14.12 -17.35
C ILE B 333 3.26 -14.62 -17.89
N SER B 334 4.31 -14.14 -17.24
CA SER B 334 5.70 -14.42 -17.58
C SER B 334 6.22 -15.46 -16.59
N LEU B 335 7.08 -16.36 -17.06
CA LEU B 335 7.65 -17.41 -16.20
C LEU B 335 9.17 -17.30 -16.12
N SER B 336 9.73 -17.64 -14.95
CA SER B 336 11.16 -17.48 -14.69
C SER B 336 11.73 -18.73 -14.01
N LEU B 337 13.02 -19.00 -14.22
CA LEU B 337 13.71 -20.10 -13.58
C LEU B 337 13.75 -19.84 -12.10
N THR B 338 13.35 -20.83 -11.31
CA THR B 338 13.23 -20.64 -9.87
C THR B 338 13.90 -21.80 -9.14
N ALA B 339 14.71 -21.48 -8.12
CA ALA B 339 15.43 -22.50 -7.38
C ALA B 339 14.63 -22.87 -6.14
N PHE B 340 14.19 -24.12 -6.09
CA PHE B 340 13.40 -24.62 -4.98
C PHE B 340 14.20 -25.58 -4.13
N THR B 341 14.04 -25.50 -2.81
CA THR B 341 14.67 -26.46 -1.91
C THR B 341 14.08 -27.84 -2.12
N THR B 342 14.89 -28.86 -1.82
CA THR B 342 14.44 -30.23 -1.95
C THR B 342 14.73 -30.95 -0.63
N GLN B 343 14.30 -32.21 -0.53
CA GLN B 343 14.58 -33.01 0.66
C GLN B 343 16.05 -33.38 0.74
N TYR B 344 16.77 -33.21 -0.37
CA TYR B 344 18.20 -33.45 -0.38
C TYR B 344 18.95 -32.14 -0.10
N ALA B 345 19.55 -32.03 1.07
CA ALA B 345 20.23 -30.80 1.45
C ALA B 345 21.35 -30.46 0.46
N GLY B 346 21.53 -29.17 0.17
CA GLY B 346 22.57 -28.72 -0.73
C GLY B 346 22.31 -29.07 -2.20
N GLN B 347 21.06 -29.41 -2.51
CA GLN B 347 20.68 -29.75 -3.87
C GLN B 347 19.33 -29.13 -4.20
N LEU B 348 19.34 -27.90 -4.71
CA LEU B 348 18.10 -27.23 -5.13
C LEU B 348 17.71 -27.69 -6.53
N LYS B 349 16.42 -27.64 -6.83
CA LYS B 349 15.94 -28.05 -8.14
C LYS B 349 15.35 -26.85 -8.86
N VAL B 350 15.65 -26.74 -10.16
CA VAL B 350 15.12 -25.62 -10.93
C VAL B 350 13.77 -25.96 -11.55
N HIS B 351 12.84 -25.03 -11.39
CA HIS B 351 11.49 -25.19 -11.87
C HIS B 351 11.00 -23.79 -12.28
N LEU B 352 9.99 -23.69 -13.13
CA LEU B 352 9.42 -22.37 -13.46
C LEU B 352 8.44 -21.91 -12.39
N SER B 353 8.33 -20.59 -12.22
CA SER B 353 7.21 -19.99 -11.49
C SER B 353 6.95 -18.60 -12.03
N VAL B 354 5.86 -17.98 -11.62
CA VAL B 354 5.52 -16.65 -12.13
C VAL B 354 6.64 -15.65 -11.83
N SER B 355 7.10 -14.94 -12.87
CA SER B 355 8.18 -13.97 -12.71
C SER B 355 7.79 -12.90 -11.69
N ALA B 356 8.63 -12.71 -10.67
CA ALA B 356 8.33 -11.77 -9.61
C ALA B 356 9.58 -10.99 -9.29
N VAL B 357 9.46 -9.67 -9.21
CA VAL B 357 10.62 -8.80 -9.04
C VAL B 357 11.25 -8.96 -7.66
N ASN B 358 10.47 -9.46 -6.71
CA ASN B 358 10.95 -9.57 -5.33
C ASN B 358 11.35 -10.99 -4.92
N ALA B 359 11.20 -11.97 -5.81
CA ALA B 359 11.57 -13.35 -5.47
C ALA B 359 13.07 -13.62 -5.53
N VAL B 360 13.71 -13.73 -4.38
CA VAL B 360 15.14 -13.98 -4.32
C VAL B 360 15.50 -15.31 -4.98
N ASN B 361 14.59 -16.28 -4.90
CA ASN B 361 14.81 -17.61 -5.49
C ASN B 361 14.75 -17.64 -7.02
N GLN B 362 14.49 -16.48 -7.61
CA GLN B 362 14.48 -16.31 -9.07
C GLN B 362 15.68 -15.50 -9.54
N LYS B 363 16.59 -15.16 -8.62
CA LYS B 363 17.69 -14.25 -8.94
C LYS B 363 19.00 -14.99 -9.16
N TRP B 364 19.68 -14.67 -10.24
CA TRP B 364 20.85 -15.42 -10.67
C TRP B 364 22.02 -14.49 -10.98
N LYS B 365 23.23 -15.00 -10.82
CA LYS B 365 24.41 -14.26 -11.23
C LYS B 365 25.15 -15.09 -12.27
N MET B 366 25.83 -14.42 -13.18
CA MET B 366 26.63 -15.09 -14.21
C MET B 366 28.03 -14.49 -14.20
N THR B 367 29.01 -15.33 -13.91
CA THR B 367 30.38 -14.85 -13.73
C THR B 367 31.35 -15.56 -14.70
N PRO B 368 32.09 -14.78 -15.50
CA PRO B 368 33.07 -15.33 -16.45
C PRO B 368 34.15 -16.12 -15.70
N GLN B 369 34.50 -17.28 -16.24
CA GLN B 369 35.45 -18.20 -15.61
C GLN B 369 36.79 -18.26 -16.37
N ASP B 370 36.79 -17.84 -17.63
CA ASP B 370 37.97 -17.91 -18.48
C ASP B 370 38.44 -16.53 -18.96
N ILE B 371 39.69 -16.46 -19.42
CA ILE B 371 40.25 -15.19 -19.86
C ILE B 371 39.53 -14.74 -21.13
N ALA B 372 39.07 -15.71 -21.91
CA ALA B 372 38.40 -15.44 -23.18
C ALA B 372 36.97 -14.92 -22.98
N ILE B 373 36.52 -14.90 -21.73
CA ILE B 373 35.16 -14.49 -21.38
C ILE B 373 34.09 -15.21 -22.23
N THR B 374 34.10 -16.54 -22.18
CA THR B 374 33.16 -17.35 -22.96
C THR B 374 32.51 -18.45 -22.13
N GLN B 375 32.96 -18.62 -20.89
CA GLN B 375 32.45 -19.67 -20.01
C GLN B 375 31.94 -19.06 -18.71
N PHE B 376 30.68 -19.29 -18.40
CA PHE B 376 30.04 -18.57 -17.29
C PHE B 376 29.43 -19.50 -16.25
N ARG B 377 29.84 -19.29 -15.00
CA ARG B 377 29.23 -19.97 -13.88
C ARG B 377 27.92 -19.27 -13.58
N VAL B 378 26.87 -20.05 -13.36
CA VAL B 378 25.56 -19.51 -12.99
C VAL B 378 25.18 -19.88 -11.53
N SER B 379 25.06 -18.87 -10.69
CA SER B 379 24.83 -19.06 -9.25
C SER B 379 23.50 -18.47 -8.81
N SER B 380 22.87 -19.10 -7.82
CA SER B 380 21.60 -18.63 -7.27
C SER B 380 21.82 -17.70 -6.10
N GLU B 381 21.13 -16.57 -6.10
CA GLU B 381 21.20 -15.65 -4.95
C GLU B 381 20.60 -16.26 -3.69
N LEU B 382 19.80 -17.30 -3.87
CA LEU B 382 19.18 -17.93 -2.71
C LEU B 382 20.26 -18.43 -1.75
N LEU B 383 21.40 -18.86 -2.29
CA LEU B 383 22.44 -19.46 -1.46
C LEU B 383 23.43 -18.42 -0.90
N GLY B 384 23.14 -17.15 -1.17
CA GLY B 384 23.92 -16.05 -0.62
C GLY B 384 25.42 -16.11 -0.85
N GLN B 385 26.16 -15.95 0.24
CA GLN B 385 27.62 -15.89 0.19
C GLN B 385 28.26 -17.23 -0.20
N THR B 386 27.52 -18.33 -0.08
CA THR B 386 28.14 -19.61 -0.38
C THR B 386 28.29 -19.83 -1.88
N GLU B 387 29.54 -20.01 -2.31
CA GLU B 387 29.84 -20.29 -3.71
C GLU B 387 29.01 -21.46 -4.21
N ASN B 388 28.34 -21.27 -5.36
CA ASN B 388 27.49 -22.32 -5.92
C ASN B 388 27.39 -22.21 -7.45
N GLY B 389 26.85 -23.24 -8.07
CA GLY B 389 26.55 -23.21 -9.49
C GLY B 389 25.48 -24.20 -9.93
N LEU B 390 25.22 -24.23 -11.22
CA LEU B 390 24.29 -25.18 -11.81
C LEU B 390 24.97 -26.54 -11.98
N PHE B 391 24.19 -27.61 -11.83
CA PHE B 391 24.68 -28.98 -11.92
C PHE B 391 23.67 -29.88 -12.61
N TRP B 392 24.15 -30.94 -13.25
CA TRP B 392 23.27 -32.00 -13.72
C TRP B 392 23.79 -33.32 -13.20
N ASN B 393 22.97 -34.36 -13.26
CA ASN B 393 23.36 -35.69 -12.79
C ASN B 393 23.87 -36.55 -13.92
N THR B 394 25.19 -36.69 -13.99
CA THR B 394 25.85 -37.37 -15.11
C THR B 394 25.35 -38.79 -15.33
N LYS B 395 24.77 -39.40 -14.30
CA LYS B 395 24.32 -40.78 -14.40
C LYS B 395 22.88 -40.89 -14.86
N SER B 396 22.16 -39.78 -14.89
CA SER B 396 20.75 -39.80 -15.25
C SER B 396 20.58 -40.14 -16.73
N GLY B 397 19.44 -40.74 -17.06
CA GLY B 397 19.16 -41.15 -18.42
C GLY B 397 18.04 -40.34 -19.07
N GLY B 398 17.41 -40.93 -20.07
CA GLY B 398 16.29 -40.30 -20.75
C GLY B 398 16.68 -39.15 -21.66
N SER B 399 15.69 -38.62 -22.38
CA SER B 399 15.92 -37.50 -23.29
C SER B 399 16.08 -36.16 -22.56
N GLN B 400 15.46 -36.04 -21.38
CA GLN B 400 15.45 -34.79 -20.65
C GLN B 400 16.09 -34.96 -19.27
N HIS B 401 16.99 -34.04 -18.91
CA HIS B 401 17.68 -34.12 -17.63
C HIS B 401 17.32 -32.93 -16.73
N ASP B 402 17.17 -33.20 -15.44
CA ASP B 402 16.83 -32.17 -14.47
C ASP B 402 18.00 -31.23 -14.20
N LEU B 403 17.70 -30.02 -13.74
CA LEU B 403 18.71 -28.99 -13.51
C LEU B 403 18.73 -28.64 -12.03
N TYR B 404 19.91 -28.75 -11.41
CA TYR B 404 20.05 -28.50 -9.98
C TYR B 404 20.95 -27.32 -9.69
N VAL B 405 20.86 -26.81 -8.47
CA VAL B 405 21.81 -25.84 -7.98
C VAL B 405 22.47 -26.46 -6.76
N CYS B 406 23.79 -26.39 -6.67
CA CYS B 406 24.52 -26.99 -5.56
C CYS B 406 25.68 -26.10 -5.14
N PRO B 407 26.01 -26.12 -3.84
CA PRO B 407 27.25 -25.46 -3.41
C PRO B 407 28.40 -26.07 -4.20
N LEU B 408 29.44 -25.29 -4.48
CA LEU B 408 30.56 -25.83 -5.23
C LEU B 408 31.37 -26.83 -4.39
N LYS B 409 31.45 -26.57 -3.09
CA LYS B 409 32.17 -27.47 -2.18
C LYS B 409 31.46 -28.80 -1.99
N ASN B 410 32.13 -29.88 -2.37
CA ASN B 410 31.64 -31.23 -2.07
C ASN B 410 30.24 -31.56 -2.59
N PRO B 411 30.00 -31.34 -3.89
CA PRO B 411 28.66 -31.60 -4.47
C PRO B 411 28.31 -33.08 -4.42
N PRO B 412 27.01 -33.41 -4.46
CA PRO B 412 26.57 -34.80 -4.45
C PRO B 412 27.34 -35.64 -5.46
N SER B 413 27.29 -36.95 -5.28
CA SER B 413 28.13 -37.88 -6.03
C SER B 413 28.15 -37.69 -7.55
N ASP B 414 27.05 -38.01 -8.20
CA ASP B 414 27.05 -38.12 -9.66
C ASP B 414 26.78 -36.80 -10.40
N LEU B 415 26.96 -35.68 -9.69
CA LEU B 415 26.64 -34.36 -10.26
C LEU B 415 27.90 -33.62 -10.71
N GLU B 416 27.81 -32.96 -11.86
CA GLU B 416 28.87 -32.08 -12.32
C GLU B 416 28.32 -30.70 -12.65
N GLU B 417 29.16 -29.68 -12.49
CA GLU B 417 28.75 -28.31 -12.76
C GLU B 417 28.56 -28.10 -14.27
N LEU B 418 27.54 -27.31 -14.61
CA LEU B 418 27.26 -26.90 -15.98
C LEU B 418 27.55 -25.42 -16.08
N GLN B 419 28.28 -25.03 -17.12
CA GLN B 419 28.57 -23.63 -17.31
C GLN B 419 28.00 -23.20 -18.66
N ILE B 420 27.57 -21.95 -18.75
CA ILE B 420 27.06 -21.42 -20.01
C ILE B 420 28.23 -21.14 -20.94
N ILE B 421 28.14 -21.64 -22.17
CA ILE B 421 29.15 -21.36 -23.17
C ILE B 421 28.63 -20.38 -24.24
N VAL B 422 29.40 -19.33 -24.49
CA VAL B 422 29.05 -18.28 -25.43
C VAL B 422 29.94 -18.31 -26.67
N ASP B 423 29.31 -18.41 -27.83
CA ASP B 423 29.98 -18.19 -29.11
C ASP B 423 28.92 -17.92 -30.16
N GLU B 424 29.36 -17.72 -31.40
CA GLU B 424 28.44 -17.21 -32.41
C GLU B 424 27.46 -18.25 -32.93
N CYS B 425 27.60 -19.48 -32.47
CA CYS B 425 26.69 -20.56 -32.88
C CYS B 425 25.83 -21.10 -31.74
N THR B 426 26.21 -20.77 -30.51
CA THR B 426 25.48 -21.28 -29.35
C THR B 426 24.73 -20.16 -28.63
N THR B 427 25.10 -19.89 -27.38
CA THR B 427 24.47 -18.79 -26.63
C THR B 427 24.99 -17.44 -27.13
N HIS B 428 24.08 -16.54 -27.51
CA HIS B 428 24.49 -15.19 -27.89
C HIS B 428 25.15 -14.50 -26.72
N ALA B 429 26.17 -13.70 -27.02
CA ALA B 429 26.89 -12.96 -25.99
C ALA B 429 25.98 -12.14 -25.06
N GLN B 430 24.90 -11.59 -25.60
CA GLN B 430 24.08 -10.73 -24.74
C GLN B 430 23.27 -11.52 -23.70
N PHE B 431 23.16 -12.84 -23.84
CA PHE B 431 22.45 -13.59 -22.80
C PHE B 431 23.03 -13.35 -21.42
N VAL B 432 24.36 -13.24 -21.33
CA VAL B 432 25.05 -13.10 -20.04
C VAL B 432 25.20 -11.64 -19.63
N THR B 433 24.27 -10.82 -20.09
CA THR B 433 24.13 -9.45 -19.64
C THR B 433 22.66 -9.25 -19.26
N MET B 434 22.37 -8.24 -18.45
CA MET B 434 21.02 -8.06 -17.89
C MET B 434 20.24 -7.03 -18.69
N ARG B 435 19.24 -7.51 -19.42
CA ARG B 435 18.42 -6.64 -20.27
C ARG B 435 17.26 -6.03 -19.46
N ALA B 436 16.64 -4.99 -20.00
CA ALA B 436 15.46 -4.38 -19.39
C ALA B 436 14.38 -5.44 -19.20
N ALA B 437 13.63 -5.35 -18.10
CA ALA B 437 12.58 -6.32 -17.81
C ALA B 437 11.33 -6.11 -18.67
N SER B 438 10.50 -7.14 -18.78
CA SER B 438 9.29 -7.04 -19.60
C SER B 438 8.01 -7.10 -18.77
N THR B 439 8.10 -7.62 -17.55
CA THR B 439 6.96 -7.60 -16.63
C THR B 439 7.43 -7.21 -15.24
N PHE B 440 6.51 -6.67 -14.45
CA PHE B 440 6.87 -6.09 -13.18
C PHE B 440 5.89 -6.52 -12.09
N PHE B 441 5.76 -7.83 -11.92
CA PHE B 441 4.87 -8.39 -10.91
C PHE B 441 5.58 -8.54 -9.57
N VAL B 442 4.89 -8.17 -8.49
CA VAL B 442 5.40 -8.40 -7.14
C VAL B 442 4.58 -9.51 -6.48
N ASP B 443 5.25 -10.50 -5.90
CA ASP B 443 4.56 -11.54 -5.15
C ASP B 443 4.16 -10.91 -3.81
N VAL B 444 2.85 -10.71 -3.59
CA VAL B 444 2.35 -10.05 -2.36
C VAL B 444 1.76 -11.04 -1.34
N GLN B 445 1.37 -12.23 -1.81
CA GLN B 445 1.01 -13.31 -0.89
C GLN B 445 -0.05 -12.86 0.12
N LEU B 446 -1.09 -12.20 -0.39
CA LEU B 446 -2.11 -11.61 0.47
C LEU B 446 -2.81 -12.66 1.33
N GLY B 447 -3.11 -12.27 2.56
CA GLY B 447 -3.86 -13.12 3.47
C GLY B 447 -4.25 -12.35 4.71
N TRP B 448 -4.72 -13.06 5.74
CA TRP B 448 -4.95 -12.42 7.02
C TRP B 448 -4.75 -13.39 8.15
N TYR B 449 -4.74 -12.85 9.36
CA TYR B 449 -4.28 -13.56 10.54
C TYR B 449 -5.25 -13.33 11.70
N TRP B 450 -5.62 -14.40 12.38
CA TRP B 450 -6.63 -14.31 13.43
C TRP B 450 -6.38 -15.36 14.49
N ARG B 451 -6.14 -14.90 15.71
CA ARG B 451 -5.97 -15.79 16.85
C ARG B 451 -5.00 -16.93 16.55
N GLY B 452 -3.82 -16.58 16.03
CA GLY B 452 -2.79 -17.56 15.78
C GLY B 452 -2.87 -18.31 14.45
N TYR B 453 -3.94 -18.13 13.69
CA TYR B 453 -4.10 -18.86 12.43
C TYR B 453 -4.05 -17.95 11.19
N TYR B 454 -3.40 -18.44 10.14
CA TYR B 454 -3.37 -17.76 8.84
C TYR B 454 -4.59 -18.12 7.99
N TYR B 455 -5.05 -17.15 7.21
CA TYR B 455 -6.16 -17.36 6.30
C TYR B 455 -5.77 -16.87 4.90
N THR B 456 -6.41 -17.47 3.90
CA THR B 456 -6.10 -17.13 2.51
C THR B 456 -7.39 -16.79 1.77
N PRO B 457 -7.30 -15.88 0.79
CA PRO B 457 -8.55 -15.59 0.09
C PRO B 457 -8.86 -16.70 -0.88
N GLN B 458 -10.15 -16.99 -1.06
CA GLN B 458 -10.58 -17.88 -2.13
C GLN B 458 -11.21 -17.06 -3.26
N LEU B 459 -11.15 -17.59 -4.47
CA LEU B 459 -11.66 -16.89 -5.65
C LEU B 459 -13.15 -16.59 -5.55
N SER B 460 -13.83 -17.29 -4.66
CA SER B 460 -15.27 -17.11 -4.47
C SER B 460 -15.56 -15.86 -3.66
N GLY B 461 -14.54 -15.30 -3.02
CA GLY B 461 -14.72 -14.15 -2.15
C GLY B 461 -14.67 -14.51 -0.67
N TRP B 462 -14.71 -15.81 -0.36
CA TRP B 462 -14.62 -16.28 1.02
C TRP B 462 -13.16 -16.50 1.42
N SER B 463 -12.95 -17.02 2.63
CA SER B 463 -11.60 -17.27 3.12
C SER B 463 -11.48 -18.75 3.52
N TYR B 464 -10.26 -19.27 3.49
CA TYR B 464 -9.99 -20.64 3.94
C TYR B 464 -8.78 -20.62 4.87
N GLN B 465 -8.81 -21.46 5.90
CA GLN B 465 -7.77 -21.41 6.90
C GLN B 465 -6.53 -22.17 6.45
N MET B 466 -5.62 -21.46 5.79
CA MET B 466 -4.29 -21.96 5.44
C MET B 466 -3.43 -20.74 5.13
N LYS B 467 -2.10 -20.93 5.08
CA LYS B 467 -1.24 -19.84 4.73
C LYS B 467 -1.22 -19.69 3.20
N THR B 468 -1.38 -18.47 2.71
CA THR B 468 -1.25 -18.21 1.28
C THR B 468 0.15 -18.66 0.83
N PRO B 469 0.23 -19.48 -0.23
CA PRO B 469 1.55 -19.96 -0.69
C PRO B 469 2.31 -18.91 -1.47
N ASP B 470 3.63 -19.08 -1.64
CA ASP B 470 4.38 -18.21 -2.52
C ASP B 470 3.90 -18.42 -3.96
N GLY B 471 4.04 -17.40 -4.80
CA GLY B 471 3.87 -17.57 -6.22
C GLY B 471 2.43 -17.64 -6.71
N GLN B 472 1.50 -17.12 -5.91
CA GLN B 472 0.09 -17.21 -6.24
C GLN B 472 -0.62 -15.85 -6.36
N ILE B 473 -0.34 -14.94 -5.45
CA ILE B 473 -1.03 -13.64 -5.46
C ILE B 473 -0.04 -12.52 -5.69
N PHE B 474 -0.32 -11.69 -6.69
CA PHE B 474 0.64 -10.72 -7.20
C PHE B 474 0.05 -9.32 -7.32
N TYR B 475 0.94 -8.34 -7.33
CA TYR B 475 0.57 -6.95 -7.62
C TYR B 475 1.34 -6.50 -8.87
N ASP B 476 0.62 -6.05 -9.90
CA ASP B 476 1.27 -5.57 -11.12
C ASP B 476 1.65 -4.10 -10.96
N LEU B 477 2.94 -3.82 -10.84
CA LEU B 477 3.42 -2.45 -10.70
C LEU B 477 3.12 -1.55 -11.90
N LYS B 478 2.93 -2.13 -13.09
CA LYS B 478 2.61 -1.30 -14.26
C LYS B 478 1.23 -0.65 -14.15
N THR B 479 0.25 -1.41 -13.66
CA THR B 479 -1.15 -1.02 -13.73
C THR B 479 -1.86 -0.96 -12.36
N SER B 480 -1.15 -1.31 -11.29
CA SER B 480 -1.71 -1.37 -9.92
C SER B 480 -2.83 -2.39 -9.70
N LYS B 481 -2.88 -3.41 -10.55
CA LYS B 481 -3.85 -4.50 -10.37
C LYS B 481 -3.33 -5.59 -9.42
N ILE B 482 -4.24 -6.28 -8.76
CA ILE B 482 -3.91 -7.42 -7.91
C ILE B 482 -4.52 -8.66 -8.55
N PHE B 483 -3.71 -9.70 -8.72
CA PHE B 483 -4.17 -10.91 -9.36
C PHE B 483 -3.76 -12.19 -8.67
N PHE B 484 -4.56 -13.23 -8.93
CA PHE B 484 -4.45 -14.52 -8.31
C PHE B 484 -4.24 -15.52 -9.44
N VAL B 485 -3.10 -16.23 -9.41
CA VAL B 485 -2.75 -17.16 -10.47
C VAL B 485 -3.20 -18.54 -10.05
N GLN B 486 -4.33 -18.97 -10.59
CA GLN B 486 -4.84 -20.31 -10.32
C GLN B 486 -3.94 -21.33 -11.02
N ASP B 487 -3.63 -21.05 -12.28
CA ASP B 487 -2.54 -21.73 -12.99
C ASP B 487 -2.10 -20.87 -14.17
N ASN B 488 -1.17 -21.35 -14.99
CA ASN B 488 -0.58 -20.51 -16.02
C ASN B 488 -1.58 -20.02 -17.06
N GLN B 489 -2.74 -20.68 -17.15
CA GLN B 489 -3.75 -20.31 -18.13
C GLN B 489 -5.01 -19.67 -17.52
N ASN B 490 -5.00 -19.45 -16.21
CA ASN B 490 -6.20 -18.94 -15.53
C ASN B 490 -5.81 -17.97 -14.44
N VAL B 491 -6.06 -16.69 -14.69
CA VAL B 491 -5.66 -15.64 -13.76
C VAL B 491 -6.86 -14.74 -13.48
N PHE B 492 -7.06 -14.40 -12.20
CA PHE B 492 -8.20 -13.64 -11.77
C PHE B 492 -7.78 -12.35 -11.05
N PHE B 493 -8.47 -11.25 -11.35
CA PHE B 493 -8.11 -9.94 -10.82
C PHE B 493 -9.11 -9.43 -9.77
N LEU B 494 -8.57 -8.80 -8.72
CA LEU B 494 -9.38 -8.28 -7.61
C LEU B 494 -10.17 -7.06 -8.06
N HIS B 495 -11.49 -7.13 -7.92
CA HIS B 495 -12.36 -6.10 -8.47
C HIS B 495 -13.29 -5.48 -7.42
N ASN B 496 -13.23 -4.15 -7.36
CA ASN B 496 -14.13 -3.37 -6.52
C ASN B 496 -15.49 -3.19 -7.15
N LYS B 497 -16.54 -3.29 -6.34
CA LYS B 497 -17.91 -3.10 -6.80
C LYS B 497 -18.56 -1.86 -6.18
N LEU B 498 -18.14 -1.53 -4.97
CA LEU B 498 -18.72 -0.43 -4.20
C LEU B 498 -18.52 0.95 -4.82
N ASN B 499 -19.61 1.73 -4.94
CA ASN B 499 -19.51 3.12 -5.35
C ASN B 499 -20.52 3.98 -4.60
N LYS B 500 -20.60 5.27 -4.93
CA LYS B 500 -21.44 6.17 -4.15
C LYS B 500 -22.94 5.94 -4.41
N GLN B 501 -23.25 5.07 -5.36
CA GLN B 501 -24.64 4.77 -5.70
C GLN B 501 -25.08 3.38 -5.22
N THR B 502 -24.22 2.69 -4.49
CA THR B 502 -24.52 1.33 -4.06
C THR B 502 -25.75 1.24 -3.15
N GLY B 503 -25.94 2.25 -2.31
CA GLY B 503 -27.07 2.26 -1.39
C GLY B 503 -26.64 1.76 -0.03
N TYR B 504 -25.44 1.21 0.01
CA TYR B 504 -24.85 0.76 1.26
C TYR B 504 -23.44 1.31 1.42
N SER B 505 -22.92 1.15 2.62
CA SER B 505 -21.62 1.65 3.00
C SER B 505 -20.49 0.77 2.46
N TRP B 506 -20.86 -0.39 1.92
CA TRP B 506 -19.92 -1.46 1.64
C TRP B 506 -20.50 -2.38 0.56
N ASP B 507 -19.67 -3.24 0.00
CA ASP B 507 -20.13 -4.24 -0.96
C ASP B 507 -19.07 -5.32 -1.11
N TRP B 508 -19.45 -6.51 -1.53
CA TRP B 508 -18.48 -7.58 -1.69
C TRP B 508 -17.48 -7.20 -2.78
N VAL B 509 -16.24 -7.67 -2.67
CA VAL B 509 -15.32 -7.62 -3.81
C VAL B 509 -15.44 -8.94 -4.59
N GLU B 510 -14.81 -9.01 -5.76
CA GLU B 510 -14.87 -10.23 -6.55
C GLU B 510 -13.58 -10.42 -7.32
N TRP B 511 -13.35 -11.66 -7.76
CA TRP B 511 -12.14 -12.01 -8.52
C TRP B 511 -12.59 -12.39 -9.92
N LEU B 512 -12.08 -11.66 -10.93
CA LEU B 512 -12.56 -11.80 -12.30
C LEU B 512 -11.42 -11.98 -13.26
N LYS B 513 -11.60 -12.83 -14.26
CA LYS B 513 -10.66 -12.85 -15.39
C LYS B 513 -10.70 -11.51 -16.09
N HIS B 514 -9.54 -11.04 -16.54
CA HIS B 514 -9.43 -9.67 -17.06
C HIS B 514 -8.13 -9.50 -17.87
N ASP B 515 -8.12 -8.53 -18.77
CA ASP B 515 -6.92 -8.22 -19.55
C ASP B 515 -5.82 -7.64 -18.67
N MET B 516 -4.71 -8.35 -18.57
CA MET B 516 -3.54 -7.89 -17.79
C MET B 516 -3.07 -6.49 -18.22
N ASN B 517 -3.24 -6.15 -19.50
CA ASN B 517 -2.78 -4.86 -20.03
C ASN B 517 -3.73 -3.70 -19.76
N GLU B 518 -4.95 -4.01 -19.32
CA GLU B 518 -5.98 -2.98 -19.24
C GLU B 518 -5.60 -2.04 -18.11
N ASP B 519 -5.63 -0.74 -18.38
CA ASP B 519 -4.98 0.21 -17.48
C ASP B 519 -5.82 1.46 -17.17
N LYS B 520 -7.12 1.39 -17.37
CA LYS B 520 -7.97 2.57 -17.17
C LYS B 520 -8.98 2.42 -16.03
N ASP B 521 -9.59 1.25 -15.92
CA ASP B 521 -10.67 1.03 -14.97
C ASP B 521 -10.12 1.02 -13.54
N GLU B 522 -10.41 2.07 -12.76
CA GLU B 522 -9.86 2.20 -11.42
C GLU B 522 -10.42 1.21 -10.39
N ASN B 523 -11.52 0.54 -10.74
CA ASN B 523 -12.10 -0.49 -9.90
C ASN B 523 -11.22 -1.74 -9.82
N PHE B 524 -10.24 -1.83 -10.72
CA PHE B 524 -9.26 -2.92 -10.68
C PHE B 524 -7.92 -2.45 -10.08
N LYS B 525 -7.85 -1.19 -9.68
CA LYS B 525 -6.59 -0.65 -9.18
C LYS B 525 -6.58 -0.47 -7.66
N TRP B 526 -5.47 -0.87 -7.03
CA TRP B 526 -5.36 -0.89 -5.58
C TRP B 526 -4.02 -0.32 -5.15
N TYR B 527 -3.94 0.17 -3.92
CA TYR B 527 -2.66 0.59 -3.35
C TYR B 527 -2.61 0.22 -1.89
N PHE B 528 -1.40 0.19 -1.35
CA PHE B 528 -1.17 -0.22 0.02
C PHE B 528 -0.93 1.01 0.88
N SER B 529 -1.32 0.92 2.15
CA SER B 529 -1.23 2.04 3.08
C SER B 529 -0.69 1.57 4.42
N ARG B 530 0.32 2.26 4.95
CA ARG B 530 0.85 1.95 6.27
C ARG B 530 0.00 2.58 7.38
N ASP B 531 -0.55 3.75 7.09
CA ASP B 531 -1.37 4.50 8.06
C ASP B 531 -0.74 4.51 9.45
N ASP B 532 -1.50 4.10 10.47
CA ASP B 532 -0.97 4.09 11.83
C ASP B 532 -0.69 2.68 12.31
N LEU B 533 -0.49 1.75 11.38
CA LEU B 533 -0.20 0.37 11.73
C LEU B 533 1.16 0.25 12.41
N THR B 534 1.27 -0.71 13.33
CA THR B 534 2.57 -1.07 13.89
C THR B 534 3.24 -2.04 12.94
N ILE B 535 4.42 -1.66 12.44
CA ILE B 535 5.09 -2.41 11.38
C ILE B 535 6.57 -2.51 11.70
N PRO B 536 7.08 -3.73 11.88
CA PRO B 536 6.33 -4.99 11.90
C PRO B 536 5.44 -5.06 13.13
N SER B 537 4.52 -6.01 13.16
CA SER B 537 3.60 -6.15 14.27
C SER B 537 4.39 -6.68 15.46
N VAL B 538 3.77 -6.69 16.63
CA VAL B 538 4.50 -7.14 17.82
C VAL B 538 4.98 -8.57 17.68
N GLU B 539 4.32 -9.35 16.83
CA GLU B 539 4.78 -10.73 16.59
C GLU B 539 5.53 -10.92 15.26
N GLY B 540 6.01 -9.82 14.68
CA GLY B 540 6.85 -9.90 13.49
C GLY B 540 6.13 -9.99 12.15
N LEU B 541 4.84 -9.69 12.14
CA LEU B 541 4.03 -9.75 10.92
C LEU B 541 3.97 -8.43 10.15
N ASN B 542 3.85 -8.53 8.83
CA ASN B 542 3.80 -7.35 7.96
C ASN B 542 2.37 -7.12 7.47
N PHE B 543 1.73 -6.08 8.00
CA PHE B 543 0.35 -5.75 7.68
C PHE B 543 0.30 -4.44 6.89
N ARG B 544 -0.68 -4.33 6.00
CA ARG B 544 -1.02 -3.05 5.39
C ARG B 544 -2.52 -2.92 5.32
N HIS B 545 -2.99 -1.69 5.12
CA HIS B 545 -4.33 -1.47 4.64
C HIS B 545 -4.27 -1.43 3.12
N ILE B 546 -5.36 -1.81 2.49
CA ILE B 546 -5.44 -1.80 1.03
C ILE B 546 -6.69 -1.04 0.62
N ARG B 547 -6.53 -0.13 -0.34
CA ARG B 547 -7.63 0.69 -0.82
C ARG B 547 -7.67 0.72 -2.34
N CYS B 548 -8.86 0.96 -2.89
CA CYS B 548 -9.05 1.04 -4.32
C CYS B 548 -8.84 2.47 -4.82
N TYR B 549 -8.22 2.63 -6.00
CA TYR B 549 -8.02 3.96 -6.59
C TYR B 549 -9.33 4.70 -6.83
N ALA B 550 -10.38 3.99 -7.21
CA ALA B 550 -11.60 4.64 -7.70
C ALA B 550 -12.10 5.73 -6.75
N ASP B 551 -12.27 5.35 -5.48
CA ASP B 551 -12.82 6.26 -4.48
C ASP B 551 -12.36 5.91 -3.06
N ASN B 552 -11.18 5.31 -2.97
CA ASN B 552 -10.58 4.96 -1.68
C ASN B 552 -11.37 3.92 -0.87
N GLN B 553 -12.16 3.12 -1.57
CA GLN B 553 -12.81 1.98 -0.96
C GLN B 553 -11.76 1.08 -0.28
N GLN B 554 -11.98 0.72 0.97
CA GLN B 554 -10.97 0.00 1.74
C GLN B 554 -11.26 -1.50 1.79
N LEU B 555 -10.27 -2.32 1.47
CA LEU B 555 -10.43 -3.77 1.51
C LEU B 555 -10.41 -4.32 2.94
N LYS B 556 -11.41 -5.12 3.27
CA LYS B 556 -11.51 -5.70 4.60
C LYS B 556 -12.12 -7.09 4.54
N VAL B 557 -12.12 -7.79 5.68
CA VAL B 557 -12.70 -9.11 5.73
C VAL B 557 -13.49 -9.31 7.03
N ILE B 558 -14.66 -9.93 6.90
CA ILE B 558 -15.53 -10.17 8.05
C ILE B 558 -14.91 -11.27 8.91
N ILE B 559 -14.86 -11.06 10.22
CA ILE B 559 -14.28 -12.07 11.10
C ILE B 559 -15.33 -13.06 11.58
N SER B 560 -16.38 -12.52 12.21
CA SER B 560 -17.37 -13.35 12.89
C SER B 560 -18.75 -13.31 12.24
N GLY B 561 -19.58 -14.28 12.60
CA GLY B 561 -20.96 -14.32 12.17
C GLY B 561 -21.16 -15.22 10.96
N SER B 562 -22.29 -15.01 10.29
CA SER B 562 -22.68 -15.83 9.14
C SER B 562 -21.80 -15.57 7.92
N ARG B 563 -21.16 -14.42 7.89
CA ARG B 563 -20.37 -14.05 6.72
C ARG B 563 -18.87 -14.11 7.01
N TRP B 564 -18.49 -14.91 8.01
CA TRP B 564 -17.08 -15.05 8.38
C TRP B 564 -16.22 -15.23 7.13
N GLY B 565 -15.11 -14.51 7.07
CA GLY B 565 -14.13 -14.70 6.00
C GLY B 565 -14.47 -14.02 4.69
N GLY B 566 -15.58 -13.30 4.65
CA GLY B 566 -16.01 -12.63 3.43
C GLY B 566 -15.18 -11.39 3.17
N TRP B 567 -14.61 -11.30 1.97
CA TRP B 567 -13.85 -10.11 1.57
C TRP B 567 -14.77 -9.06 0.97
N TYR B 568 -14.57 -7.80 1.35
CA TYR B 568 -15.44 -6.74 0.86
C TYR B 568 -14.68 -5.43 0.87
N SER B 569 -15.29 -4.37 0.33
CA SER B 569 -14.67 -3.06 0.45
C SER B 569 -15.68 -2.08 1.04
N THR B 570 -15.19 -1.02 1.66
CA THR B 570 -16.09 -0.13 2.38
C THR B 570 -15.62 1.31 2.48
N TYR B 571 -16.58 2.21 2.68
CA TYR B 571 -16.28 3.61 3.01
C TYR B 571 -16.06 3.88 4.52
N ASP B 572 -16.40 2.92 5.37
CA ASP B 572 -16.22 3.09 6.82
C ASP B 572 -14.82 2.72 7.28
N LYS B 573 -14.04 3.69 7.76
CA LYS B 573 -12.64 3.45 8.09
C LYS B 573 -12.47 2.59 9.35
N VAL B 574 -13.33 2.80 10.33
CA VAL B 574 -13.29 2.05 11.57
C VAL B 574 -14.64 1.43 11.85
N GLU B 575 -14.63 0.15 12.21
CA GLU B 575 -15.84 -0.57 12.58
C GLU B 575 -15.46 -1.82 13.34
N SER B 576 -16.44 -2.61 13.76
CA SER B 576 -16.18 -3.76 14.64
C SER B 576 -16.54 -5.11 14.03
N ASN B 577 -15.84 -6.15 14.49
CA ASN B 577 -16.04 -7.50 13.99
C ASN B 577 -15.52 -7.69 12.57
N VAL B 578 -14.54 -6.86 12.21
CA VAL B 578 -13.94 -6.95 10.90
C VAL B 578 -12.44 -6.81 11.01
N GLU B 579 -11.73 -7.36 10.03
CA GLU B 579 -10.28 -7.30 10.01
C GLU B 579 -9.86 -6.40 8.86
N ASP B 580 -9.12 -5.33 9.16
CA ASP B 580 -8.68 -4.43 8.10
C ASP B 580 -7.19 -4.58 7.82
N LYS B 581 -6.51 -5.39 8.62
CA LYS B 581 -5.08 -5.61 8.42
C LYS B 581 -4.88 -6.78 7.47
N ILE B 582 -4.25 -6.52 6.33
CA ILE B 582 -3.99 -7.56 5.35
C ILE B 582 -2.52 -7.95 5.41
N LEU B 583 -2.24 -9.24 5.43
CA LEU B 583 -0.86 -9.71 5.41
C LEU B 583 -0.28 -9.47 4.03
N VAL B 584 0.95 -8.95 3.98
CA VAL B 584 1.65 -8.72 2.73
C VAL B 584 3.10 -9.17 2.84
N LYS B 585 3.59 -9.84 1.82
CA LYS B 585 4.95 -10.40 1.85
C LYS B 585 5.97 -9.35 2.26
N ASP B 586 6.80 -9.66 3.26
CA ASP B 586 7.86 -8.75 3.69
C ASP B 586 8.71 -8.31 2.52
N GLY B 587 8.91 -7.00 2.39
CA GLY B 587 9.77 -6.45 1.36
C GLY B 587 9.10 -6.21 0.03
N PHE B 588 7.80 -6.47 -0.05
CA PHE B 588 7.08 -6.33 -1.31
C PHE B 588 7.22 -4.91 -1.84
N ASP B 589 7.44 -3.95 -0.94
CA ASP B 589 7.50 -2.55 -1.36
C ASP B 589 8.91 -2.03 -1.51
N ARG B 590 9.88 -2.93 -1.66
CA ARG B 590 11.27 -2.52 -1.84
C ARG B 590 11.92 -2.95 -3.17
N PHE B 591 11.24 -3.81 -3.92
CA PHE B 591 11.81 -4.37 -5.15
C PHE B 591 11.16 -3.81 -6.44
N MET C 3 -7.89 49.83 -50.95
CA MET C 3 -7.11 50.28 -52.10
C MET C 3 -7.46 51.68 -52.64
N PRO C 4 -8.66 52.22 -52.29
CA PRO C 4 -8.94 53.58 -52.77
C PRO C 4 -7.92 54.60 -52.27
N ASN C 5 -7.53 54.49 -51.00
CA ASN C 5 -6.49 55.34 -50.44
C ASN C 5 -5.26 54.50 -50.16
N PRO C 6 -4.35 54.40 -51.14
CA PRO C 6 -3.24 53.45 -51.07
C PRO C 6 -2.23 53.84 -50.00
N VAL C 7 -1.61 52.85 -49.39
CA VAL C 7 -0.43 53.08 -48.57
C VAL C 7 0.75 53.10 -49.54
N ARG C 8 1.33 54.28 -49.72
CA ARG C 8 2.40 54.48 -50.70
C ARG C 8 3.78 54.41 -50.07
N PHE C 9 3.89 54.79 -48.80
CA PHE C 9 5.17 54.78 -48.08
C PHE C 9 5.00 54.26 -46.66
N VAL C 10 6.02 53.56 -46.18
CA VAL C 10 6.10 53.11 -44.81
C VAL C 10 7.44 53.54 -44.22
N TYR C 11 7.64 53.29 -42.93
CA TYR C 11 8.78 53.84 -42.21
C TYR C 11 9.46 52.84 -41.33
N ARG C 12 10.77 53.00 -41.17
CA ARG C 12 11.54 52.11 -40.34
C ARG C 12 12.70 52.86 -39.71
N VAL C 13 12.84 52.74 -38.39
CA VAL C 13 14.02 53.21 -37.70
C VAL C 13 15.06 52.11 -37.62
N ASP C 14 16.25 52.42 -38.12
CA ASP C 14 17.34 51.45 -38.17
C ASP C 14 18.62 52.15 -37.72
N LEU C 15 19.51 51.43 -37.05
CA LEU C 15 20.75 52.02 -36.56
C LEU C 15 21.79 52.17 -37.66
N ARG C 16 21.60 51.43 -38.75
CA ARG C 16 22.50 51.51 -39.89
C ARG C 16 22.43 52.86 -40.60
N SER C 17 23.59 53.34 -41.05
CA SER C 17 23.71 54.66 -41.65
C SER C 17 23.17 54.66 -43.08
N PRO C 18 22.66 55.81 -43.54
CA PRO C 18 22.11 55.92 -44.88
C PRO C 18 23.12 55.53 -45.94
N GLU C 19 24.40 55.81 -45.70
CA GLU C 19 25.44 55.42 -46.63
C GLU C 19 25.26 53.96 -46.99
N GLU C 20 25.06 53.13 -45.95
CA GLU C 20 24.89 51.70 -46.12
C GLU C 20 23.51 51.31 -46.65
N ILE C 21 22.46 51.87 -46.05
CA ILE C 21 21.10 51.50 -46.42
C ILE C 21 20.73 51.99 -47.82
N PHE C 22 21.14 53.21 -48.14
CA PHE C 22 20.81 53.78 -49.44
C PHE C 22 21.37 52.91 -50.57
N GLU C 23 22.47 52.23 -50.29
CA GLU C 23 23.15 51.40 -51.29
C GLU C 23 22.71 49.94 -51.30
N HIS C 24 22.32 49.41 -50.14
CA HIS C 24 22.05 47.98 -50.02
C HIS C 24 20.60 47.59 -49.68
N GLY C 25 19.77 48.58 -49.36
CA GLY C 25 18.42 48.31 -48.88
C GLY C 25 18.47 47.64 -47.52
N PHE C 26 17.45 46.83 -47.21
CA PHE C 26 17.39 46.12 -45.94
C PHE C 26 17.44 44.62 -46.19
N SER C 27 18.23 43.92 -45.40
CA SER C 27 18.37 42.46 -45.52
C SER C 27 17.59 41.74 -44.43
N THR C 28 17.13 40.54 -44.74
CA THR C 28 16.35 39.76 -43.78
C THR C 28 17.25 39.09 -42.76
N LEU C 29 16.69 38.82 -41.59
CA LEU C 29 17.40 38.09 -40.56
C LEU C 29 17.71 36.67 -41.01
N GLY C 30 16.78 36.06 -41.75
CA GLY C 30 16.90 34.67 -42.17
C GLY C 30 15.88 34.30 -43.22
N ASP C 31 15.51 33.03 -43.30
CA ASP C 31 14.62 32.58 -44.36
C ASP C 31 13.29 32.02 -43.85
N VAL C 32 13.01 32.21 -42.56
CA VAL C 32 11.79 31.67 -41.98
C VAL C 32 10.58 32.55 -42.27
N ARG C 33 9.54 31.95 -42.83
CA ARG C 33 8.30 32.68 -43.13
C ARG C 33 7.16 32.28 -42.21
N ASN C 34 7.33 32.56 -40.92
CA ASN C 34 6.32 32.19 -39.95
C ASN C 34 5.67 33.46 -39.38
N PHE C 35 4.42 33.73 -39.75
CA PHE C 35 3.77 34.97 -39.33
C PHE C 35 3.71 35.11 -37.81
N PHE C 36 3.26 34.05 -37.13
CA PHE C 36 3.08 34.15 -35.68
C PHE C 36 4.40 34.38 -34.93
N GLU C 37 5.45 33.70 -35.37
CA GLU C 37 6.76 33.85 -34.74
C GLU C 37 7.31 35.26 -34.97
N HIS C 38 6.99 35.85 -36.12
CA HIS C 38 7.41 37.22 -36.40
C HIS C 38 6.69 38.26 -35.51
N ILE C 39 5.38 38.08 -35.34
CA ILE C 39 4.61 38.92 -34.43
C ILE C 39 5.07 38.75 -32.97
N LEU C 40 5.34 37.49 -32.59
CA LEU C 40 5.61 37.16 -31.20
C LEU C 40 7.10 37.15 -30.87
N SER C 41 7.94 37.37 -31.87
CA SER C 41 9.39 37.37 -31.67
C SER C 41 9.91 36.05 -31.09
N THR C 42 9.28 34.95 -31.49
CA THR C 42 9.65 33.64 -30.95
C THR C 42 11.04 33.26 -31.44
N ASN C 43 11.92 32.85 -30.53
CA ASN C 43 13.25 32.42 -30.97
C ASN C 43 13.79 33.41 -32.00
N PHE C 44 13.86 34.67 -31.60
CA PHE C 44 14.07 35.77 -32.53
C PHE C 44 15.37 35.64 -33.31
N GLY C 45 15.31 35.98 -34.60
CA GLY C 45 16.53 36.11 -35.36
C GLY C 45 16.63 35.34 -36.66
N ARG C 46 15.53 34.72 -37.09
CA ARG C 46 15.56 33.90 -38.30
C ARG C 46 14.58 34.37 -39.38
N SER C 47 13.76 35.37 -39.09
CA SER C 47 12.62 35.68 -39.95
C SER C 47 13.00 36.25 -41.32
N TYR C 48 12.22 35.87 -42.32
CA TYR C 48 12.40 36.39 -43.67
C TYR C 48 11.63 37.69 -43.81
N PHE C 49 10.91 38.08 -42.76
CA PHE C 49 10.05 39.26 -42.82
C PHE C 49 10.79 40.46 -42.25
N ILE C 50 10.66 41.61 -42.90
CA ILE C 50 11.20 42.84 -42.35
C ILE C 50 10.09 43.78 -41.91
N SER C 51 10.24 44.34 -40.71
CA SER C 51 9.25 45.22 -40.10
C SER C 51 9.34 46.67 -40.57
N THR C 52 8.19 47.28 -40.81
CA THR C 52 8.12 48.72 -41.08
C THR C 52 6.80 49.15 -40.47
N SER C 53 6.54 50.46 -40.48
CA SER C 53 5.36 51.01 -39.83
C SER C 53 4.66 51.97 -40.78
N GLU C 54 3.34 52.06 -40.68
CA GLU C 54 2.59 52.98 -41.51
C GLU C 54 2.90 54.46 -41.20
N THR C 55 3.32 54.75 -39.98
CA THR C 55 3.60 56.15 -39.60
C THR C 55 4.98 56.32 -38.97
N PRO C 56 5.56 57.52 -39.11
CA PRO C 56 6.85 57.75 -38.43
C PRO C 56 6.72 57.58 -36.93
N THR C 57 5.63 58.10 -36.36
CA THR C 57 5.43 58.09 -34.91
C THR C 57 5.45 56.66 -34.37
N ALA C 58 4.74 55.78 -35.05
CA ALA C 58 4.71 54.38 -34.65
C ALA C 58 6.07 53.72 -34.85
N ALA C 59 6.78 54.09 -35.91
CA ALA C 59 8.11 53.52 -36.20
C ALA C 59 9.13 53.85 -35.12
N ILE C 60 8.99 55.03 -34.52
CA ILE C 60 10.02 55.57 -33.63
C ILE C 60 9.72 55.33 -32.14
N ARG C 61 8.50 54.91 -31.84
CA ARG C 61 8.10 54.79 -30.43
C ARG C 61 9.06 53.98 -29.57
N PHE C 62 9.54 52.83 -30.06
CA PHE C 62 10.42 52.00 -29.24
C PHE C 62 11.67 52.79 -28.86
N PHE C 63 12.06 53.73 -29.73
CA PHE C 63 13.33 54.43 -29.58
C PHE C 63 13.24 55.40 -28.41
N GLY C 64 12.01 55.66 -27.94
CA GLY C 64 11.80 56.50 -26.77
C GLY C 64 11.76 55.79 -25.42
N SER C 65 12.25 54.55 -25.39
CA SER C 65 12.37 53.79 -24.14
C SER C 65 13.16 54.60 -23.11
N TRP C 66 12.67 54.61 -21.88
CA TRP C 66 13.26 55.42 -20.81
C TRP C 66 14.56 54.82 -20.28
N LEU C 67 15.50 55.67 -19.92
CA LEU C 67 16.82 55.21 -19.48
C LEU C 67 16.89 54.95 -17.97
N ARG C 68 17.75 54.03 -17.56
CA ARG C 68 18.05 53.87 -16.12
C ARG C 68 18.75 55.11 -15.58
N GLU C 69 18.27 55.64 -14.45
CA GLU C 69 18.84 56.87 -13.90
C GLU C 69 20.30 56.67 -13.49
N TYR C 70 21.12 57.68 -13.74
CA TYR C 70 22.50 57.72 -13.26
C TYR C 70 23.37 56.57 -13.76
N VAL C 71 22.99 55.98 -14.89
CA VAL C 71 23.85 55.01 -15.54
C VAL C 71 24.36 55.64 -16.83
N PRO C 72 25.66 55.97 -16.88
CA PRO C 72 26.25 56.61 -18.07
C PRO C 72 26.08 55.76 -19.31
N GLU C 73 25.71 56.37 -20.42
CA GLU C 73 25.62 55.63 -21.69
C GLU C 73 26.00 56.52 -22.86
N HIS C 74 26.57 55.91 -23.90
CA HIS C 74 26.84 56.66 -25.14
C HIS C 74 25.55 57.29 -25.66
N PRO C 75 25.63 58.54 -26.15
CA PRO C 75 24.41 59.14 -26.71
C PRO C 75 23.88 58.27 -27.85
N ARG C 76 22.56 58.23 -28.02
CA ARG C 76 22.00 57.39 -29.07
C ARG C 76 21.45 58.16 -30.28
N ARG C 77 21.70 57.64 -31.46
CA ARG C 77 21.13 58.17 -32.67
C ARG C 77 20.80 57.03 -33.61
N ALA C 78 19.80 57.24 -34.43
CA ALA C 78 19.38 56.21 -35.35
C ALA C 78 18.85 56.97 -36.54
N TYR C 79 18.38 56.26 -37.53
CA TYR C 79 17.85 56.90 -38.71
C TYR C 79 16.45 56.43 -38.99
N LEU C 80 15.58 57.38 -39.31
CA LEU C 80 14.25 57.09 -39.81
C LEU C 80 14.30 57.02 -41.34
N TYR C 81 13.90 55.88 -41.88
CA TYR C 81 13.88 55.67 -43.32
C TYR C 81 12.46 55.70 -43.86
N GLU C 82 12.25 56.47 -44.93
CA GLU C 82 10.99 56.48 -45.66
C GLU C 82 11.12 55.53 -46.85
N ILE C 83 10.21 54.56 -46.94
CA ILE C 83 10.36 53.45 -47.85
C ILE C 83 9.14 53.37 -48.75
N ARG C 84 9.35 53.35 -50.07
CA ARG C 84 8.24 53.16 -50.99
C ARG C 84 7.72 51.74 -50.83
N ALA C 85 6.41 51.60 -50.62
CA ALA C 85 5.83 50.27 -50.44
C ALA C 85 5.38 49.70 -51.80
N ASP C 86 5.46 48.38 -51.92
CA ASP C 86 4.98 47.70 -53.12
C ASP C 86 4.27 46.40 -52.75
N GLN C 87 4.00 45.54 -53.74
CA GLN C 87 3.14 44.37 -53.51
C GLN C 87 3.71 43.28 -52.59
N HIS C 88 4.96 43.41 -52.15
CA HIS C 88 5.45 42.47 -51.17
C HIS C 88 5.47 43.06 -49.74
N PHE C 89 4.81 44.20 -49.58
CA PHE C 89 4.53 44.78 -48.27
C PHE C 89 3.10 44.41 -47.82
N TYR C 90 2.97 43.78 -46.65
CA TYR C 90 1.67 43.35 -46.14
C TYR C 90 1.39 43.89 -44.73
N ASN C 91 0.12 44.16 -44.44
CA ASN C 91 -0.29 44.65 -43.13
C ASN C 91 -0.43 43.54 -42.09
N ALA C 92 0.29 43.65 -40.98
CA ALA C 92 0.26 42.62 -39.91
C ALA C 92 -1.14 42.42 -39.35
N ARG C 93 -1.81 43.51 -38.95
CA ARG C 93 -3.15 43.38 -38.35
C ARG C 93 -4.17 42.71 -39.29
N ALA C 94 -4.21 43.16 -40.54
CA ALA C 94 -5.18 42.65 -41.50
C ALA C 94 -4.88 41.17 -41.75
N THR C 95 -3.60 40.84 -41.79
CA THR C 95 -3.17 39.46 -42.00
C THR C 95 -3.67 38.60 -40.86
N GLY C 96 -3.51 39.09 -39.63
CA GLY C 96 -4.02 38.37 -38.48
C GLY C 96 -5.53 38.21 -38.45
N GLU C 97 -6.27 39.25 -38.84
CA GLU C 97 -7.73 39.13 -38.87
C GLU C 97 -8.18 38.07 -39.86
N ASN C 98 -7.48 37.97 -40.99
CA ASN C 98 -7.85 36.99 -42.00
C ASN C 98 -7.61 35.57 -41.48
N LEU C 99 -6.50 35.39 -40.77
CA LEU C 99 -6.21 34.10 -40.14
C LEU C 99 -7.24 33.74 -39.07
N LEU C 100 -7.68 34.70 -38.27
CA LEU C 100 -8.70 34.42 -37.26
C LEU C 100 -9.98 33.95 -37.97
N ASP C 101 -10.35 34.61 -39.05
CA ASP C 101 -11.51 34.24 -39.85
C ASP C 101 -11.38 32.76 -40.26
N LEU C 102 -10.29 32.44 -40.94
CA LEU C 102 -10.06 31.08 -41.41
C LEU C 102 -10.14 30.07 -40.26
N MET C 103 -9.56 30.38 -39.10
CA MET C 103 -9.63 29.47 -37.93
C MET C 103 -11.04 29.33 -37.36
N ARG C 104 -11.78 30.43 -37.33
CA ARG C 104 -13.16 30.34 -36.86
C ARG C 104 -14.01 29.51 -37.84
N GLN C 105 -13.70 29.58 -39.13
CA GLN C 105 -14.44 28.77 -40.10
C GLN C 105 -13.86 27.36 -40.21
N ARG C 106 -12.90 27.05 -39.33
CA ARG C 106 -12.26 25.72 -39.31
C ARG C 106 -11.67 25.35 -40.67
N GLN C 107 -10.92 26.27 -41.25
CA GLN C 107 -10.26 26.05 -42.54
C GLN C 107 -8.74 26.09 -42.42
N VAL C 108 -8.22 25.77 -41.25
CA VAL C 108 -6.78 25.82 -41.02
C VAL C 108 -6.28 24.47 -40.54
N VAL C 109 -5.19 24.00 -41.16
CA VAL C 109 -4.47 22.84 -40.67
C VAL C 109 -3.32 23.31 -39.80
N PHE C 110 -3.24 22.80 -38.57
CA PHE C 110 -2.16 23.16 -37.67
C PHE C 110 -0.98 22.18 -37.77
N ASP C 111 0.16 22.68 -38.24
CA ASP C 111 1.40 21.90 -38.26
C ASP C 111 2.04 21.91 -36.87
N SER C 112 1.67 22.92 -36.07
CA SER C 112 2.08 22.97 -34.67
C SER C 112 1.06 23.85 -33.95
N GLY C 113 0.84 23.58 -32.67
CA GLY C 113 -0.11 24.34 -31.87
C GLY C 113 -1.55 24.06 -32.26
N ASP C 114 -2.44 24.97 -31.87
CA ASP C 114 -3.86 24.82 -32.15
C ASP C 114 -4.52 26.19 -32.18
N ARG C 115 -5.83 26.21 -32.41
CA ARG C 115 -6.56 27.46 -32.52
C ARG C 115 -6.52 28.27 -31.21
N GLU C 116 -6.64 27.58 -30.08
CA GLU C 116 -6.60 28.26 -28.78
C GLU C 116 -5.30 29.07 -28.65
N MET C 117 -4.17 28.47 -28.98
CA MET C 117 -2.90 29.18 -28.90
C MET C 117 -2.83 30.29 -29.94
N ALA C 118 -3.27 30.00 -31.15
CA ALA C 118 -3.24 30.99 -32.21
C ALA C 118 -4.05 32.24 -31.83
N GLN C 119 -5.19 32.03 -31.18
CA GLN C 119 -6.02 33.15 -30.77
C GLN C 119 -5.36 34.00 -29.67
N MET C 120 -4.54 33.36 -28.83
CA MET C 120 -3.76 34.14 -27.86
C MET C 120 -2.81 35.06 -28.62
N GLY C 121 -2.27 34.57 -29.73
CA GLY C 121 -1.37 35.35 -30.57
C GLY C 121 -2.10 36.54 -31.20
N ILE C 122 -3.30 36.29 -31.71
CA ILE C 122 -4.10 37.33 -32.36
C ILE C 122 -4.53 38.39 -31.36
N ARG C 123 -4.84 37.96 -30.15
CA ARG C 123 -5.18 38.90 -29.08
C ARG C 123 -4.01 39.86 -28.82
N ALA C 124 -2.79 39.33 -28.74
CA ALA C 124 -1.62 40.16 -28.54
C ALA C 124 -1.42 41.12 -29.71
N LEU C 125 -1.63 40.62 -30.91
CA LEU C 125 -1.46 41.43 -32.10
C LEU C 125 -2.47 42.57 -32.11
N ARG C 126 -3.71 42.25 -31.72
CA ARG C 126 -4.81 43.21 -31.68
C ARG C 126 -4.66 44.31 -30.64
N THR C 127 -4.05 43.97 -29.51
CA THR C 127 -4.00 44.91 -28.40
C THR C 127 -2.55 45.38 -28.24
N SER C 128 -1.75 44.60 -27.53
CA SER C 128 -0.36 44.95 -27.21
C SER C 128 0.51 45.47 -28.36
N PHE C 129 0.45 44.84 -29.53
CA PHE C 129 1.37 45.19 -30.61
C PHE C 129 0.75 46.07 -31.69
N ALA C 130 -0.55 46.32 -31.62
CA ALA C 130 -1.26 46.95 -32.73
C ALA C 130 -0.77 48.39 -33.04
N TYR C 131 -0.36 49.11 -31.99
CA TYR C 131 0.03 50.51 -32.15
C TYR C 131 1.24 50.63 -33.08
N GLN C 132 1.96 49.53 -33.28
CA GLN C 132 3.14 49.53 -34.17
C GLN C 132 2.78 49.77 -35.64
N ARG C 133 1.48 49.66 -35.95
CA ARG C 133 0.97 49.86 -37.31
C ARG C 133 1.86 49.12 -38.31
N GLU C 134 2.21 47.89 -37.98
CA GLU C 134 3.22 47.18 -38.74
C GLU C 134 2.79 46.76 -40.15
N TRP C 135 3.62 47.09 -41.12
CA TRP C 135 3.58 46.47 -42.44
C TRP C 135 4.88 45.68 -42.54
N PHE C 136 4.80 44.39 -42.86
CA PHE C 136 6.01 43.58 -42.98
C PHE C 136 6.25 43.19 -44.45
N THR C 137 7.51 43.04 -44.82
CA THR C 137 7.81 42.61 -46.17
C THR C 137 8.05 41.11 -46.22
N ASP C 138 7.61 40.49 -47.30
CA ASP C 138 7.88 39.08 -47.56
C ASP C 138 9.22 39.03 -48.29
N GLY C 139 10.31 39.17 -47.55
CA GLY C 139 11.63 39.19 -48.15
C GLY C 139 12.37 40.52 -48.02
N PRO C 140 13.57 40.61 -48.60
CA PRO C 140 14.42 41.80 -48.45
C PRO C 140 13.83 43.04 -49.12
N ILE C 141 14.28 44.20 -48.67
CA ILE C 141 13.88 45.47 -49.27
C ILE C 141 15.02 46.08 -50.09
N ALA C 142 14.74 46.33 -51.37
CA ALA C 142 15.76 46.86 -52.29
C ALA C 142 16.11 48.32 -51.97
N ALA C 143 17.36 48.67 -52.23
CA ALA C 143 17.81 50.05 -52.11
C ALA C 143 16.88 50.97 -52.91
N ALA C 144 16.42 50.49 -54.07
CA ALA C 144 15.56 51.28 -54.94
C ALA C 144 14.28 51.76 -54.25
N ASN C 145 13.86 51.04 -53.21
CA ASN C 145 12.65 51.40 -52.46
C ASN C 145 12.88 52.51 -51.42
N VAL C 146 14.12 52.66 -50.98
CA VAL C 146 14.40 53.60 -49.89
C VAL C 146 14.48 55.03 -50.43
N ARG C 147 13.49 55.85 -50.10
CA ARG C 147 13.42 57.22 -50.62
C ARG C 147 14.32 58.20 -49.90
N SER C 148 14.25 58.25 -48.56
CA SER C 148 15.05 59.22 -47.82
C SER C 148 15.20 58.84 -46.35
N ALA C 149 15.92 59.67 -45.60
CA ALA C 149 16.19 59.38 -44.19
C ALA C 149 16.33 60.66 -43.38
N TRP C 150 16.05 60.54 -42.09
CA TRP C 150 16.26 61.64 -41.15
C TRP C 150 17.00 61.10 -39.94
N LEU C 151 17.87 61.93 -39.37
CA LEU C 151 18.51 61.56 -38.12
C LEU C 151 17.49 61.65 -37.00
N VAL C 152 17.47 60.62 -36.16
CA VAL C 152 16.54 60.53 -35.04
C VAL C 152 17.31 60.51 -33.71
N ASP C 153 16.84 61.31 -32.76
CA ASP C 153 17.44 61.48 -31.43
C ASP C 153 16.44 61.07 -30.36
N ALA C 154 16.93 60.65 -29.20
CA ALA C 154 16.09 60.58 -28.01
C ALA C 154 16.68 61.54 -26.99
N VAL C 155 15.84 62.38 -26.38
CA VAL C 155 16.29 63.36 -25.40
C VAL C 155 15.42 63.31 -24.13
N PRO C 156 16.03 63.56 -22.95
CA PRO C 156 15.25 63.60 -21.70
C PRO C 156 14.26 64.75 -21.72
N VAL C 157 13.07 64.50 -21.18
CA VAL C 157 12.07 65.55 -21.03
C VAL C 157 12.36 66.35 -19.77
N GLU C 158 12.32 67.68 -19.87
CA GLU C 158 12.50 68.57 -18.71
C GLU C 158 13.62 68.13 -17.75
N PRO C 159 14.84 67.90 -18.29
CA PRO C 159 15.94 67.38 -17.48
C PRO C 159 16.33 68.29 -16.31
N GLY C 160 15.98 69.57 -16.40
CA GLY C 160 16.23 70.47 -15.29
C GLY C 160 15.82 69.91 -13.94
N HIS C 161 14.61 69.35 -13.87
CA HIS C 161 14.04 68.94 -12.59
C HIS C 161 13.15 67.70 -12.62
N ALA C 162 13.03 67.06 -13.79
CA ALA C 162 12.10 65.93 -13.89
C ALA C 162 12.47 64.81 -12.92
N HIS C 163 11.51 64.40 -12.10
CA HIS C 163 11.73 63.20 -11.32
C HIS C 163 11.69 61.98 -12.25
N HIS C 164 12.29 60.89 -11.80
CA HIS C 164 12.44 59.67 -12.60
C HIS C 164 11.46 58.64 -12.07
N PRO C 165 10.31 58.49 -12.74
CA PRO C 165 9.28 57.56 -12.24
C PRO C 165 9.83 56.13 -12.13
N ALA C 166 9.70 55.53 -10.96
CA ALA C 166 10.21 54.19 -10.74
C ALA C 166 11.70 54.06 -11.07
N GLY C 167 12.42 55.17 -11.02
CA GLY C 167 13.86 55.11 -11.26
C GLY C 167 14.27 55.13 -12.72
N ARG C 168 13.30 55.39 -13.60
CA ARG C 168 13.58 55.51 -15.03
C ARG C 168 13.44 56.95 -15.50
N VAL C 169 14.24 57.34 -16.49
CA VAL C 169 14.29 58.73 -16.92
C VAL C 169 13.41 58.98 -18.16
N VAL C 170 12.44 59.88 -18.03
CA VAL C 170 11.48 60.14 -19.11
C VAL C 170 12.21 60.69 -20.34
N GLU C 171 12.05 60.01 -21.48
CA GLU C 171 12.70 60.43 -22.73
C GLU C 171 11.62 60.69 -23.76
N THR C 172 11.93 61.57 -24.70
CA THR C 172 11.10 61.70 -25.89
C THR C 172 12.03 61.56 -27.10
N THR C 173 11.45 61.51 -28.29
CA THR C 173 12.26 61.35 -29.49
C THR C 173 12.09 62.57 -30.38
N ARG C 174 13.04 62.75 -31.30
CA ARG C 174 12.97 63.84 -32.25
C ARG C 174 13.41 63.34 -33.61
N ILE C 175 12.70 63.76 -34.64
CA ILE C 175 13.10 63.51 -36.01
C ILE C 175 13.70 64.81 -36.51
N ASN C 176 14.98 64.77 -36.90
CA ASN C 176 15.70 66.01 -37.23
C ASN C 176 15.87 66.29 -38.73
N GLU C 177 15.82 67.58 -39.08
CA GLU C 177 16.14 68.06 -40.41
C GLU C 177 17.64 68.27 -40.54
N PRO C 178 18.17 68.19 -41.77
CA PRO C 178 17.39 68.06 -43.01
C PRO C 178 17.18 66.62 -43.45
N GLU C 179 16.18 66.42 -44.29
CA GLU C 179 15.95 65.16 -44.95
C GLU C 179 17.13 64.83 -45.84
N MET C 180 17.55 63.57 -45.81
CA MET C 180 18.63 63.09 -46.66
C MET C 180 18.03 62.23 -47.78
N HIS C 181 18.33 62.57 -49.03
CA HIS C 181 17.71 61.90 -50.18
C HIS C 181 18.57 60.79 -50.77
N ASN C 182 17.92 59.69 -51.14
CA ASN C 182 18.64 58.54 -51.69
C ASN C 182 18.77 58.65 -53.20
N PRO C 183 19.99 58.87 -53.69
CA PRO C 183 20.19 59.01 -55.14
C PRO C 183 19.85 57.72 -55.87
N HIS C 184 19.96 56.59 -55.19
CA HIS C 184 19.66 55.28 -55.78
C HIS C 184 18.16 54.95 -55.77
N TYR C 185 17.35 55.88 -55.27
CA TYR C 185 15.90 55.64 -55.19
C TYR C 185 15.20 55.69 -56.56
N GLN C 186 14.33 54.71 -56.81
CA GLN C 186 13.53 54.69 -58.02
C GLN C 186 12.06 55.01 -57.73
N GLU C 187 11.54 56.06 -58.38
CA GLU C 187 10.16 56.47 -58.19
C GLU C 187 9.21 55.64 -59.06
N LEU C 188 8.94 54.42 -58.63
CA LEU C 188 8.02 53.54 -59.35
C LEU C 188 6.62 53.76 -58.82
N GLN C 189 5.61 53.50 -59.65
CA GLN C 189 4.23 53.67 -59.21
C GLN C 189 3.71 52.38 -58.57
N THR C 190 4.03 52.23 -57.29
CA THR C 190 3.65 51.03 -56.55
C THR C 190 2.93 51.45 -55.29
N GLN C 191 2.20 50.52 -54.69
CA GLN C 191 1.61 50.75 -53.38
C GLN C 191 1.68 49.44 -52.62
N ALA C 192 1.45 49.51 -51.31
CA ALA C 192 1.46 48.29 -50.51
C ALA C 192 0.36 47.33 -50.94
N ASN C 193 0.56 46.05 -50.68
CA ASN C 193 -0.46 45.06 -51.00
C ASN C 193 -1.70 45.24 -50.13
N ASP C 194 -2.87 45.33 -50.75
CA ASP C 194 -4.08 45.49 -49.95
C ASP C 194 -4.67 44.15 -49.46
N GLN C 195 -3.99 43.05 -49.75
CA GLN C 195 -4.48 41.71 -49.36
C GLN C 195 -3.81 41.25 -48.08
N PRO C 196 -4.52 40.45 -47.27
CA PRO C 196 -3.83 39.81 -46.14
C PRO C 196 -2.82 38.81 -46.68
N TRP C 197 -1.67 38.69 -46.01
CA TRP C 197 -0.64 37.74 -46.40
C TRP C 197 -1.05 36.29 -46.14
N LEU C 198 -0.73 35.41 -47.09
CA LEU C 198 -0.85 33.97 -46.87
C LEU C 198 0.48 33.28 -47.21
N PRO C 199 0.79 32.17 -46.54
CA PRO C 199 2.05 31.45 -46.75
C PRO C 199 2.27 31.09 -48.22
N THR C 200 1.21 30.60 -48.88
CA THR C 200 1.33 30.22 -50.28
C THR C 200 0.57 31.18 -51.21
N PRO C 206 -5.77 25.46 -48.90
CA PRO C 206 -6.00 24.97 -47.52
C PRO C 206 -4.88 25.40 -46.59
N VAL C 207 -5.08 26.50 -45.85
CA VAL C 207 -4.00 27.17 -45.13
C VAL C 207 -3.38 26.35 -43.97
N HIS C 208 -2.06 26.25 -43.98
CA HIS C 208 -1.28 25.64 -42.88
C HIS C 208 -0.69 26.72 -41.97
N LEU C 209 -0.72 26.48 -40.66
CA LEU C 209 -0.04 27.35 -39.69
C LEU C 209 0.78 26.55 -38.66
N SER C 210 1.95 27.09 -38.31
CA SER C 210 2.75 26.53 -37.23
C SER C 210 2.77 27.53 -36.09
N ILE C 211 1.95 27.30 -35.09
CA ILE C 211 1.84 28.21 -33.95
C ILE C 211 2.88 27.89 -32.88
N PRO C 212 3.67 28.91 -32.47
CA PRO C 212 4.75 28.67 -31.50
C PRO C 212 4.23 28.59 -30.06
N GLN C 213 5.08 28.16 -29.14
CA GLN C 213 4.67 27.96 -27.76
C GLN C 213 4.99 29.18 -26.90
N ALA C 214 5.86 30.04 -27.40
CA ALA C 214 6.43 31.11 -26.57
C ALA C 214 6.60 32.40 -27.34
N ALA C 215 6.87 33.48 -26.59
CA ALA C 215 6.96 34.81 -27.18
C ALA C 215 8.05 35.59 -26.46
N SER C 216 8.63 36.57 -27.15
CA SER C 216 9.52 37.53 -26.52
C SER C 216 8.99 38.94 -26.75
N VAL C 217 9.16 39.79 -25.73
CA VAL C 217 8.58 41.13 -25.76
C VAL C 217 9.58 42.15 -25.22
N ALA C 218 9.80 43.23 -25.96
CA ALA C 218 10.61 44.33 -25.46
C ALA C 218 9.72 45.32 -24.69
N ASP C 219 10.11 45.61 -23.46
CA ASP C 219 9.43 46.58 -22.62
C ASP C 219 9.96 47.96 -23.01
N VAL C 220 9.12 48.80 -23.62
CA VAL C 220 9.61 50.11 -24.07
C VAL C 220 8.99 51.27 -23.27
N SER C 221 8.70 50.96 -21.99
CA SER C 221 8.30 51.92 -20.95
C SER C 221 6.80 52.18 -20.92
N GLU C 222 6.32 52.64 -19.76
CA GLU C 222 4.89 52.95 -19.56
C GLU C 222 3.95 51.82 -19.97
N GLY C 223 4.40 50.59 -19.72
CA GLY C 223 3.57 49.41 -19.93
C GLY C 223 3.54 48.93 -21.37
N THR C 224 4.25 49.63 -22.25
CA THR C 224 4.16 49.41 -23.68
C THR C 224 5.05 48.25 -24.11
N SER C 225 4.52 47.36 -24.95
CA SER C 225 5.23 46.20 -25.49
C SER C 225 5.68 46.48 -26.91
N ALA C 226 6.89 46.03 -27.26
CA ALA C 226 7.35 46.14 -28.65
C ALA C 226 7.86 44.78 -29.11
N SER C 227 7.67 44.44 -30.38
CA SER C 227 8.30 43.24 -30.91
C SER C 227 9.80 43.49 -31.09
N LEU C 228 10.58 42.43 -31.06
CA LEU C 228 12.02 42.61 -31.19
C LEU C 228 12.43 43.06 -32.60
N SER C 229 11.57 42.80 -33.59
CA SER C 229 11.82 43.30 -34.94
C SER C 229 11.84 44.84 -34.97
N PHE C 230 11.17 45.48 -34.01
CA PHE C 230 11.18 46.93 -33.91
C PHE C 230 12.30 47.37 -32.99
N ALA C 231 12.39 46.74 -31.83
CA ALA C 231 13.31 47.21 -30.78
C ALA C 231 14.76 46.79 -31.00
N CYS C 232 14.98 45.76 -31.84
CA CYS C 232 16.31 45.29 -32.16
C CYS C 232 16.53 45.29 -33.66
N PRO C 233 16.53 46.48 -34.28
CA PRO C 233 16.53 46.57 -35.75
C PRO C 233 17.78 46.00 -36.40
N ASP C 234 18.86 45.85 -35.64
CA ASP C 234 20.12 45.41 -36.25
C ASP C 234 20.73 44.20 -35.56
N TRP C 235 19.85 43.36 -35.03
CA TRP C 235 20.22 42.12 -34.38
C TRP C 235 21.22 41.31 -35.22
N SER C 236 22.20 40.73 -34.55
CA SER C 236 23.17 39.84 -35.21
C SER C 236 23.38 38.57 -34.40
N PRO C 237 23.69 37.46 -35.09
CA PRO C 237 23.94 36.20 -34.37
C PRO C 237 25.09 36.37 -33.40
N PRO C 238 24.97 35.77 -32.20
CA PRO C 238 26.03 35.83 -31.18
C PRO C 238 27.35 35.24 -31.69
N ASN C 244 26.55 39.37 -26.92
CA ASN C 244 25.11 39.21 -26.74
C ASN C 244 24.30 40.23 -27.54
N PRO C 245 23.47 39.75 -28.49
CA PRO C 245 22.73 40.65 -29.38
C PRO C 245 21.69 41.48 -28.63
N LEU C 246 21.13 40.93 -27.55
CA LEU C 246 20.16 41.63 -26.71
C LEU C 246 20.71 42.99 -26.26
N ASP C 247 22.01 43.04 -25.99
CA ASP C 247 22.65 44.27 -25.54
C ASP C 247 22.43 45.44 -26.48
N LYS C 248 22.22 45.15 -27.76
CA LYS C 248 22.05 46.21 -28.76
C LYS C 248 20.58 46.56 -29.04
N CYS C 249 19.66 45.95 -28.30
CA CYS C 249 18.25 46.30 -28.42
C CYS C 249 17.98 47.59 -27.66
N ILE C 250 16.98 48.34 -28.09
CA ILE C 250 16.62 49.57 -27.40
C ILE C 250 15.30 49.34 -26.69
N ALA C 251 15.40 49.15 -25.37
CA ALA C 251 14.26 48.81 -24.53
C ALA C 251 14.70 48.83 -23.08
N GLU C 252 13.74 48.94 -22.15
CA GLU C 252 14.07 48.81 -20.73
C GLU C 252 14.56 47.39 -20.45
N LYS C 253 13.92 46.40 -21.07
CA LYS C 253 14.13 45.00 -20.73
C LYS C 253 13.52 44.13 -21.82
N ILE C 254 14.00 42.89 -21.96
CA ILE C 254 13.33 41.90 -22.80
C ILE C 254 12.79 40.80 -21.91
N ASP C 255 11.51 40.45 -22.10
CA ASP C 255 10.89 39.39 -21.32
C ASP C 255 10.46 38.25 -22.23
N ASN C 256 10.62 37.02 -21.75
CA ASN C 256 10.16 35.86 -22.48
C ASN C 256 9.01 35.22 -21.73
N TYR C 257 7.99 34.78 -22.47
CA TYR C 257 6.84 34.16 -21.85
C TYR C 257 6.35 32.99 -22.68
N ASN C 258 5.85 31.96 -22.02
CA ASN C 258 5.00 31.01 -22.70
C ASN C 258 3.79 31.79 -23.17
N LEU C 259 3.23 31.36 -24.29
CA LEU C 259 2.19 32.12 -24.95
C LEU C 259 0.98 32.38 -24.06
N GLN C 260 0.56 31.37 -23.29
CA GLN C 260 -0.60 31.55 -22.42
C GLN C 260 -0.28 32.42 -21.19
N SER C 261 0.97 32.87 -21.09
CA SER C 261 1.41 33.67 -19.96
C SER C 261 1.71 35.11 -20.36
N LEU C 262 1.46 35.44 -21.63
CA LEU C 262 1.81 36.74 -22.18
C LEU C 262 0.92 37.81 -21.55
N PRO C 263 1.51 38.80 -20.84
CA PRO C 263 0.67 39.82 -20.21
C PRO C 263 0.32 40.95 -21.17
N GLN C 264 -0.80 41.61 -20.89
CA GLN C 264 -1.26 42.74 -21.69
C GLN C 264 -0.28 43.90 -21.58
N TYR C 265 0.27 44.08 -20.37
CA TYR C 265 1.17 45.19 -20.06
C TYR C 265 2.53 44.71 -19.59
N ALA C 266 3.55 45.48 -19.90
CA ALA C 266 4.91 45.22 -19.42
C ALA C 266 5.10 45.79 -18.01
N SER C 267 6.16 45.35 -17.34
CA SER C 267 6.45 45.72 -15.95
C SER C 267 6.51 47.22 -15.74
N SER C 268 7.00 47.93 -16.76
CA SER C 268 7.11 49.38 -16.72
C SER C 268 5.76 50.08 -16.56
N VAL C 269 4.65 49.34 -16.59
CA VAL C 269 3.35 49.97 -16.33
C VAL C 269 3.34 50.58 -14.93
N LYS C 270 4.28 50.16 -14.08
CA LYS C 270 4.38 50.75 -12.75
C LYS C 270 4.83 52.22 -12.79
N GLU C 271 5.35 52.65 -13.93
CA GLU C 271 5.83 54.02 -14.12
C GLU C 271 4.69 55.02 -14.21
N LEU C 272 3.48 54.54 -14.48
CA LEU C 272 2.38 55.46 -14.80
C LEU C 272 1.93 56.32 -13.60
N GLU C 273 1.66 57.60 -13.87
CA GLU C 273 1.21 58.60 -12.90
C GLU C 273 0.02 59.36 -13.47
N ASP C 274 -0.92 59.73 -12.61
CA ASP C 274 -2.03 60.58 -13.00
C ASP C 274 -1.49 62.00 -13.12
N THR C 275 -1.67 62.63 -14.27
CA THR C 275 -1.25 64.02 -14.45
C THR C 275 -2.33 64.91 -15.06
N PRO C 276 -2.44 66.15 -14.57
CA PRO C 276 -3.26 67.15 -15.26
C PRO C 276 -2.49 67.67 -16.47
N VAL C 277 -3.08 68.55 -17.26
CA VAL C 277 -2.39 69.11 -18.42
C VAL C 277 -2.49 70.63 -18.37
N TYR C 278 -1.33 71.30 -18.33
CA TYR C 278 -1.28 72.76 -18.30
C TYR C 278 -0.78 73.28 -19.64
N LEU C 279 -1.40 74.35 -20.12
CA LEU C 279 -1.00 74.96 -21.37
C LEU C 279 -0.79 76.46 -21.19
N ARG C 280 0.08 77.05 -21.99
CA ARG C 280 0.36 78.48 -21.87
C ARG C 280 0.29 79.15 -23.25
N GLY C 281 -0.37 80.30 -23.32
CA GLY C 281 -0.39 81.08 -24.55
C GLY C 281 0.95 81.75 -24.83
N ILE C 282 1.46 81.62 -26.05
CA ILE C 282 2.84 82.05 -26.31
C ILE C 282 3.08 83.55 -26.10
N LYS C 283 2.10 84.38 -26.42
CA LYS C 283 2.22 85.83 -26.25
C LYS C 283 1.69 86.34 -24.91
N THR C 284 0.42 86.08 -24.64
CA THR C 284 -0.20 86.54 -23.40
C THR C 284 0.44 85.92 -22.16
N GLN C 285 1.13 84.79 -22.36
CA GLN C 285 1.69 84.01 -21.27
C GLN C 285 0.65 83.60 -20.23
N LYS C 286 -0.63 83.67 -20.59
CA LYS C 286 -1.65 83.16 -19.69
C LYS C 286 -1.55 81.64 -19.60
N THR C 287 -1.83 81.08 -18.43
CA THR C 287 -1.72 79.65 -18.19
C THR C 287 -3.10 79.02 -17.96
N PHE C 288 -3.33 77.86 -18.60
CA PHE C 288 -4.63 77.20 -18.52
C PHE C 288 -4.51 75.73 -18.16
N MET C 289 -5.57 75.21 -17.52
CA MET C 289 -5.72 73.78 -17.27
C MET C 289 -6.70 73.19 -18.28
N LEU C 290 -6.29 72.10 -18.90
CA LEU C 290 -7.18 71.38 -19.82
C LEU C 290 -8.21 70.63 -19.01
N GLN C 291 -9.48 70.80 -19.34
CA GLN C 291 -10.53 70.08 -18.63
C GLN C 291 -11.57 69.55 -19.63
N ALA C 292 -12.35 68.57 -19.20
CA ALA C 292 -13.39 68.04 -20.06
C ALA C 292 -14.53 67.46 -19.25
N ASP C 293 -15.68 67.30 -19.90
CA ASP C 293 -16.89 66.92 -19.21
C ASP C 293 -17.58 65.81 -19.99
N PRO C 294 -17.60 64.60 -19.40
CA PRO C 294 -18.15 63.42 -20.10
C PRO C 294 -19.67 63.48 -20.27
N GLN C 295 -20.36 64.39 -19.59
CA GLN C 295 -21.82 64.47 -19.71
C GLN C 295 -22.27 65.20 -20.97
N ASN C 296 -21.44 66.10 -21.49
CA ASN C 296 -21.74 66.81 -22.73
C ASN C 296 -20.60 66.75 -23.75
N ASN C 297 -19.53 66.02 -23.40
CA ASN C 297 -18.37 65.86 -24.29
C ASN C 297 -17.59 67.14 -24.55
N ASN C 298 -17.84 68.19 -23.78
CA ASN C 298 -17.11 69.43 -24.00
C ASN C 298 -15.66 69.35 -23.51
N VAL C 299 -14.75 69.95 -24.27
CA VAL C 299 -13.36 70.08 -23.87
C VAL C 299 -13.12 71.58 -23.78
N PHE C 300 -12.42 72.03 -22.74
CA PHE C 300 -12.24 73.46 -22.52
C PHE C 300 -11.05 73.79 -21.62
N LEU C 301 -10.72 75.07 -21.57
CA LEU C 301 -9.56 75.58 -20.84
C LEU C 301 -10.05 76.48 -19.73
N VAL C 302 -9.46 76.30 -18.55
CA VAL C 302 -9.77 77.12 -17.40
C VAL C 302 -8.48 77.81 -16.94
N GLU C 303 -8.51 79.14 -16.88
CA GLU C 303 -7.32 79.89 -16.54
C GLU C 303 -6.91 79.70 -15.08
N VAL C 304 -5.62 79.59 -14.84
CA VAL C 304 -5.10 79.33 -13.50
C VAL C 304 -5.20 80.54 -12.53
N ASN C 305 -4.80 81.71 -13.00
CA ASN C 305 -4.79 82.91 -12.16
C ASN C 305 -4.07 82.71 -10.83
N SER C 308 -25.87 69.69 -13.36
CA SER C 308 -25.36 68.84 -12.28
C SER C 308 -24.21 67.95 -12.77
N SER C 309 -23.18 68.55 -13.36
CA SER C 309 -22.01 67.78 -13.78
C SER C 309 -20.73 68.39 -13.21
N PHE C 310 -19.58 67.86 -13.61
CA PHE C 310 -18.31 68.39 -13.12
C PHE C 310 -17.16 68.15 -14.11
N PRO C 311 -16.18 69.06 -14.14
CA PRO C 311 -15.08 68.90 -15.10
C PRO C 311 -14.10 67.85 -14.59
N GLN C 312 -13.52 67.09 -15.51
CA GLN C 312 -12.48 66.14 -15.15
C GLN C 312 -11.16 66.63 -15.73
N THR C 313 -10.06 66.24 -15.09
CA THR C 313 -8.82 66.97 -15.25
C THR C 313 -7.60 66.11 -15.56
N ILE C 314 -7.74 64.79 -15.47
CA ILE C 314 -6.59 63.93 -15.69
C ILE C 314 -6.62 63.27 -17.07
N PHE C 315 -5.51 63.40 -17.80
CA PHE C 315 -5.43 62.88 -19.18
C PHE C 315 -4.13 62.15 -19.40
N PHE C 316 -4.10 61.30 -20.40
CA PHE C 316 -2.86 60.68 -20.83
C PHE C 316 -2.81 60.59 -22.34
N TRP C 317 -1.60 60.49 -22.88
CA TRP C 317 -1.40 60.38 -24.31
C TRP C 317 -0.92 58.95 -24.56
N ASP C 318 -1.61 58.22 -25.44
CA ASP C 318 -1.28 56.80 -25.60
C ASP C 318 -0.61 56.48 -26.93
N VAL C 319 -0.26 55.21 -27.11
CA VAL C 319 0.53 54.77 -28.25
C VAL C 319 -0.22 54.79 -29.57
N TYR C 320 -1.54 55.00 -29.50
CA TYR C 320 -2.31 55.28 -30.70
C TYR C 320 -2.35 56.79 -30.98
N GLN C 321 -1.59 57.55 -30.18
CA GLN C 321 -1.52 59.02 -30.26
C GLN C 321 -2.76 59.75 -29.70
N ARG C 322 -3.58 59.02 -28.96
CA ARG C 322 -4.80 59.61 -28.41
C ARG C 322 -4.56 60.30 -27.09
N ILE C 323 -5.26 61.41 -26.87
CA ILE C 323 -5.29 62.04 -25.56
C ILE C 323 -6.59 61.67 -24.89
N CYS C 324 -6.49 60.80 -23.89
CA CYS C 324 -7.67 60.21 -23.27
C CYS C 324 -7.91 60.78 -21.89
N LEU C 325 -9.18 60.96 -21.55
CA LEU C 325 -9.59 61.27 -20.19
C LEU C 325 -9.40 60.00 -19.35
N LYS C 326 -8.91 60.15 -18.13
CA LYS C 326 -8.59 58.98 -17.30
C LYS C 326 -9.75 58.02 -17.03
N ASP C 327 -10.89 58.53 -16.55
CA ASP C 327 -11.96 57.64 -16.11
C ASP C 327 -12.96 57.24 -17.20
N LEU C 328 -13.39 55.98 -17.16
CA LEU C 328 -14.44 55.50 -18.05
C LEU C 328 -15.77 56.09 -17.61
N THR C 329 -16.74 56.16 -18.50
CA THR C 329 -18.07 56.61 -18.12
C THR C 329 -18.81 55.46 -17.44
N GLY C 330 -20.04 55.74 -17.01
CA GLY C 330 -20.87 54.72 -16.39
C GLY C 330 -21.17 53.53 -17.28
N ALA C 331 -21.13 53.76 -18.59
CA ALA C 331 -21.36 52.68 -19.55
C ALA C 331 -20.05 52.06 -20.08
N GLN C 332 -18.96 52.37 -19.38
CA GLN C 332 -17.67 51.70 -19.59
C GLN C 332 -16.97 52.19 -20.87
N ILE C 333 -17.28 53.43 -21.24
CA ILE C 333 -16.75 54.04 -22.45
C ILE C 333 -15.54 54.90 -22.08
N SER C 334 -14.49 54.86 -22.90
CA SER C 334 -13.35 55.79 -22.75
C SER C 334 -13.53 56.90 -23.78
N LEU C 335 -13.11 58.11 -23.40
CA LEU C 335 -13.28 59.29 -24.22
C LEU C 335 -11.93 59.96 -24.53
N SER C 336 -11.79 60.48 -25.75
CA SER C 336 -10.53 61.04 -26.19
C SER C 336 -10.76 62.40 -26.86
N LEU C 337 -9.77 63.28 -26.78
CA LEU C 337 -9.84 64.57 -27.48
C LEU C 337 -9.93 64.35 -29.00
N THR C 338 -10.87 65.02 -29.63
CA THR C 338 -11.11 64.81 -31.06
C THR C 338 -11.19 66.16 -31.78
N ALA C 339 -10.51 66.28 -32.92
CA ALA C 339 -10.54 67.52 -33.69
C ALA C 339 -11.65 67.45 -34.73
N PHE C 340 -12.69 68.25 -34.53
CA PHE C 340 -13.81 68.28 -35.47
C PHE C 340 -13.72 69.52 -36.38
N THR C 341 -14.22 69.41 -37.60
CA THR C 341 -14.27 70.57 -38.49
C THR C 341 -15.29 71.57 -37.99
N THR C 342 -15.14 72.82 -38.42
CA THR C 342 -16.06 73.90 -38.07
C THR C 342 -16.44 74.63 -39.36
N GLN C 343 -17.24 75.68 -39.26
CA GLN C 343 -17.62 76.46 -40.44
C GLN C 343 -16.48 77.28 -41.01
N TYR C 344 -15.36 77.35 -40.30
CA TYR C 344 -14.29 78.23 -40.71
C TYR C 344 -13.17 77.49 -41.38
N ALA C 345 -12.55 78.17 -42.36
CA ALA C 345 -11.37 77.65 -43.02
C ALA C 345 -10.26 77.46 -41.98
N GLY C 346 -9.64 76.30 -41.99
CA GLY C 346 -8.49 76.04 -41.14
C GLY C 346 -8.71 76.29 -39.66
N GLN C 347 -9.93 76.03 -39.19
CA GLN C 347 -10.18 76.09 -37.75
C GLN C 347 -10.96 74.85 -37.30
N LEU C 348 -10.29 74.00 -36.52
CA LEU C 348 -10.91 72.81 -35.96
C LEU C 348 -11.26 73.10 -34.50
N LYS C 349 -12.27 72.43 -33.97
CA LYS C 349 -12.57 72.60 -32.55
C LYS C 349 -12.42 71.27 -31.84
N VAL C 350 -11.90 71.30 -30.63
CA VAL C 350 -11.67 70.05 -29.88
C VAL C 350 -12.87 69.71 -29.02
N HIS C 351 -13.26 68.44 -29.04
CA HIS C 351 -14.46 67.97 -28.37
C HIS C 351 -14.17 66.50 -28.04
N LEU C 352 -14.86 65.92 -27.05
CA LEU C 352 -14.65 64.50 -26.78
C LEU C 352 -15.44 63.59 -27.75
N SER C 353 -14.89 62.40 -28.01
CA SER C 353 -15.68 61.30 -28.61
C SER C 353 -15.14 59.96 -28.13
N VAL C 354 -15.85 58.89 -28.45
CA VAL C 354 -15.45 57.56 -28.00
C VAL C 354 -14.05 57.20 -28.50
N SER C 355 -13.15 56.85 -27.58
CA SER C 355 -11.77 56.50 -27.95
C SER C 355 -11.77 55.39 -28.99
N ALA C 356 -11.15 55.64 -30.14
CA ALA C 356 -11.11 54.64 -31.21
C ALA C 356 -9.69 54.57 -31.78
N VAL C 357 -9.16 53.35 -31.93
CA VAL C 357 -7.78 53.18 -32.36
C VAL C 357 -7.55 53.61 -33.80
N ASN C 358 -8.61 53.65 -34.60
CA ASN C 358 -8.46 53.97 -36.03
C ASN C 358 -8.91 55.37 -36.40
N ALA C 359 -9.24 56.18 -35.42
CA ALA C 359 -9.72 57.54 -35.70
C ALA C 359 -8.58 58.51 -35.89
N VAL C 360 -8.34 58.94 -37.13
CA VAL C 360 -7.25 59.88 -37.37
C VAL C 360 -7.49 61.19 -36.63
N ASN C 361 -8.75 61.63 -36.54
CA ASN C 361 -9.06 62.89 -35.84
C ASN C 361 -8.85 62.85 -34.31
N GLN C 362 -8.50 61.68 -33.78
CA GLN C 362 -8.13 61.57 -32.37
C GLN C 362 -6.62 61.43 -32.20
N LYS C 363 -5.85 61.59 -33.27
CA LYS C 363 -4.40 61.38 -33.16
C LYS C 363 -3.64 62.69 -33.11
N TRP C 364 -2.70 62.76 -32.17
CA TRP C 364 -1.95 63.98 -31.87
C TRP C 364 -0.45 63.70 -31.81
N LYS C 365 0.33 64.72 -32.16
CA LYS C 365 1.78 64.72 -32.01
C LYS C 365 2.16 65.80 -30.99
N MET C 366 3.23 65.56 -30.24
CA MET C 366 3.73 66.54 -29.27
C MET C 366 5.22 66.71 -29.50
N THR C 367 5.62 67.94 -29.80
CA THR C 367 7.00 68.18 -30.22
C THR C 367 7.60 69.32 -29.40
N PRO C 368 8.76 69.08 -28.79
CA PRO C 368 9.41 70.07 -27.93
C PRO C 368 9.79 71.31 -28.74
N GLN C 369 9.64 72.49 -28.15
CA GLN C 369 9.90 73.74 -28.84
C GLN C 369 11.11 74.51 -28.28
N ASP C 370 11.56 74.14 -27.09
CA ASP C 370 12.62 74.89 -26.41
C ASP C 370 13.77 73.96 -26.10
N ILE C 371 14.96 74.54 -25.92
CA ILE C 371 16.14 73.71 -25.64
C ILE C 371 16.01 72.94 -24.31
N ALA C 372 15.31 73.52 -23.34
CA ALA C 372 15.12 72.87 -22.04
C ALA C 372 14.12 71.71 -22.13
N ILE C 373 13.47 71.55 -23.27
CA ILE C 373 12.50 70.48 -23.48
C ILE C 373 11.40 70.55 -22.43
N THR C 374 10.72 71.68 -22.35
CA THR C 374 9.68 71.88 -21.37
C THR C 374 8.41 72.45 -21.97
N GLN C 375 8.48 72.86 -23.24
CA GLN C 375 7.34 73.48 -23.89
C GLN C 375 7.03 72.74 -25.18
N PHE C 376 5.79 72.29 -25.31
CA PHE C 376 5.43 71.36 -26.38
C PHE C 376 4.28 71.84 -27.24
N ARG C 377 4.53 71.88 -28.54
CA ARG C 377 3.49 72.14 -29.52
C ARG C 377 2.70 70.84 -29.72
N VAL C 378 1.38 70.98 -29.77
CA VAL C 378 0.50 69.82 -29.93
C VAL C 378 -0.22 69.93 -31.27
N SER C 379 0.01 68.94 -32.15
CA SER C 379 -0.51 68.98 -33.51
C SER C 379 -1.48 67.84 -33.79
N SER C 380 -2.51 68.11 -34.59
CA SER C 380 -3.45 67.09 -35.03
C SER C 380 -2.99 66.39 -36.30
N GLU C 381 -3.04 65.06 -36.31
CA GLU C 381 -2.73 64.29 -37.50
C GLU C 381 -3.78 64.52 -38.59
N LEU C 382 -4.92 65.10 -38.22
CA LEU C 382 -5.96 65.34 -39.21
C LEU C 382 -5.50 66.33 -40.29
N LEU C 383 -4.56 67.20 -39.93
CA LEU C 383 -4.07 68.23 -40.86
C LEU C 383 -2.83 67.77 -41.62
N GLY C 384 -2.37 66.56 -41.33
CA GLY C 384 -1.30 65.94 -42.10
C GLY C 384 0.03 66.68 -42.11
N GLN C 385 0.49 67.06 -43.30
CA GLN C 385 1.81 67.68 -43.43
C GLN C 385 1.81 69.17 -43.10
N THR C 386 0.62 69.73 -42.97
CA THR C 386 0.47 71.14 -42.63
C THR C 386 0.82 71.38 -41.16
N GLU C 387 1.84 72.22 -40.91
CA GLU C 387 2.21 72.60 -39.55
C GLU C 387 1.00 73.20 -38.86
N ASN C 388 0.75 72.79 -37.63
CA ASN C 388 -0.44 73.24 -36.92
C ASN C 388 -0.27 73.09 -35.41
N GLY C 389 -1.15 73.73 -34.64
CA GLY C 389 -1.05 73.63 -33.21
C GLY C 389 -2.37 73.93 -32.54
N LEU C 390 -2.35 73.95 -31.21
CA LEU C 390 -3.53 74.27 -30.43
C LEU C 390 -3.61 75.79 -30.24
N PHE C 391 -4.83 76.31 -30.20
CA PHE C 391 -5.06 77.74 -30.06
C PHE C 391 -6.25 78.01 -29.17
N TRP C 392 -6.24 79.17 -28.52
CA TRP C 392 -7.43 79.68 -27.87
C TRP C 392 -7.72 81.09 -28.42
N ASN C 393 -8.93 81.58 -28.20
CA ASN C 393 -9.30 82.92 -28.63
C ASN C 393 -9.04 83.89 -27.48
N THR C 394 -8.04 84.76 -27.63
CA THR C 394 -7.59 85.60 -26.53
C THR C 394 -8.65 86.61 -26.07
N LYS C 395 -9.70 86.77 -26.87
CA LYS C 395 -10.74 87.75 -26.59
C LYS C 395 -12.01 87.13 -25.98
N SER C 396 -12.02 85.82 -25.75
CA SER C 396 -13.21 85.18 -25.22
C SER C 396 -13.35 85.43 -23.73
N GLY C 397 -14.58 85.54 -23.26
CA GLY C 397 -14.85 85.76 -21.84
C GLY C 397 -15.32 84.48 -21.17
N GLY C 398 -15.81 84.61 -19.95
CA GLY C 398 -16.30 83.46 -19.21
C GLY C 398 -15.18 82.70 -18.52
N SER C 399 -15.56 81.69 -17.76
CA SER C 399 -14.61 80.90 -16.97
C SER C 399 -13.96 79.78 -17.81
N GLN C 400 -14.59 79.45 -18.91
CA GLN C 400 -14.16 78.32 -19.72
C GLN C 400 -13.98 78.80 -21.15
N HIS C 401 -12.89 78.36 -21.79
CA HIS C 401 -12.58 78.79 -23.14
C HIS C 401 -12.43 77.59 -24.05
N ASP C 402 -12.96 77.69 -25.27
CA ASP C 402 -12.86 76.61 -26.23
C ASP C 402 -11.43 76.41 -26.69
N LEU C 403 -11.15 75.19 -27.17
CA LEU C 403 -9.83 74.82 -27.63
C LEU C 403 -9.89 74.56 -29.12
N TYR C 404 -8.98 75.17 -29.87
CA TYR C 404 -8.96 75.01 -31.33
C TYR C 404 -7.68 74.39 -31.85
N VAL C 405 -7.76 73.92 -33.08
CA VAL C 405 -6.60 73.50 -33.84
C VAL C 405 -6.54 74.35 -35.11
N CYS C 406 -5.40 75.00 -35.36
CA CYS C 406 -5.24 75.79 -36.59
C CYS C 406 -3.90 75.53 -37.25
N PRO C 407 -3.84 75.68 -38.59
CA PRO C 407 -2.51 75.73 -39.19
C PRO C 407 -1.74 76.89 -38.56
N LEU C 408 -0.42 76.75 -38.47
CA LEU C 408 0.38 77.82 -37.88
C LEU C 408 0.39 79.05 -38.79
N LYS C 409 0.19 78.83 -40.09
CA LYS C 409 0.21 79.95 -41.05
C LYS C 409 -1.04 80.82 -40.96
N ASN C 410 -0.83 82.11 -40.70
CA ASN C 410 -1.91 83.08 -40.72
C ASN C 410 -3.17 82.62 -39.97
N PRO C 411 -3.06 82.42 -38.66
CA PRO C 411 -4.24 82.08 -37.86
C PRO C 411 -5.14 83.29 -37.71
N PRO C 412 -6.43 83.08 -37.44
CA PRO C 412 -7.32 84.20 -37.13
C PRO C 412 -6.67 85.10 -36.08
N SER C 413 -6.83 86.41 -36.23
CA SER C 413 -6.08 87.40 -35.44
C SER C 413 -6.28 87.32 -33.92
N ASP C 414 -7.50 86.99 -33.49
CA ASP C 414 -7.76 86.91 -32.05
C ASP C 414 -7.28 85.61 -31.40
N LEU C 415 -6.71 84.71 -32.19
CA LEU C 415 -6.25 83.43 -31.64
C LEU C 415 -4.75 83.43 -31.39
N GLU C 416 -4.33 82.75 -30.34
CA GLU C 416 -2.89 82.53 -30.16
C GLU C 416 -2.63 81.06 -29.79
N GLU C 417 -1.45 80.58 -30.17
CA GLU C 417 -1.10 79.19 -29.91
C GLU C 417 -0.90 78.90 -28.42
N LEU C 418 -1.28 77.69 -28.04
CA LEU C 418 -1.08 77.19 -26.69
C LEU C 418 -0.11 76.05 -26.78
N GLN C 419 0.87 76.04 -25.89
CA GLN C 419 1.78 74.90 -25.82
C GLN C 419 1.71 74.30 -24.43
N ILE C 420 1.89 72.99 -24.36
CA ILE C 420 1.93 72.32 -23.07
C ILE C 420 3.19 72.70 -22.31
N ILE C 421 3.03 73.05 -21.04
CA ILE C 421 4.21 73.32 -20.20
C ILE C 421 4.45 72.20 -19.19
N VAL C 422 5.68 71.75 -19.13
CA VAL C 422 6.10 70.69 -18.22
C VAL C 422 7.00 71.22 -17.12
N ASP C 423 6.60 71.00 -15.86
CA ASP C 423 7.51 71.14 -14.73
C ASP C 423 6.96 70.34 -13.55
N GLU C 424 7.70 70.27 -12.46
CA GLU C 424 7.31 69.40 -11.36
C GLU C 424 6.02 69.82 -10.65
N CYS C 425 5.45 70.97 -11.03
CA CYS C 425 4.24 71.48 -10.37
C CYS C 425 3.04 71.50 -11.28
N THR C 426 3.29 71.29 -12.57
CA THR C 426 2.22 71.38 -13.58
C THR C 426 2.06 70.04 -14.31
N THR C 427 2.27 70.02 -15.62
CA THR C 427 2.17 68.79 -16.39
C THR C 427 3.35 67.88 -16.04
N HIS C 428 3.09 66.65 -15.61
CA HIS C 428 4.18 65.69 -15.38
C HIS C 428 4.94 65.41 -16.67
N ALA C 429 6.24 65.17 -16.56
CA ALA C 429 7.05 64.94 -17.75
C ALA C 429 6.49 63.82 -18.62
N GLN C 430 6.00 62.74 -18.01
CA GLN C 430 5.55 61.61 -18.82
C GLN C 430 4.31 61.87 -19.68
N PHE C 431 3.61 62.97 -19.44
CA PHE C 431 2.43 63.22 -20.26
C PHE C 431 2.83 63.30 -21.73
N VAL C 432 3.98 63.88 -22.00
CA VAL C 432 4.36 64.12 -23.39
C VAL C 432 5.11 62.94 -23.96
N THR C 433 4.77 61.74 -23.49
CA THR C 433 5.29 60.49 -24.04
C THR C 433 4.08 59.54 -24.18
N MET C 434 4.22 58.50 -24.99
CA MET C 434 3.06 57.67 -25.34
C MET C 434 2.99 56.39 -24.51
N ARG C 435 2.01 56.32 -23.61
CA ARG C 435 1.84 55.16 -22.72
C ARG C 435 1.00 54.05 -23.36
N ALA C 436 1.07 52.84 -22.80
CA ALA C 436 0.24 51.73 -23.28
C ALA C 436 -1.23 52.14 -23.21
N ALA C 437 -2.04 51.64 -24.14
CA ALA C 437 -3.44 52.03 -24.21
C ALA C 437 -4.27 51.24 -23.22
N SER C 438 -5.43 51.77 -22.82
CA SER C 438 -6.29 51.09 -21.86
C SER C 438 -7.58 50.51 -22.48
N THR C 439 -7.97 51.02 -23.65
CA THR C 439 -9.07 50.41 -24.41
C THR C 439 -8.71 50.28 -25.88
N PHE C 440 -9.42 49.38 -26.57
CA PHE C 440 -9.04 48.96 -27.90
C PHE C 440 -10.26 48.89 -28.83
N PHE C 441 -11.05 49.96 -28.87
CA PHE C 441 -12.26 49.99 -29.69
C PHE C 441 -11.92 50.44 -31.10
N VAL C 442 -12.54 49.79 -32.08
CA VAL C 442 -12.38 50.16 -33.47
C VAL C 442 -13.69 50.73 -33.97
N ASP C 443 -13.63 51.90 -34.61
CA ASP C 443 -14.84 52.50 -35.18
C ASP C 443 -15.15 51.73 -36.45
N VAL C 444 -16.23 50.94 -36.46
CA VAL C 444 -16.54 50.10 -37.62
C VAL C 444 -17.69 50.65 -38.47
N GLN C 445 -18.48 51.54 -37.89
CA GLN C 445 -19.44 52.31 -38.66
C GLN C 445 -20.32 51.41 -39.53
N LEU C 446 -20.85 50.34 -38.95
CA LEU C 446 -21.56 49.33 -39.74
C LEU C 446 -22.82 49.86 -40.39
N GLY C 447 -23.13 49.34 -41.58
CA GLY C 447 -24.36 49.69 -42.28
C GLY C 447 -24.50 48.77 -43.50
N TRP C 448 -25.42 49.12 -44.38
CA TRP C 448 -25.50 48.41 -45.66
C TRP C 448 -25.87 49.36 -46.77
N TYR C 449 -25.82 48.85 -47.99
CA TYR C 449 -25.91 49.68 -49.16
C TYR C 449 -26.81 49.02 -50.19
N TRP C 450 -27.67 49.80 -50.83
CA TRP C 450 -28.57 49.24 -51.83
C TRP C 450 -28.96 50.31 -52.83
N ARG C 451 -28.56 50.10 -54.07
CA ARG C 451 -28.99 50.94 -55.19
C ARG C 451 -28.69 52.41 -54.94
N GLY C 452 -27.45 52.71 -54.55
CA GLY C 452 -26.99 54.07 -54.39
C GLY C 452 -27.32 54.69 -53.05
N TYR C 453 -27.99 53.94 -52.17
CA TYR C 453 -28.38 54.47 -50.86
C TYR C 453 -27.75 53.73 -49.67
N TYR C 454 -27.31 54.50 -48.68
CA TYR C 454 -26.76 53.94 -47.45
C TYR C 454 -27.86 53.70 -46.42
N TYR C 455 -27.70 52.63 -45.63
CA TYR C 455 -28.62 52.29 -44.56
C TYR C 455 -27.85 52.07 -43.26
N THR C 456 -28.54 52.33 -42.15
CA THR C 456 -27.91 52.22 -40.83
C THR C 456 -28.78 51.33 -39.95
N PRO C 457 -28.16 50.52 -39.08
CA PRO C 457 -28.97 49.75 -38.13
C PRO C 457 -29.62 50.63 -37.07
N GLN C 458 -30.83 50.26 -36.66
CA GLN C 458 -31.46 50.89 -35.52
C GLN C 458 -31.48 49.91 -34.36
N LEU C 459 -31.52 50.44 -33.14
CA LEU C 459 -31.49 49.62 -31.94
C LEU C 459 -32.68 48.67 -31.85
N SER C 460 -33.74 48.97 -32.61
CA SER C 460 -34.93 48.14 -32.65
C SER C 460 -34.66 46.84 -33.41
N GLY C 461 -33.57 46.81 -34.15
CA GLY C 461 -33.29 45.70 -35.04
C GLY C 461 -33.69 45.95 -36.50
N TRP C 462 -34.34 47.08 -36.74
CA TRP C 462 -34.66 47.48 -38.11
C TRP C 462 -33.54 48.35 -38.70
N SER C 463 -33.78 48.95 -39.87
CA SER C 463 -32.83 49.85 -40.53
C SER C 463 -33.48 51.17 -40.92
N TYR C 464 -32.67 52.20 -41.09
CA TYR C 464 -33.17 53.51 -41.52
C TYR C 464 -32.23 54.04 -42.60
N GLN C 465 -32.79 54.68 -43.63
CA GLN C 465 -31.99 55.13 -44.76
C GLN C 465 -31.17 56.41 -44.47
N MET C 466 -29.96 56.22 -43.96
CA MET C 466 -28.99 57.29 -43.81
C MET C 466 -27.64 56.61 -43.65
N LYS C 467 -26.56 57.36 -43.82
CA LYS C 467 -25.25 56.79 -43.58
C LYS C 467 -24.99 56.72 -42.09
N THR C 468 -24.46 55.59 -41.63
CA THR C 468 -24.04 55.46 -40.23
C THR C 468 -22.97 56.51 -39.93
N PRO C 469 -23.15 57.30 -38.86
CA PRO C 469 -22.16 58.32 -38.53
C PRO C 469 -20.87 57.73 -37.96
N ASP C 470 -19.78 58.48 -38.06
CA ASP C 470 -18.60 58.21 -37.26
C ASP C 470 -18.94 58.24 -35.76
N GLY C 471 -18.18 57.49 -34.97
CA GLY C 471 -18.24 57.61 -33.53
C GLY C 471 -19.42 56.91 -32.88
N GLN C 472 -20.03 55.95 -33.57
CA GLN C 472 -21.26 55.33 -33.07
C GLN C 472 -21.22 53.81 -32.89
N ILE C 473 -20.66 53.10 -33.85
CA ILE C 473 -20.69 51.63 -33.84
C ILE C 473 -19.26 51.13 -33.86
N PHE C 474 -18.96 50.28 -32.89
CA PHE C 474 -17.57 49.90 -32.61
C PHE C 474 -17.39 48.40 -32.46
N TYR C 475 -16.14 47.98 -32.61
CA TYR C 475 -15.78 46.61 -32.37
C TYR C 475 -14.71 46.62 -31.26
N ASP C 476 -14.94 45.86 -30.20
CA ASP C 476 -13.96 45.84 -29.11
C ASP C 476 -12.92 44.75 -29.38
N LEU C 477 -11.69 45.15 -29.66
CA LEU C 477 -10.66 44.16 -30.03
C LEU C 477 -10.30 43.22 -28.89
N LYS C 478 -10.57 43.63 -27.66
CA LYS C 478 -10.24 42.79 -26.52
C LYS C 478 -11.18 41.59 -26.43
N THR C 479 -12.46 41.81 -26.71
CA THR C 479 -13.50 40.82 -26.47
C THR C 479 -14.30 40.37 -27.71
N SER C 480 -14.04 41.01 -28.85
CA SER C 480 -14.74 40.74 -30.11
C SER C 480 -16.23 41.06 -30.06
N LYS C 481 -16.64 41.92 -29.13
CA LYS C 481 -18.04 42.39 -29.12
C LYS C 481 -18.25 43.59 -30.06
N ILE C 482 -19.49 43.75 -30.53
CA ILE C 482 -19.84 44.89 -31.38
C ILE C 482 -20.84 45.73 -30.60
N PHE C 483 -20.62 47.03 -30.50
CA PHE C 483 -21.52 47.86 -29.70
C PHE C 483 -21.90 49.19 -30.36
N PHE C 484 -23.07 49.70 -29.99
CA PHE C 484 -23.66 50.91 -30.55
C PHE C 484 -23.74 51.89 -29.38
N VAL C 485 -23.10 53.04 -29.52
CA VAL C 485 -23.08 54.02 -28.44
C VAL C 485 -24.19 55.03 -28.68
N GLN C 486 -25.29 54.87 -27.94
CA GLN C 486 -26.42 55.80 -28.03
C GLN C 486 -25.99 57.12 -27.42
N ASP C 487 -25.41 57.05 -26.23
CA ASP C 487 -24.67 58.15 -25.62
C ASP C 487 -23.69 57.59 -24.59
N ASN C 488 -22.98 58.46 -23.87
CA ASN C 488 -21.93 58.02 -22.97
C ASN C 488 -22.43 57.15 -21.82
N GLN C 489 -23.71 57.22 -21.50
CA GLN C 489 -24.28 56.36 -20.46
C GLN C 489 -25.19 55.25 -20.98
N ASN C 490 -25.25 55.08 -22.30
CA ASN C 490 -26.14 54.10 -22.91
C ASN C 490 -25.49 53.42 -24.10
N VAL C 491 -25.06 52.17 -23.91
CA VAL C 491 -24.32 51.42 -24.90
C VAL C 491 -24.97 50.05 -25.11
N PHE C 492 -25.17 49.67 -26.35
CA PHE C 492 -25.88 48.42 -26.63
C PHE C 492 -25.01 47.49 -27.44
N PHE C 493 -25.08 46.20 -27.11
CA PHE C 493 -24.23 45.19 -27.73
C PHE C 493 -25.02 44.27 -28.67
N LEU C 494 -24.43 43.97 -29.83
CA LEU C 494 -25.03 43.08 -30.83
C LEU C 494 -25.04 41.64 -30.31
N HIS C 495 -26.23 41.02 -30.29
CA HIS C 495 -26.40 39.71 -29.66
C HIS C 495 -27.05 38.70 -30.59
N ASN C 496 -26.38 37.56 -30.78
CA ASN C 496 -26.94 36.45 -31.54
C ASN C 496 -27.95 35.67 -30.73
N LYS C 497 -29.04 35.27 -31.38
CA LYS C 497 -30.06 34.44 -30.72
C LYS C 497 -30.15 33.04 -31.32
N LEU C 498 -29.78 32.91 -32.59
CA LEU C 498 -29.89 31.65 -33.32
C LEU C 498 -28.97 30.56 -32.76
N ASN C 499 -29.53 29.37 -32.59
CA ASN C 499 -28.74 28.19 -32.25
C ASN C 499 -29.34 26.94 -32.90
N LYS C 500 -28.74 25.78 -32.65
CA LYS C 500 -29.15 24.53 -33.31
C LYS C 500 -30.52 24.02 -32.85
N GLN C 501 -31.07 24.63 -31.80
CA GLN C 501 -32.37 24.21 -31.26
C GLN C 501 -33.46 25.24 -31.49
N THR C 502 -33.15 26.27 -32.29
CA THR C 502 -34.11 27.34 -32.54
C THR C 502 -35.37 26.83 -33.22
N GLY C 503 -35.20 25.86 -34.11
CA GLY C 503 -36.33 25.29 -34.83
C GLY C 503 -36.46 25.94 -36.19
N TYR C 504 -35.54 26.84 -36.48
CA TYR C 504 -35.50 27.51 -37.77
C TYR C 504 -34.05 27.70 -38.16
N SER C 505 -33.87 28.02 -39.44
CA SER C 505 -32.59 28.26 -40.05
C SER C 505 -31.98 29.60 -39.59
N TRP C 506 -32.83 30.45 -39.02
CA TRP C 506 -32.43 31.84 -38.76
C TRP C 506 -33.19 32.37 -37.55
N ASP C 507 -32.75 33.53 -37.05
CA ASP C 507 -33.45 34.25 -35.99
C ASP C 507 -33.00 35.71 -35.97
N TRP C 508 -33.85 36.60 -35.49
CA TRP C 508 -33.49 38.01 -35.37
C TRP C 508 -32.27 38.18 -34.47
N VAL C 509 -31.46 39.21 -34.71
CA VAL C 509 -30.46 39.61 -33.73
C VAL C 509 -31.06 40.71 -32.88
N GLU C 510 -30.37 41.10 -31.80
CA GLU C 510 -30.88 42.15 -30.95
C GLU C 510 -29.72 42.97 -30.36
N TRP C 511 -30.02 44.17 -29.90
CA TRP C 511 -29.04 45.05 -29.28
C TRP C 511 -29.37 45.19 -27.80
N LEU C 512 -28.44 44.79 -26.93
CA LEU C 512 -28.70 44.71 -25.50
C LEU C 512 -27.62 45.39 -24.70
N LYS C 513 -28.00 46.12 -23.64
CA LYS C 513 -27.02 46.57 -22.65
C LYS C 513 -26.33 45.35 -22.06
N HIS C 514 -25.05 45.49 -21.73
CA HIS C 514 -24.25 44.33 -21.36
C HIS C 514 -22.94 44.84 -20.76
N ASP C 515 -22.29 43.99 -19.96
CA ASP C 515 -20.99 44.34 -19.39
C ASP C 515 -19.85 44.36 -20.44
N MET C 516 -19.23 45.52 -20.63
CA MET C 516 -18.18 45.69 -21.63
C MET C 516 -17.02 44.71 -21.40
N ASN C 517 -16.77 44.39 -20.14
CA ASN C 517 -15.70 43.45 -19.77
C ASN C 517 -16.03 41.97 -19.96
N GLU C 518 -17.31 41.65 -20.11
CA GLU C 518 -17.70 40.25 -20.19
C GLU C 518 -17.06 39.58 -21.41
N ASP C 519 -16.45 38.42 -21.21
CA ASP C 519 -15.57 37.89 -22.24
C ASP C 519 -15.79 36.40 -22.53
N LYS C 520 -16.90 35.82 -22.07
CA LYS C 520 -17.12 34.38 -22.25
C LYS C 520 -18.23 34.01 -23.23
N ASP C 521 -19.34 34.74 -23.17
CA ASP C 521 -20.51 34.38 -23.96
C ASP C 521 -20.30 34.66 -25.44
N GLU C 522 -20.17 33.58 -26.21
CA GLU C 522 -19.87 33.69 -27.64
C GLU C 522 -21.02 34.25 -28.48
N ASN C 523 -22.23 34.28 -27.93
CA ASN C 523 -23.34 34.90 -28.67
C ASN C 523 -23.16 36.42 -28.80
N PHE C 524 -22.23 36.98 -28.04
CA PHE C 524 -21.90 38.41 -28.15
C PHE C 524 -20.60 38.65 -28.96
N LYS C 525 -19.99 37.58 -29.47
CA LYS C 525 -18.69 37.68 -30.15
C LYS C 525 -18.79 37.49 -31.66
N TRP C 526 -18.20 38.40 -32.43
CA TRP C 526 -18.34 38.42 -33.86
C TRP C 526 -16.98 38.57 -34.51
N TYR C 527 -16.86 38.08 -35.75
CA TYR C 527 -15.63 38.31 -36.51
C TYR C 527 -16.01 38.63 -37.96
N PHE C 528 -15.05 39.20 -38.69
CA PHE C 528 -15.27 39.68 -40.06
C PHE C 528 -14.61 38.70 -41.02
N SER C 529 -15.23 38.48 -42.19
CA SER C 529 -14.69 37.58 -43.22
C SER C 529 -14.67 38.25 -44.59
N ARG C 530 -13.57 38.07 -45.30
CA ARG C 530 -13.46 38.57 -46.66
C ARG C 530 -14.14 37.59 -47.62
N ASP C 531 -14.08 36.31 -47.28
CA ASP C 531 -14.65 35.28 -48.13
C ASP C 531 -14.33 35.55 -49.60
N ASP C 532 -15.32 35.47 -50.49
CA ASP C 532 -15.05 35.67 -51.91
C ASP C 532 -15.50 37.05 -52.40
N LEU C 533 -15.67 37.98 -51.47
CA LEU C 533 -16.08 39.34 -51.79
C LEU C 533 -15.08 40.10 -52.67
N THR C 534 -15.63 40.94 -53.54
CA THR C 534 -14.81 41.88 -54.29
C THR C 534 -14.49 43.08 -53.37
N ILE C 535 -13.21 43.29 -53.08
CA ILE C 535 -12.77 44.29 -52.10
C ILE C 535 -11.56 45.06 -52.64
N PRO C 536 -11.70 46.37 -52.83
CA PRO C 536 -12.93 47.16 -52.67
C PRO C 536 -13.98 46.72 -53.70
N SER C 537 -15.22 47.11 -53.49
CA SER C 537 -16.26 46.80 -54.46
C SER C 537 -16.05 47.58 -55.74
N VAL C 538 -16.90 47.27 -56.72
CA VAL C 538 -16.87 47.93 -58.01
C VAL C 538 -17.08 49.44 -57.86
N GLU C 539 -17.84 49.84 -56.85
CA GLU C 539 -18.07 51.27 -56.63
C GLU C 539 -17.23 51.82 -55.47
N GLY C 540 -16.17 51.09 -55.11
CA GLY C 540 -15.19 51.58 -54.15
C GLY C 540 -15.55 51.37 -52.68
N LEU C 541 -16.59 50.58 -52.41
CA LEU C 541 -17.05 50.37 -51.04
C LEU C 541 -16.33 49.21 -50.34
N ASN C 542 -16.30 49.26 -49.00
CA ASN C 542 -15.64 48.24 -48.19
C ASN C 542 -16.67 47.34 -47.52
N PHE C 543 -16.79 46.11 -47.99
CA PHE C 543 -17.78 45.16 -47.50
C PHE C 543 -17.11 43.98 -46.80
N ARG C 544 -17.78 43.43 -45.79
CA ARG C 544 -17.36 42.18 -45.17
C ARG C 544 -18.58 41.30 -44.89
N HIS C 545 -18.38 39.99 -44.78
CA HIS C 545 -19.36 39.16 -44.09
C HIS C 545 -19.06 39.20 -42.59
N ILE C 546 -20.10 39.09 -41.78
CA ILE C 546 -19.92 39.05 -40.32
C ILE C 546 -20.58 37.79 -39.75
N ARG C 547 -19.82 37.06 -38.93
CA ARG C 547 -20.30 35.82 -38.34
C ARG C 547 -20.07 35.79 -36.83
N CYS C 548 -20.90 35.03 -36.12
CA CYS C 548 -20.78 34.86 -34.68
C CYS C 548 -19.82 33.72 -34.34
N TYR C 549 -19.05 33.91 -33.27
CA TYR C 549 -18.11 32.88 -32.79
C TYR C 549 -18.82 31.59 -32.41
N ALA C 550 -20.00 31.72 -31.80
CA ALA C 550 -20.66 30.57 -31.17
C ALA C 550 -20.80 29.38 -32.12
N ASP C 551 -21.32 29.63 -33.32
CA ASP C 551 -21.54 28.53 -34.27
C ASP C 551 -21.53 29.03 -35.71
N ASN C 552 -20.83 30.14 -35.94
CA ASN C 552 -20.72 30.74 -37.28
C ASN C 552 -22.03 31.23 -37.88
N GLN C 553 -22.99 31.57 -37.03
CA GLN C 553 -24.22 32.20 -37.49
C GLN C 553 -23.84 33.47 -38.24
N GLN C 554 -24.42 33.68 -39.41
CA GLN C 554 -24.00 34.80 -40.26
C GLN C 554 -24.97 35.98 -40.23
N LEU C 555 -24.46 37.18 -40.02
CA LEU C 555 -25.29 38.37 -39.93
C LEU C 555 -25.73 38.82 -41.33
N LYS C 556 -27.03 39.07 -41.49
CA LYS C 556 -27.57 39.54 -42.76
C LYS C 556 -28.71 40.54 -42.54
N VAL C 557 -29.17 41.18 -43.62
CA VAL C 557 -30.28 42.12 -43.54
C VAL C 557 -31.29 41.83 -44.66
N ILE C 558 -32.57 41.84 -44.33
CA ILE C 558 -33.62 41.69 -45.35
C ILE C 558 -33.72 42.96 -46.18
N ILE C 559 -33.80 42.80 -47.50
CA ILE C 559 -33.73 43.95 -48.39
C ILE C 559 -35.08 44.65 -48.58
N SER C 560 -36.06 43.88 -49.02
CA SER C 560 -37.35 44.49 -49.34
C SER C 560 -38.52 43.74 -48.74
N GLY C 561 -39.67 44.40 -48.75
CA GLY C 561 -40.89 43.76 -48.31
C GLY C 561 -41.34 44.26 -46.95
N SER C 562 -42.23 43.47 -46.35
CA SER C 562 -42.82 43.79 -45.07
C SER C 562 -41.75 44.02 -44.01
N ARG C 563 -40.67 43.24 -44.10
CA ARG C 563 -39.66 43.25 -43.05
C ARG C 563 -38.34 43.78 -43.57
N TRP C 564 -38.41 44.66 -44.57
CA TRP C 564 -37.19 45.23 -45.13
C TRP C 564 -36.39 45.81 -43.98
N GLY C 565 -35.07 45.68 -44.04
CA GLY C 565 -34.21 46.33 -43.07
C GLY C 565 -34.01 45.57 -41.77
N GLY C 566 -34.68 44.42 -41.63
CA GLY C 566 -34.55 43.65 -40.40
C GLY C 566 -33.21 42.91 -40.35
N TRP C 567 -32.47 43.07 -39.26
CA TRP C 567 -31.18 42.40 -39.10
C TRP C 567 -31.39 41.05 -38.42
N TYR C 568 -30.72 40.04 -38.94
CA TYR C 568 -30.90 38.70 -38.39
C TYR C 568 -29.62 37.89 -38.59
N SER C 569 -29.57 36.71 -38.00
CA SER C 569 -28.47 35.81 -38.29
C SER C 569 -29.01 34.46 -38.77
N THR C 570 -28.19 33.74 -39.52
CA THR C 570 -28.67 32.53 -40.18
C THR C 570 -27.55 31.52 -40.43
N TYR C 571 -27.96 30.26 -40.58
CA TYR C 571 -27.05 29.19 -40.99
C TYR C 571 -27.05 29.00 -42.50
N ASP C 572 -28.01 29.63 -43.18
CA ASP C 572 -28.09 29.53 -44.65
C ASP C 572 -27.09 30.46 -45.32
N LYS C 573 -26.09 29.90 -45.99
CA LYS C 573 -25.07 30.71 -46.68
C LYS C 573 -25.66 31.49 -47.86
N VAL C 574 -26.70 30.94 -48.48
CA VAL C 574 -27.31 31.56 -49.66
C VAL C 574 -28.83 31.72 -49.54
N GLU C 575 -29.31 32.93 -49.86
CA GLU C 575 -30.74 33.21 -49.86
C GLU C 575 -31.07 34.36 -50.82
N SER C 576 -32.36 34.58 -51.05
CA SER C 576 -32.83 35.67 -51.93
C SER C 576 -33.48 36.80 -51.13
N ASN C 577 -33.50 38.00 -51.71
CA ASN C 577 -34.09 39.15 -51.03
C ASN C 577 -33.42 39.45 -49.70
N VAL C 578 -32.13 39.13 -49.60
CA VAL C 578 -31.36 39.49 -48.41
C VAL C 578 -29.98 40.00 -48.78
N GLU C 579 -29.42 40.83 -47.90
CA GLU C 579 -28.12 41.41 -48.13
C GLU C 579 -27.13 40.82 -47.14
N ASP C 580 -26.05 40.23 -47.64
CA ASP C 580 -25.03 39.58 -46.81
C ASP C 580 -23.79 40.47 -46.64
N LYS C 581 -23.69 41.49 -47.48
CA LYS C 581 -22.54 42.40 -47.45
C LYS C 581 -22.79 43.53 -46.47
N ILE C 582 -21.98 43.58 -45.42
CA ILE C 582 -22.07 44.65 -44.43
C ILE C 582 -20.97 45.67 -44.72
N LEU C 583 -21.32 46.95 -44.74
CA LEU C 583 -20.31 48.00 -44.88
C LEU C 583 -19.52 48.09 -43.57
N VAL C 584 -18.20 48.22 -43.68
CA VAL C 584 -17.33 48.42 -42.53
C VAL C 584 -16.35 49.51 -42.91
N LYS C 585 -16.12 50.45 -41.99
CA LYS C 585 -15.20 51.56 -42.23
C LYS C 585 -13.87 51.10 -42.82
N ASP C 586 -13.45 51.73 -43.91
CA ASP C 586 -12.20 51.35 -44.56
C ASP C 586 -11.03 51.52 -43.59
N GLY C 587 -10.18 50.49 -43.52
CA GLY C 587 -9.00 50.52 -42.68
C GLY C 587 -9.23 49.96 -41.29
N PHE C 588 -10.47 49.59 -40.97
CA PHE C 588 -10.80 49.10 -39.65
C PHE C 588 -9.95 47.90 -39.24
N ASP C 589 -9.50 47.12 -40.22
CA ASP C 589 -8.73 45.92 -39.89
C ASP C 589 -7.21 46.13 -39.93
N ARG C 590 -6.78 47.39 -39.94
CA ARG C 590 -5.36 47.73 -40.04
C ARG C 590 -4.82 48.48 -38.81
N PHE C 591 -5.69 48.92 -37.92
CA PHE C 591 -5.20 49.73 -36.80
C PHE C 591 -5.01 48.89 -35.55
N ASN D 5 -13.19 49.36 22.10
CA ASN D 5 -12.58 48.15 21.53
C ASN D 5 -11.05 48.23 21.45
N PRO D 6 -10.36 47.80 22.51
CA PRO D 6 -8.91 47.89 22.56
C PRO D 6 -8.27 46.84 21.65
N VAL D 7 -7.06 47.12 21.17
CA VAL D 7 -6.30 46.12 20.43
C VAL D 7 -5.50 45.27 21.42
N ARG D 8 -5.94 44.03 21.61
CA ARG D 8 -5.36 43.16 22.64
C ARG D 8 -4.26 42.26 22.08
N PHE D 9 -4.42 41.83 20.83
CA PHE D 9 -3.49 40.89 20.23
C PHE D 9 -3.13 41.30 18.82
N VAL D 10 -1.86 41.09 18.46
CA VAL D 10 -1.38 41.35 17.10
C VAL D 10 -0.72 40.06 16.59
N TYR D 11 -0.31 40.05 15.31
CA TYR D 11 0.14 38.81 14.68
C TYR D 11 1.41 39.03 13.87
N ARG D 12 2.26 38.00 13.81
CA ARG D 12 3.49 38.10 13.05
C ARG D 12 3.85 36.73 12.48
N VAL D 13 4.11 36.67 11.18
CA VAL D 13 4.60 35.45 10.56
C VAL D 13 6.13 35.48 10.56
N ASP D 14 6.74 34.45 11.15
CA ASP D 14 8.19 34.39 11.28
C ASP D 14 8.64 32.97 10.90
N LEU D 15 9.84 32.82 10.35
CA LEU D 15 10.30 31.49 9.97
C LEU D 15 10.90 30.71 11.14
N ARG D 16 11.28 31.44 12.19
CA ARG D 16 11.81 30.81 13.40
C ARG D 16 10.72 29.99 14.06
N SER D 17 11.11 28.83 14.58
CA SER D 17 10.17 27.88 15.15
C SER D 17 9.71 28.25 16.55
N PRO D 18 8.55 27.72 16.96
CA PRO D 18 8.02 28.09 18.27
C PRO D 18 8.93 27.65 19.41
N GLU D 19 9.75 26.61 19.20
CA GLU D 19 10.67 26.23 20.28
C GLU D 19 11.58 27.41 20.59
N GLU D 20 12.02 28.10 19.55
CA GLU D 20 12.88 29.26 19.71
C GLU D 20 12.10 30.49 20.18
N ILE D 21 11.00 30.81 19.50
CA ILE D 21 10.25 32.02 19.80
C ILE D 21 9.56 31.96 21.17
N PHE D 22 9.02 30.80 21.52
CA PHE D 22 8.32 30.63 22.79
C PHE D 22 9.22 30.88 24.00
N GLU D 23 10.51 30.68 23.81
CA GLU D 23 11.48 30.82 24.88
C GLU D 23 12.19 32.19 24.87
N HIS D 24 12.42 32.73 23.67
CA HIS D 24 13.25 33.93 23.53
C HIS D 24 12.51 35.17 23.03
N GLY D 25 11.25 35.02 22.65
CA GLY D 25 10.51 36.11 22.04
C GLY D 25 11.15 36.56 20.73
N PHE D 26 10.97 37.83 20.39
CA PHE D 26 11.51 38.38 19.16
C PHE D 26 12.56 39.44 19.45
N SER D 27 13.69 39.34 18.76
CA SER D 27 14.77 40.31 18.88
C SER D 27 14.70 41.34 17.77
N THR D 28 15.29 42.51 18.00
CA THR D 28 15.30 43.57 16.99
C THR D 28 16.43 43.34 15.99
N LEU D 29 16.32 43.99 14.83
CA LEU D 29 17.38 43.96 13.85
C LEU D 29 18.58 44.78 14.34
N GLY D 30 18.30 45.94 14.89
CA GLY D 30 19.36 46.86 15.31
C GLY D 30 18.88 47.80 16.39
N ASP D 31 19.52 48.97 16.45
CA ASP D 31 19.29 49.89 17.56
C ASP D 31 18.72 51.23 17.11
N VAL D 32 18.33 51.33 15.84
CA VAL D 32 17.89 52.60 15.27
C VAL D 32 16.39 52.83 15.48
N ARG D 33 16.03 53.97 16.07
CA ARG D 33 14.62 54.26 16.35
C ARG D 33 14.14 55.34 15.39
N ASN D 34 14.01 54.96 14.12
CA ASN D 34 13.65 55.91 13.07
C ASN D 34 12.35 55.48 12.36
N PHE D 35 11.28 56.23 12.54
CA PHE D 35 9.96 55.78 12.08
C PHE D 35 9.91 55.69 10.55
N PHE D 36 10.33 56.74 9.85
CA PHE D 36 10.25 56.75 8.38
C PHE D 36 11.13 55.68 7.76
N GLU D 37 12.34 55.49 8.30
CA GLU D 37 13.22 54.46 7.77
C GLU D 37 12.64 53.07 7.94
N HIS D 38 11.93 52.86 9.06
CA HIS D 38 11.23 51.59 9.29
C HIS D 38 10.08 51.34 8.29
N ILE D 39 9.30 52.38 8.02
CA ILE D 39 8.16 52.25 7.11
C ILE D 39 8.65 52.01 5.68
N LEU D 40 9.75 52.68 5.33
CA LEU D 40 10.26 52.68 3.99
C LEU D 40 11.38 51.67 3.77
N SER D 41 11.75 50.93 4.82
CA SER D 41 12.83 49.94 4.74
C SER D 41 14.14 50.53 4.20
N THR D 42 14.43 51.77 4.58
CA THR D 42 15.63 52.46 4.15
C THR D 42 16.86 51.78 4.73
N ASN D 43 17.81 51.44 3.87
CA ASN D 43 19.03 50.78 4.33
C ASN D 43 18.68 49.70 5.35
N PHE D 44 17.84 48.77 4.93
CA PHE D 44 17.20 47.82 5.82
C PHE D 44 18.20 47.00 6.66
N GLY D 45 17.86 46.78 7.92
CA GLY D 45 18.58 45.83 8.75
C GLY D 45 19.03 46.31 10.12
N ARG D 46 18.69 47.53 10.49
CA ARG D 46 19.18 48.08 11.75
C ARG D 46 18.07 48.68 12.64
N SER D 47 16.81 48.51 12.23
CA SER D 47 15.71 49.06 13.00
C SER D 47 15.56 48.46 14.39
N TYR D 48 15.16 49.30 15.35
CA TYR D 48 14.86 48.86 16.70
C TYR D 48 13.41 48.40 16.79
N PHE D 49 12.64 48.62 15.72
CA PHE D 49 11.21 48.32 15.75
C PHE D 49 10.93 46.95 15.16
N ILE D 50 9.99 46.23 15.76
CA ILE D 50 9.57 44.94 15.26
C ILE D 50 8.14 45.01 14.75
N SER D 51 7.95 44.53 13.53
CA SER D 51 6.66 44.66 12.88
C SER D 51 5.71 43.54 13.28
N THR D 52 4.45 43.92 13.50
CA THR D 52 3.37 42.95 13.71
C THR D 52 2.16 43.52 12.97
N SER D 53 1.08 42.74 12.85
CA SER D 53 -0.12 43.17 12.15
CA SER D 53 -0.12 43.18 12.15
C SER D 53 -1.38 42.99 13.00
N GLU D 54 -2.36 43.86 12.80
CA GLU D 54 -3.62 43.77 13.53
C GLU D 54 -4.42 42.50 13.22
N THR D 55 -4.26 41.94 12.03
CA THR D 55 -4.99 40.72 11.71
C THR D 55 -4.07 39.63 11.17
N PRO D 56 -4.48 38.36 11.33
CA PRO D 56 -3.70 37.27 10.75
C PRO D 56 -3.65 37.41 9.24
N THR D 57 -4.74 37.82 8.62
CA THR D 57 -4.76 37.96 7.16
C THR D 57 -3.69 38.91 6.66
N ALA D 58 -3.55 40.08 7.29
CA ALA D 58 -2.55 41.06 6.90
C ALA D 58 -1.12 40.59 7.19
N ALA D 59 -0.95 39.92 8.31
CA ALA D 59 0.37 39.40 8.67
C ALA D 59 0.88 38.38 7.64
N ILE D 60 -0.04 37.64 7.03
CA ILE D 60 0.37 36.53 6.18
CA ILE D 60 0.46 36.50 6.16
C ILE D 60 0.37 36.86 4.69
N ARG D 61 -0.13 38.03 4.32
CA ARG D 61 -0.20 38.36 2.88
C ARG D 61 1.14 38.21 2.13
N PHE D 62 2.22 38.73 2.70
CA PHE D 62 3.49 38.69 1.97
C PHE D 62 3.84 37.25 1.66
N PHE D 63 3.40 36.34 2.54
CA PHE D 63 3.79 34.94 2.48
C PHE D 63 3.17 34.24 1.26
N GLY D 64 2.13 34.86 0.70
CA GLY D 64 1.53 34.36 -0.52
C GLY D 64 2.11 34.89 -1.82
N SER D 65 3.32 35.46 -1.80
CA SER D 65 3.90 35.97 -3.06
C SER D 65 3.99 34.82 -4.07
N TRP D 66 3.73 35.14 -5.33
CA TRP D 66 3.71 34.12 -6.40
C TRP D 66 5.12 33.65 -6.78
N LEU D 67 5.25 32.38 -7.13
CA LEU D 67 6.57 31.83 -7.44
C LEU D 67 6.86 31.91 -8.93
N ARG D 68 8.14 31.95 -9.28
CA ARG D 68 8.55 31.80 -10.67
C ARG D 68 8.19 30.39 -11.14
N GLU D 69 7.65 30.27 -12.35
CA GLU D 69 7.21 28.97 -12.83
C GLU D 69 8.41 28.07 -13.10
N TYR D 70 8.27 26.80 -12.77
CA TYR D 70 9.25 25.79 -13.15
C TYR D 70 10.64 26.07 -12.60
N VAL D 71 10.71 26.80 -11.50
CA VAL D 71 11.98 27.02 -10.81
C VAL D 71 11.94 26.29 -9.47
N PRO D 72 12.70 25.18 -9.36
CA PRO D 72 12.64 24.28 -8.21
C PRO D 72 12.54 25.04 -6.90
N GLU D 73 11.62 24.62 -6.04
CA GLU D 73 11.45 25.28 -4.76
C GLU D 73 11.28 24.32 -3.59
N HIS D 74 11.92 24.62 -2.47
CA HIS D 74 11.70 23.91 -1.21
C HIS D 74 10.48 24.51 -0.53
N PRO D 75 9.62 23.66 0.05
CA PRO D 75 8.33 24.08 0.61
C PRO D 75 8.43 25.36 1.43
N ARG D 76 7.47 26.25 1.21
CA ARG D 76 7.41 27.49 1.96
C ARG D 76 6.60 27.24 3.23
N ARG D 77 7.29 27.27 4.37
CA ARG D 77 6.64 27.07 5.65
C ARG D 77 7.16 28.09 6.66
N ALA D 78 6.26 28.52 7.54
CA ALA D 78 6.62 29.48 8.58
C ALA D 78 5.62 29.35 9.71
N TYR D 79 5.66 30.26 10.67
CA TYR D 79 4.73 30.20 11.78
C TYR D 79 4.03 31.53 12.00
N LEU D 80 2.73 31.47 12.20
CA LEU D 80 1.93 32.62 12.58
C LEU D 80 1.90 32.68 14.10
N TYR D 81 2.41 33.79 14.68
CA TYR D 81 2.42 33.97 16.13
C TYR D 81 1.36 34.98 16.55
N GLU D 82 0.60 34.63 17.58
CA GLU D 82 -0.35 35.53 18.20
C GLU D 82 0.33 36.13 19.43
N ILE D 83 0.36 37.46 19.49
CA ILE D 83 1.18 38.20 20.44
C ILE D 83 0.32 39.19 21.24
N ARG D 84 0.37 39.09 22.57
CA ARG D 84 -0.36 40.03 23.41
C ARG D 84 0.25 41.41 23.25
N ALA D 85 -0.58 42.39 22.91
CA ALA D 85 -0.10 43.76 22.78
C ALA D 85 -0.08 44.52 24.11
N ASP D 86 0.91 45.40 24.25
CA ASP D 86 1.03 46.24 25.43
C ASP D 86 1.47 47.64 25.04
N GLN D 87 1.85 48.46 26.02
CA GLN D 87 2.08 49.88 25.77
C GLN D 87 3.28 50.18 24.87
N HIS D 88 4.10 49.18 24.53
CA HIS D 88 5.20 49.46 23.61
C HIS D 88 4.91 49.01 22.17
N PHE D 89 3.65 48.67 21.92
CA PHE D 89 3.11 48.44 20.56
C PHE D 89 2.37 49.68 20.06
N TYR D 90 2.75 50.18 18.88
CA TYR D 90 2.20 51.42 18.32
C TYR D 90 1.69 51.21 16.89
N ASN D 91 0.61 51.89 16.53
CA ASN D 91 0.07 51.78 15.18
C ASN D 91 0.80 52.68 14.17
N ALA D 92 1.30 52.08 13.08
CA ALA D 92 2.10 52.82 12.11
C ALA D 92 1.28 53.91 11.43
N ARG D 93 0.10 53.56 10.94
CA ARG D 93 -0.75 54.52 10.24
C ARG D 93 -1.15 55.71 11.14
N ALA D 94 -1.62 55.43 12.36
CA ALA D 94 -1.96 56.54 13.27
C ALA D 94 -0.74 57.40 13.61
N THR D 95 0.42 56.75 13.74
CA THR D 95 1.65 57.48 14.02
C THR D 95 1.97 58.41 12.85
N GLY D 96 1.80 57.89 11.65
CA GLY D 96 2.01 58.69 10.45
C GLY D 96 1.08 59.89 10.35
N GLU D 97 -0.18 59.70 10.72
CA GLU D 97 -1.16 60.78 10.66
C GLU D 97 -0.84 61.90 11.64
N ASN D 98 -0.33 61.54 12.80
CA ASN D 98 0.07 62.53 13.79
C ASN D 98 1.25 63.37 13.29
N LEU D 99 2.24 62.71 12.67
CA LEU D 99 3.35 63.44 12.08
C LEU D 99 2.90 64.36 10.95
N LEU D 100 1.95 63.90 10.13
CA LEU D 100 1.40 64.75 9.08
C LEU D 100 0.80 66.02 9.70
N ASP D 101 -0.03 65.82 10.70
CA ASP D 101 -0.65 66.91 11.46
C ASP D 101 0.40 67.93 11.93
N LEU D 102 1.42 67.43 12.63
CA LEU D 102 2.50 68.27 13.13
C LEU D 102 3.22 69.03 12.03
N MET D 103 3.45 68.37 10.91
CA MET D 103 4.13 69.03 9.79
C MET D 103 3.25 70.10 9.13
N ARG D 104 1.94 69.84 9.01
CA ARG D 104 1.05 70.85 8.44
C ARG D 104 0.91 72.05 9.37
N GLN D 105 0.92 71.79 10.67
CA GLN D 105 0.83 72.88 11.64
C GLN D 105 2.18 73.56 11.81
N ARG D 106 3.18 73.06 11.08
CA ARG D 106 4.55 73.58 11.15
C ARG D 106 5.14 73.52 12.58
N GLN D 107 4.98 72.37 13.22
CA GLN D 107 5.50 72.15 14.57
C GLN D 107 6.62 71.12 14.52
N VAL D 108 7.32 71.07 13.38
CA VAL D 108 8.39 70.10 13.17
C VAL D 108 9.69 70.78 12.76
N VAL D 109 10.81 70.25 13.25
CA VAL D 109 12.12 70.66 12.77
C VAL D 109 12.71 69.48 12.01
N PHE D 110 13.09 69.71 10.76
CA PHE D 110 13.69 68.65 9.94
C PHE D 110 15.20 68.60 10.09
N ASP D 111 15.69 67.64 10.87
CA ASP D 111 17.12 67.40 11.03
C ASP D 111 17.71 66.82 9.74
N SER D 112 16.84 66.37 8.86
CA SER D 112 17.24 65.80 7.58
C SER D 112 15.99 65.70 6.73
N GLY D 113 16.12 65.99 5.43
CA GLY D 113 14.97 65.98 4.54
C GLY D 113 14.07 67.19 4.72
N ASP D 114 12.86 67.12 4.17
CA ASP D 114 11.91 68.23 4.25
C ASP D 114 10.47 67.73 4.24
N ARG D 115 9.51 68.65 4.31
CA ARG D 115 8.12 68.22 4.43
C ARG D 115 7.63 67.53 3.15
N GLU D 116 8.07 68.02 1.99
CA GLU D 116 7.65 67.39 0.73
C GLU D 116 8.01 65.92 0.73
N MET D 117 9.25 65.61 1.13
CA MET D 117 9.70 64.22 1.18
C MET D 117 8.92 63.40 2.20
N ALA D 118 8.72 63.98 3.39
CA ALA D 118 7.96 63.32 4.42
C ALA D 118 6.53 63.00 3.96
N GLN D 119 5.92 63.91 3.22
CA GLN D 119 4.55 63.68 2.75
C GLN D 119 4.50 62.57 1.71
N MET D 120 5.60 62.39 0.97
CA MET D 120 5.71 61.25 0.07
C MET D 120 5.79 59.94 0.85
N GLY D 121 6.49 59.97 1.98
CA GLY D 121 6.57 58.80 2.84
C GLY D 121 5.21 58.47 3.43
N ILE D 122 4.48 59.50 3.85
CA ILE D 122 3.16 59.31 4.42
C ILE D 122 2.18 58.82 3.36
N ARG D 123 2.28 59.35 2.14
CA ARG D 123 1.44 58.83 1.06
C ARG D 123 1.66 57.33 0.83
N ALA D 124 2.91 56.89 0.82
CA ALA D 124 3.20 55.45 0.74
C ALA D 124 2.59 54.65 1.90
N LEU D 125 2.74 55.16 3.12
CA LEU D 125 2.15 54.51 4.28
C LEU D 125 0.62 54.40 4.16
N ARG D 126 0.01 55.45 3.62
CA ARG D 126 -1.44 55.55 3.55
C ARG D 126 -2.04 54.64 2.50
N THR D 127 -1.29 54.41 1.45
CA THR D 127 -1.82 53.68 0.32
C THR D 127 -1.07 52.34 0.20
N SER D 128 0.11 52.36 -0.40
CA SER D 128 0.88 51.14 -0.65
C SER D 128 1.09 50.18 0.54
N PHE D 129 1.42 50.71 1.71
CA PHE D 129 1.73 49.86 2.87
C PHE D 129 0.57 49.66 3.87
N ALA D 130 -0.54 50.37 3.65
CA ALA D 130 -1.57 50.46 4.70
C ALA D 130 -2.24 49.12 5.03
N TYR D 131 -2.40 48.27 4.00
CA TYR D 131 -3.06 46.97 4.16
C TYR D 131 -2.33 46.09 5.18
N GLN D 132 -1.06 46.39 5.43
CA GLN D 132 -0.29 45.60 6.39
C GLN D 132 -0.83 45.75 7.82
N ARG D 133 -1.61 46.79 8.05
CA ARG D 133 -2.21 47.04 9.36
C ARG D 133 -1.15 46.94 10.46
N GLU D 134 -0.03 47.61 10.21
CA GLU D 134 1.15 47.41 11.05
C GLU D 134 1.03 48.05 12.43
N TRP D 135 1.33 47.24 13.44
CA TRP D 135 1.63 47.72 14.77
C TRP D 135 3.09 47.39 14.98
N PHE D 136 3.91 48.38 15.28
CA PHE D 136 5.31 48.08 15.52
C PHE D 136 5.64 48.21 16.99
N THR D 137 6.61 47.44 17.45
CA THR D 137 7.04 47.55 18.84
C THR D 137 8.27 48.42 18.94
N ASP D 138 8.33 49.20 20.01
CA ASP D 138 9.49 50.03 20.27
C ASP D 138 10.47 49.15 21.04
N GLY D 139 11.23 48.31 20.33
CA GLY D 139 12.16 47.38 20.96
C GLY D 139 11.69 45.92 20.98
N PRO D 140 12.47 45.04 21.63
CA PRO D 140 12.23 43.60 21.62
C PRO D 140 10.85 43.21 22.17
N ILE D 141 10.36 42.05 21.76
CA ILE D 141 9.13 41.46 22.28
C ILE D 141 9.48 40.26 23.17
N ALA D 142 9.04 40.29 24.42
CA ALA D 142 9.35 39.21 25.36
C ALA D 142 8.58 37.94 25.05
N ALA D 143 9.21 36.80 25.31
CA ALA D 143 8.52 35.51 25.18
C ALA D 143 7.19 35.52 25.93
N ALA D 144 7.13 36.26 27.04
CA ALA D 144 5.91 36.30 27.85
C ALA D 144 4.72 36.87 27.09
N ASN D 145 5.00 37.64 26.04
CA ASN D 145 3.93 38.20 25.23
C ASN D 145 3.43 37.22 24.18
N VAL D 146 4.25 36.23 23.83
CA VAL D 146 3.86 35.35 22.73
C VAL D 146 2.89 34.32 23.25
N ARG D 147 1.65 34.38 22.77
CA ARG D 147 0.60 33.48 23.28
C ARG D 147 0.56 32.12 22.60
N SER D 148 0.43 32.10 21.26
CA SER D 148 0.28 30.85 20.53
C SER D 148 0.94 30.93 19.15
N ALA D 149 0.96 29.80 18.45
CA ALA D 149 1.44 29.78 17.06
C ALA D 149 0.70 28.73 16.24
N TRP D 150 0.68 28.94 14.91
CA TRP D 150 0.17 27.93 13.99
C TRP D 150 1.20 27.78 12.89
N LEU D 151 1.37 26.55 12.40
CA LEU D 151 2.19 26.35 11.22
C LEU D 151 1.42 26.91 10.02
N VAL D 152 2.08 27.75 9.25
CA VAL D 152 1.46 28.25 8.02
C VAL D 152 2.21 27.75 6.81
N ASP D 153 1.48 27.47 5.73
CA ASP D 153 2.16 27.10 4.50
C ASP D 153 1.54 27.81 3.29
N ALA D 154 2.32 27.88 2.23
CA ALA D 154 1.86 28.48 0.98
C ALA D 154 1.57 27.35 -0.02
N VAL D 155 0.50 27.50 -0.78
CA VAL D 155 0.13 26.46 -1.74
C VAL D 155 -0.34 27.08 -3.07
N PRO D 156 0.03 26.46 -4.20
CA PRO D 156 -0.47 26.96 -5.49
C PRO D 156 -1.97 26.72 -5.61
N VAL D 157 -2.67 27.63 -6.28
CA VAL D 157 -4.10 27.45 -6.52
C VAL D 157 -4.25 26.56 -7.75
N GLU D 158 -5.13 25.57 -7.66
CA GLU D 158 -5.32 24.61 -8.76
C GLU D 158 -3.98 24.11 -9.32
N PRO D 159 -3.17 23.47 -8.46
CA PRO D 159 -1.79 23.03 -8.76
C PRO D 159 -1.67 22.35 -10.12
N GLY D 160 -0.73 22.82 -10.94
CA GLY D 160 -0.41 22.16 -12.20
C GLY D 160 -1.38 22.43 -13.34
N HIS D 161 -2.54 23.01 -13.03
CA HIS D 161 -3.55 23.26 -14.05
C HIS D 161 -3.80 24.74 -14.34
N ALA D 162 -3.68 25.58 -13.32
CA ALA D 162 -3.90 27.02 -13.50
C ALA D 162 -2.83 27.62 -14.39
N HIS D 163 -3.24 28.51 -15.31
CA HIS D 163 -2.22 29.22 -16.09
C HIS D 163 -1.44 30.16 -15.16
N HIS D 164 -0.24 30.51 -15.60
CA HIS D 164 0.69 31.30 -14.82
C HIS D 164 0.73 32.73 -15.33
N PRO D 165 0.00 33.64 -14.68
CA PRO D 165 -0.04 35.01 -15.21
C PRO D 165 1.36 35.63 -15.26
N ALA D 166 1.72 36.17 -16.42
CA ALA D 166 3.06 36.73 -16.61
C ALA D 166 4.18 35.78 -16.22
N GLY D 167 3.90 34.48 -16.24
CA GLY D 167 4.91 33.49 -15.93
C GLY D 167 5.11 33.26 -14.43
N ARG D 168 4.17 33.74 -13.63
CA ARG D 168 4.24 33.52 -12.17
C ARG D 168 3.11 32.59 -11.78
N VAL D 169 3.32 31.84 -10.70
CA VAL D 169 2.40 30.80 -10.29
C VAL D 169 1.53 31.32 -9.16
N VAL D 170 0.22 31.38 -9.41
CA VAL D 170 -0.72 31.82 -8.40
C VAL D 170 -0.63 30.98 -7.14
N GLU D 171 -0.49 31.66 -6.02
CA GLU D 171 -0.25 31.01 -4.73
C GLU D 171 -1.22 31.58 -3.70
N THR D 172 -1.64 30.75 -2.77
CA THR D 172 -2.39 31.24 -1.62
C THR D 172 -1.74 30.65 -0.37
N THR D 173 -2.35 30.86 0.79
CA THR D 173 -1.77 30.40 2.05
C THR D 173 -2.78 29.65 2.89
N ARG D 174 -2.29 28.88 3.86
CA ARG D 174 -3.15 28.17 4.80
C ARG D 174 -2.62 28.29 6.22
N ILE D 175 -3.54 28.43 7.16
CA ILE D 175 -3.20 28.33 8.58
C ILE D 175 -3.60 26.93 9.03
N ASN D 176 -2.61 26.15 9.43
CA ASN D 176 -2.85 24.76 9.75
C ASN D 176 -3.06 24.51 11.24
N GLU D 177 -4.02 23.66 11.57
CA GLU D 177 -4.17 23.16 12.93
C GLU D 177 -2.98 22.27 13.26
N PRO D 178 -2.67 22.10 14.54
CA PRO D 178 -3.38 22.68 15.69
C PRO D 178 -2.69 23.93 16.23
N GLU D 179 -3.45 24.70 17.01
CA GLU D 179 -2.87 25.80 17.76
C GLU D 179 -1.83 25.29 18.77
N MET D 180 -0.62 25.86 18.70
CA MET D 180 0.43 25.53 19.65
C MET D 180 0.55 26.62 20.71
N HIS D 181 0.31 26.24 21.98
CA HIS D 181 0.31 27.19 23.10
C HIS D 181 1.67 27.36 23.75
N ASN D 182 2.02 28.59 24.07
CA ASN D 182 3.28 28.90 24.73
C ASN D 182 3.16 28.75 26.24
N PRO D 183 3.85 27.75 26.81
CA PRO D 183 3.80 27.58 28.28
C PRO D 183 4.42 28.77 29.01
N HIS D 184 5.25 29.54 28.33
CA HIS D 184 5.87 30.71 28.94
C HIS D 184 5.03 31.98 28.81
N TYR D 185 3.86 31.86 28.20
CA TYR D 185 2.98 33.00 28.02
C TYR D 185 2.48 33.51 29.37
N GLN D 186 2.46 34.83 29.55
CA GLN D 186 1.82 35.41 30.73
C GLN D 186 0.58 36.20 30.31
N GLU D 187 -0.56 35.82 30.87
CA GLU D 187 -1.79 36.57 30.67
C GLU D 187 -1.72 37.79 31.57
N LEU D 188 -1.52 38.97 30.99
CA LEU D 188 -1.12 40.13 31.78
C LEU D 188 -2.10 41.29 31.80
N GLN D 189 -3.18 41.21 31.04
CA GLN D 189 -4.14 42.31 31.03
C GLN D 189 -3.52 43.63 30.52
N THR D 190 -3.07 43.60 29.27
CA THR D 190 -2.54 44.80 28.63
C THR D 190 -3.27 45.04 27.31
N GLN D 191 -2.94 46.15 26.66
CA GLN D 191 -3.49 46.46 25.34
C GLN D 191 -2.49 47.33 24.62
N ALA D 192 -2.57 47.34 23.29
CA ALA D 192 -1.67 48.16 22.47
C ALA D 192 -1.81 49.62 22.87
N ASN D 193 -0.75 50.39 22.69
CA ASN D 193 -0.80 51.80 22.99
C ASN D 193 -1.76 52.51 22.02
N ASP D 194 -2.66 53.33 22.55
CA ASP D 194 -3.61 54.03 21.69
C ASP D 194 -3.11 55.40 21.23
N GLN D 195 -1.88 55.73 21.62
CA GLN D 195 -1.26 57.00 21.26
C GLN D 195 -0.36 56.83 20.05
N PRO D 196 -0.16 57.90 19.27
CA PRO D 196 0.79 57.89 18.16
C PRO D 196 2.20 57.85 18.72
N TRP D 197 3.12 57.20 18.04
CA TRP D 197 4.49 57.09 18.52
C TRP D 197 5.27 58.38 18.29
N LEU D 198 6.07 58.77 19.28
CA LEU D 198 7.11 59.80 19.12
C LEU D 198 8.37 59.30 19.83
N PRO D 199 9.54 59.81 19.44
CA PRO D 199 10.84 59.32 19.92
C PRO D 199 11.09 59.61 21.40
N THR D 200 10.50 60.68 21.91
CA THR D 200 10.81 61.12 23.27
C THR D 200 9.54 61.29 24.08
N PRO D 201 9.65 61.36 25.39
CA PRO D 201 8.47 61.49 26.26
C PRO D 201 7.98 62.93 26.37
N GLY D 202 6.80 63.09 26.96
CA GLY D 202 6.21 64.39 27.20
C GLY D 202 5.63 65.05 25.97
N ILE D 203 5.14 66.27 26.15
CA ILE D 203 4.69 67.08 25.03
C ILE D 203 5.62 68.26 24.91
N ALA D 204 6.17 68.43 23.71
CA ALA D 204 7.07 69.53 23.44
C ALA D 204 7.19 69.66 21.93
N THR D 205 6.71 70.78 21.41
CA THR D 205 6.92 71.13 20.03
C THR D 205 8.07 72.11 20.07
N PRO D 206 8.89 72.16 19.03
CA PRO D 206 8.71 71.37 17.80
C PRO D 206 9.25 69.96 17.98
N VAL D 207 8.71 69.03 17.18
CA VAL D 207 9.19 67.67 17.12
C VAL D 207 10.28 67.58 16.05
N HIS D 208 11.33 66.81 16.34
CA HIS D 208 12.46 66.61 15.43
C HIS D 208 12.30 65.36 14.57
N LEU D 209 12.52 65.51 13.27
CA LEU D 209 12.37 64.42 12.33
C LEU D 209 13.55 64.34 11.35
N SER D 210 13.98 63.12 11.04
CA SER D 210 14.89 62.90 9.94
C SER D 210 14.15 62.10 8.85
N ILE D 211 14.11 62.65 7.65
CA ILE D 211 13.43 62.00 6.53
C ILE D 211 14.48 61.44 5.59
N PRO D 212 14.42 60.13 5.33
CA PRO D 212 15.34 59.46 4.41
C PRO D 212 15.13 59.84 2.94
N GLN D 213 16.18 59.68 2.13
CA GLN D 213 16.10 59.98 0.70
C GLN D 213 15.63 58.80 -0.15
N ALA D 214 15.71 57.59 0.40
CA ALA D 214 15.46 56.38 -0.39
C ALA D 214 14.64 55.36 0.38
N ALA D 215 14.09 54.40 -0.35
CA ALA D 215 13.20 53.42 0.20
C ALA D 215 13.46 52.08 -0.47
N SER D 216 13.12 50.99 0.22
CA SER D 216 13.14 49.65 -0.37
C SER D 216 11.77 49.02 -0.23
N VAL D 217 11.38 48.26 -1.27
CA VAL D 217 10.03 47.72 -1.36
C VAL D 217 10.10 46.28 -1.86
N ALA D 218 9.44 45.37 -1.14
CA ALA D 218 9.30 43.98 -1.58
C ALA D 218 8.05 43.85 -2.46
N ASP D 219 8.21 43.29 -3.65
CA ASP D 219 7.08 43.11 -4.56
C ASP D 219 6.45 41.76 -4.20
N VAL D 220 5.23 41.76 -3.65
CA VAL D 220 4.60 40.50 -3.21
C VAL D 220 3.41 40.09 -4.09
N SER D 221 3.51 40.45 -5.38
CA SER D 221 2.60 39.98 -6.42
C SER D 221 1.33 40.83 -6.57
N GLU D 222 0.79 40.83 -7.78
CA GLU D 222 -0.42 41.57 -8.12
C GLU D 222 -0.33 43.04 -7.77
N GLY D 223 0.86 43.60 -7.94
CA GLY D 223 1.08 45.03 -7.78
C GLY D 223 1.31 45.42 -6.32
N THR D 224 1.19 44.45 -5.43
CA THR D 224 1.28 44.71 -3.99
C THR D 224 2.70 44.96 -3.48
N SER D 225 2.85 46.01 -2.65
CA SER D 225 4.10 46.37 -2.00
C SER D 225 4.12 45.87 -0.55
N ALA D 226 5.27 45.41 -0.08
CA ALA D 226 5.45 45.04 1.32
C ALA D 226 6.73 45.65 1.86
N SER D 227 6.73 46.03 3.13
CA SER D 227 7.98 46.49 3.71
C SER D 227 8.87 45.26 3.94
N LEU D 228 10.17 45.46 3.96
CA LEU D 228 11.07 44.35 4.21
C LEU D 228 10.92 43.80 5.64
N SER D 229 10.41 44.62 6.56
CA SER D 229 10.17 44.10 7.91
C SER D 229 9.15 42.98 7.88
N PHE D 230 8.22 43.03 6.93
CA PHE D 230 7.27 41.94 6.74
C PHE D 230 7.83 40.80 5.88
N ALA D 231 8.44 41.16 4.75
CA ALA D 231 8.79 40.17 3.73
C ALA D 231 10.07 39.40 4.06
N CYS D 232 10.87 39.98 4.96
CA CYS D 232 12.16 39.39 5.33
C CYS D 232 12.23 39.27 6.85
N PRO D 233 11.34 38.47 7.45
CA PRO D 233 11.20 38.51 8.91
C PRO D 233 12.43 38.02 9.69
N ASP D 234 13.36 37.36 9.01
CA ASP D 234 14.52 36.78 9.70
C ASP D 234 15.83 37.19 9.05
N TRP D 235 15.81 38.37 8.44
CA TRP D 235 16.98 39.03 7.87
C TRP D 235 18.20 38.93 8.76
N SER D 236 19.34 38.61 8.16
CA SER D 236 20.58 38.50 8.90
C SER D 236 21.67 39.24 8.16
N PRO D 237 22.57 39.91 8.91
CA PRO D 237 23.67 40.66 8.30
C PRO D 237 24.53 39.76 7.40
N PRO D 238 25.01 40.29 6.27
CA PRO D 238 25.88 39.54 5.36
C PRO D 238 27.14 39.06 6.08
N ASN D 244 24.10 36.78 1.00
CA ASN D 244 23.18 37.89 0.76
C ASN D 244 21.83 37.66 1.43
N PRO D 245 21.47 38.52 2.40
CA PRO D 245 20.25 38.39 3.20
C PRO D 245 18.99 38.38 2.33
N LEU D 246 19.03 39.15 1.24
CA LEU D 246 17.87 39.33 0.35
C LEU D 246 17.34 38.04 -0.25
N ASP D 247 18.23 37.06 -0.42
CA ASP D 247 17.84 35.75 -0.94
C ASP D 247 16.85 35.05 -0.03
N LYS D 248 16.88 35.41 1.25
CA LYS D 248 16.02 34.77 2.25
C LYS D 248 14.64 35.44 2.36
N CYS D 249 14.46 36.59 1.71
CA CYS D 249 13.18 37.30 1.73
C CYS D 249 12.13 36.50 0.96
N ILE D 250 10.86 36.67 1.34
CA ILE D 250 9.76 36.05 0.60
C ILE D 250 9.01 37.11 -0.22
N ALA D 251 9.26 37.13 -1.53
CA ALA D 251 8.76 38.18 -2.40
C ALA D 251 9.19 37.86 -3.82
N GLU D 252 8.48 38.42 -4.81
CA GLU D 252 8.92 38.25 -6.19
C GLU D 252 10.28 38.92 -6.41
N LYS D 253 10.46 40.09 -5.81
CA LYS D 253 11.67 40.87 -6.02
C LYS D 253 11.72 41.98 -4.97
N ILE D 254 12.92 42.51 -4.72
CA ILE D 254 13.07 43.74 -3.96
C ILE D 254 13.56 44.88 -4.84
N ASP D 255 12.87 46.01 -4.79
CA ASP D 255 13.25 47.20 -5.53
C ASP D 255 13.69 48.32 -4.59
N ASN D 256 14.65 49.13 -5.03
CA ASN D 256 15.06 50.32 -4.28
C ASN D 256 14.73 51.57 -5.07
N TYR D 257 14.15 52.57 -4.40
CA TYR D 257 13.82 53.81 -5.09
C TYR D 257 14.21 55.01 -4.26
N ASN D 258 14.60 56.10 -4.94
CA ASN D 258 14.59 57.40 -4.28
C ASN D 258 13.13 57.72 -3.99
N LEU D 259 12.89 58.43 -2.90
CA LEU D 259 11.53 58.70 -2.46
C LEU D 259 10.63 59.28 -3.55
N GLN D 260 11.15 60.20 -4.35
CA GLN D 260 10.34 60.86 -5.36
C GLN D 260 10.08 59.92 -6.54
N SER D 261 10.71 58.75 -6.53
CA SER D 261 10.56 57.78 -7.62
C SER D 261 9.68 56.58 -7.22
N LEU D 262 9.24 56.56 -5.97
CA LEU D 262 8.48 55.43 -5.42
C LEU D 262 7.15 55.23 -6.17
N PRO D 263 6.96 54.07 -6.81
CA PRO D 263 5.69 53.86 -7.53
C PRO D 263 4.55 53.38 -6.63
N GLN D 264 3.32 53.67 -7.03
CA GLN D 264 2.14 53.22 -6.29
C GLN D 264 2.04 51.71 -6.34
N TYR D 265 2.40 51.14 -7.49
CA TYR D 265 2.30 49.69 -7.75
C TYR D 265 3.65 49.07 -8.08
N ALA D 266 3.81 47.79 -7.74
CA ALA D 266 5.01 47.06 -8.10
C ALA D 266 4.86 46.48 -9.51
N SER D 267 5.97 46.04 -10.09
CA SER D 267 6.00 45.48 -11.44
C SER D 267 4.95 44.40 -11.66
N SER D 268 4.66 43.66 -10.60
CA SER D 268 3.79 42.49 -10.69
C SER D 268 2.35 42.86 -10.97
N VAL D 269 2.07 44.16 -11.01
CA VAL D 269 0.74 44.62 -11.41
C VAL D 269 0.42 44.12 -12.82
N LYS D 270 1.44 43.72 -13.57
CA LYS D 270 1.21 43.16 -14.91
C LYS D 270 0.53 41.79 -14.87
N GLU D 271 0.47 41.18 -13.69
CA GLU D 271 -0.18 39.87 -13.51
C GLU D 271 -1.71 39.96 -13.53
N LEU D 272 -2.24 41.16 -13.33
CA LEU D 272 -3.68 41.29 -13.13
C LEU D 272 -4.48 40.97 -14.38
N GLU D 273 -5.55 40.19 -14.22
CA GLU D 273 -6.45 39.82 -15.30
C GLU D 273 -7.88 39.98 -14.78
N ASP D 274 -8.82 40.29 -15.66
CA ASP D 274 -10.23 40.40 -15.28
C ASP D 274 -10.82 39.03 -15.03
N THR D 275 -11.52 38.86 -13.92
CA THR D 275 -12.12 37.56 -13.62
C THR D 275 -13.57 37.64 -13.14
N PRO D 276 -14.46 36.90 -13.81
CA PRO D 276 -15.80 36.67 -13.26
C PRO D 276 -15.67 35.70 -12.07
N VAL D 277 -16.75 35.55 -11.31
CA VAL D 277 -16.72 34.70 -10.12
C VAL D 277 -17.87 33.70 -10.21
N TYR D 278 -17.49 32.42 -10.11
CA TYR D 278 -18.44 31.31 -10.16
C TYR D 278 -18.48 30.61 -8.81
N LEU D 279 -19.70 30.34 -8.36
CA LEU D 279 -19.92 29.68 -7.07
C LEU D 279 -20.79 28.44 -7.27
N ARG D 280 -20.55 27.43 -6.45
CA ARG D 280 -21.32 26.20 -6.53
C ARG D 280 -21.93 25.80 -5.18
N GLY D 281 -23.19 25.41 -5.21
CA GLY D 281 -23.87 24.94 -4.01
C GLY D 281 -23.39 23.56 -3.62
N ILE D 282 -23.11 23.40 -2.32
CA ILE D 282 -22.56 22.14 -1.81
C ILE D 282 -23.43 20.92 -2.15
N LYS D 283 -24.70 20.95 -1.78
CA LYS D 283 -25.60 19.81 -1.99
C LYS D 283 -26.07 19.70 -3.43
N THR D 284 -26.81 20.71 -3.87
CA THR D 284 -27.42 20.71 -5.20
C THR D 284 -26.40 20.62 -6.33
N GLN D 285 -25.17 21.04 -6.06
CA GLN D 285 -24.14 21.17 -7.11
C GLN D 285 -24.54 22.16 -8.23
N LYS D 286 -25.47 23.06 -7.93
CA LYS D 286 -25.81 24.08 -8.91
C LYS D 286 -24.75 25.18 -8.95
N THR D 287 -24.44 25.65 -10.15
CA THR D 287 -23.37 26.63 -10.35
C THR D 287 -23.97 27.98 -10.71
N PHE D 288 -23.38 29.04 -10.13
CA PHE D 288 -23.88 30.40 -10.29
C PHE D 288 -22.76 31.36 -10.65
N MET D 289 -23.11 32.41 -11.38
CA MET D 289 -22.20 33.54 -11.61
C MET D 289 -22.59 34.67 -10.67
N LEU D 290 -21.59 35.22 -9.98
CA LEU D 290 -21.82 36.41 -9.17
C LEU D 290 -21.98 37.64 -10.08
N GLN D 291 -23.00 38.44 -9.82
CA GLN D 291 -23.18 39.67 -10.60
C GLN D 291 -23.67 40.76 -9.66
N ALA D 292 -23.57 42.01 -10.10
CA ALA D 292 -23.96 43.14 -9.26
C ALA D 292 -24.36 44.33 -10.11
N ASP D 293 -25.19 45.21 -9.56
CA ASP D 293 -25.72 46.32 -10.36
C ASP D 293 -25.49 47.64 -9.66
N PRO D 294 -24.61 48.48 -10.21
CA PRO D 294 -24.31 49.74 -9.52
C PRO D 294 -25.51 50.70 -9.50
N GLN D 295 -26.53 50.43 -10.30
CA GLN D 295 -27.70 51.32 -10.34
C GLN D 295 -28.57 51.20 -9.09
N ASN D 296 -28.64 49.99 -8.52
CA ASN D 296 -29.44 49.77 -7.32
C ASN D 296 -28.63 49.11 -6.19
N ASN D 297 -27.34 48.89 -6.45
CA ASN D 297 -26.44 48.29 -5.46
C ASN D 297 -26.72 46.84 -5.12
N ASN D 298 -27.57 46.21 -5.93
CA ASN D 298 -27.92 44.81 -5.76
C ASN D 298 -26.77 43.90 -6.11
N VAL D 299 -26.60 42.85 -5.30
CA VAL D 299 -25.67 41.76 -5.59
C VAL D 299 -26.50 40.48 -5.71
N PHE D 300 -26.27 39.68 -6.74
CA PHE D 300 -27.11 38.51 -6.95
C PHE D 300 -26.42 37.41 -7.70
N LEU D 301 -27.13 36.29 -7.82
CA LEU D 301 -26.59 35.09 -8.43
C LEU D 301 -27.41 34.70 -9.62
N VAL D 302 -26.73 34.34 -10.70
CA VAL D 302 -27.40 33.90 -11.89
C VAL D 302 -26.93 32.50 -12.22
N GLU D 303 -27.86 31.59 -12.45
CA GLU D 303 -27.51 30.18 -12.64
C GLU D 303 -26.90 29.93 -14.01
N VAL D 304 -25.87 29.10 -14.05
CA VAL D 304 -25.15 28.85 -15.29
C VAL D 304 -25.94 27.95 -16.26
N ASN D 305 -26.49 26.86 -15.75
CA ASN D 305 -27.20 25.90 -16.60
C ASN D 305 -26.28 25.23 -17.61
N SER D 308 -33.14 49.32 -18.19
CA SER D 308 -32.35 50.53 -18.30
C SER D 308 -30.98 50.41 -17.62
N SER D 309 -30.74 49.32 -16.90
CA SER D 309 -29.42 49.06 -16.33
C SER D 309 -28.90 47.72 -16.80
N PHE D 310 -27.74 47.32 -16.30
CA PHE D 310 -27.18 46.03 -16.70
C PHE D 310 -26.28 45.47 -15.61
N PRO D 311 -26.24 44.13 -15.50
CA PRO D 311 -25.41 43.45 -14.49
C PRO D 311 -23.94 43.55 -14.84
N GLN D 312 -23.08 43.78 -13.84
CA GLN D 312 -21.65 43.75 -14.06
C GLN D 312 -21.07 42.50 -13.42
N THR D 313 -19.98 42.00 -13.99
CA THR D 313 -19.60 40.62 -13.77
C THR D 313 -18.15 40.40 -13.34
N ILE D 314 -17.34 41.45 -13.39
CA ILE D 314 -15.92 41.29 -13.08
C ILE D 314 -15.64 41.83 -11.69
N PHE D 315 -15.10 40.98 -10.82
CA PHE D 315 -14.77 41.35 -9.45
C PHE D 315 -13.31 41.07 -9.12
N PHE D 316 -12.77 41.73 -8.11
CA PHE D 316 -11.47 41.33 -7.58
C PHE D 316 -11.46 41.40 -6.05
N TRP D 317 -10.54 40.65 -5.45
CA TRP D 317 -10.40 40.62 -4.00
C TRP D 317 -9.09 41.34 -3.69
N ASP D 318 -9.13 42.37 -2.85
CA ASP D 318 -7.94 43.22 -2.66
C ASP D 318 -7.31 43.05 -1.29
N VAL D 319 -6.20 43.74 -1.04
CA VAL D 319 -5.44 43.55 0.20
C VAL D 319 -6.13 44.05 1.48
N TYR D 320 -7.19 44.84 1.32
CA TYR D 320 -8.06 45.20 2.44
C TYR D 320 -9.12 44.12 2.67
N GLN D 321 -9.04 43.04 1.90
CA GLN D 321 -9.98 41.91 1.98
C GLN D 321 -11.33 42.20 1.34
N ARG D 322 -11.39 43.25 0.53
CA ARG D 322 -12.64 43.67 -0.08
C ARG D 322 -12.84 42.95 -1.40
N ILE D 323 -14.08 42.62 -1.72
CA ILE D 323 -14.42 42.13 -3.06
C ILE D 323 -15.07 43.28 -3.82
N CYS D 324 -14.36 43.80 -4.82
CA CYS D 324 -14.80 45.01 -5.51
C CYS D 324 -15.22 44.72 -6.94
N LEU D 325 -16.24 45.45 -7.41
CA LEU D 325 -16.57 45.49 -8.83
C LEU D 325 -15.45 46.22 -9.56
N LYS D 326 -15.10 45.74 -10.75
CA LYS D 326 -13.99 46.33 -11.49
C LYS D 326 -14.15 47.82 -11.78
N ASP D 327 -15.29 48.22 -12.33
CA ASP D 327 -15.40 49.59 -12.87
C ASP D 327 -15.92 50.61 -11.87
N LEU D 328 -15.39 51.82 -11.94
CA LEU D 328 -15.94 52.92 -11.15
C LEU D 328 -17.27 53.39 -11.73
N THR D 329 -18.09 53.99 -10.89
CA THR D 329 -19.34 54.61 -11.35
C THR D 329 -19.04 55.98 -11.99
N GLY D 330 -20.08 56.62 -12.52
CA GLY D 330 -19.94 57.93 -13.13
C GLY D 330 -19.37 58.99 -12.20
N ALA D 331 -19.56 58.82 -10.89
CA ALA D 331 -19.05 59.77 -9.91
C ALA D 331 -17.72 59.31 -9.31
N GLN D 332 -17.09 58.35 -9.99
CA GLN D 332 -15.73 57.94 -9.66
C GLN D 332 -15.57 57.20 -8.35
N ILE D 333 -16.65 56.57 -7.90
CA ILE D 333 -16.48 55.76 -6.71
C ILE D 333 -16.45 54.27 -7.03
N SER D 334 -15.82 53.54 -6.13
CA SER D 334 -15.63 52.11 -6.21
C SER D 334 -16.68 51.48 -5.31
N LEU D 335 -17.20 50.32 -5.72
CA LEU D 335 -18.21 49.59 -4.97
C LEU D 335 -17.69 48.21 -4.54
N SER D 336 -18.03 47.80 -3.32
CA SER D 336 -17.59 46.52 -2.78
C SER D 336 -18.77 45.74 -2.19
N LEU D 337 -18.66 44.41 -2.20
CA LEU D 337 -19.61 43.51 -1.54
C LEU D 337 -19.62 43.76 -0.04
N THR D 338 -20.80 43.93 0.53
CA THR D 338 -20.91 44.33 1.94
C THR D 338 -21.96 43.44 2.61
N ALA D 339 -21.67 42.93 3.81
CA ALA D 339 -22.65 42.11 4.52
C ALA D 339 -23.52 43.00 5.40
N PHE D 340 -24.81 43.04 5.12
CA PHE D 340 -25.73 43.86 5.88
C PHE D 340 -26.65 42.97 6.70
N THR D 341 -27.02 43.45 7.88
CA THR D 341 -27.96 42.73 8.73
C THR D 341 -29.36 42.73 8.08
N THR D 342 -30.15 41.71 8.39
CA THR D 342 -31.52 41.59 7.91
C THR D 342 -32.48 41.36 9.07
N GLN D 343 -33.63 40.74 8.80
CA GLN D 343 -34.58 40.39 9.84
C GLN D 343 -34.38 38.94 10.30
N GLN D 347 -28.70 35.77 9.70
CA GLN D 347 -28.71 35.79 8.25
C GLN D 347 -28.45 37.21 7.74
N LEU D 348 -27.25 37.44 7.21
CA LEU D 348 -26.88 38.73 6.62
C LEU D 348 -27.11 38.66 5.11
N LYS D 349 -27.43 39.80 4.49
CA LYS D 349 -27.63 39.84 3.04
C LYS D 349 -26.51 40.67 2.40
N VAL D 350 -26.00 40.22 1.25
CA VAL D 350 -24.91 40.91 0.56
C VAL D 350 -25.46 41.94 -0.42
N HIS D 351 -24.89 43.13 -0.39
CA HIS D 351 -25.34 44.30 -1.15
C HIS D 351 -24.09 45.16 -1.39
N LEU D 352 -24.09 45.99 -2.43
CA LEU D 352 -22.93 46.85 -2.67
C LEU D 352 -22.96 48.08 -1.78
N SER D 353 -21.78 48.59 -1.44
CA SER D 353 -21.67 49.91 -0.84
C SER D 353 -20.31 50.53 -1.19
N VAL D 354 -20.14 51.81 -0.93
CA VAL D 354 -18.89 52.47 -1.32
C VAL D 354 -17.65 51.80 -0.69
N SER D 355 -16.69 51.40 -1.52
CA SER D 355 -15.50 50.71 -1.01
C SER D 355 -14.81 51.55 0.05
N ALA D 356 -14.59 50.97 1.23
CA ALA D 356 -13.95 51.68 2.32
C ALA D 356 -12.91 50.78 3.00
N VAL D 357 -11.71 51.32 3.22
CA VAL D 357 -10.61 50.50 3.74
C VAL D 357 -10.82 50.05 5.18
N ASN D 358 -11.69 50.75 5.91
CA ASN D 358 -11.88 50.47 7.33
C ASN D 358 -13.21 49.81 7.66
N ALA D 359 -13.99 49.43 6.65
CA ALA D 359 -15.30 48.83 6.87
C ALA D 359 -15.18 47.32 7.07
N VAL D 360 -15.35 46.86 8.30
CA VAL D 360 -15.29 45.43 8.56
C VAL D 360 -16.33 44.62 7.83
N ASN D 361 -17.52 45.18 7.62
CA ASN D 361 -18.55 44.48 6.87
C ASN D 361 -18.25 44.33 5.38
N GLN D 362 -17.11 44.87 4.92
CA GLN D 362 -16.65 44.65 3.54
C GLN D 362 -15.46 43.68 3.46
N LYS D 363 -15.08 43.09 4.59
CA LYS D 363 -13.89 42.25 4.61
C LYS D 363 -14.25 40.78 4.57
N TRP D 364 -13.61 40.05 3.67
CA TRP D 364 -13.86 38.65 3.42
C TRP D 364 -12.58 37.83 3.47
N LYS D 365 -12.73 36.56 3.84
CA LYS D 365 -11.65 35.56 3.80
C LYS D 365 -12.03 34.48 2.80
N MET D 366 -11.06 33.93 2.10
CA MET D 366 -11.31 32.86 1.15
C MET D 366 -10.37 31.71 1.47
N THR D 367 -10.91 30.61 1.96
CA THR D 367 -10.10 29.51 2.47
C THR D 367 -10.31 28.23 1.67
N PRO D 368 -9.21 27.62 1.19
CA PRO D 368 -9.42 26.42 0.37
C PRO D 368 -10.03 25.34 1.23
N GLN D 369 -10.85 24.48 0.63
CA GLN D 369 -11.55 23.44 1.36
C GLN D 369 -11.10 22.06 0.94
N ASP D 370 -10.50 21.96 -0.23
CA ASP D 370 -10.04 20.68 -0.77
C ASP D 370 -8.53 20.66 -0.96
N ILE D 371 -7.94 19.46 -1.01
CA ILE D 371 -6.50 19.33 -1.18
C ILE D 371 -6.06 19.86 -2.55
N ALA D 372 -6.96 19.81 -3.52
CA ALA D 372 -6.68 20.29 -4.87
C ALA D 372 -6.71 21.82 -4.99
N ILE D 373 -7.01 22.49 -3.87
CA ILE D 373 -7.05 23.95 -3.81
C ILE D 373 -7.86 24.53 -4.97
N THR D 374 -9.13 24.11 -5.08
CA THR D 374 -10.00 24.60 -6.16
C THR D 374 -11.37 25.02 -5.65
N GLN D 375 -11.64 24.72 -4.39
CA GLN D 375 -12.95 25.03 -3.77
C GLN D 375 -12.74 25.89 -2.54
N PHE D 376 -13.40 27.04 -2.51
CA PHE D 376 -13.08 28.04 -1.50
C PHE D 376 -14.29 28.51 -0.71
N ARG D 377 -14.18 28.42 0.61
CA ARG D 377 -15.20 28.98 1.46
C ARG D 377 -14.96 30.48 1.57
N VAL D 378 -16.02 31.26 1.47
CA VAL D 378 -15.90 32.71 1.58
C VAL D 378 -16.58 33.17 2.86
N SER D 379 -15.83 33.77 3.77
CA SER D 379 -16.36 34.13 5.08
C SER D 379 -16.27 35.62 5.33
N SER D 380 -17.27 36.16 6.03
CA SER D 380 -17.28 37.57 6.39
C SER D 380 -16.59 37.84 7.72
N GLU D 381 -15.73 38.87 7.73
CA GLU D 381 -15.01 39.22 8.96
C GLU D 381 -15.98 39.79 9.99
N LEU D 382 -17.17 40.17 9.55
CA LEU D 382 -18.16 40.75 10.46
C LEU D 382 -18.49 39.76 11.57
N LEU D 383 -18.55 38.47 11.23
CA LEU D 383 -18.92 37.43 12.19
C LEU D 383 -17.75 36.97 13.06
N GLY D 384 -16.57 37.48 12.76
CA GLY D 384 -15.40 37.21 13.59
C GLY D 384 -15.02 35.74 13.70
N GLN D 385 -14.98 35.25 14.92
CA GLN D 385 -14.53 33.88 15.19
C GLN D 385 -15.55 32.83 14.79
N THR D 386 -16.81 33.22 14.66
CA THR D 386 -17.86 32.30 14.26
C THR D 386 -17.63 31.81 12.84
N GLU D 387 -17.55 30.50 12.66
CA GLU D 387 -17.39 29.93 11.32
C GLU D 387 -18.60 30.23 10.46
N ASN D 388 -18.36 30.77 9.27
CA ASN D 388 -19.45 31.18 8.41
C ASN D 388 -19.10 31.05 6.92
N GLY D 389 -20.11 31.18 6.08
CA GLY D 389 -19.92 31.09 4.65
C GLY D 389 -21.01 31.80 3.88
N LEU D 390 -20.89 31.77 2.56
CA LEU D 390 -21.91 32.33 1.70
C LEU D 390 -22.97 31.27 1.45
N PHE D 391 -24.23 31.71 1.34
CA PHE D 391 -25.36 30.81 1.13
C PHE D 391 -26.33 31.38 0.11
N TRP D 392 -27.10 30.50 -0.53
CA TRP D 392 -28.29 30.91 -1.25
C TRP D 392 -29.50 30.10 -0.77
N ASN D 393 -30.69 30.59 -1.10
CA ASN D 393 -31.92 29.89 -0.77
C ASN D 393 -32.33 28.97 -1.91
N THR D 394 -32.15 27.68 -1.69
CA THR D 394 -32.36 26.66 -2.72
C THR D 394 -33.80 26.66 -3.24
N LYS D 395 -34.70 27.29 -2.52
CA LYS D 395 -36.11 27.28 -2.90
C LYS D 395 -36.52 28.54 -3.65
N SER D 396 -35.66 29.54 -3.63
CA SER D 396 -35.98 30.83 -4.28
C SER D 396 -36.21 30.67 -5.79
N GLY D 397 -37.05 31.53 -6.34
CA GLY D 397 -37.36 31.48 -7.76
C GLY D 397 -36.83 32.68 -8.53
N GLY D 398 -37.14 32.72 -9.82
CA GLY D 398 -36.74 33.84 -10.65
C GLY D 398 -35.40 33.62 -11.30
N SER D 399 -34.93 34.61 -12.03
CA SER D 399 -33.67 34.53 -12.76
C SER D 399 -32.49 34.92 -11.88
N GLN D 400 -32.75 35.73 -10.86
CA GLN D 400 -31.70 36.20 -9.98
C GLN D 400 -31.97 35.74 -8.56
N HIS D 401 -30.91 35.34 -7.87
CA HIS D 401 -31.05 34.84 -6.51
C HIS D 401 -30.20 35.67 -5.55
N ASP D 402 -30.76 36.00 -4.38
CA ASP D 402 -30.04 36.77 -3.38
C ASP D 402 -28.91 35.98 -2.74
N LEU D 403 -27.93 36.70 -2.22
CA LEU D 403 -26.73 36.09 -1.67
C LEU D 403 -26.65 36.39 -0.18
N TYR D 404 -26.46 35.36 0.64
CA TYR D 404 -26.49 35.53 2.09
C TYR D 404 -25.17 35.13 2.76
N VAL D 405 -24.98 35.60 3.99
CA VAL D 405 -23.91 35.09 4.84
C VAL D 405 -24.55 34.52 6.11
N CYS D 406 -24.22 33.28 6.45
CA CYS D 406 -24.70 32.66 7.70
C CYS D 406 -23.61 31.86 8.39
N PRO D 407 -23.73 31.71 9.72
CA PRO D 407 -22.90 30.74 10.45
C PRO D 407 -23.06 29.36 9.84
N LEU D 408 -22.00 28.57 9.84
CA LEU D 408 -22.10 27.23 9.28
C LEU D 408 -23.00 26.34 10.15
N LYS D 409 -23.03 26.65 11.45
CA LYS D 409 -23.79 25.88 12.43
C LYS D 409 -25.29 26.11 12.30
N ASN D 410 -26.02 25.06 11.89
CA ASN D 410 -27.48 25.14 11.82
C ASN D 410 -28.00 26.34 11.05
N PRO D 411 -27.73 26.39 9.73
CA PRO D 411 -28.25 27.46 8.89
C PRO D 411 -29.75 27.24 8.66
N PRO D 412 -30.50 28.31 8.36
CA PRO D 412 -31.91 28.14 7.99
C PRO D 412 -32.08 26.99 6.99
N SER D 413 -33.27 26.38 7.00
CA SER D 413 -33.49 25.10 6.32
C SER D 413 -33.23 25.12 4.81
N ASP D 414 -33.79 26.10 4.12
CA ASP D 414 -33.75 26.09 2.66
C ASP D 414 -32.42 26.59 2.10
N LEU D 415 -31.57 27.13 2.97
CA LEU D 415 -30.30 27.70 2.55
C LEU D 415 -29.20 26.64 2.44
N GLU D 416 -28.35 26.77 1.42
CA GLU D 416 -27.20 25.89 1.26
C GLU D 416 -25.94 26.69 0.97
N GLU D 417 -24.79 26.22 1.44
CA GLU D 417 -23.54 26.95 1.25
C GLU D 417 -23.11 27.00 -0.21
N LEU D 418 -22.60 28.16 -0.61
CA LEU D 418 -21.96 28.35 -1.90
C LEU D 418 -20.46 28.49 -1.70
N GLN D 419 -19.67 27.78 -2.50
CA GLN D 419 -18.22 27.99 -2.46
C GLN D 419 -17.73 28.38 -3.83
N ILE D 420 -16.67 29.20 -3.86
CA ILE D 420 -16.06 29.56 -5.13
C ILE D 420 -15.34 28.37 -5.73
N ILE D 421 -15.57 28.13 -7.02
CA ILE D 421 -14.87 27.06 -7.72
C ILE D 421 -13.88 27.63 -8.73
N VAL D 422 -12.67 27.09 -8.72
CA VAL D 422 -11.60 27.58 -9.55
C VAL D 422 -11.25 26.54 -10.59
N ASP D 423 -11.30 26.96 -11.85
CA ASP D 423 -10.97 26.14 -13.01
C ASP D 423 -11.01 27.07 -14.20
N GLU D 424 -10.38 26.69 -15.30
CA GLU D 424 -10.25 27.62 -16.41
C GLU D 424 -11.59 27.98 -17.06
N CYS D 425 -12.59 27.13 -16.90
CA CYS D 425 -13.93 27.45 -17.40
C CYS D 425 -14.83 27.97 -16.27
N THR D 426 -14.22 28.34 -15.16
CA THR D 426 -14.99 28.95 -14.08
C THR D 426 -14.22 30.16 -13.50
N THR D 427 -14.00 30.22 -12.19
CA THR D 427 -13.25 31.34 -11.63
C THR D 427 -11.76 31.18 -11.95
N HIS D 428 -11.12 32.22 -12.46
CA HIS D 428 -9.67 32.18 -12.64
C HIS D 428 -8.97 32.21 -11.30
N ALA D 429 -7.81 31.57 -11.23
CA ALA D 429 -7.10 31.34 -9.96
C ALA D 429 -6.81 32.62 -9.17
N GLN D 430 -6.45 33.71 -9.85
CA GLN D 430 -5.98 34.87 -9.10
C GLN D 430 -7.10 35.55 -8.32
N PHE D 431 -8.35 35.24 -8.64
CA PHE D 431 -9.44 35.85 -7.87
C PHE D 431 -9.30 35.54 -6.38
N VAL D 432 -8.87 34.32 -6.05
CA VAL D 432 -8.82 33.94 -4.63
C VAL D 432 -7.50 34.34 -3.95
N THR D 433 -6.90 35.43 -4.44
CA THR D 433 -5.67 35.99 -3.90
C THR D 433 -5.92 37.48 -3.78
N MET D 434 -5.17 38.16 -2.91
CA MET D 434 -5.43 39.57 -2.62
C MET D 434 -4.53 40.51 -3.42
N ARG D 435 -5.13 41.19 -4.41
CA ARG D 435 -4.38 42.13 -5.26
C ARG D 435 -4.25 43.53 -4.62
N ALA D 436 -3.33 44.34 -5.15
CA ALA D 436 -3.20 45.73 -4.73
C ALA D 436 -4.53 46.45 -4.90
N ALA D 437 -4.81 47.37 -3.98
CA ALA D 437 -6.07 48.11 -4.01
C ALA D 437 -6.03 49.23 -5.06
N SER D 438 -7.20 49.63 -5.55
CA SER D 438 -7.31 50.71 -6.53
C SER D 438 -7.85 52.03 -5.94
N THR D 439 -8.61 51.94 -4.85
CA THR D 439 -9.04 53.15 -4.15
C THR D 439 -8.77 53.01 -2.67
N PHE D 440 -8.67 54.14 -1.99
CA PHE D 440 -8.23 54.20 -0.61
C PHE D 440 -9.12 55.15 0.18
N PHE D 441 -10.42 54.87 0.19
CA PHE D 441 -11.37 55.72 0.88
C PHE D 441 -11.56 55.20 2.31
N VAL D 442 -11.55 56.12 3.27
CA VAL D 442 -11.85 55.80 4.66
C VAL D 442 -13.23 56.33 5.00
N ASP D 443 -14.09 55.48 5.58
CA ASP D 443 -15.39 55.93 6.06
C ASP D 443 -15.14 56.69 7.35
N VAL D 444 -15.34 58.02 7.33
CA VAL D 444 -15.05 58.83 8.51
C VAL D 444 -16.31 59.25 9.28
N GLN D 445 -17.47 59.12 8.64
CA GLN D 445 -18.74 59.30 9.35
C GLN D 445 -18.75 60.59 10.18
N LEU D 446 -18.32 61.70 9.58
CA LEU D 446 -18.22 62.96 10.33
C LEU D 446 -19.56 63.42 10.91
N GLY D 447 -19.51 63.97 12.11
CA GLY D 447 -20.68 64.55 12.74
C GLY D 447 -20.26 65.38 13.94
N TRP D 448 -21.22 65.82 14.73
CA TRP D 448 -20.88 66.43 16.01
C TRP D 448 -21.88 66.00 17.05
N TYR D 449 -21.62 66.37 18.30
CA TYR D 449 -22.36 65.83 19.42
C TYR D 449 -22.63 66.96 20.39
N TRP D 450 -23.86 67.03 20.89
CA TRP D 450 -24.23 68.12 21.78
C TRP D 450 -25.37 67.70 22.68
N ARG D 451 -25.13 67.81 23.98
CA ARG D 451 -26.16 67.54 24.98
C ARG D 451 -26.83 66.19 24.74
N GLY D 452 -26.01 65.17 24.50
CA GLY D 452 -26.46 63.80 24.44
C GLY D 452 -26.97 63.37 23.08
N TYR D 453 -26.93 64.27 22.10
CA TYR D 453 -27.47 63.95 20.78
C TYR D 453 -26.46 64.07 19.65
N TYR D 454 -26.58 63.18 18.67
CA TYR D 454 -25.74 63.21 17.48
C TYR D 454 -26.32 64.11 16.41
N TYR D 455 -25.44 64.80 15.70
CA TYR D 455 -25.83 65.62 14.56
C TYR D 455 -25.00 65.24 13.34
N THR D 456 -25.59 65.41 12.16
CA THR D 456 -24.94 65.05 10.90
C THR D 456 -24.91 66.22 9.92
N PRO D 457 -23.81 66.36 9.16
CA PRO D 457 -23.69 67.44 8.19
C PRO D 457 -24.67 67.27 7.04
N GLN D 458 -25.20 68.37 6.50
CA GLN D 458 -25.99 68.33 5.28
C GLN D 458 -25.30 69.06 4.12
N LEU D 459 -25.63 68.66 2.89
CA LEU D 459 -24.99 69.25 1.72
C LEU D 459 -25.25 70.76 1.64
N SER D 460 -26.33 71.21 2.27
CA SER D 460 -26.65 72.63 2.35
C SER D 460 -25.65 73.42 3.20
N GLY D 461 -24.89 72.73 4.02
CA GLY D 461 -23.98 73.40 4.93
C GLY D 461 -24.54 73.47 6.35
N TRP D 462 -25.79 73.03 6.50
CA TRP D 462 -26.43 73.00 7.80
C TRP D 462 -26.28 71.62 8.42
N SER D 463 -26.98 71.39 9.52
CA SER D 463 -26.92 70.10 10.22
C SER D 463 -28.32 69.57 10.45
N TYR D 464 -28.44 68.24 10.54
CA TYR D 464 -29.69 67.60 10.91
C TYR D 464 -29.43 66.80 12.20
N GLN D 465 -30.43 66.73 13.07
CA GLN D 465 -30.24 66.03 14.33
C GLN D 465 -30.48 64.52 14.16
N MET D 466 -29.41 63.83 13.78
CA MET D 466 -29.44 62.41 13.53
C MET D 466 -27.98 61.96 13.49
N LYS D 467 -27.73 60.69 13.75
CA LYS D 467 -26.35 60.23 13.67
C LYS D 467 -25.98 60.01 12.21
N THR D 468 -24.80 60.46 11.82
CA THR D 468 -24.30 60.24 10.47
C THR D 468 -24.29 58.73 10.20
N PRO D 469 -24.89 58.29 9.08
CA PRO D 469 -24.89 56.84 8.89
C PRO D 469 -23.53 56.36 8.37
N ASP D 470 -23.32 55.06 8.34
CA ASP D 470 -22.12 54.49 7.76
C ASP D 470 -22.20 54.62 6.24
N GLY D 471 -21.06 54.67 5.57
CA GLY D 471 -21.05 54.60 4.12
C GLY D 471 -21.45 55.86 3.38
N GLN D 472 -21.33 57.00 4.05
CA GLN D 472 -21.79 58.25 3.45
C GLN D 472 -20.70 59.30 3.33
N ILE D 473 -19.91 59.47 4.39
CA ILE D 473 -18.88 60.51 4.42
C ILE D 473 -17.50 59.90 4.54
N PHE D 474 -16.63 60.24 3.60
CA PHE D 474 -15.35 59.54 3.42
C PHE D 474 -14.18 60.50 3.32
N TYR D 475 -12.99 59.96 3.55
CA TYR D 475 -11.75 60.70 3.38
C TYR D 475 -10.90 59.93 2.38
N ASP D 476 -10.42 60.59 1.34
CA ASP D 476 -9.63 59.92 0.32
C ASP D 476 -8.16 60.00 0.69
N LEU D 477 -7.56 58.87 1.03
CA LEU D 477 -6.18 58.87 1.46
C LEU D 477 -5.19 59.28 0.38
N LYS D 478 -5.57 59.11 -0.89
CA LYS D 478 -4.67 59.48 -1.97
C LYS D 478 -4.50 61.00 -2.09
N THR D 479 -5.56 61.75 -1.82
CA THR D 479 -5.56 63.18 -2.11
C THR D 479 -5.90 64.09 -0.92
N SER D 480 -6.25 63.46 0.20
CA SER D 480 -6.68 64.16 1.43
C SER D 480 -8.00 64.92 1.26
N LYS D 481 -8.83 64.51 0.31
CA LYS D 481 -10.12 65.16 0.14
C LYS D 481 -11.21 64.52 0.99
N ILE D 482 -12.21 65.31 1.39
CA ILE D 482 -13.34 64.78 2.16
C ILE D 482 -14.61 64.85 1.32
N PHE D 483 -15.31 63.74 1.21
CA PHE D 483 -16.48 63.69 0.34
C PHE D 483 -17.72 63.01 0.92
N PHE D 484 -18.87 63.43 0.41
CA PHE D 484 -20.19 63.02 0.84
C PHE D 484 -20.86 62.33 -0.34
N VAL D 485 -21.15 61.04 -0.19
CA VAL D 485 -21.81 60.31 -1.27
C VAL D 485 -23.33 60.39 -1.14
N GLN D 486 -23.95 61.18 -2.01
CA GLN D 486 -25.41 61.27 -2.04
C GLN D 486 -25.97 59.99 -2.67
N ASP D 487 -25.40 59.60 -3.79
CA ASP D 487 -25.65 58.28 -4.37
C ASP D 487 -24.49 57.96 -5.31
N ASN D 488 -24.56 56.82 -5.98
CA ASN D 488 -23.42 56.40 -6.80
C ASN D 488 -23.05 57.35 -7.93
N GLN D 489 -23.99 58.20 -8.35
CA GLN D 489 -23.73 59.18 -9.42
C GLN D 489 -23.62 60.61 -8.94
N ASN D 490 -23.69 60.82 -7.64
CA ASN D 490 -23.63 62.16 -7.08
C ASN D 490 -22.79 62.24 -5.80
N VAL D 491 -21.59 62.81 -5.93
CA VAL D 491 -20.61 62.88 -4.85
C VAL D 491 -20.12 64.33 -4.68
N PHE D 492 -20.13 64.81 -3.44
CA PHE D 492 -19.82 66.22 -3.13
C PHE D 492 -18.61 66.34 -2.22
N PHE D 493 -17.74 67.29 -2.51
CA PHE D 493 -16.47 67.42 -1.79
C PHE D 493 -16.46 68.65 -0.91
N LEU D 494 -15.91 68.50 0.30
CA LEU D 494 -15.82 69.58 1.27
C LEU D 494 -14.80 70.63 0.81
N HIS D 495 -15.25 71.88 0.73
CA HIS D 495 -14.44 72.93 0.13
C HIS D 495 -14.30 74.12 1.05
N ASN D 496 -13.05 74.51 1.30
CA ASN D 496 -12.75 75.69 2.10
C ASN D 496 -12.82 76.93 1.21
N LYS D 497 -13.39 78.01 1.75
CA LYS D 497 -13.54 79.27 1.02
C LYS D 497 -12.69 80.37 1.66
N LEU D 498 -12.44 80.22 2.95
CA LEU D 498 -11.73 81.23 3.74
C LEU D 498 -10.27 81.43 3.32
N ASN D 499 -9.87 82.69 3.19
CA ASN D 499 -8.47 83.01 2.99
C ASN D 499 -8.09 84.36 3.60
N LYS D 500 -6.84 84.74 3.47
CA LYS D 500 -6.33 85.95 4.11
C LYS D 500 -6.91 87.24 3.51
N GLN D 501 -7.61 87.11 2.39
CA GLN D 501 -8.21 88.27 1.72
C GLN D 501 -9.73 88.30 1.92
N THR D 502 -10.24 87.37 2.70
CA THR D 502 -11.69 87.24 2.87
C THR D 502 -12.34 88.50 3.47
N GLY D 503 -11.64 89.15 4.39
CA GLY D 503 -12.19 90.32 5.07
C GLY D 503 -12.80 89.98 6.41
N TYR D 504 -12.84 88.69 6.73
CA TYR D 504 -13.29 88.21 8.03
C TYR D 504 -12.39 87.06 8.45
N SER D 505 -12.49 86.66 9.72
CA SER D 505 -11.64 85.61 10.23
C SER D 505 -12.24 84.23 9.96
N TRP D 506 -13.39 84.21 9.30
CA TRP D 506 -14.14 82.97 9.08
C TRP D 506 -14.97 83.04 7.79
N ASP D 507 -15.37 81.88 7.29
CA ASP D 507 -16.30 81.83 6.16
C ASP D 507 -16.97 80.46 6.13
N TRP D 508 -18.17 80.39 5.57
CA TRP D 508 -18.87 79.12 5.41
C TRP D 508 -18.04 78.14 4.58
N VAL D 509 -18.19 76.84 4.82
CA VAL D 509 -17.65 75.86 3.89
C VAL D 509 -18.78 75.42 2.98
N GLU D 510 -18.44 74.66 1.94
CA GLU D 510 -19.44 74.24 0.96
C GLU D 510 -19.10 72.84 0.45
N TRP D 511 -20.10 72.16 -0.10
CA TRP D 511 -19.92 70.83 -0.65
C TRP D 511 -20.18 70.89 -2.14
N LEU D 512 -19.18 70.51 -2.94
CA LEU D 512 -19.24 70.73 -4.37
C LEU D 512 -18.85 69.47 -5.14
N LYS D 513 -19.45 69.25 -6.30
CA LYS D 513 -18.99 68.17 -7.15
C LYS D 513 -17.61 68.57 -7.64
N HIS D 514 -16.74 67.58 -7.84
CA HIS D 514 -15.35 67.84 -8.12
C HIS D 514 -14.73 66.54 -8.62
N ASP D 515 -13.64 66.66 -9.35
CA ASP D 515 -12.92 65.49 -9.88
C ASP D 515 -12.23 64.74 -8.73
N MET D 516 -12.62 63.48 -8.52
CA MET D 516 -12.03 62.64 -7.45
C MET D 516 -10.50 62.54 -7.55
N ASN D 517 -9.99 62.66 -8.76
CA ASN D 517 -8.55 62.53 -9.01
C ASN D 517 -7.76 63.83 -8.81
N GLU D 518 -8.45 64.94 -8.70
CA GLU D 518 -7.76 66.24 -8.66
C GLU D 518 -6.93 66.32 -7.37
N ASP D 519 -5.68 66.73 -7.48
CA ASP D 519 -4.74 66.55 -6.35
C ASP D 519 -3.88 67.78 -6.07
N LYS D 520 -4.28 68.94 -6.57
CA LYS D 520 -3.47 70.14 -6.44
C LYS D 520 -4.10 71.21 -5.53
N ASP D 521 -5.41 71.44 -5.68
CA ASP D 521 -6.10 72.54 -4.99
C ASP D 521 -6.24 72.28 -3.51
N GLU D 522 -5.44 72.98 -2.70
CA GLU D 522 -5.41 72.75 -1.27
C GLU D 522 -6.67 73.15 -0.50
N ASN D 523 -7.58 73.88 -1.14
CA ASN D 523 -8.84 74.22 -0.49
C ASN D 523 -9.80 73.05 -0.40
N PHE D 524 -9.46 71.96 -1.11
CA PHE D 524 -10.18 70.69 -0.98
C PHE D 524 -9.44 69.68 -0.11
N LYS D 525 -8.28 70.05 0.42
CA LYS D 525 -7.49 69.10 1.23
C LYS D 525 -7.59 69.36 2.71
N TRP D 526 -7.83 68.30 3.47
CA TRP D 526 -8.04 68.42 4.92
C TRP D 526 -7.19 67.39 5.65
N TYR D 527 -6.85 67.70 6.91
CA TYR D 527 -6.16 66.71 7.74
C TYR D 527 -6.73 66.73 9.15
N PHE D 528 -6.43 65.67 9.91
CA PHE D 528 -6.95 65.52 11.27
C PHE D 528 -5.89 65.84 12.34
N SER D 529 -6.32 66.42 13.46
CA SER D 529 -5.43 66.85 14.53
C SER D 529 -5.97 66.40 15.88
N ARG D 530 -5.09 65.82 16.70
CA ARG D 530 -5.47 65.42 18.06
C ARG D 530 -5.33 66.60 19.01
N ASP D 531 -4.31 67.43 18.75
CA ASP D 531 -4.02 68.60 19.56
C ASP D 531 -4.11 68.16 21.03
N ASP D 532 -4.84 68.89 21.85
CA ASP D 532 -4.91 68.57 23.28
C ASP D 532 -6.22 67.94 23.66
N LEU D 533 -6.92 67.39 22.67
CA LEU D 533 -8.21 66.75 22.91
C LEU D 533 -8.07 65.54 23.80
N THR D 534 -9.10 65.27 24.61
CA THR D 534 -9.16 64.04 25.40
C THR D 534 -9.71 62.93 24.53
N ILE D 535 -8.88 61.94 24.27
CA ILE D 535 -9.22 60.88 23.33
C ILE D 535 -8.89 59.53 23.95
N PRO D 536 -9.90 58.66 24.09
CA PRO D 536 -11.30 58.94 23.80
C PRO D 536 -11.88 59.95 24.80
N SER D 537 -13.06 60.49 24.54
CA SER D 537 -13.66 61.43 25.49
C SER D 537 -14.14 60.70 26.74
N VAL D 538 -14.49 61.48 27.77
CA VAL D 538 -14.99 60.90 29.01
C VAL D 538 -16.15 59.96 28.74
N GLU D 539 -16.97 60.31 27.74
CA GLU D 539 -18.09 59.45 27.38
C GLU D 539 -17.76 58.50 26.23
N GLY D 540 -16.48 58.37 25.93
CA GLY D 540 -16.01 57.38 24.98
C GLY D 540 -16.12 57.75 23.50
N LEU D 541 -16.35 59.01 23.19
CA LEU D 541 -16.46 59.45 21.80
C LEU D 541 -15.08 59.77 21.22
N ASN D 542 -14.97 59.64 19.91
CA ASN D 542 -13.73 59.90 19.19
C ASN D 542 -13.81 61.25 18.48
N PHE D 543 -13.14 62.26 19.04
CA PHE D 543 -13.15 63.61 18.46
C PHE D 543 -11.82 63.95 17.81
N ARG D 544 -11.87 64.80 16.78
CA ARG D 544 -10.68 65.41 16.22
C ARG D 544 -10.93 66.86 15.88
N HIS D 545 -9.85 67.63 15.76
CA HIS D 545 -9.90 68.90 15.06
C HIS D 545 -9.58 68.61 13.58
N ILE D 546 -10.24 69.35 12.70
CA ILE D 546 -10.03 69.16 11.26
C ILE D 546 -9.59 70.51 10.70
N ARG D 547 -8.49 70.51 9.96
CA ARG D 547 -7.95 71.72 9.35
C ARG D 547 -7.67 71.54 7.85
N CYS D 548 -7.68 72.66 7.13
CA CYS D 548 -7.42 72.66 5.69
C CYS D 548 -5.93 72.85 5.40
N TYR D 549 -5.38 72.09 4.46
CA TYR D 549 -3.97 72.25 4.06
C TYR D 549 -3.62 73.67 3.59
N ALA D 550 -4.56 74.35 2.95
CA ALA D 550 -4.20 75.63 2.32
C ALA D 550 -3.53 76.60 3.31
N ASP D 551 -4.20 76.87 4.43
CA ASP D 551 -3.66 77.84 5.38
C ASP D 551 -4.09 77.48 6.80
N ASN D 552 -4.33 76.18 7.03
CA ASN D 552 -4.74 75.70 8.33
C ASN D 552 -6.06 76.26 8.85
N GLN D 553 -6.93 76.64 7.93
CA GLN D 553 -8.29 77.05 8.27
C GLN D 553 -8.95 75.89 9.01
N GLN D 554 -9.61 76.18 10.12
CA GLN D 554 -10.13 75.11 10.97
C GLN D 554 -11.63 74.97 10.82
N LEU D 555 -12.08 73.72 10.69
CA LEU D 555 -13.49 73.39 10.49
C LEU D 555 -14.25 73.36 11.82
N LYS D 556 -15.33 74.11 11.90
CA LYS D 556 -16.17 74.11 13.10
C LYS D 556 -17.66 74.17 12.77
N VAL D 557 -18.49 74.06 13.80
CA VAL D 557 -19.94 74.13 13.61
C VAL D 557 -20.57 75.02 14.68
N ILE D 558 -21.55 75.83 14.27
CA ILE D 558 -22.27 76.71 15.18
C ILE D 558 -23.30 75.90 15.97
N ILE D 559 -23.37 76.12 17.28
CA ILE D 559 -24.15 75.24 18.17
C ILE D 559 -25.66 75.49 18.27
N SER D 560 -26.03 76.74 18.50
CA SER D 560 -27.43 77.06 18.68
C SER D 560 -27.76 78.39 18.01
N GLY D 561 -29.02 78.79 18.11
CA GLY D 561 -29.41 80.11 17.65
C GLY D 561 -29.85 80.15 16.20
N SER D 562 -29.74 81.35 15.62
CA SER D 562 -30.20 81.60 14.26
C SER D 562 -29.44 80.74 13.24
N ARG D 563 -28.15 80.56 13.47
CA ARG D 563 -27.30 79.83 12.55
C ARG D 563 -26.86 78.47 13.06
N TRP D 564 -27.68 77.84 13.90
CA TRP D 564 -27.31 76.57 14.53
C TRP D 564 -27.00 75.53 13.48
N GLY D 565 -25.96 74.74 13.73
CA GLY D 565 -25.62 73.64 12.86
C GLY D 565 -24.85 74.02 11.60
N GLY D 566 -24.61 75.32 11.42
CA GLY D 566 -23.88 75.82 10.26
C GLY D 566 -22.40 75.51 10.30
N TRP D 567 -21.90 74.88 9.23
CA TRP D 567 -20.50 74.46 9.18
C TRP D 567 -19.63 75.54 8.54
N TYR D 568 -18.53 75.89 9.18
CA TYR D 568 -17.66 76.93 8.62
C TYR D 568 -16.20 76.65 8.91
N SER D 569 -15.32 77.45 8.33
CA SER D 569 -13.91 77.36 8.69
C SER D 569 -13.43 78.71 9.19
N THR D 570 -12.35 78.71 9.96
CA THR D 570 -11.92 79.92 10.66
C THR D 570 -10.44 79.91 11.00
N TYR D 571 -9.89 81.11 11.19
CA TYR D 571 -8.52 81.28 11.68
C TYR D 571 -8.50 81.46 13.21
N ASP D 572 -9.67 81.64 13.81
CA ASP D 572 -9.74 81.80 15.26
C ASP D 572 -9.72 80.46 15.99
N LYS D 573 -8.60 80.16 16.65
CA LYS D 573 -8.38 78.86 17.30
C LYS D 573 -9.39 78.60 18.41
N VAL D 574 -9.66 79.62 19.23
CA VAL D 574 -10.69 79.54 20.27
C VAL D 574 -11.78 80.59 20.05
N GLU D 575 -13.02 80.24 20.36
CA GLU D 575 -14.15 81.17 20.21
C GLU D 575 -15.40 80.65 20.90
N SER D 576 -16.46 81.45 20.89
CA SER D 576 -17.65 81.20 21.72
C SER D 576 -18.86 80.65 20.98
N ASN D 577 -19.60 79.77 21.65
CA ASN D 577 -20.85 79.21 21.13
C ASN D 577 -20.68 78.46 19.81
N VAL D 578 -19.55 77.77 19.70
CA VAL D 578 -19.28 76.91 18.55
C VAL D 578 -18.65 75.61 18.98
N GLU D 579 -18.76 74.60 18.11
CA GLU D 579 -18.20 73.29 18.39
C GLU D 579 -16.97 73.08 17.51
N ASP D 580 -15.83 72.84 18.16
CA ASP D 580 -14.56 72.62 17.48
C ASP D 580 -14.28 71.13 17.28
N LYS D 581 -14.93 70.31 18.09
CA LYS D 581 -14.67 68.86 18.11
C LYS D 581 -15.56 68.12 17.12
N ILE D 582 -14.95 67.54 16.09
CA ILE D 582 -15.72 66.77 15.12
C ILE D 582 -15.65 65.28 15.44
N LEU D 583 -16.80 64.61 15.41
CA LEU D 583 -16.82 63.16 15.59
C LEU D 583 -16.20 62.51 14.37
N VAL D 584 -15.30 61.54 14.58
CA VAL D 584 -14.74 60.77 13.46
C VAL D 584 -14.81 59.28 13.79
N LYS D 585 -15.16 58.45 12.80
CA LYS D 585 -15.32 57.03 13.07
C LYS D 585 -14.11 56.45 13.82
N ASP D 586 -14.40 55.68 14.86
CA ASP D 586 -13.34 55.04 15.65
C ASP D 586 -12.48 54.15 14.77
N GLY D 587 -11.16 54.32 14.84
CA GLY D 587 -10.23 53.52 14.07
C GLY D 587 -9.87 54.10 12.70
N PHE D 588 -10.52 55.19 12.34
CA PHE D 588 -10.40 55.74 10.99
C PHE D 588 -8.94 56.01 10.64
N ASP D 589 -8.11 56.24 11.66
CA ASP D 589 -6.71 56.56 11.42
C ASP D 589 -5.76 55.35 11.58
N ARG D 590 -6.31 54.14 11.54
CA ARG D 590 -5.49 52.92 11.59
C ARG D 590 -5.53 52.03 10.33
N PHE D 591 -6.43 52.32 9.38
CA PHE D 591 -6.61 51.42 8.21
C PHE D 591 -6.02 51.92 6.88
N MET E 3 -16.37 -21.64 7.87
CA MET E 3 -15.63 -22.50 8.78
C MET E 3 -14.28 -21.89 9.18
N PRO E 4 -14.28 -21.06 10.21
CA PRO E 4 -13.05 -20.38 10.65
C PRO E 4 -12.03 -21.33 11.26
N ASN E 5 -12.50 -22.50 11.73
CA ASN E 5 -11.66 -23.41 12.50
C ASN E 5 -11.81 -24.86 12.05
N PRO E 6 -11.44 -25.15 10.81
CA PRO E 6 -11.63 -26.52 10.36
C PRO E 6 -10.53 -27.42 10.90
N VAL E 7 -10.78 -28.73 10.89
CA VAL E 7 -9.67 -29.69 11.02
C VAL E 7 -9.18 -29.93 9.58
N ARG E 8 -8.06 -29.33 9.25
CA ARG E 8 -7.56 -29.33 7.88
C ARG E 8 -6.59 -30.49 7.66
N PHE E 9 -5.68 -30.68 8.61
CA PHE E 9 -4.76 -31.82 8.52
C PHE E 9 -4.92 -32.78 9.69
N VAL E 10 -4.76 -34.07 9.40
CA VAL E 10 -4.63 -35.08 10.44
C VAL E 10 -3.34 -35.83 10.17
N TYR E 11 -2.95 -36.70 11.10
CA TYR E 11 -1.63 -37.32 11.07
C TYR E 11 -1.69 -38.80 11.36
N ARG E 12 -0.77 -39.54 10.74
CA ARG E 12 -0.71 -40.97 10.97
C ARG E 12 0.72 -41.45 10.86
N VAL E 13 1.13 -42.26 11.82
CA VAL E 13 2.42 -42.92 11.75
C VAL E 13 2.21 -44.30 11.14
N ASP E 14 3.00 -44.61 10.11
CA ASP E 14 2.86 -45.86 9.40
C ASP E 14 4.25 -46.34 9.04
N LEU E 15 4.45 -47.66 9.00
CA LEU E 15 5.77 -48.20 8.67
C LEU E 15 6.04 -48.21 7.17
N ARG E 16 4.99 -48.15 6.36
CA ARG E 16 5.15 -48.11 4.91
C ARG E 16 5.83 -46.80 4.50
N SER E 17 6.70 -46.88 3.49
CA SER E 17 7.54 -45.74 3.14
C SER E 17 6.81 -44.77 2.21
N PRO E 18 7.29 -43.51 2.17
CA PRO E 18 6.65 -42.47 1.34
C PRO E 18 6.61 -42.85 -0.13
N GLU E 19 7.63 -43.56 -0.63
CA GLU E 19 7.58 -44.08 -1.99
C GLU E 19 6.27 -44.78 -2.28
N GLU E 20 5.82 -45.60 -1.34
CA GLU E 20 4.60 -46.37 -1.49
C GLU E 20 3.35 -45.55 -1.15
N ILE E 21 3.37 -44.87 0.00
CA ILE E 21 2.21 -44.09 0.44
C ILE E 21 1.91 -42.90 -0.49
N PHE E 22 2.95 -42.21 -0.93
CA PHE E 22 2.76 -41.05 -1.82
C PHE E 22 2.06 -41.45 -3.13
N GLU E 23 2.24 -42.71 -3.51
CA GLU E 23 1.69 -43.20 -4.76
C GLU E 23 0.32 -43.87 -4.59
N HIS E 24 0.11 -44.54 -3.46
CA HIS E 24 -1.10 -45.35 -3.28
C HIS E 24 -2.04 -44.93 -2.15
N GLY E 25 -1.65 -43.94 -1.37
CA GLY E 25 -2.43 -43.58 -0.19
C GLY E 25 -2.48 -44.73 0.81
N PHE E 26 -3.56 -44.80 1.60
CA PHE E 26 -3.69 -45.85 2.60
C PHE E 26 -4.89 -46.72 2.27
N SER E 27 -4.72 -48.04 2.44
CA SER E 27 -5.78 -49.00 2.19
C SER E 27 -6.35 -49.50 3.51
N THR E 28 -7.61 -49.93 3.49
CA THR E 28 -8.25 -50.41 4.71
C THR E 28 -7.82 -51.83 5.02
N LEU E 29 -7.98 -52.21 6.29
CA LEU E 29 -7.78 -53.59 6.73
C LEU E 29 -8.81 -54.53 6.09
N GLY E 30 -10.07 -54.08 6.08
CA GLY E 30 -11.15 -54.87 5.52
C GLY E 30 -12.36 -54.04 5.15
N ASP E 31 -13.53 -54.65 5.24
CA ASP E 31 -14.76 -54.04 4.73
C ASP E 31 -15.83 -53.83 5.80
N VAL E 32 -15.45 -53.98 7.06
CA VAL E 32 -16.42 -53.86 8.14
C VAL E 32 -16.53 -52.43 8.67
N ARG E 33 -17.75 -51.88 8.64
CA ARG E 33 -18.02 -50.54 9.15
C ARG E 33 -18.74 -50.64 10.47
N ASN E 34 -17.98 -50.91 11.53
CA ASN E 34 -18.55 -51.04 12.85
C ASN E 34 -17.77 -50.16 13.82
N PHE E 35 -18.40 -49.10 14.31
CA PHE E 35 -17.71 -48.10 15.12
C PHE E 35 -17.08 -48.68 16.40
N PHE E 36 -17.90 -49.33 17.23
CA PHE E 36 -17.39 -49.87 18.51
C PHE E 36 -16.28 -50.89 18.36
N GLU E 37 -16.38 -51.74 17.34
CA GLU E 37 -15.34 -52.74 17.10
C GLU E 37 -14.06 -52.04 16.69
N HIS E 38 -14.18 -50.93 15.99
CA HIS E 38 -12.99 -50.19 15.60
C HIS E 38 -12.32 -49.53 16.82
N ILE E 39 -13.14 -48.94 17.69
CA ILE E 39 -12.60 -48.26 18.88
C ILE E 39 -12.00 -49.28 19.84
N LEU E 40 -12.64 -50.45 19.93
CA LEU E 40 -12.25 -51.45 20.91
C LEU E 40 -11.32 -52.52 20.34
N SER E 41 -10.97 -52.39 19.07
CA SER E 41 -10.11 -53.36 18.37
C SER E 41 -10.61 -54.79 18.51
N THR E 42 -11.92 -54.96 18.55
CA THR E 42 -12.57 -56.26 18.62
C THR E 42 -12.22 -57.11 17.39
N ASN E 43 -11.71 -58.32 17.61
CA ASN E 43 -11.35 -59.22 16.50
C ASN E 43 -10.64 -58.43 15.41
N PHE E 44 -9.59 -57.73 15.82
CA PHE E 44 -8.90 -56.76 14.99
C PHE E 44 -8.48 -57.29 13.63
N GLY E 45 -8.65 -56.47 12.61
CA GLY E 45 -8.08 -56.76 11.31
C GLY E 45 -9.04 -56.70 10.13
N ARG E 46 -10.29 -56.31 10.35
CA ARG E 46 -11.31 -56.31 9.29
C ARG E 46 -11.92 -54.92 9.04
N SER E 47 -11.49 -53.90 9.77
CA SER E 47 -12.19 -52.61 9.71
C SER E 47 -12.05 -51.87 8.38
N TYR E 48 -13.13 -51.20 7.99
CA TYR E 48 -13.12 -50.33 6.80
C TYR E 48 -12.61 -48.95 7.17
N PHE E 49 -12.40 -48.74 8.47
CA PHE E 49 -11.99 -47.43 8.97
C PHE E 49 -10.47 -47.37 9.09
N ILE E 50 -9.90 -46.23 8.70
CA ILE E 50 -8.46 -46.01 8.89
C ILE E 50 -8.25 -44.92 9.94
N SER E 51 -7.36 -45.19 10.90
CA SER E 51 -7.11 -44.25 12.00
CA SER E 51 -7.11 -44.25 11.99
C SER E 51 -6.10 -43.16 11.66
N THR E 52 -6.39 -41.94 12.11
CA THR E 52 -5.47 -40.82 12.04
C THR E 52 -5.69 -40.00 13.32
N SER E 53 -4.81 -39.04 13.56
CA SER E 53 -4.86 -38.22 14.77
CA SER E 53 -4.92 -38.22 14.76
C SER E 53 -4.93 -36.74 14.43
N GLU E 54 -5.60 -35.96 15.28
CA GLU E 54 -5.68 -34.53 15.06
C GLU E 54 -4.31 -33.85 15.22
N THR E 55 -3.40 -34.49 15.98
CA THR E 55 -2.09 -33.89 16.18
C THR E 55 -0.95 -34.87 15.94
N PRO E 56 0.23 -34.35 15.57
CA PRO E 56 1.39 -35.25 15.41
C PRO E 56 1.72 -35.95 16.73
N THR E 57 1.66 -35.21 17.84
CA THR E 57 2.01 -35.75 19.15
C THR E 57 1.12 -36.94 19.51
N ALA E 58 -0.19 -36.81 19.30
CA ALA E 58 -1.08 -37.92 19.59
C ALA E 58 -0.84 -39.08 18.63
N ALA E 59 -0.50 -38.76 17.39
CA ALA E 59 -0.30 -39.81 16.39
C ALA E 59 0.91 -40.65 16.72
N ILE E 60 1.91 -40.03 17.36
CA ILE E 60 3.19 -40.69 17.57
C ILE E 60 3.31 -41.32 18.95
N ARG E 61 2.37 -41.04 19.85
CA ARG E 61 2.51 -41.55 21.23
C ARG E 61 2.76 -43.08 21.33
N PHE E 62 2.01 -43.90 20.59
CA PHE E 62 2.19 -45.36 20.70
C PHE E 62 3.62 -45.75 20.35
N PHE E 63 4.22 -44.99 19.44
CA PHE E 63 5.56 -45.25 18.93
C PHE E 63 6.62 -45.04 20.01
N GLY E 64 6.26 -44.36 21.10
CA GLY E 64 7.15 -44.18 22.21
C GLY E 64 7.09 -45.26 23.29
N SER E 65 6.47 -46.41 22.96
CA SER E 65 6.37 -47.51 23.93
C SER E 65 7.76 -47.92 24.43
N TRP E 66 7.87 -48.17 25.73
CA TRP E 66 9.18 -48.50 26.32
C TRP E 66 9.61 -49.93 26.00
N LEU E 67 10.90 -50.12 25.73
CA LEU E 67 11.41 -51.42 25.34
C LEU E 67 11.74 -52.29 26.55
N ARG E 68 11.69 -53.61 26.38
CA ARG E 68 12.28 -54.52 27.37
C ARG E 68 13.78 -54.28 27.45
N GLU E 69 14.31 -54.17 28.66
CA GLU E 69 15.74 -53.89 28.82
C GLU E 69 16.61 -55.04 28.33
N TYR E 70 17.72 -54.69 27.67
CA TYR E 70 18.78 -55.65 27.31
C TYR E 70 18.37 -56.74 26.31
N VAL E 71 17.26 -56.53 25.61
CA VAL E 71 16.82 -57.48 24.61
C VAL E 71 17.11 -56.90 23.23
N PRO E 72 17.66 -57.71 22.32
CA PRO E 72 17.99 -57.19 20.99
C PRO E 72 16.75 -56.57 20.36
N GLU E 73 16.91 -55.43 19.71
CA GLU E 73 15.78 -54.78 19.07
C GLU E 73 16.22 -53.87 17.93
N HIS E 74 16.01 -54.31 16.70
CA HIS E 74 16.32 -53.51 15.53
C HIS E 74 15.68 -52.13 15.67
N PRO E 75 16.37 -51.10 15.17
CA PRO E 75 15.92 -49.71 15.35
C PRO E 75 14.43 -49.54 15.03
N ARG E 76 13.76 -48.72 15.82
CA ARG E 76 12.36 -48.41 15.54
C ARG E 76 12.27 -47.16 14.69
N ARG E 77 11.81 -47.37 13.46
CA ARG E 77 11.78 -46.34 12.44
C ARG E 77 10.45 -46.43 11.69
N ALA E 78 9.79 -45.29 11.54
CA ALA E 78 8.55 -45.24 10.76
C ALA E 78 8.43 -43.86 10.16
N TYR E 79 7.28 -43.55 9.57
CA TYR E 79 7.08 -42.25 8.95
C TYR E 79 5.83 -41.59 9.45
N LEU E 80 5.91 -40.28 9.72
CA LEU E 80 4.73 -39.50 10.10
C LEU E 80 4.18 -38.87 8.83
N TYR E 81 2.92 -39.16 8.52
CA TYR E 81 2.26 -38.60 7.34
C TYR E 81 1.29 -37.48 7.72
N GLU E 82 1.40 -36.36 7.01
CA GLU E 82 0.44 -35.26 7.14
C GLU E 82 -0.61 -35.39 6.03
N ILE E 83 -1.86 -35.50 6.43
CA ILE E 83 -2.95 -35.89 5.53
C ILE E 83 -4.06 -34.85 5.53
N ARG E 84 -4.38 -34.30 4.35
CA ARG E 84 -5.47 -33.32 4.26
C ARG E 84 -6.80 -34.01 4.50
N ALA E 85 -7.58 -33.50 5.44
CA ALA E 85 -8.85 -34.12 5.79
C ALA E 85 -9.99 -33.60 4.91
N ASP E 86 -10.95 -34.48 4.63
CA ASP E 86 -12.11 -34.12 3.84
C ASP E 86 -13.37 -34.76 4.46
N GLN E 87 -14.48 -34.71 3.73
CA GLN E 87 -15.76 -35.10 4.31
C GLN E 87 -15.88 -36.57 4.71
N HIS E 88 -14.94 -37.42 4.30
CA HIS E 88 -15.00 -38.80 4.80
C HIS E 88 -14.12 -39.07 6.03
N PHE E 89 -13.63 -38.00 6.67
CA PHE E 89 -12.92 -38.10 7.94
C PHE E 89 -13.87 -37.71 9.08
N TYR E 90 -13.98 -38.58 10.10
CA TYR E 90 -14.90 -38.34 11.20
C TYR E 90 -14.20 -38.44 12.56
N ASN E 91 -14.67 -37.67 13.52
CA ASN E 91 -14.06 -37.65 14.85
C ASN E 91 -14.64 -38.75 15.75
N ALA E 92 -13.78 -39.58 16.31
CA ALA E 92 -14.24 -40.73 17.09
C ALA E 92 -15.00 -40.32 18.34
N ARG E 93 -14.45 -39.38 19.09
CA ARG E 93 -15.10 -38.96 20.33
C ARG E 93 -16.48 -38.36 20.09
N ALA E 94 -16.59 -37.44 19.12
CA ALA E 94 -17.88 -36.82 18.82
C ALA E 94 -18.88 -37.87 18.34
N THR E 95 -18.40 -38.84 17.57
CA THR E 95 -19.25 -39.94 17.12
C THR E 95 -19.78 -40.71 18.33
N GLY E 96 -18.90 -40.98 19.30
CA GLY E 96 -19.31 -41.68 20.50
C GLY E 96 -20.35 -40.92 21.31
N GLU E 97 -20.15 -39.61 21.43
CA GLU E 97 -21.09 -38.79 22.20
C GLU E 97 -22.49 -38.79 21.58
N ASN E 98 -22.57 -38.71 20.26
CA ASN E 98 -23.84 -38.80 19.54
C ASN E 98 -24.57 -40.12 19.80
N LEU E 99 -23.82 -41.22 19.77
CA LEU E 99 -24.40 -42.54 20.06
C LEU E 99 -24.87 -42.64 21.52
N LEU E 100 -24.11 -42.03 22.44
CA LEU E 100 -24.54 -41.99 23.82
C LEU E 100 -25.89 -41.28 23.93
N ASP E 101 -25.97 -40.11 23.30
CA ASP E 101 -27.21 -39.34 23.19
C ASP E 101 -28.38 -40.19 22.63
N LEU E 102 -28.17 -40.86 21.50
CA LEU E 102 -29.22 -41.68 20.91
C LEU E 102 -29.68 -42.79 21.87
N MET E 103 -28.72 -43.44 22.54
CA MET E 103 -29.06 -44.48 23.50
C MET E 103 -29.81 -43.96 24.73
N ARG E 104 -29.46 -42.77 25.21
CA ARG E 104 -30.15 -42.25 26.40
C ARG E 104 -31.58 -41.84 26.05
N GLN E 105 -31.76 -41.31 24.85
CA GLN E 105 -33.08 -40.92 24.35
C GLN E 105 -33.84 -42.13 23.81
N ARG E 106 -33.21 -43.30 23.94
CA ARG E 106 -33.78 -44.57 23.50
C ARG E 106 -34.25 -44.55 22.04
N GLN E 107 -33.36 -44.10 21.17
CA GLN E 107 -33.61 -44.03 19.74
C GLN E 107 -32.68 -45.01 19.01
N VAL E 108 -32.34 -46.09 19.71
CA VAL E 108 -31.43 -47.10 19.18
C VAL E 108 -32.03 -48.51 19.27
N VAL E 109 -31.80 -49.33 18.25
CA VAL E 109 -32.15 -50.73 18.34
C VAL E 109 -30.87 -51.54 18.40
N PHE E 110 -30.73 -52.35 19.44
CA PHE E 110 -29.54 -53.17 19.60
C PHE E 110 -29.67 -54.51 18.88
N ASP E 111 -29.00 -54.64 17.74
CA ASP E 111 -28.98 -55.91 17.03
C ASP E 111 -28.22 -56.94 17.84
N SER E 112 -27.25 -56.45 18.61
CA SER E 112 -26.45 -57.30 19.48
C SER E 112 -25.94 -56.46 20.65
N GLY E 113 -25.80 -57.08 21.82
CA GLY E 113 -25.39 -56.36 23.00
C GLY E 113 -26.49 -55.46 23.54
N ASP E 114 -26.16 -54.58 24.46
CA ASP E 114 -27.14 -53.67 25.05
C ASP E 114 -26.50 -52.34 25.45
N ARG E 115 -27.30 -51.46 26.07
CA ARG E 115 -26.85 -50.12 26.41
C ARG E 115 -25.76 -50.13 27.48
N GLU E 116 -25.90 -51.01 28.45
CA GLU E 116 -24.90 -51.11 29.51
C GLU E 116 -23.54 -51.33 28.88
N MET E 117 -23.47 -52.29 27.95
CA MET E 117 -22.22 -52.62 27.29
C MET E 117 -21.74 -51.47 26.43
N ALA E 118 -22.66 -50.85 25.69
CA ALA E 118 -22.32 -49.72 24.83
C ALA E 118 -21.68 -48.60 25.66
N GLN E 119 -22.26 -48.34 26.83
CA GLN E 119 -21.78 -47.30 27.73
C GLN E 119 -20.40 -47.61 28.31
N MET E 120 -20.08 -48.89 28.43
CA MET E 120 -18.73 -49.29 28.80
C MET E 120 -17.74 -48.94 27.70
N GLY E 121 -18.14 -49.20 26.45
CA GLY E 121 -17.33 -48.82 25.32
C GLY E 121 -17.11 -47.32 25.28
N ILE E 122 -18.16 -46.56 25.57
CA ILE E 122 -18.04 -45.10 25.47
C ILE E 122 -17.17 -44.55 26.61
N ARG E 123 -17.24 -45.19 27.76
CA ARG E 123 -16.38 -44.78 28.88
C ARG E 123 -14.91 -44.99 28.52
N ALA E 124 -14.61 -46.11 27.86
CA ALA E 124 -13.25 -46.38 27.41
C ALA E 124 -12.79 -45.36 26.37
N LEU E 125 -13.68 -45.04 25.43
CA LEU E 125 -13.40 -44.02 24.43
C LEU E 125 -13.13 -42.64 25.06
N ARG E 126 -13.98 -42.28 26.03
CA ARG E 126 -13.89 -40.99 26.72
C ARG E 126 -12.61 -40.85 27.55
N THR E 127 -12.16 -41.95 28.12
CA THR E 127 -11.03 -41.90 29.05
C THR E 127 -9.80 -42.53 28.41
N SER E 128 -9.67 -43.84 28.52
CA SER E 128 -8.50 -44.56 28.05
C SER E 128 -8.02 -44.22 26.63
N PHE E 129 -8.93 -44.08 25.68
CA PHE E 129 -8.54 -43.90 24.28
C PHE E 129 -8.56 -42.47 23.77
N ALA E 130 -9.08 -41.54 24.57
CA ALA E 130 -9.37 -40.18 24.09
C ALA E 130 -8.16 -39.39 23.64
N TYR E 131 -7.03 -39.62 24.29
CA TYR E 131 -5.81 -38.86 24.01
C TYR E 131 -5.35 -39.05 22.57
N GLN E 132 -5.83 -40.12 21.95
CA GLN E 132 -5.48 -40.44 20.57
C GLN E 132 -6.01 -39.38 19.60
N ARG E 133 -6.98 -38.57 20.04
CA ARG E 133 -7.54 -37.52 19.21
C ARG E 133 -7.90 -38.10 17.85
N GLU E 134 -8.54 -39.26 17.84
CA GLU E 134 -8.70 -40.01 16.60
C GLU E 134 -9.73 -39.40 15.65
N TRP E 135 -9.30 -39.19 14.40
CA TRP E 135 -10.24 -39.02 13.30
C TRP E 135 -10.11 -40.26 12.44
N PHE E 136 -11.21 -40.95 12.19
CA PHE E 136 -11.15 -42.13 11.34
C PHE E 136 -11.76 -41.85 9.98
N THR E 137 -11.25 -42.51 8.96
CA THR E 137 -11.81 -42.31 7.61
C THR E 137 -12.78 -43.42 7.31
N ASP E 138 -13.88 -43.06 6.65
CA ASP E 138 -14.86 -44.05 6.23
C ASP E 138 -14.36 -44.57 4.88
N GLY E 139 -13.37 -45.45 4.93
CA GLY E 139 -12.78 -46.02 3.73
C GLY E 139 -11.36 -45.59 3.47
N PRO E 140 -10.83 -45.98 2.31
CA PRO E 140 -9.46 -45.72 1.86
C PRO E 140 -9.13 -44.24 1.79
N ILE E 141 -7.86 -43.92 1.93
CA ILE E 141 -7.39 -42.55 1.77
C ILE E 141 -6.58 -42.46 0.49
N ALA E 142 -6.95 -41.54 -0.39
CA ALA E 142 -6.28 -41.40 -1.67
C ALA E 142 -4.92 -40.76 -1.49
N ALA E 143 -3.98 -41.09 -2.37
CA ALA E 143 -2.67 -40.47 -2.34
C ALA E 143 -2.78 -38.94 -2.44
N ALA E 144 -3.79 -38.47 -3.16
CA ALA E 144 -4.02 -37.04 -3.34
C ALA E 144 -4.18 -36.27 -2.02
N ASN E 145 -4.61 -36.96 -0.96
CA ASN E 145 -4.75 -36.34 0.36
C ASN E 145 -3.45 -36.21 1.15
N VAL E 146 -2.45 -37.00 0.78
CA VAL E 146 -1.25 -37.07 1.60
C VAL E 146 -0.28 -35.98 1.20
N ARG E 147 -0.06 -35.02 2.09
CA ARG E 147 0.77 -33.88 1.71
C ARG E 147 2.26 -34.07 1.94
N SER E 148 2.64 -34.58 3.11
CA SER E 148 4.04 -34.61 3.51
C SER E 148 4.34 -35.85 4.34
N ALA E 149 5.62 -36.12 4.53
CA ALA E 149 6.07 -37.18 5.44
C ALA E 149 7.37 -36.77 6.12
N TRP E 150 7.56 -37.27 7.33
CA TRP E 150 8.83 -37.09 8.05
C TRP E 150 9.25 -38.45 8.58
N LEU E 151 10.55 -38.72 8.59
CA LEU E 151 11.06 -39.93 9.23
C LEU E 151 10.98 -39.74 10.74
N VAL E 152 10.41 -40.71 11.42
CA VAL E 152 10.36 -40.66 12.88
C VAL E 152 11.12 -41.84 13.46
N ASP E 153 11.82 -41.61 14.56
CA ASP E 153 12.45 -42.72 15.27
C ASP E 153 12.21 -42.59 16.77
N ALA E 154 12.38 -43.71 17.47
CA ALA E 154 12.28 -43.72 18.92
C ALA E 154 13.70 -43.80 19.48
N VAL E 155 13.96 -43.04 20.53
CA VAL E 155 15.29 -43.03 21.16
C VAL E 155 15.19 -43.08 22.69
N PRO E 156 16.06 -43.87 23.33
CA PRO E 156 16.05 -43.92 24.80
C PRO E 156 16.46 -42.58 25.38
N VAL E 157 15.83 -42.18 26.48
CA VAL E 157 16.21 -40.99 27.23
C VAL E 157 17.44 -41.27 28.11
N GLU E 158 18.44 -40.39 28.05
CA GLU E 158 19.69 -40.59 28.81
C GLU E 158 20.23 -41.99 28.64
N PRO E 159 20.55 -42.38 27.40
CA PRO E 159 20.91 -43.76 27.05
C PRO E 159 22.06 -44.30 27.89
N GLY E 160 21.86 -45.48 28.47
CA GLY E 160 22.92 -46.16 29.20
C GLY E 160 23.09 -45.68 30.63
N HIS E 161 22.34 -44.66 31.01
CA HIS E 161 22.49 -44.08 32.35
C HIS E 161 21.18 -44.09 33.15
N ALA E 162 20.06 -43.82 32.48
CA ALA E 162 18.76 -43.84 33.17
C ALA E 162 18.43 -45.21 33.72
N HIS E 163 17.83 -45.25 34.91
CA HIS E 163 17.33 -46.51 35.42
C HIS E 163 16.11 -46.92 34.59
N HIS E 164 15.84 -48.22 34.56
CA HIS E 164 14.72 -48.78 33.81
C HIS E 164 13.54 -49.11 34.74
N PRO E 165 12.56 -48.19 34.83
CA PRO E 165 11.45 -48.46 35.75
C PRO E 165 10.78 -49.81 35.42
N ALA E 166 10.63 -50.66 36.42
CA ALA E 166 10.03 -51.97 36.23
C ALA E 166 10.69 -52.77 35.12
N GLY E 167 11.96 -52.48 34.85
CA GLY E 167 12.69 -53.25 33.84
C GLY E 167 12.41 -52.85 32.39
N ARG E 168 11.73 -51.72 32.21
CA ARG E 168 11.44 -51.19 30.87
C ARG E 168 12.28 -49.92 30.63
N VAL E 169 12.66 -49.68 29.37
CA VAL E 169 13.58 -48.58 29.07
C VAL E 169 12.81 -47.34 28.61
N VAL E 170 12.97 -46.25 29.34
CA VAL E 170 12.27 -45.00 29.04
C VAL E 170 12.63 -44.51 27.63
N GLU E 171 11.60 -44.37 26.79
CA GLU E 171 11.82 -44.05 25.39
C GLU E 171 11.11 -42.74 25.03
N THR E 172 11.71 -41.95 24.16
CA THR E 172 11.00 -40.81 23.58
C THR E 172 11.07 -40.92 22.05
N THR E 173 10.49 -39.95 21.35
CA THR E 173 10.46 -40.02 19.89
C THR E 173 10.92 -38.71 19.28
N ARG E 174 11.30 -38.76 18.00
CA ARG E 174 11.78 -37.59 17.30
C ARG E 174 11.18 -37.54 15.90
N ILE E 175 10.82 -36.35 15.45
CA ILE E 175 10.39 -36.14 14.08
C ILE E 175 11.61 -35.54 13.37
N ASN E 176 12.19 -36.31 12.47
CA ASN E 176 13.43 -35.89 11.83
C ASN E 176 13.23 -35.09 10.55
N GLU E 177 14.07 -34.09 10.37
CA GLU E 177 14.25 -33.42 9.09
C GLU E 177 14.89 -34.41 8.12
N PRO E 178 14.61 -34.28 6.81
CA PRO E 178 13.78 -33.23 6.25
C PRO E 178 12.34 -33.67 5.96
N GLU E 179 11.46 -32.70 5.84
CA GLU E 179 10.11 -32.97 5.36
C GLU E 179 10.16 -33.41 3.90
N MET E 180 9.38 -34.43 3.56
CA MET E 180 9.32 -34.94 2.20
C MET E 180 7.95 -34.62 1.62
N HIS E 181 7.92 -33.95 0.47
CA HIS E 181 6.66 -33.54 -0.14
CA HIS E 181 6.66 -33.54 -0.14
C HIS E 181 6.17 -34.54 -1.19
N ASN E 182 4.88 -34.82 -1.16
CA ASN E 182 4.23 -35.70 -2.12
C ASN E 182 3.88 -34.94 -3.40
N PRO E 183 4.52 -35.29 -4.52
CA PRO E 183 4.23 -34.58 -5.78
C PRO E 183 2.81 -34.87 -6.28
N HIS E 184 2.22 -35.96 -5.79
CA HIS E 184 0.85 -36.31 -6.13
C HIS E 184 -0.19 -35.64 -5.23
N TYR E 185 0.25 -34.87 -4.23
CA TYR E 185 -0.69 -34.19 -3.36
C TYR E 185 -1.53 -33.18 -4.14
N GLN E 186 -2.83 -33.11 -3.84
CA GLN E 186 -3.68 -32.10 -4.44
C GLN E 186 -4.23 -31.17 -3.37
N GLU E 187 -4.04 -29.86 -3.54
CA GLU E 187 -4.57 -28.91 -2.59
C GLU E 187 -6.01 -28.58 -2.93
N LEU E 188 -6.95 -29.20 -2.22
CA LEU E 188 -8.36 -29.05 -2.53
C LEU E 188 -9.13 -28.19 -1.53
N GLN E 189 -8.42 -27.70 -0.51
CA GLN E 189 -9.02 -26.82 0.49
C GLN E 189 -10.29 -27.41 1.10
N THR E 190 -10.17 -28.64 1.60
CA THR E 190 -11.27 -29.32 2.26
C THR E 190 -11.13 -29.24 3.78
N GLN E 191 -12.14 -29.74 4.48
CA GLN E 191 -12.03 -29.92 5.92
C GLN E 191 -12.65 -31.25 6.35
N ALA E 192 -12.29 -31.71 7.55
CA ALA E 192 -12.86 -32.93 8.10
C ALA E 192 -14.36 -32.74 8.28
N ASN E 193 -15.11 -33.83 8.25
CA ASN E 193 -16.54 -33.74 8.48
C ASN E 193 -16.83 -33.25 9.89
N ASP E 194 -17.71 -32.26 10.04
CA ASP E 194 -18.02 -31.77 11.38
C ASP E 194 -19.22 -32.48 12.02
N GLN E 195 -19.75 -33.48 11.32
CA GLN E 195 -20.88 -34.26 11.83
C GLN E 195 -20.39 -35.55 12.48
N PRO E 196 -21.13 -36.05 13.46
CA PRO E 196 -20.81 -37.37 14.04
C PRO E 196 -21.12 -38.45 13.01
N TRP E 197 -20.34 -39.52 13.03
CA TRP E 197 -20.51 -40.57 12.05
C TRP E 197 -21.71 -41.48 12.36
N LEU E 198 -22.49 -41.83 11.34
CA LEU E 198 -23.45 -42.93 11.46
C LEU E 198 -23.37 -43.73 10.18
N PRO E 199 -23.84 -44.98 10.23
CA PRO E 199 -23.72 -45.88 9.07
C PRO E 199 -24.71 -45.51 7.98
N THR E 200 -25.76 -44.77 8.34
CA THR E 200 -26.87 -44.49 7.44
C THR E 200 -26.92 -43.01 7.09
N PRO E 201 -27.56 -42.67 5.97
CA PRO E 201 -27.66 -41.27 5.60
C PRO E 201 -28.88 -40.62 6.25
N GLY E 202 -28.96 -39.31 6.17
CA GLY E 202 -30.12 -38.62 6.70
C GLY E 202 -30.17 -38.64 8.21
N ILE E 203 -31.38 -38.49 8.71
CA ILE E 203 -31.62 -38.18 10.13
C ILE E 203 -32.72 -39.12 10.65
N ALA E 204 -33.00 -40.19 9.88
CA ALA E 204 -33.94 -41.22 10.31
C ALA E 204 -33.48 -41.95 11.59
N THR E 205 -34.44 -42.24 12.46
CA THR E 205 -34.21 -43.09 13.63
C THR E 205 -35.28 -44.19 13.59
N PRO E 206 -35.04 -45.33 14.27
CA PRO E 206 -33.91 -45.59 15.17
C PRO E 206 -32.67 -46.03 14.42
N VAL E 207 -31.51 -45.88 15.07
CA VAL E 207 -30.27 -46.41 14.53
C VAL E 207 -30.09 -47.83 15.09
N HIS E 208 -29.73 -48.79 14.25
CA HIS E 208 -29.39 -50.13 14.71
C HIS E 208 -27.91 -50.19 15.08
N LEU E 209 -27.61 -50.79 16.23
CA LEU E 209 -26.21 -50.97 16.64
C LEU E 209 -25.93 -52.40 17.06
N SER E 210 -24.70 -52.85 16.79
CA SER E 210 -24.17 -54.09 17.35
C SER E 210 -23.02 -53.76 18.28
N ILE E 211 -23.17 -54.08 19.56
CA ILE E 211 -22.13 -53.80 20.55
C ILE E 211 -21.34 -55.07 20.81
N PRO E 212 -20.01 -55.00 20.67
CA PRO E 212 -19.15 -56.17 20.82
C PRO E 212 -19.03 -56.55 22.30
N GLN E 213 -18.68 -57.80 22.58
CA GLN E 213 -18.58 -58.23 23.97
C GLN E 213 -17.14 -58.25 24.47
N ALA E 214 -16.19 -57.97 23.56
CA ALA E 214 -14.77 -58.00 23.93
C ALA E 214 -13.97 -56.87 23.28
N ALA E 215 -12.77 -56.63 23.81
CA ALA E 215 -11.86 -55.61 23.30
C ALA E 215 -10.41 -56.09 23.36
N SER E 216 -9.58 -55.50 22.51
CA SER E 216 -8.13 -55.66 22.59
C SER E 216 -7.49 -54.30 22.82
N VAL E 217 -6.43 -54.28 23.62
CA VAL E 217 -5.78 -53.04 24.02
C VAL E 217 -4.27 -53.23 23.90
N ALA E 218 -3.60 -52.29 23.25
CA ALA E 218 -2.15 -52.30 23.24
C ALA E 218 -1.65 -51.49 24.43
N ASP E 219 -0.77 -52.08 25.23
CA ASP E 219 -0.15 -51.38 26.34
C ASP E 219 1.04 -50.61 25.82
N VAL E 220 0.97 -49.27 25.85
CA VAL E 220 2.06 -48.45 25.31
C VAL E 220 2.84 -47.67 26.38
N SER E 221 2.88 -48.25 27.58
CA SER E 221 3.71 -47.78 28.69
C SER E 221 3.06 -46.72 29.58
N GLU E 222 3.47 -46.74 30.85
CA GLU E 222 2.99 -45.79 31.83
C GLU E 222 1.47 -45.80 31.95
N GLY E 223 0.91 -47.01 31.85
CA GLY E 223 -0.52 -47.22 32.09
C GLY E 223 -1.39 -46.88 30.88
N THR E 224 -0.76 -46.43 29.80
CA THR E 224 -1.45 -45.91 28.62
C THR E 224 -1.97 -47.00 27.69
N SER E 225 -3.24 -46.90 27.31
CA SER E 225 -3.89 -47.84 26.41
C SER E 225 -3.89 -47.27 25.00
N ALA E 226 -3.62 -48.11 24.00
CA ALA E 226 -3.76 -47.72 22.59
C ALA E 226 -4.64 -48.72 21.85
N SER E 227 -5.40 -48.25 20.87
CA SER E 227 -6.10 -49.21 20.02
C SER E 227 -5.11 -49.85 19.07
N LEU E 228 -5.39 -51.08 18.63
CA LEU E 228 -4.50 -51.76 17.69
C LEU E 228 -4.41 -51.02 16.34
N SER E 229 -5.42 -50.25 16.00
CA SER E 229 -5.37 -49.46 14.76
C SER E 229 -4.22 -48.43 14.82
N PHE E 230 -3.92 -47.93 16.01
CA PHE E 230 -2.73 -47.08 16.18
C PHE E 230 -1.45 -47.89 16.32
N ALA E 231 -1.45 -48.88 17.22
CA ALA E 231 -0.21 -49.56 17.58
C ALA E 231 0.26 -50.56 16.53
N CYS E 232 -0.66 -50.97 15.66
CA CYS E 232 -0.35 -51.98 14.65
C CYS E 232 -0.70 -51.45 13.27
N PRO E 233 -0.04 -50.37 12.85
CA PRO E 233 -0.44 -49.63 11.65
C PRO E 233 -0.36 -50.44 10.36
N ASP E 234 0.39 -51.54 10.38
CA ASP E 234 0.59 -52.32 9.15
C ASP E 234 0.27 -53.80 9.33
N TRP E 235 -0.68 -54.06 10.22
CA TRP E 235 -1.22 -55.38 10.47
C TRP E 235 -1.51 -56.18 9.19
N SER E 236 -1.05 -57.43 9.16
CA SER E 236 -1.35 -58.34 8.05
C SER E 236 -1.97 -59.62 8.57
N PRO E 237 -2.82 -60.27 7.75
CA PRO E 237 -3.47 -61.52 8.15
C PRO E 237 -2.45 -62.65 8.35
N PRO E 238 -2.62 -63.47 9.41
CA PRO E 238 -1.71 -64.57 9.73
C PRO E 238 -1.42 -65.48 8.55
N ASN E 244 2.71 -64.55 13.02
CA ASN E 244 1.80 -63.84 13.89
C ASN E 244 1.93 -62.33 13.74
N PRO E 245 0.82 -61.67 13.34
CA PRO E 245 0.79 -60.23 13.07
C PRO E 245 1.08 -59.39 14.31
N LEU E 246 0.65 -59.87 15.48
CA LEU E 246 0.85 -59.14 16.73
C LEU E 246 2.31 -58.83 16.98
N ASP E 247 3.20 -59.61 16.38
CA ASP E 247 4.62 -59.45 16.61
C ASP E 247 5.14 -58.17 15.97
N LYS E 248 4.39 -57.64 15.01
CA LYS E 248 4.75 -56.39 14.34
C LYS E 248 4.08 -55.15 14.95
N CYS E 249 3.25 -55.35 15.98
CA CYS E 249 2.70 -54.22 16.72
C CYS E 249 3.79 -53.55 17.54
N ILE E 250 3.61 -52.26 17.82
CA ILE E 250 4.58 -51.52 18.61
C ILE E 250 3.90 -51.19 19.94
N ALA E 251 4.30 -51.93 20.98
CA ALA E 251 3.62 -51.89 22.28
C ALA E 251 4.37 -52.78 23.25
N GLU E 252 4.15 -52.58 24.54
CA GLU E 252 4.74 -53.45 25.54
C GLU E 252 4.09 -54.81 25.41
N LYS E 253 2.78 -54.81 25.18
CA LYS E 253 2.00 -56.04 25.19
C LYS E 253 0.58 -55.76 24.68
N ILE E 254 -0.08 -56.77 24.13
CA ILE E 254 -1.49 -56.68 23.78
C ILE E 254 -2.31 -57.53 24.75
N ASP E 255 -3.37 -56.95 25.33
CA ASP E 255 -4.25 -57.68 26.22
C ASP E 255 -5.63 -57.78 25.58
N ASN E 256 -6.32 -58.88 25.84
CA ASN E 256 -7.71 -59.02 25.44
C ASN E 256 -8.61 -59.14 26.66
N TYR E 257 -9.73 -58.44 26.64
CA TYR E 257 -10.66 -58.42 27.77
C TYR E 257 -12.09 -58.46 27.29
N ASN E 258 -12.94 -59.15 28.04
CA ASN E 258 -14.37 -58.94 27.94
C ASN E 258 -14.63 -57.53 28.38
N LEU E 259 -15.65 -56.91 27.79
CA LEU E 259 -15.91 -55.49 27.99
C LEU E 259 -16.03 -55.11 29.46
N GLN E 260 -16.74 -55.92 30.24
CA GLN E 260 -16.94 -55.61 31.65
C GLN E 260 -15.66 -55.75 32.47
N SER E 261 -14.62 -56.31 31.85
CA SER E 261 -13.34 -56.54 32.50
C SER E 261 -12.29 -55.52 32.10
N LEU E 262 -12.62 -54.68 31.13
CA LEU E 262 -11.66 -53.72 30.57
C LEU E 262 -11.17 -52.73 31.65
N PRO E 263 -9.86 -52.74 31.93
CA PRO E 263 -9.37 -51.82 32.96
C PRO E 263 -9.06 -50.42 32.44
N GLN E 264 -9.26 -49.43 33.29
CA GLN E 264 -8.88 -48.04 33.01
C GLN E 264 -7.40 -47.89 32.61
N TYR E 265 -6.52 -48.60 33.33
CA TYR E 265 -5.07 -48.52 33.08
C TYR E 265 -4.46 -49.84 32.63
N ALA E 266 -3.36 -49.78 31.90
CA ALA E 266 -2.63 -51.00 31.53
C ALA E 266 -1.66 -51.40 32.65
N SER E 267 -1.17 -52.64 32.59
CA SER E 267 -0.21 -53.16 33.58
C SER E 267 0.97 -52.22 33.79
N SER E 268 1.37 -51.56 32.70
CA SER E 268 2.56 -50.70 32.71
C SER E 268 2.42 -49.51 33.65
N VAL E 269 1.25 -49.36 34.25
CA VAL E 269 1.04 -48.27 35.16
C VAL E 269 1.97 -48.45 36.37
N LYS E 270 2.53 -49.65 36.52
CA LYS E 270 3.46 -49.90 37.64
C LYS E 270 4.80 -49.20 37.42
N GLU E 271 5.05 -48.75 36.19
CA GLU E 271 6.28 -48.00 35.87
C GLU E 271 6.32 -46.61 36.49
N LEU E 272 5.16 -46.11 36.92
CA LEU E 272 5.06 -44.72 37.33
C LEU E 272 5.86 -44.46 38.60
N GLU E 273 6.59 -43.35 38.61
CA GLU E 273 7.28 -42.90 39.81
C GLU E 273 7.14 -41.39 39.95
N ASP E 274 7.16 -40.90 41.18
CA ASP E 274 7.07 -39.47 41.41
C ASP E 274 8.36 -38.80 41.01
N THR E 275 8.26 -37.70 40.28
CA THR E 275 9.45 -37.01 39.83
C THR E 275 9.37 -35.49 40.00
N PRO E 276 10.38 -34.89 40.65
CA PRO E 276 10.52 -33.44 40.67
C PRO E 276 10.99 -33.00 39.28
N VAL E 277 10.90 -31.71 38.98
CA VAL E 277 11.36 -31.20 37.70
C VAL E 277 12.50 -30.19 37.86
N TYR E 278 13.63 -30.46 37.21
CA TYR E 278 14.77 -29.56 37.24
C TYR E 278 15.03 -28.96 35.85
N LEU E 279 15.26 -27.64 35.84
CA LEU E 279 15.49 -26.90 34.60
C LEU E 279 16.76 -26.05 34.70
N ARG E 280 17.49 -25.94 33.59
CA ARG E 280 18.76 -25.21 33.57
C ARG E 280 18.79 -24.09 32.52
N GLY E 281 19.26 -22.92 32.92
CA GLY E 281 19.38 -21.78 32.02
C GLY E 281 20.47 -22.01 30.97
N ILE E 282 20.18 -21.64 29.73
CA ILE E 282 21.11 -21.91 28.64
C ILE E 282 22.48 -21.25 28.83
N LYS E 283 22.49 -19.98 29.20
CA LYS E 283 23.75 -19.25 29.29
C LYS E 283 24.32 -19.24 30.70
N THR E 284 23.52 -18.79 31.67
CA THR E 284 23.97 -18.73 33.06
C THR E 284 24.25 -20.10 33.66
N GLN E 285 23.72 -21.16 33.04
CA GLN E 285 23.86 -22.52 33.58
C GLN E 285 23.33 -22.64 35.01
N LYS E 286 22.48 -21.70 35.41
CA LYS E 286 21.85 -21.81 36.72
C LYS E 286 20.78 -22.92 36.67
N THR E 287 20.59 -23.61 37.78
CA THR E 287 19.63 -24.70 37.84
C THR E 287 18.49 -24.36 38.80
N PHE E 288 17.27 -24.75 38.43
CA PHE E 288 16.06 -24.45 39.20
C PHE E 288 15.18 -25.68 39.36
N MET E 289 14.42 -25.71 40.45
CA MET E 289 13.38 -26.71 40.65
C MET E 289 12.04 -26.06 40.35
N LEU E 290 11.20 -26.76 39.60
CA LEU E 290 9.84 -26.31 39.34
C LEU E 290 8.97 -26.55 40.57
N GLN E 291 8.19 -25.54 40.96
CA GLN E 291 7.31 -25.68 42.11
C GLN E 291 6.02 -24.92 41.84
N ALA E 292 4.95 -25.30 42.52
CA ALA E 292 3.67 -24.62 42.34
C ALA E 292 2.88 -24.65 43.64
N ASP E 293 1.93 -23.74 43.76
CA ASP E 293 1.16 -23.61 45.00
C ASP E 293 -0.33 -23.56 44.70
N PRO E 294 -1.06 -24.61 45.10
CA PRO E 294 -2.51 -24.67 44.82
C PRO E 294 -3.29 -23.58 45.57
N GLN E 295 -2.70 -23.01 46.61
CA GLN E 295 -3.41 -21.98 47.38
C GLN E 295 -3.66 -20.72 46.54
N ASN E 296 -2.70 -20.38 45.69
CA ASN E 296 -2.80 -19.17 44.85
C ASN E 296 -2.57 -19.46 43.36
N ASN E 297 -2.40 -20.74 43.04
CA ASN E 297 -2.22 -21.20 41.66
C ASN E 297 -0.91 -20.74 41.04
N ASN E 298 0.01 -20.30 41.88
CA ASN E 298 1.28 -19.81 41.38
C ASN E 298 2.22 -20.94 40.96
N VAL E 299 2.92 -20.69 39.86
CA VAL E 299 3.94 -21.59 39.37
C VAL E 299 5.24 -20.78 39.40
N PHE E 300 6.31 -21.35 39.95
CA PHE E 300 7.55 -20.60 40.08
C PHE E 300 8.77 -21.48 40.08
N LEU E 301 9.94 -20.85 40.09
CA LEU E 301 11.22 -21.54 40.04
C LEU E 301 12.02 -21.18 41.27
N VAL E 302 12.70 -22.17 41.84
CA VAL E 302 13.56 -21.97 42.99
C VAL E 302 14.95 -22.48 42.66
N GLU E 303 15.95 -21.62 42.76
CA GLU E 303 17.31 -21.98 42.39
C GLU E 303 17.86 -23.04 43.34
N VAL E 304 18.61 -23.99 42.78
CA VAL E 304 19.18 -25.09 43.56
C VAL E 304 20.33 -24.65 44.47
N ASN E 305 21.30 -23.93 43.91
CA ASN E 305 22.45 -23.44 44.68
C ASN E 305 23.23 -24.58 45.33
N SER E 308 -1.48 -19.97 55.66
CA SER E 308 -0.17 -20.21 55.06
C SER E 308 -0.19 -21.51 54.26
N SER E 309 0.58 -21.57 53.18
CA SER E 309 0.63 -22.77 52.37
C SER E 309 2.07 -23.22 52.13
N PHE E 310 2.25 -24.13 51.17
CA PHE E 310 3.56 -24.69 50.90
C PHE E 310 3.66 -25.10 49.44
N PRO E 311 4.88 -25.05 48.88
CA PRO E 311 5.11 -25.43 47.48
C PRO E 311 4.99 -26.94 47.28
N GLN E 312 4.46 -27.34 46.13
CA GLN E 312 4.42 -28.74 45.77
C GLN E 312 5.38 -28.97 44.60
N THR E 313 5.98 -30.15 44.55
CA THR E 313 7.19 -30.34 43.77
C THR E 313 7.13 -31.48 42.77
N ILE E 314 6.08 -32.29 42.83
CA ILE E 314 6.01 -33.46 41.96
C ILE E 314 5.04 -33.20 40.81
N PHE E 315 5.54 -33.33 39.58
CA PHE E 315 4.73 -33.09 38.38
C PHE E 315 4.82 -34.29 37.46
N PHE E 316 3.82 -34.44 36.59
CA PHE E 316 3.91 -35.43 35.50
C PHE E 316 3.34 -34.86 34.22
N TRP E 317 3.78 -35.43 33.11
CA TRP E 317 3.35 -35.01 31.77
C TRP E 317 2.46 -36.14 31.26
N ASP E 318 1.20 -35.82 30.96
CA ASP E 318 0.23 -36.85 30.59
C ASP E 318 -0.08 -36.89 29.10
N VAL E 319 -0.87 -37.86 28.66
CA VAL E 319 -1.11 -38.07 27.22
C VAL E 319 -1.94 -36.96 26.53
N TYR E 320 -2.54 -36.08 27.32
CA TYR E 320 -3.19 -34.88 26.81
C TYR E 320 -2.18 -33.74 26.66
N GLN E 321 -0.91 -34.05 26.94
CA GLN E 321 0.20 -33.09 26.86
C GLN E 321 0.25 -32.10 28.03
N ARG E 322 -0.48 -32.44 29.11
CA ARG E 322 -0.58 -31.56 30.27
C ARG E 322 0.53 -31.87 31.26
N ILE E 323 1.08 -30.83 31.87
CA ILE E 323 1.98 -31.01 33.01
C ILE E 323 1.17 -30.75 34.27
N CYS E 324 0.91 -31.81 35.05
CA CYS E 324 0.00 -31.72 36.18
C CYS E 324 0.75 -31.88 37.49
N LEU E 325 0.26 -31.20 38.52
CA LEU E 325 0.70 -31.43 39.89
C LEU E 325 0.18 -32.78 40.32
N LYS E 326 0.98 -33.52 41.07
CA LYS E 326 0.61 -34.87 41.50
C LYS E 326 -0.71 -34.91 42.28
N ASP E 327 -0.84 -34.09 43.31
CA ASP E 327 -1.96 -34.25 44.24
C ASP E 327 -3.18 -33.41 43.89
N LEU E 328 -4.35 -33.96 44.15
CA LEU E 328 -5.62 -33.25 44.02
C LEU E 328 -5.80 -32.30 45.18
N THR E 329 -6.58 -31.25 44.95
CA THR E 329 -6.94 -30.34 46.02
C THR E 329 -8.01 -30.99 46.90
N GLY E 330 -8.39 -30.28 47.97
CA GLY E 330 -9.39 -30.80 48.89
C GLY E 330 -10.76 -30.98 48.24
N ALA E 331 -10.97 -30.28 47.13
CA ALA E 331 -12.25 -30.37 46.42
C ALA E 331 -12.12 -31.33 45.22
N GLN E 332 -11.05 -32.11 45.24
CA GLN E 332 -10.86 -33.23 44.33
C GLN E 332 -10.58 -32.82 42.88
N ILE E 333 -10.09 -31.61 42.68
CA ILE E 333 -9.67 -31.25 41.34
C ILE E 333 -8.15 -31.30 41.15
N SER E 334 -7.76 -31.50 39.90
CA SER E 334 -6.38 -31.60 39.46
C SER E 334 -6.00 -30.24 38.85
N LEU E 335 -4.74 -29.86 39.00
CA LEU E 335 -4.22 -28.58 38.52
C LEU E 335 -3.08 -28.81 37.53
N SER E 336 -3.06 -28.02 36.46
CA SER E 336 -2.05 -28.16 35.39
C SER E 336 -1.39 -26.82 35.07
N LEU E 337 -0.14 -26.87 34.62
CA LEU E 337 0.56 -25.68 34.16
C LEU E 337 -0.13 -25.12 32.94
N THR E 338 -0.47 -23.85 32.99
CA THR E 338 -1.26 -23.21 31.95
C THR E 338 -0.54 -21.96 31.48
N ALA E 339 -0.53 -21.73 30.17
CA ALA E 339 0.15 -20.54 29.64
C ALA E 339 -0.86 -19.42 29.43
N PHE E 340 -0.70 -18.34 30.17
CA PHE E 340 -1.58 -17.18 30.06
C PHE E 340 -0.87 -16.02 29.38
N THR E 341 -1.64 -15.22 28.66
CA THR E 341 -1.12 -13.99 28.06
C THR E 341 -0.69 -12.98 29.13
N THR E 342 0.29 -12.13 28.78
CA THR E 342 0.71 -11.05 29.66
C THR E 342 0.55 -9.69 28.98
N GLN E 343 1.29 -8.69 29.46
CA GLN E 343 1.22 -7.35 28.88
C GLN E 343 1.97 -7.24 27.55
N TYR E 344 2.78 -8.24 27.23
CA TYR E 344 3.51 -8.28 25.96
C TYR E 344 3.15 -9.54 25.16
N ALA E 345 2.73 -9.36 23.91
CA ALA E 345 2.31 -10.48 23.08
C ALA E 345 3.37 -11.59 22.95
N GLY E 346 4.63 -11.21 23.06
CA GLY E 346 5.71 -12.16 22.88
C GLY E 346 6.15 -12.85 24.16
N GLN E 347 5.30 -12.81 25.17
CA GLN E 347 5.65 -13.39 26.47
C GLN E 347 4.41 -13.91 27.21
N LEU E 348 4.34 -15.22 27.36
CA LEU E 348 3.27 -15.83 28.14
C LEU E 348 3.79 -16.08 29.54
N LYS E 349 2.90 -16.11 30.52
CA LYS E 349 3.30 -16.47 31.89
C LYS E 349 2.55 -17.74 32.34
N VAL E 350 3.30 -18.65 32.96
CA VAL E 350 2.75 -19.92 33.43
C VAL E 350 2.16 -19.81 34.83
N HIS E 351 0.97 -20.38 34.98
CA HIS E 351 0.18 -20.26 36.21
C HIS E 351 -0.68 -21.52 36.19
N LEU E 352 -1.17 -21.96 37.34
CA LEU E 352 -1.99 -23.16 37.39
C LEU E 352 -3.44 -22.85 37.00
N SER E 353 -4.15 -23.88 36.50
CA SER E 353 -5.60 -23.83 36.41
C SER E 353 -6.15 -25.27 36.41
N VAL E 354 -7.45 -25.43 36.55
CA VAL E 354 -8.02 -26.77 36.55
C VAL E 354 -7.67 -27.59 35.29
N SER E 355 -7.11 -28.78 35.49
CA SER E 355 -6.73 -29.67 34.39
C SER E 355 -7.93 -29.96 33.49
N ALA E 356 -7.78 -29.69 32.20
CA ALA E 356 -8.86 -29.86 31.25
C ALA E 356 -8.31 -30.51 29.97
N VAL E 357 -8.98 -31.54 29.47
CA VAL E 357 -8.46 -32.31 28.34
C VAL E 357 -8.47 -31.52 27.03
N ASN E 358 -9.29 -30.48 26.97
CA ASN E 358 -9.46 -29.70 25.74
C ASN E 358 -8.83 -28.31 25.77
N ALA E 359 -8.10 -27.99 26.82
CA ALA E 359 -7.45 -26.68 26.95
C ALA E 359 -6.11 -26.64 26.19
N VAL E 360 -6.08 -25.92 25.08
CA VAL E 360 -4.84 -25.83 24.33
C VAL E 360 -3.72 -25.15 25.11
N ASN E 361 -4.08 -24.17 25.94
CA ASN E 361 -3.08 -23.49 26.77
C ASN E 361 -2.51 -24.35 27.87
N GLN E 362 -2.99 -25.60 27.98
CA GLN E 362 -2.41 -26.53 28.94
C GLN E 362 -1.54 -27.59 28.26
N LYS E 363 -1.38 -27.48 26.95
CA LYS E 363 -0.65 -28.51 26.21
C LYS E 363 0.78 -28.12 25.93
N TRP E 364 1.69 -29.06 26.18
CA TRP E 364 3.13 -28.84 26.10
C TRP E 364 3.79 -29.94 25.28
N LYS E 365 4.89 -29.59 24.60
CA LYS E 365 5.75 -30.56 23.91
C LYS E 365 7.14 -30.56 24.54
N MET E 366 7.79 -31.72 24.57
CA MET E 366 9.16 -31.79 25.08
C MET E 366 10.06 -32.46 24.05
N THR E 367 11.10 -31.74 23.63
CA THR E 367 11.94 -32.22 22.54
C THR E 367 13.43 -32.20 22.92
N PRO E 368 14.11 -33.34 22.74
CA PRO E 368 15.53 -33.50 23.09
C PRO E 368 16.35 -32.51 22.28
N GLN E 369 17.34 -31.88 22.90
CA GLN E 369 18.15 -30.90 22.19
C GLN E 369 19.59 -31.38 21.95
N ASP E 370 20.04 -32.37 22.73
CA ASP E 370 21.39 -32.91 22.60
C ASP E 370 21.39 -34.36 22.10
N ILE E 371 22.51 -34.79 21.53
CA ILE E 371 22.61 -36.16 21.02
C ILE E 371 22.58 -37.13 22.20
N ALA E 372 22.89 -36.62 23.38
CA ALA E 372 22.89 -37.41 24.62
C ALA E 372 21.47 -37.61 25.16
N ILE E 373 20.51 -36.89 24.59
CA ILE E 373 19.10 -37.00 24.97
C ILE E 373 18.93 -36.76 26.47
N THR E 374 19.40 -35.62 26.96
CA THR E 374 19.29 -35.30 28.39
C THR E 374 18.82 -33.87 28.60
N GLN E 375 18.74 -33.10 27.52
CA GLN E 375 18.34 -31.71 27.61
C GLN E 375 17.12 -31.51 26.73
N PHE E 376 16.06 -30.97 27.32
CA PHE E 376 14.76 -30.93 26.66
C PHE E 376 14.16 -29.54 26.64
N ARG E 377 13.85 -29.07 25.43
CA ARG E 377 13.12 -27.84 25.25
C ARG E 377 11.64 -28.10 25.51
N VAL E 378 11.00 -27.18 26.22
CA VAL E 378 9.59 -27.31 26.53
C VAL E 378 8.82 -26.17 25.87
N SER E 379 7.89 -26.54 24.99
CA SER E 379 7.16 -25.57 24.20
C SER E 379 5.67 -25.65 24.46
N SER E 380 4.99 -24.52 24.30
CA SER E 380 3.53 -24.45 24.46
C SER E 380 2.83 -24.62 23.12
N GLU E 381 1.79 -25.44 23.09
CA GLU E 381 0.99 -25.62 21.88
C GLU E 381 0.25 -24.33 21.54
N LEU E 382 0.14 -23.45 22.52
CA LEU E 382 -0.56 -22.18 22.32
C LEU E 382 0.13 -21.33 21.24
N LEU E 383 1.44 -21.47 21.13
CA LEU E 383 2.22 -20.68 20.18
C LEU E 383 2.36 -21.36 18.81
N GLY E 384 1.72 -22.52 18.66
CA GLY E 384 1.61 -23.16 17.35
C GLY E 384 2.92 -23.48 16.66
N GLN E 385 3.03 -23.08 15.39
CA GLN E 385 4.21 -23.41 14.61
C GLN E 385 5.42 -22.54 14.97
N THR E 386 5.20 -21.56 15.83
CA THR E 386 6.29 -20.69 16.25
C THR E 386 7.18 -21.41 17.26
N GLU E 387 8.43 -21.62 16.89
CA GLU E 387 9.39 -22.24 17.78
C GLU E 387 9.47 -21.43 19.08
N ASN E 388 9.33 -22.13 20.19
CA ASN E 388 9.28 -21.47 21.48
C ASN E 388 9.78 -22.35 22.62
N GLY E 389 9.95 -21.76 23.80
CA GLY E 389 10.46 -22.49 24.94
C GLY E 389 10.18 -21.78 26.25
N LEU E 390 10.58 -22.41 27.35
CA LEU E 390 10.44 -21.80 28.67
C LEU E 390 11.61 -20.85 28.93
N PHE E 391 11.32 -19.72 29.56
CA PHE E 391 12.30 -18.69 29.88
C PHE E 391 12.12 -18.20 31.32
N TRP E 392 13.19 -17.68 31.90
CA TRP E 392 13.11 -16.95 33.17
C TRP E 392 13.86 -15.64 33.03
N ASN E 393 13.58 -14.68 33.90
CA ASN E 393 14.26 -13.39 33.84
C ASN E 393 15.54 -13.41 34.65
N THR E 394 16.69 -13.46 33.96
CA THR E 394 17.99 -13.61 34.62
C THR E 394 18.30 -12.50 35.63
N LYS E 395 17.58 -11.39 35.54
CA LYS E 395 17.83 -10.25 36.42
C LYS E 395 16.76 -10.10 37.50
N SER E 396 15.80 -11.01 37.55
CA SER E 396 14.80 -10.98 38.62
C SER E 396 15.44 -11.44 39.92
N GLY E 397 14.97 -10.91 41.04
CA GLY E 397 15.51 -11.27 42.33
C GLY E 397 14.56 -12.11 43.14
N GLY E 398 14.83 -12.21 44.44
CA GLY E 398 13.95 -12.92 45.35
C GLY E 398 14.21 -14.41 45.41
N SER E 399 13.37 -15.10 46.18
CA SER E 399 13.50 -16.55 46.36
C SER E 399 12.88 -17.32 45.19
N GLN E 400 11.77 -16.81 44.68
CA GLN E 400 11.01 -17.50 43.64
C GLN E 400 10.96 -16.67 42.37
N HIS E 401 11.14 -17.33 41.22
CA HIS E 401 11.15 -16.63 39.93
C HIS E 401 10.01 -17.10 39.05
N ASP E 402 9.39 -16.16 38.33
CA ASP E 402 8.29 -16.50 37.43
C ASP E 402 8.78 -17.29 36.23
N LEU E 403 7.89 -18.09 35.67
CA LEU E 403 8.19 -18.92 34.51
C LEU E 403 7.40 -18.40 33.30
N TYR E 404 8.12 -18.17 32.20
CA TYR E 404 7.51 -17.60 31.00
C TYR E 404 7.64 -18.55 29.82
N VAL E 405 6.86 -18.27 28.77
CA VAL E 405 7.02 -18.91 27.48
C VAL E 405 7.20 -17.80 26.44
N CYS E 406 8.26 -17.89 25.62
CA CYS E 406 8.50 -16.92 24.54
C CYS E 406 8.90 -17.60 23.24
N PRO E 407 8.66 -16.94 22.10
CA PRO E 407 9.27 -17.46 20.87
C PRO E 407 10.80 -17.49 21.02
N LEU E 408 11.48 -18.43 20.38
CA LEU E 408 12.93 -18.51 20.50
C LEU E 408 13.60 -17.31 19.81
N LYS E 409 12.88 -16.67 18.91
CA LYS E 409 13.41 -15.55 18.13
C LYS E 409 13.20 -14.19 18.80
N ASN E 410 14.29 -13.45 18.98
CA ASN E 410 14.21 -12.11 19.54
C ASN E 410 13.50 -12.05 20.89
N PRO E 411 13.99 -12.82 21.86
CA PRO E 411 13.36 -12.77 23.19
C PRO E 411 13.83 -11.53 23.95
N PRO E 412 12.97 -10.98 24.82
CA PRO E 412 13.36 -9.83 25.64
C PRO E 412 14.75 -10.03 26.23
N SER E 413 15.60 -9.04 26.09
CA SER E 413 17.02 -9.15 26.43
C SER E 413 17.33 -9.84 27.75
N ASP E 414 16.55 -9.56 28.78
CA ASP E 414 16.87 -10.07 30.11
C ASP E 414 16.47 -11.53 30.35
N LEU E 415 15.73 -12.13 29.43
CA LEU E 415 15.29 -13.51 29.58
C LEU E 415 16.27 -14.50 28.94
N GLU E 416 16.37 -15.70 29.49
CA GLU E 416 17.10 -16.80 28.86
C GLU E 416 16.31 -18.11 28.92
N GLU E 417 16.54 -19.00 27.95
CA GLU E 417 15.75 -20.23 27.88
C GLU E 417 16.12 -21.23 28.97
N LEU E 418 15.10 -21.92 29.50
CA LEU E 418 15.28 -23.00 30.45
C LEU E 418 14.91 -24.30 29.78
N GLN E 419 15.80 -25.29 29.88
CA GLN E 419 15.50 -26.61 29.37
C GLN E 419 15.54 -27.63 30.51
N ILE E 420 14.71 -28.66 30.40
CA ILE E 420 14.68 -29.70 31.42
C ILE E 420 15.95 -30.51 31.29
N ILE E 421 16.58 -30.80 32.43
CA ILE E 421 17.78 -31.63 32.45
C ILE E 421 17.49 -32.96 33.11
N VAL E 422 17.92 -34.03 32.47
CA VAL E 422 17.62 -35.35 32.97
C VAL E 422 18.88 -36.03 33.46
N ASP E 423 18.83 -36.48 34.69
CA ASP E 423 19.97 -37.13 35.32
C ASP E 423 19.44 -37.75 36.61
N GLU E 424 20.17 -38.71 37.15
CA GLU E 424 19.68 -39.36 38.35
C GLU E 424 19.70 -38.41 39.56
N CYS E 425 20.40 -37.28 39.41
CA CYS E 425 20.42 -36.23 40.43
C CYS E 425 19.45 -35.09 40.14
N THR E 426 18.75 -35.17 39.01
CA THR E 426 17.82 -34.12 38.63
C THR E 426 16.44 -34.68 38.25
N THR E 427 15.97 -34.37 37.05
CA THR E 427 14.69 -34.88 36.57
C THR E 427 14.85 -36.34 36.18
N HIS E 428 13.99 -37.21 36.70
CA HIS E 428 13.92 -38.62 36.31
CA HIS E 428 14.10 -38.58 36.26
C HIS E 428 13.57 -38.72 34.83
N ALA E 429 14.11 -39.71 34.13
CA ALA E 429 13.86 -39.86 32.69
C ALA E 429 12.39 -39.81 32.29
N GLN E 430 11.53 -40.49 33.04
CA GLN E 430 10.15 -40.65 32.59
C GLN E 430 9.34 -39.35 32.59
N PHE E 431 9.83 -38.31 33.26
CA PHE E 431 9.07 -37.06 33.23
C PHE E 431 8.85 -36.56 31.80
N VAL E 432 9.82 -36.80 30.92
CA VAL E 432 9.75 -36.25 29.58
C VAL E 432 9.09 -37.24 28.62
N THR E 433 8.19 -38.05 29.15
CA THR E 433 7.35 -38.93 28.36
C THR E 433 5.92 -38.73 28.85
N MET E 434 4.95 -39.21 28.08
CA MET E 434 3.56 -38.91 28.37
C MET E 434 2.86 -40.09 29.00
N ARG E 435 2.54 -39.96 30.29
CA ARG E 435 1.90 -41.06 31.04
C ARG E 435 0.38 -41.00 30.93
N ALA E 436 -0.28 -42.10 31.27
CA ALA E 436 -1.74 -42.11 31.28
C ALA E 436 -2.25 -41.00 32.19
N ALA E 437 -3.41 -40.44 31.86
CA ALA E 437 -3.99 -39.33 32.63
C ALA E 437 -4.71 -39.84 33.87
N SER E 438 -4.87 -38.96 34.87
CA SER E 438 -5.56 -39.32 36.09
C SER E 438 -6.92 -38.63 36.23
N THR E 439 -7.13 -37.51 35.53
CA THR E 439 -8.48 -36.92 35.49
C THR E 439 -8.90 -36.60 34.06
N PHE E 440 -10.21 -36.50 33.84
CA PHE E 440 -10.75 -36.38 32.50
C PHE E 440 -11.83 -35.31 32.46
N PHE E 441 -11.47 -34.10 32.86
CA PHE E 441 -12.41 -32.98 32.88
C PHE E 441 -12.36 -32.22 31.56
N VAL E 442 -13.54 -31.94 31.00
CA VAL E 442 -13.65 -31.13 29.78
C VAL E 442 -14.14 -29.76 30.19
N ASP E 443 -13.47 -28.70 29.73
CA ASP E 443 -13.95 -27.34 29.95
C ASP E 443 -15.08 -27.10 28.96
N VAL E 444 -16.31 -26.97 29.48
CA VAL E 444 -17.49 -26.83 28.62
C VAL E 444 -18.02 -25.42 28.59
N GLN E 445 -17.62 -24.61 29.56
CA GLN E 445 -17.90 -23.18 29.51
C GLN E 445 -19.39 -22.90 29.23
N LEU E 446 -20.30 -23.58 29.93
CA LEU E 446 -21.73 -23.45 29.60
C LEU E 446 -22.25 -22.03 29.79
N GLY E 447 -23.18 -21.65 28.93
CA GLY E 447 -23.82 -20.35 29.04
C GLY E 447 -25.01 -20.32 28.10
N TRP E 448 -25.58 -19.13 27.92
CA TRP E 448 -26.59 -18.99 26.89
C TRP E 448 -26.45 -17.64 26.21
N TYR E 449 -27.18 -17.49 25.10
CA TYR E 449 -27.00 -16.35 24.22
C TYR E 449 -28.36 -15.79 23.86
N TRP E 450 -28.47 -14.47 23.89
CA TRP E 450 -29.74 -13.86 23.57
C TRP E 450 -29.51 -12.48 23.00
N ARG E 451 -29.95 -12.30 21.75
CA ARG E 451 -29.91 -11.01 21.07
C ARG E 451 -28.54 -10.35 21.15
N GLY E 452 -27.50 -11.12 20.85
CA GLY E 452 -26.16 -10.59 20.73
C GLY E 452 -25.33 -10.61 21.99
N TYR E 453 -25.92 -11.08 23.09
CA TYR E 453 -25.26 -11.02 24.38
C TYR E 453 -25.08 -12.39 25.05
N TYR E 454 -23.96 -12.58 25.72
CA TYR E 454 -23.68 -13.82 26.44
C TYR E 454 -24.18 -13.77 27.88
N TYR E 455 -24.70 -14.90 28.37
CA TYR E 455 -25.09 -15.03 29.78
C TYR E 455 -24.36 -16.22 30.38
N THR E 456 -24.19 -16.20 31.70
CA THR E 456 -23.46 -17.25 32.40
C THR E 456 -24.28 -17.70 33.61
N PRO E 457 -24.21 -18.99 33.95
CA PRO E 457 -24.97 -19.46 35.11
C PRO E 457 -24.35 -19.03 36.43
N GLN E 458 -25.18 -18.77 37.43
CA GLN E 458 -24.70 -18.52 38.78
C GLN E 458 -25.05 -19.69 39.69
N LEU E 459 -24.27 -19.87 40.75
CA LEU E 459 -24.49 -20.98 41.68
C LEU E 459 -25.86 -20.90 42.35
N SER E 460 -26.41 -19.69 42.40
CA SER E 460 -27.76 -19.46 42.91
C SER E 460 -28.83 -20.07 41.99
N GLY E 461 -28.45 -20.42 40.77
CA GLY E 461 -29.42 -20.93 39.81
C GLY E 461 -29.95 -19.85 38.88
N TRP E 462 -29.54 -18.60 39.12
CA TRP E 462 -29.87 -17.49 38.23
C TRP E 462 -28.79 -17.33 37.16
N SER E 463 -28.87 -16.27 36.36
CA SER E 463 -27.86 -15.96 35.35
C SER E 463 -27.35 -14.53 35.49
N TYR E 464 -26.14 -14.29 35.00
CA TYR E 464 -25.57 -12.96 34.97
C TYR E 464 -25.16 -12.61 33.55
N GLN E 465 -25.37 -11.37 33.13
CA GLN E 465 -25.03 -11.01 31.76
C GLN E 465 -23.55 -10.77 31.58
N MET E 466 -22.83 -11.85 31.30
CA MET E 466 -21.40 -11.81 31.03
C MET E 466 -21.07 -13.15 30.42
N LYS E 467 -19.98 -13.22 29.65
CA LYS E 467 -19.59 -14.49 29.06
C LYS E 467 -18.92 -15.37 30.10
N THR E 468 -19.26 -16.65 30.10
CA THR E 468 -18.64 -17.61 31.00
C THR E 468 -17.16 -17.64 30.72
N PRO E 469 -16.34 -17.57 31.77
CA PRO E 469 -14.90 -17.62 31.54
C PRO E 469 -14.47 -19.06 31.25
N ASP E 470 -13.30 -19.20 30.64
CA ASP E 470 -12.63 -20.47 30.56
C ASP E 470 -12.25 -20.94 31.95
N GLY E 471 -12.13 -22.24 32.14
CA GLY E 471 -11.58 -22.79 33.38
C GLY E 471 -12.53 -22.77 34.57
N GLN E 472 -13.84 -22.70 34.30
CA GLN E 472 -14.82 -22.60 35.38
C GLN E 472 -15.89 -23.70 35.41
N ILE E 473 -16.48 -24.00 34.26
CA ILE E 473 -17.53 -25.02 34.20
C ILE E 473 -17.05 -26.22 33.40
N PHE E 474 -17.14 -27.40 34.01
CA PHE E 474 -16.52 -28.60 33.47
C PHE E 474 -17.46 -29.77 33.37
N TYR E 475 -17.07 -30.76 32.57
CA TYR E 475 -17.81 -32.00 32.45
C TYR E 475 -16.84 -33.12 32.74
N ASP E 476 -17.14 -33.95 33.74
CA ASP E 476 -16.29 -35.07 34.08
C ASP E 476 -16.63 -36.28 33.22
N LEU E 477 -15.72 -36.62 32.32
CA LEU E 477 -15.95 -37.73 31.39
C LEU E 477 -16.07 -39.10 32.08
N LYS E 478 -15.53 -39.25 33.28
CA LYS E 478 -15.62 -40.53 33.99
C LYS E 478 -17.03 -40.82 34.52
N THR E 479 -17.76 -39.77 34.89
CA THR E 479 -19.01 -39.96 35.62
C THR E 479 -20.19 -39.20 35.04
N SER E 480 -19.93 -38.39 34.01
CA SER E 480 -20.97 -37.60 33.33
C SER E 480 -21.55 -36.47 34.19
N LYS E 481 -20.80 -36.02 35.20
CA LYS E 481 -21.27 -34.91 36.02
C LYS E 481 -20.79 -33.57 35.48
N ILE E 482 -21.56 -32.51 35.75
CA ILE E 482 -21.22 -31.14 35.37
C ILE E 482 -20.87 -30.34 36.64
N PHE E 483 -19.71 -29.70 36.67
CA PHE E 483 -19.33 -28.95 37.86
C PHE E 483 -18.79 -27.56 37.61
N PHE E 484 -18.98 -26.71 38.63
CA PHE E 484 -18.63 -25.32 38.60
C PHE E 484 -17.53 -25.13 39.65
N VAL E 485 -16.35 -24.71 39.21
CA VAL E 485 -15.24 -24.52 40.14
C VAL E 485 -15.26 -23.08 40.66
N GLN E 486 -15.69 -22.90 41.90
CA GLN E 486 -15.68 -21.58 42.52
C GLN E 486 -14.26 -21.19 42.89
N ASP E 487 -13.54 -22.11 43.50
CA ASP E 487 -12.09 -22.04 43.64
C ASP E 487 -11.57 -23.44 43.93
N ASN E 488 -10.27 -23.58 44.18
CA ASN E 488 -9.69 -24.92 44.33
C ASN E 488 -10.22 -25.76 45.50
N GLN E 489 -10.91 -25.14 46.45
CA GLN E 489 -11.47 -25.84 47.61
C GLN E 489 -12.98 -25.91 47.60
N ASN E 490 -13.59 -25.32 46.57
CA ASN E 490 -15.03 -25.20 46.49
C ASN E 490 -15.61 -25.50 45.11
N VAL E 491 -16.16 -26.70 44.95
CA VAL E 491 -16.68 -27.16 43.66
C VAL E 491 -18.15 -27.57 43.79
N PHE E 492 -18.99 -27.14 42.86
CA PHE E 492 -20.43 -27.39 42.96
C PHE E 492 -20.92 -28.15 41.73
N PHE E 493 -21.77 -29.15 41.95
CA PHE E 493 -22.24 -30.02 40.87
C PHE E 493 -23.71 -29.77 40.49
N LEU E 494 -23.99 -29.79 39.18
CA LEU E 494 -25.34 -29.56 38.68
C LEU E 494 -26.27 -30.73 39.01
N HIS E 495 -27.36 -30.43 39.69
CA HIS E 495 -28.25 -31.45 40.22
C HIS E 495 -29.69 -31.26 39.74
N ASN E 496 -30.25 -32.31 39.16
CA ASN E 496 -31.66 -32.34 38.77
C ASN E 496 -32.54 -32.68 39.97
N LYS E 497 -33.65 -31.97 40.13
CA LYS E 497 -34.61 -32.25 41.20
C LYS E 497 -35.90 -32.85 40.63
N LEU E 498 -36.17 -32.56 39.37
CA LEU E 498 -37.42 -32.94 38.74
C LEU E 498 -37.59 -34.44 38.57
N ASN E 499 -38.72 -34.97 39.02
CA ASN E 499 -39.04 -36.37 38.79
C ASN E 499 -40.54 -36.57 38.56
N LYS E 500 -40.95 -37.83 38.38
CA LYS E 500 -42.35 -38.12 38.04
C LYS E 500 -43.35 -37.81 39.15
N GLN E 501 -42.86 -37.58 40.37
CA GLN E 501 -43.75 -37.29 41.49
C GLN E 501 -43.78 -35.82 41.85
N THR E 502 -43.14 -34.99 41.04
CA THR E 502 -42.96 -33.58 41.38
C THR E 502 -44.28 -32.84 41.46
N GLY E 503 -45.28 -33.30 40.70
CA GLY E 503 -46.55 -32.62 40.63
C GLY E 503 -46.54 -31.46 39.66
N TYR E 504 -45.39 -31.21 39.05
CA TYR E 504 -45.26 -30.20 38.01
C TYR E 504 -44.43 -30.75 36.86
N SER E 505 -44.50 -30.05 35.74
CA SER E 505 -43.81 -30.44 34.53
C SER E 505 -42.32 -30.12 34.59
N TRP E 506 -41.92 -29.34 35.57
CA TRP E 506 -40.57 -28.78 35.62
C TRP E 506 -40.20 -28.51 37.07
N ASP E 507 -38.92 -28.25 37.32
CA ASP E 507 -38.48 -27.82 38.63
C ASP E 507 -37.12 -27.18 38.46
N TRP E 508 -36.73 -26.30 39.40
CA TRP E 508 -35.43 -25.66 39.35
C TRP E 508 -34.34 -26.71 39.47
N VAL E 509 -33.17 -26.42 38.87
CA VAL E 509 -31.97 -27.21 39.15
C VAL E 509 -31.18 -26.51 40.24
N GLU E 510 -30.23 -27.21 40.85
CA GLU E 510 -29.39 -26.61 41.89
C GLU E 510 -27.93 -26.99 41.70
N TRP E 511 -27.04 -26.25 42.37
CA TRP E 511 -25.62 -26.54 42.33
C TRP E 511 -25.18 -26.94 43.74
N LEU E 512 -24.66 -28.16 43.90
CA LEU E 512 -24.40 -28.72 45.23
C LEU E 512 -23.00 -29.29 45.37
N LYS E 513 -22.33 -29.03 46.49
CA LYS E 513 -21.08 -29.73 46.78
C LYS E 513 -21.39 -31.22 46.81
N HIS E 514 -20.42 -32.04 46.39
CA HIS E 514 -20.69 -33.44 46.14
C HIS E 514 -19.37 -34.18 45.87
N ASP E 515 -19.35 -35.48 46.13
CA ASP E 515 -18.15 -36.30 45.91
C ASP E 515 -17.88 -36.49 44.40
N MET E 516 -16.72 -36.03 43.95
CA MET E 516 -16.31 -36.10 42.55
C MET E 516 -16.30 -37.55 42.06
N ASN E 517 -16.04 -38.49 42.97
CA ASN E 517 -15.98 -39.91 42.62
C ASN E 517 -17.33 -40.62 42.55
N GLU E 518 -18.37 -40.01 43.09
CA GLU E 518 -19.67 -40.66 43.17
C GLU E 518 -20.22 -40.89 41.76
N ASP E 519 -20.67 -42.10 41.48
CA ASP E 519 -20.92 -42.51 40.11
C ASP E 519 -22.23 -43.25 39.90
N LYS E 520 -23.15 -43.16 40.85
CA LYS E 520 -24.41 -43.90 40.74
C LYS E 520 -25.65 -43.02 40.55
N ASP E 521 -25.77 -41.96 41.35
CA ASP E 521 -26.94 -41.08 41.35
C ASP E 521 -27.10 -40.35 40.02
N GLU E 522 -28.07 -40.80 39.23
CA GLU E 522 -28.28 -40.26 37.89
C GLU E 522 -28.78 -38.81 37.88
N ASN E 523 -29.23 -38.30 39.02
CA ASN E 523 -29.65 -36.90 39.09
C ASN E 523 -28.50 -35.91 38.97
N PHE E 524 -27.28 -36.43 39.05
CA PHE E 524 -26.08 -35.61 38.85
C PHE E 524 -25.44 -35.90 37.48
N LYS E 525 -26.06 -36.78 36.71
CA LYS E 525 -25.49 -37.18 35.42
C LYS E 525 -26.20 -36.54 34.23
N TRP E 526 -25.41 -36.01 33.29
CA TRP E 526 -25.96 -35.24 32.18
C TRP E 526 -25.30 -35.63 30.86
N TYR E 527 -26.00 -35.41 29.76
CA TYR E 527 -25.40 -35.66 28.45
C TYR E 527 -25.86 -34.59 27.48
N PHE E 528 -25.14 -34.50 26.35
CA PHE E 528 -25.38 -33.45 25.36
C PHE E 528 -26.07 -34.02 24.14
N SER E 529 -26.98 -33.23 23.53
CA SER E 529 -27.75 -33.69 22.36
C SER E 529 -27.67 -32.68 21.25
N ARG E 530 -27.42 -33.14 20.04
CA ARG E 530 -27.42 -32.25 18.88
C ARG E 530 -28.84 -32.05 18.38
N ASP E 531 -29.67 -33.08 18.53
CA ASP E 531 -31.05 -33.07 18.02
C ASP E 531 -31.14 -32.47 16.63
N ASP E 532 -32.04 -31.52 16.44
CA ASP E 532 -32.23 -30.90 15.14
C ASP E 532 -31.66 -29.49 15.10
N LEU E 533 -30.72 -29.21 15.99
CA LEU E 533 -30.11 -27.89 16.06
C LEU E 533 -29.24 -27.61 14.84
N THR E 534 -29.20 -26.35 14.44
CA THR E 534 -28.28 -25.92 13.41
C THR E 534 -26.91 -25.71 14.05
N ILE E 535 -25.93 -26.50 13.65
CA ILE E 535 -24.61 -26.51 14.28
C ILE E 535 -23.53 -26.50 13.20
N PRO E 536 -22.68 -25.46 13.18
CA PRO E 536 -22.73 -24.27 14.05
C PRO E 536 -23.95 -23.45 13.72
N SER E 537 -24.32 -22.53 14.61
CA SER E 537 -25.51 -21.72 14.37
C SER E 537 -25.23 -20.77 13.22
N VAL E 538 -26.26 -20.08 12.75
CA VAL E 538 -26.10 -19.14 11.66
C VAL E 538 -25.05 -18.10 11.97
N GLU E 539 -24.94 -17.72 13.24
CA GLU E 539 -23.93 -16.75 13.64
C GLU E 539 -22.64 -17.39 14.15
N GLY E 540 -22.52 -18.70 13.96
CA GLY E 540 -21.27 -19.41 14.24
C GLY E 540 -21.13 -19.90 15.67
N LEU E 541 -22.23 -20.00 16.40
CA LEU E 541 -22.14 -20.41 17.80
C LEU E 541 -22.33 -21.92 17.94
N ASN E 542 -21.83 -22.47 19.04
CA ASN E 542 -21.94 -23.90 19.29
C ASN E 542 -23.01 -24.16 20.36
N PHE E 543 -24.16 -24.69 19.95
CA PHE E 543 -25.29 -24.96 20.85
C PHE E 543 -25.53 -26.46 21.02
N ARG E 544 -25.94 -26.86 22.22
CA ARG E 544 -26.44 -28.22 22.46
C ARG E 544 -27.71 -28.16 23.28
N HIS E 545 -28.49 -29.24 23.24
CA HIS E 545 -29.46 -29.51 24.29
C HIS E 545 -28.75 -30.36 25.35
N ILE E 546 -29.18 -30.21 26.59
CA ILE E 546 -28.56 -30.95 27.67
C ILE E 546 -29.69 -31.63 28.43
N ARG E 547 -29.54 -32.92 28.68
CA ARG E 547 -30.55 -33.73 29.38
C ARG E 547 -29.95 -34.56 30.51
N CYS E 548 -30.78 -34.87 31.51
CA CYS E 548 -30.33 -35.68 32.64
C CYS E 548 -30.51 -37.19 32.38
N TYR E 549 -29.55 -37.99 32.85
CA TYR E 549 -29.63 -39.44 32.67
C TYR E 549 -30.89 -40.02 33.31
N ALA E 550 -31.28 -39.48 34.46
CA ALA E 550 -32.30 -40.13 35.28
C ALA E 550 -33.58 -40.43 34.49
N ASP E 551 -34.12 -39.42 33.82
CA ASP E 551 -35.39 -39.55 33.11
C ASP E 551 -35.45 -38.59 31.92
N ASN E 552 -34.29 -38.20 31.41
CA ASN E 552 -34.19 -37.29 30.27
C ASN E 552 -34.79 -35.91 30.52
N GLN E 553 -34.78 -35.49 31.79
CA GLN E 553 -35.17 -34.12 32.13
C GLN E 553 -34.24 -33.18 31.37
N GLN E 554 -34.83 -32.19 30.69
CA GLN E 554 -34.05 -31.30 29.82
C GLN E 554 -33.74 -29.98 30.52
N LEU E 555 -32.47 -29.58 30.44
CA LEU E 555 -32.04 -28.33 31.04
C LEU E 555 -32.40 -27.15 30.15
N LYS E 556 -33.02 -26.12 30.74
CA LYS E 556 -33.41 -24.92 30.03
C LYS E 556 -33.20 -23.68 30.89
N VAL E 557 -33.33 -22.50 30.28
CA VAL E 557 -33.26 -21.26 31.04
C VAL E 557 -34.39 -20.30 30.65
N ILE E 558 -34.97 -19.66 31.66
CA ILE E 558 -36.04 -18.69 31.43
C ILE E 558 -35.45 -17.43 30.82
N ILE E 559 -36.07 -16.91 29.76
CA ILE E 559 -35.42 -15.84 28.99
C ILE E 559 -35.54 -14.44 29.59
N SER E 560 -36.75 -14.01 29.89
CA SER E 560 -36.93 -12.68 30.45
C SER E 560 -38.09 -12.62 31.46
N GLY E 561 -38.37 -11.41 31.94
CA GLY E 561 -39.45 -11.19 32.88
C GLY E 561 -39.09 -11.51 34.32
N SER E 562 -40.10 -11.91 35.09
CA SER E 562 -39.98 -12.11 36.53
C SER E 562 -38.81 -13.02 36.94
N ARG E 563 -38.70 -14.17 36.28
CA ARG E 563 -37.68 -15.16 36.64
C ARG E 563 -36.62 -15.29 35.54
N TRP E 564 -36.37 -14.19 34.84
CA TRP E 564 -35.34 -14.17 33.81
C TRP E 564 -34.03 -14.78 34.30
N GLY E 565 -33.43 -15.64 33.47
CA GLY E 565 -32.13 -16.20 33.77
C GLY E 565 -32.18 -17.44 34.61
N GLY E 566 -33.38 -17.86 35.01
CA GLY E 566 -33.52 -18.99 35.92
C GLY E 566 -33.31 -20.33 35.23
N TRP E 567 -32.41 -21.14 35.78
CA TRP E 567 -32.10 -22.46 35.22
C TRP E 567 -32.98 -23.55 35.83
N TYR E 568 -33.61 -24.34 34.96
CA TYR E 568 -34.49 -25.41 35.43
C TYR E 568 -34.41 -26.59 34.48
N SER E 569 -35.05 -27.69 34.86
CA SER E 569 -35.16 -28.84 33.98
C SER E 569 -36.64 -29.16 33.78
N THR E 570 -36.96 -29.82 32.68
CA THR E 570 -38.37 -29.97 32.30
C THR E 570 -38.62 -31.23 31.51
N TYR E 571 -39.86 -31.71 31.56
CA TYR E 571 -40.31 -32.81 30.72
C TYR E 571 -40.94 -32.31 29.40
N ASP E 572 -41.10 -31.01 29.27
CA ASP E 572 -41.67 -30.44 28.04
C ASP E 572 -40.59 -30.02 27.05
N LYS E 573 -40.58 -30.64 25.89
CA LYS E 573 -39.54 -30.32 24.90
C LYS E 573 -39.68 -28.91 24.30
N VAL E 574 -40.90 -28.44 24.09
CA VAL E 574 -41.14 -27.11 23.51
C VAL E 574 -41.97 -26.19 24.39
N GLU E 575 -41.45 -24.99 24.65
CA GLU E 575 -42.08 -23.99 25.53
C GLU E 575 -41.82 -22.56 25.03
N SER E 576 -42.34 -21.57 25.76
CA SER E 576 -42.17 -20.16 25.36
C SER E 576 -41.54 -19.29 26.46
N ASN E 577 -40.87 -18.21 26.06
CA ASN E 577 -40.05 -17.39 26.95
C ASN E 577 -38.96 -18.24 27.62
N VAL E 578 -38.54 -19.30 26.93
CA VAL E 578 -37.46 -20.14 27.43
C VAL E 578 -36.40 -20.42 26.37
N GLU E 579 -35.16 -20.54 26.83
CA GLU E 579 -34.03 -20.85 25.95
C GLU E 579 -33.62 -22.31 26.15
N ASP E 580 -33.76 -23.11 25.12
CA ASP E 580 -33.42 -24.54 25.18
C ASP E 580 -31.97 -24.80 24.71
N LYS E 581 -31.41 -23.84 24.01
CA LYS E 581 -30.07 -23.97 23.44
C LYS E 581 -29.00 -23.51 24.43
N ILE E 582 -28.15 -24.44 24.83
CA ILE E 582 -27.07 -24.10 25.74
C ILE E 582 -25.75 -23.97 24.99
N LEU E 583 -25.03 -22.88 25.22
CA LEU E 583 -23.71 -22.71 24.62
C LEU E 583 -22.75 -23.70 25.24
N VAL E 584 -21.96 -24.36 24.40
CA VAL E 584 -20.89 -25.23 24.88
C VAL E 584 -19.61 -24.92 24.12
N LYS E 585 -18.48 -24.93 24.81
CA LYS E 585 -17.21 -24.62 24.18
C LYS E 585 -16.97 -25.46 22.91
N ASP E 586 -16.57 -24.79 21.83
CA ASP E 586 -16.30 -25.43 20.56
C ASP E 586 -15.29 -26.54 20.72
N GLY E 587 -15.62 -27.73 20.25
CA GLY E 587 -14.71 -28.87 20.30
C GLY E 587 -14.77 -29.69 21.58
N PHE E 588 -15.68 -29.33 22.48
CA PHE E 588 -15.75 -29.99 23.79
C PHE E 588 -15.97 -31.49 23.63
N ASP E 589 -16.56 -31.88 22.51
CA ASP E 589 -16.90 -33.28 22.33
C ASP E 589 -15.88 -34.03 21.48
N ARG E 590 -14.68 -33.46 21.33
CA ARG E 590 -13.65 -34.05 20.50
C ARG E 590 -12.37 -34.44 21.26
N PHE E 591 -12.24 -33.99 22.50
CA PHE E 591 -11.00 -34.19 23.26
C PHE E 591 -11.07 -35.27 24.35
N ASN F 5 4.35 -56.37 75.95
CA ASN F 5 3.53 -57.20 75.09
C ASN F 5 4.36 -58.12 74.20
N PRO F 6 4.79 -59.27 74.76
CA PRO F 6 5.62 -60.23 74.03
C PRO F 6 4.90 -60.85 72.83
N VAL F 7 5.65 -61.14 71.78
CA VAL F 7 5.13 -61.89 70.65
C VAL F 7 5.36 -63.37 70.93
N ARG F 8 4.28 -64.10 71.21
CA ARG F 8 4.39 -65.48 71.66
C ARG F 8 4.18 -66.51 70.56
N PHE F 9 3.36 -66.16 69.57
CA PHE F 9 3.10 -67.07 68.46
C PHE F 9 3.11 -66.30 67.13
N VAL F 10 3.50 -66.99 66.07
CA VAL F 10 3.50 -66.42 64.73
C VAL F 10 2.83 -67.44 63.82
N TYR F 11 2.60 -67.08 62.56
CA TYR F 11 1.79 -67.90 61.69
C TYR F 11 2.42 -68.12 60.33
N ARG F 12 2.21 -69.30 59.78
CA ARG F 12 2.79 -69.65 58.49
C ARG F 12 1.83 -70.52 57.69
N VAL F 13 1.59 -70.15 56.44
CA VAL F 13 0.79 -70.99 55.56
C VAL F 13 1.71 -71.86 54.72
N ASP F 14 1.42 -73.15 54.68
CA ASP F 14 2.29 -74.11 54.03
C ASP F 14 1.44 -75.18 53.37
N LEU F 15 1.95 -75.79 52.31
CA LEU F 15 1.19 -76.83 51.61
C LEU F 15 1.37 -78.23 52.22
N ARG F 16 2.40 -78.40 53.05
CA ARG F 16 2.67 -79.69 53.69
C ARG F 16 1.67 -79.95 54.81
N SER F 17 1.20 -81.20 54.91
CA SER F 17 0.13 -81.54 55.85
C SER F 17 0.65 -81.60 57.28
N PRO F 18 -0.27 -81.43 58.26
CA PRO F 18 0.09 -81.51 59.68
C PRO F 18 0.79 -82.82 60.03
N GLU F 19 0.44 -83.90 59.33
CA GLU F 19 1.07 -85.18 59.57
C GLU F 19 2.59 -85.09 59.41
N GLU F 20 3.05 -84.33 58.42
CA GLU F 20 4.48 -84.16 58.19
C GLU F 20 5.07 -83.05 59.06
N ILE F 21 4.35 -81.94 59.19
CA ILE F 21 4.86 -80.78 59.92
C ILE F 21 4.86 -81.01 61.43
N PHE F 22 3.82 -81.69 61.93
CA PHE F 22 3.68 -81.90 63.37
C PHE F 22 4.79 -82.76 63.95
N GLU F 23 5.47 -83.51 63.09
CA GLU F 23 6.52 -84.39 63.56
C GLU F 23 7.92 -83.96 63.10
N HIS F 24 7.98 -83.15 62.04
CA HIS F 24 9.27 -82.75 61.47
C HIS F 24 9.53 -81.25 61.51
N GLY F 25 8.52 -80.47 61.90
CA GLY F 25 8.63 -79.02 61.88
C GLY F 25 8.92 -78.50 60.47
N PHE F 26 9.56 -77.34 60.39
CA PHE F 26 9.91 -76.77 59.08
C PHE F 26 11.42 -76.80 58.85
N SER F 27 11.82 -77.26 57.67
CA SER F 27 13.23 -77.28 57.29
C SER F 27 13.58 -76.11 56.37
N THR F 28 14.85 -75.72 56.35
CA THR F 28 15.28 -74.58 55.55
C THR F 28 15.43 -74.94 54.08
N LEU F 29 15.37 -73.93 53.22
CA LEU F 29 15.62 -74.11 51.78
C LEU F 29 17.07 -74.48 51.55
N GLY F 30 17.97 -73.79 52.24
CA GLY F 30 19.40 -73.99 52.10
C GLY F 30 20.13 -73.47 53.32
N ASP F 31 21.37 -73.03 53.15
CA ASP F 31 22.16 -72.58 54.29
C ASP F 31 22.64 -71.12 54.20
N VAL F 32 22.14 -70.38 53.21
CA VAL F 32 22.53 -68.98 53.05
C VAL F 32 21.87 -68.10 54.11
N ARG F 33 22.69 -67.41 54.89
CA ARG F 33 22.18 -66.50 55.91
C ARG F 33 22.27 -65.05 55.46
N ASN F 34 21.61 -64.72 54.36
CA ASN F 34 21.63 -63.37 53.83
C ASN F 34 20.29 -62.68 53.99
N PHE F 35 20.26 -61.62 54.80
CA PHE F 35 19.02 -60.96 55.11
C PHE F 35 18.37 -60.33 53.88
N PHE F 36 19.12 -59.50 53.16
CA PHE F 36 18.54 -58.78 52.03
C PHE F 36 18.05 -59.74 50.96
N GLU F 37 18.79 -60.82 50.73
CA GLU F 37 18.39 -61.78 49.71
C GLU F 37 17.11 -62.51 50.11
N HIS F 38 16.91 -62.71 51.42
CA HIS F 38 15.70 -63.35 51.90
C HIS F 38 14.47 -62.45 51.76
N ILE F 39 14.64 -61.16 52.05
CA ILE F 39 13.57 -60.18 51.88
C ILE F 39 13.24 -59.97 50.40
N LEU F 40 14.27 -59.99 49.55
CA LEU F 40 14.12 -59.66 48.15
C LEU F 40 13.97 -60.87 47.24
N SER F 41 14.00 -62.05 47.85
CA SER F 41 13.88 -63.32 47.13
C SER F 41 14.91 -63.47 46.00
N THR F 42 16.11 -62.93 46.22
CA THR F 42 17.17 -63.01 45.22
C THR F 42 17.62 -64.44 44.96
N ASN F 43 17.57 -64.85 43.69
CA ASN F 43 17.92 -66.22 43.29
C ASN F 43 17.35 -67.24 44.27
N PHE F 44 16.03 -67.21 44.41
CA PHE F 44 15.29 -67.93 45.44
C PHE F 44 15.61 -69.42 45.50
N GLY F 45 15.78 -69.93 46.72
CA GLY F 45 15.90 -71.36 46.94
C GLY F 45 17.03 -71.80 47.86
N ARG F 46 17.73 -70.86 48.48
CA ARG F 46 18.90 -71.21 49.29
C ARG F 46 18.91 -70.66 50.71
N SER F 47 17.97 -69.78 51.03
CA SER F 47 17.98 -69.15 52.36
C SER F 47 17.90 -70.12 53.52
N TYR F 48 18.56 -69.74 54.61
CA TYR F 48 18.58 -70.51 55.86
C TYR F 48 17.44 -70.01 56.75
N PHE F 49 16.79 -68.92 56.33
CA PHE F 49 15.72 -68.34 57.14
C PHE F 49 14.36 -68.88 56.71
N ILE F 50 13.47 -69.09 57.68
CA ILE F 50 12.11 -69.52 57.37
C ILE F 50 11.15 -68.39 57.74
N SER F 51 10.23 -68.06 56.85
CA SER F 51 9.34 -66.92 57.07
C SER F 51 8.09 -67.33 57.82
N THR F 52 7.69 -66.46 58.74
CA THR F 52 6.42 -66.61 59.41
C THR F 52 5.84 -65.21 59.53
N SER F 53 4.63 -65.11 60.04
CA SER F 53 3.96 -63.82 60.14
C SER F 53 3.37 -63.58 61.52
N GLU F 54 3.29 -62.32 61.91
CA GLU F 54 2.82 -61.99 63.26
C GLU F 54 1.32 -62.23 63.39
N THR F 55 0.59 -62.19 62.27
CA THR F 55 -0.85 -62.42 62.32
C THR F 55 -1.29 -63.44 61.28
N PRO F 56 -2.39 -64.15 61.55
CA PRO F 56 -2.97 -65.05 60.56
C PRO F 56 -3.33 -64.29 59.29
N THR F 57 -3.86 -63.07 59.44
CA THR F 57 -4.31 -62.33 58.27
C THR F 57 -3.14 -62.06 57.33
N ALA F 58 -2.01 -61.65 57.89
CA ALA F 58 -0.84 -61.33 57.07
C ALA F 58 -0.23 -62.59 56.48
N ALA F 59 -0.26 -63.69 57.23
CA ALA F 59 0.25 -64.96 56.73
C ALA F 59 -0.57 -65.52 55.56
N ILE F 60 -1.86 -65.22 55.53
CA ILE F 60 -2.75 -65.84 54.55
C ILE F 60 -2.96 -65.00 53.28
N ARG F 61 -2.65 -63.71 53.36
CA ARG F 61 -2.96 -62.78 52.26
C ARG F 61 -2.56 -63.30 50.88
N PHE F 62 -1.33 -63.79 50.73
CA PHE F 62 -0.86 -64.26 49.42
C PHE F 62 -1.78 -65.36 48.87
N PHE F 63 -2.43 -66.08 49.77
CA PHE F 63 -3.20 -67.25 49.39
C PHE F 63 -4.50 -66.85 48.73
N GLY F 64 -4.84 -65.57 48.84
CA GLY F 64 -6.01 -65.01 48.18
C GLY F 64 -5.74 -64.42 46.80
N SER F 65 -4.62 -64.77 46.18
CA SER F 65 -4.31 -64.30 44.83
C SER F 65 -5.44 -64.65 43.87
N TRP F 66 -5.81 -63.69 43.03
CA TRP F 66 -6.95 -63.86 42.12
C TRP F 66 -6.65 -64.85 41.01
N LEU F 67 -7.69 -65.56 40.57
CA LEU F 67 -7.51 -66.64 39.60
C LEU F 67 -7.68 -66.15 38.16
N ARG F 68 -7.02 -66.83 37.23
CA ARG F 68 -7.29 -66.64 35.81
C ARG F 68 -8.72 -67.04 35.49
N GLU F 69 -9.35 -66.20 34.68
CA GLU F 69 -10.71 -66.37 34.16
C GLU F 69 -10.88 -67.66 33.37
N TYR F 70 -11.99 -68.35 33.61
CA TYR F 70 -12.41 -69.46 32.74
C TYR F 70 -11.28 -70.47 32.53
N VAL F 71 -10.53 -70.73 33.59
CA VAL F 71 -9.49 -71.75 33.57
C VAL F 71 -9.94 -72.91 34.44
N PRO F 72 -9.94 -74.13 33.88
CA PRO F 72 -10.32 -75.30 34.67
C PRO F 72 -9.41 -75.41 35.88
N GLU F 73 -9.96 -75.31 37.08
CA GLU F 73 -9.13 -75.38 38.27
C GLU F 73 -9.70 -76.24 39.40
N HIS F 74 -8.80 -76.95 40.08
CA HIS F 74 -9.15 -77.75 41.24
C HIS F 74 -9.10 -76.88 42.48
N PRO F 75 -9.81 -77.28 43.55
CA PRO F 75 -9.86 -76.50 44.79
C PRO F 75 -8.48 -76.02 45.20
N ARG F 76 -8.40 -74.88 45.86
CA ARG F 76 -7.11 -74.38 46.33
C ARG F 76 -7.04 -74.46 47.84
N ARG F 77 -6.25 -75.40 48.34
CA ARG F 77 -6.22 -75.65 49.78
C ARG F 77 -4.80 -75.66 50.34
N ALA F 78 -4.66 -75.19 51.58
CA ALA F 78 -3.39 -75.23 52.29
C ALA F 78 -3.62 -75.32 53.80
N TYR F 79 -2.55 -75.26 54.56
CA TYR F 79 -2.65 -75.30 56.02
C TYR F 79 -2.04 -74.06 56.67
N LEU F 80 -2.79 -73.46 57.59
CA LEU F 80 -2.29 -72.38 58.44
C LEU F 80 -1.72 -72.98 59.73
N TYR F 81 -0.44 -72.74 59.99
CA TYR F 81 0.20 -73.27 61.19
C TYR F 81 0.45 -72.18 62.22
N GLU F 82 0.07 -72.47 63.47
CA GLU F 82 0.40 -71.60 64.59
C GLU F 82 1.67 -72.12 65.26
N ILE F 83 2.61 -71.22 65.50
CA ILE F 83 3.97 -71.60 65.89
C ILE F 83 4.42 -70.80 67.09
N ARG F 84 4.83 -71.49 68.15
CA ARG F 84 5.35 -70.79 69.31
C ARG F 84 6.67 -70.16 68.92
N ALA F 85 6.85 -68.89 69.25
CA ALA F 85 8.08 -68.20 68.89
C ALA F 85 9.11 -68.27 70.02
N ASP F 86 10.38 -68.39 69.64
CA ASP F 86 11.47 -68.34 70.61
C ASP F 86 12.58 -67.41 70.16
N GLN F 87 13.73 -67.50 70.81
CA GLN F 87 14.78 -66.49 70.63
C GLN F 87 15.47 -66.49 69.26
N HIS F 88 15.19 -67.49 68.43
CA HIS F 88 15.74 -67.45 67.07
C HIS F 88 14.67 -67.05 66.04
N PHE F 89 13.64 -66.37 66.53
CA PHE F 89 12.63 -65.71 65.72
C PHE F 89 12.92 -64.21 65.76
N TYR F 90 13.12 -63.60 64.59
CA TYR F 90 13.45 -62.19 64.49
C TYR F 90 12.49 -61.43 63.57
N ASN F 91 12.21 -60.17 63.92
CA ASN F 91 11.32 -59.34 63.14
C ASN F 91 12.04 -58.71 61.96
N ALA F 92 11.55 -58.99 60.75
CA ALA F 92 12.16 -58.45 59.53
C ALA F 92 12.24 -56.93 59.55
N ARG F 93 11.12 -56.26 59.78
CA ARG F 93 11.11 -54.79 59.75
C ARG F 93 12.07 -54.14 60.75
N ALA F 94 12.07 -54.66 61.97
CA ALA F 94 12.93 -54.12 63.02
C ALA F 94 14.40 -54.34 62.65
N THR F 95 14.69 -55.50 62.09
CA THR F 95 16.03 -55.84 61.66
C THR F 95 16.52 -54.85 60.60
N GLY F 96 15.65 -54.57 59.63
CA GLY F 96 15.96 -53.60 58.59
C GLY F 96 16.21 -52.20 59.11
N GLU F 97 15.38 -51.75 60.05
CA GLU F 97 15.55 -50.43 60.65
C GLU F 97 16.90 -50.26 61.37
N ASN F 98 17.35 -51.34 62.01
CA ASN F 98 18.63 -51.34 62.74
C ASN F 98 19.79 -51.30 61.75
N LEU F 99 19.67 -52.03 60.64
CA LEU F 99 20.68 -51.98 59.57
C LEU F 99 20.74 -50.59 58.93
N LEU F 100 19.58 -49.96 58.77
CA LEU F 100 19.55 -48.61 58.22
C LEU F 100 20.29 -47.65 59.14
N ASP F 101 20.00 -47.74 60.43
CA ASP F 101 20.69 -46.96 61.44
C ASP F 101 22.21 -47.08 61.31
N LEU F 102 22.70 -48.32 61.31
CA LEU F 102 24.13 -48.59 61.23
C LEU F 102 24.75 -48.03 59.94
N MET F 103 24.01 -48.12 58.85
CA MET F 103 24.45 -47.60 57.56
C MET F 103 24.55 -46.08 57.57
N ARG F 104 23.55 -45.42 58.14
CA ARG F 104 23.57 -43.97 58.23
C ARG F 104 24.68 -43.47 59.17
N GLN F 105 24.98 -44.24 60.20
CA GLN F 105 26.06 -43.91 61.14
C GLN F 105 27.42 -44.33 60.55
N ARG F 106 27.36 -44.91 59.35
CA ARG F 106 28.58 -45.28 58.63
C ARG F 106 29.39 -46.35 59.37
N GLN F 107 28.68 -47.34 59.91
CA GLN F 107 29.34 -48.40 60.68
C GLN F 107 29.21 -49.74 59.98
N VAL F 108 29.03 -49.72 58.65
CA VAL F 108 28.84 -50.95 57.90
C VAL F 108 29.84 -51.12 56.77
N VAL F 109 30.32 -52.34 56.59
CA VAL F 109 31.10 -52.70 55.41
C VAL F 109 30.27 -53.50 54.42
N PHE F 110 30.25 -53.07 53.16
CA PHE F 110 29.50 -53.79 52.14
C PHE F 110 30.36 -54.81 51.41
N ASP F 111 30.04 -56.09 51.62
CA ASP F 111 30.68 -57.20 50.91
C ASP F 111 30.22 -57.23 49.47
N SER F 112 29.03 -56.69 49.26
CA SER F 112 28.48 -56.59 47.93
C SER F 112 27.49 -55.44 47.94
N GLY F 113 27.43 -54.69 46.85
CA GLY F 113 26.57 -53.54 46.78
C GLY F 113 27.12 -52.34 47.54
N ASP F 114 26.22 -51.44 47.93
CA ASP F 114 26.56 -50.21 48.61
C ASP F 114 25.33 -49.67 49.32
N ARG F 115 25.47 -48.54 49.98
CA ARG F 115 24.38 -48.02 50.79
C ARG F 115 23.17 -47.61 49.97
N GLU F 116 23.41 -46.95 48.83
CA GLU F 116 22.32 -46.55 47.96
C GLU F 116 21.44 -47.76 47.67
N MET F 117 22.06 -48.86 47.26
CA MET F 117 21.33 -50.09 46.97
C MET F 117 20.64 -50.67 48.20
N ALA F 118 21.33 -50.68 49.34
CA ALA F 118 20.75 -51.22 50.55
C ALA F 118 19.49 -50.45 50.91
N GLN F 119 19.54 -49.13 50.71
CA GLN F 119 18.40 -48.30 51.08
C GLN F 119 17.20 -48.53 50.16
N MET F 120 17.47 -48.94 48.92
CA MET F 120 16.39 -49.35 48.03
C MET F 120 15.73 -50.60 48.60
N GLY F 121 16.56 -51.51 49.10
CA GLY F 121 16.05 -52.75 49.67
C GLY F 121 15.20 -52.50 50.90
N ILE F 122 15.64 -51.60 51.77
CA ILE F 122 14.85 -51.38 52.97
C ILE F 122 13.61 -50.54 52.66
N ARG F 123 13.65 -49.73 51.61
CA ARG F 123 12.43 -49.04 51.20
C ARG F 123 11.38 -50.07 50.74
N ALA F 124 11.81 -51.11 50.01
CA ALA F 124 10.88 -52.17 49.63
C ALA F 124 10.34 -52.87 50.88
N LEU F 125 11.22 -53.18 51.82
CA LEU F 125 10.83 -53.80 53.09
C LEU F 125 9.81 -52.93 53.86
N ARG F 126 10.05 -51.63 53.87
CA ARG F 126 9.22 -50.67 54.61
C ARG F 126 7.84 -50.48 53.99
N THR F 127 7.74 -50.68 52.68
CA THR F 127 6.51 -50.37 51.99
C THR F 127 5.91 -51.66 51.41
N SER F 128 6.34 -52.02 50.21
CA SER F 128 5.81 -53.19 49.51
C SER F 128 5.68 -54.49 50.32
N PHE F 129 6.67 -54.80 51.17
CA PHE F 129 6.67 -56.08 51.88
C PHE F 129 6.23 -55.99 53.34
N ALA F 130 6.02 -54.77 53.82
CA ALA F 130 5.81 -54.57 55.26
C ALA F 130 4.55 -55.25 55.79
N TYR F 131 3.48 -55.23 54.99
CA TYR F 131 2.19 -55.78 55.41
C TYR F 131 2.32 -57.26 55.81
N GLN F 132 3.37 -57.93 55.32
CA GLN F 132 3.58 -59.34 55.63
C GLN F 132 3.85 -59.58 57.12
N ARG F 133 4.21 -58.52 57.83
CA ARG F 133 4.60 -58.59 59.24
C ARG F 133 5.44 -59.83 59.53
N GLU F 134 6.52 -59.93 58.77
CA GLU F 134 7.35 -61.12 58.80
C GLU F 134 8.24 -61.19 60.04
N TRP F 135 8.24 -62.37 60.63
CA TRP F 135 9.24 -62.78 61.59
C TRP F 135 9.95 -63.94 60.93
N PHE F 136 11.26 -63.85 60.78
CA PHE F 136 11.99 -64.95 60.18
C PHE F 136 12.77 -65.68 61.26
N THR F 137 12.97 -66.98 61.06
CA THR F 137 13.78 -67.76 61.99
C THR F 137 15.18 -67.93 61.44
N ASP F 138 16.16 -67.79 62.32
CA ASP F 138 17.54 -68.06 61.95
C ASP F 138 17.76 -69.55 62.08
N GLY F 139 17.36 -70.30 61.05
CA GLY F 139 17.46 -71.74 61.05
C GLY F 139 16.12 -72.46 61.10
N PRO F 140 16.15 -73.80 61.14
CA PRO F 140 14.94 -74.63 61.05
C PRO F 140 14.03 -74.47 62.27
N ILE F 141 12.76 -74.86 62.11
CA ILE F 141 11.79 -74.76 63.20
C ILE F 141 11.43 -76.16 63.72
N ALA F 142 11.62 -76.36 65.01
CA ALA F 142 11.35 -77.66 65.63
C ALA F 142 9.86 -77.96 65.66
N ALA F 143 9.51 -79.22 65.41
CA ALA F 143 8.12 -79.65 65.52
C ALA F 143 7.58 -79.28 66.90
N ALA F 144 8.49 -79.24 67.87
CA ALA F 144 8.12 -78.92 69.24
C ALA F 144 7.51 -77.52 69.35
N ASN F 145 7.80 -76.68 68.36
CA ASN F 145 7.28 -75.31 68.33
C ASN F 145 5.90 -75.19 67.71
N VAL F 146 5.57 -76.14 66.85
CA VAL F 146 4.29 -76.08 66.13
C VAL F 146 3.12 -76.48 67.02
N ARG F 147 2.28 -75.51 67.36
CA ARG F 147 1.16 -75.72 68.28
C ARG F 147 -0.06 -76.32 67.59
N SER F 148 -0.52 -75.68 66.51
CA SER F 148 -1.71 -76.14 65.80
C SER F 148 -1.73 -75.80 64.31
N ALA F 149 -2.72 -76.36 63.62
CA ALA F 149 -2.92 -76.11 62.20
C ALA F 149 -4.42 -76.03 61.88
N TRP F 150 -4.76 -75.27 60.85
CA TRP F 150 -6.11 -75.21 60.32
C TRP F 150 -6.03 -75.47 58.82
N LEU F 151 -7.06 -76.08 58.26
CA LEU F 151 -7.19 -76.16 56.82
C LEU F 151 -7.63 -74.78 56.32
N VAL F 152 -7.01 -74.31 55.23
CA VAL F 152 -7.36 -73.02 54.67
C VAL F 152 -7.79 -73.18 53.22
N ASP F 153 -8.84 -72.46 52.84
CA ASP F 153 -9.34 -72.50 51.46
C ASP F 153 -9.43 -71.12 50.85
N ALA F 154 -9.13 -71.02 49.56
CA ALA F 154 -9.40 -69.81 48.80
C ALA F 154 -10.71 -70.00 48.04
N VAL F 155 -11.63 -69.04 48.16
CA VAL F 155 -12.90 -69.13 47.46
C VAL F 155 -13.27 -67.82 46.79
N PRO F 156 -14.01 -67.87 45.67
CA PRO F 156 -14.36 -66.65 44.95
C PRO F 156 -15.37 -65.80 45.71
N VAL F 157 -15.26 -64.48 45.56
CA VAL F 157 -16.24 -63.56 46.12
C VAL F 157 -17.42 -63.41 45.17
N GLU F 158 -18.63 -63.51 45.73
CA GLU F 158 -19.87 -63.33 44.96
C GLU F 158 -19.85 -64.05 43.61
N PRO F 159 -19.59 -65.37 43.62
CA PRO F 159 -19.42 -66.15 42.40
C PRO F 159 -20.64 -66.09 41.49
N GLY F 160 -21.79 -65.75 42.06
CA GLY F 160 -23.02 -65.68 41.29
C GLY F 160 -22.95 -64.75 40.10
N HIS F 161 -22.42 -63.54 40.32
CA HIS F 161 -22.42 -62.53 39.27
C HIS F 161 -21.17 -61.64 39.19
N ALA F 162 -20.19 -61.86 40.08
CA ALA F 162 -19.02 -60.98 40.11
C ALA F 162 -18.31 -60.89 38.75
N HIS F 163 -18.13 -59.66 38.25
CA HIS F 163 -17.32 -59.49 37.06
C HIS F 163 -15.85 -59.67 37.45
N HIS F 164 -15.02 -60.01 36.47
CA HIS F 164 -13.59 -60.27 36.71
C HIS F 164 -12.75 -59.06 36.31
N PRO F 165 -12.30 -58.27 37.30
CA PRO F 165 -11.52 -57.06 36.97
C PRO F 165 -10.26 -57.43 36.20
N ALA F 166 -10.06 -56.80 35.06
CA ALA F 166 -8.90 -57.11 34.22
C ALA F 166 -8.79 -58.59 33.90
N GLY F 167 -9.91 -59.31 33.97
CA GLY F 167 -9.91 -60.71 33.59
C GLY F 167 -9.47 -61.70 34.66
N ARG F 168 -9.30 -61.24 35.89
CA ARG F 168 -8.97 -62.13 36.99
C ARG F 168 -10.17 -62.26 37.90
N VAL F 169 -10.26 -63.38 38.61
CA VAL F 169 -11.42 -63.66 39.46
C VAL F 169 -11.16 -63.30 40.91
N VAL F 170 -12.01 -62.44 41.48
CA VAL F 170 -11.82 -61.93 42.82
C VAL F 170 -11.98 -63.06 43.82
N GLU F 171 -11.01 -63.18 44.72
CA GLU F 171 -10.91 -64.32 45.59
C GLU F 171 -10.71 -63.88 47.02
N THR F 172 -11.23 -64.65 47.96
CA THR F 172 -10.92 -64.45 49.37
C THR F 172 -10.56 -65.81 49.99
N THR F 173 -10.33 -65.83 51.30
CA THR F 173 -9.87 -67.05 51.94
C THR F 173 -10.74 -67.38 53.15
N ARG F 174 -10.76 -68.65 53.51
CA ARG F 174 -11.57 -69.13 54.61
C ARG F 174 -10.75 -70.05 55.49
N ILE F 175 -10.82 -69.84 56.80
CA ILE F 175 -10.15 -70.74 57.75
C ILE F 175 -11.17 -71.69 58.35
N ASN F 176 -11.08 -72.97 57.99
CA ASN F 176 -11.99 -73.98 58.56
C ASN F 176 -11.62 -74.34 60.00
N GLU F 177 -12.64 -74.59 60.82
CA GLU F 177 -12.47 -74.76 62.26
C GLU F 177 -12.71 -76.21 62.71
N PRO F 178 -12.23 -76.57 63.92
CA PRO F 178 -11.37 -75.78 64.81
C PRO F 178 -9.92 -76.20 64.59
N GLU F 179 -9.01 -75.64 65.36
CA GLU F 179 -7.60 -75.99 65.24
C GLU F 179 -7.34 -77.46 65.51
N MET F 180 -6.40 -78.03 64.77
CA MET F 180 -5.87 -79.37 65.07
C MET F 180 -4.63 -79.17 65.91
N HIS F 181 -4.62 -79.73 67.11
CA HIS F 181 -3.48 -79.55 68.01
CA HIS F 181 -3.47 -79.55 68.00
C HIS F 181 -2.36 -80.55 67.72
N ASN F 182 -1.13 -80.09 67.85
CA ASN F 182 0.03 -80.94 67.64
C ASN F 182 0.37 -81.70 68.92
N PRO F 183 0.25 -83.03 68.89
CA PRO F 183 0.59 -83.82 70.07
C PRO F 183 2.06 -83.60 70.43
N HIS F 184 2.92 -83.47 69.41
CA HIS F 184 4.35 -83.28 69.63
C HIS F 184 4.70 -81.88 70.14
N TYR F 185 3.70 -81.03 70.32
CA TYR F 185 3.94 -79.65 70.75
C TYR F 185 4.41 -79.56 72.20
N GLN F 186 5.56 -78.92 72.42
CA GLN F 186 6.03 -78.63 73.77
C GLN F 186 5.67 -77.20 74.15
N GLU F 187 5.04 -77.04 75.31
CA GLU F 187 4.59 -75.74 75.77
C GLU F 187 5.64 -75.06 76.64
N LEU F 188 6.74 -74.63 76.02
CA LEU F 188 7.83 -74.00 76.75
C LEU F 188 7.57 -72.51 76.96
N GLN F 189 8.26 -71.91 77.92
CA GLN F 189 8.07 -70.49 78.22
C GLN F 189 8.95 -69.61 77.34
N THR F 190 8.63 -69.57 76.04
CA THR F 190 9.44 -68.81 75.09
C THR F 190 8.64 -67.71 74.41
N GLN F 191 9.36 -66.68 73.97
CA GLN F 191 8.78 -65.59 73.19
C GLN F 191 9.76 -65.22 72.10
N ALA F 192 9.30 -64.43 71.13
CA ALA F 192 10.13 -64.01 70.02
C ALA F 192 11.23 -63.06 70.48
N ASN F 193 12.37 -63.12 69.81
CA ASN F 193 13.47 -62.22 70.11
C ASN F 193 13.05 -60.77 69.89
N ASP F 194 13.23 -59.93 70.89
CA ASP F 194 12.93 -58.51 70.75
C ASP F 194 14.12 -57.71 70.21
N GLN F 195 15.18 -58.41 69.80
CA GLN F 195 16.37 -57.75 69.25
C GLN F 195 16.40 -57.79 67.73
N PRO F 196 17.00 -56.76 67.12
CA PRO F 196 17.24 -56.79 65.67
C PRO F 196 18.23 -57.91 65.36
N TRP F 197 18.05 -58.59 64.24
CA TRP F 197 18.95 -59.66 63.86
C TRP F 197 20.27 -59.11 63.32
N LEU F 198 21.38 -59.74 63.72
CA LEU F 198 22.70 -59.43 63.15
C LEU F 198 23.38 -60.72 62.70
N PRO F 199 24.23 -60.64 61.68
CA PRO F 199 24.88 -61.84 61.14
C PRO F 199 25.74 -62.51 62.20
N THR F 200 26.46 -61.71 62.98
CA THR F 200 27.35 -62.22 64.02
C THR F 200 27.48 -61.22 65.16
N THR F 205 33.40 -58.45 64.67
CA THR F 205 32.76 -57.25 65.22
C THR F 205 32.24 -56.30 64.14
N PRO F 206 33.09 -55.90 63.16
CA PRO F 206 32.61 -54.99 62.12
C PRO F 206 31.43 -55.59 61.38
N VAL F 207 30.35 -54.83 61.22
CA VAL F 207 29.14 -55.37 60.58
C VAL F 207 29.27 -55.42 59.06
N HIS F 208 29.20 -56.62 58.50
CA HIS F 208 29.26 -56.82 57.05
C HIS F 208 27.87 -57.09 56.48
N LEU F 209 27.59 -56.54 55.30
CA LEU F 209 26.34 -56.82 54.57
C LEU F 209 26.62 -57.11 53.10
N SER F 210 25.89 -58.10 52.55
CA SER F 210 25.88 -58.30 51.10
C SER F 210 24.53 -57.88 50.55
N ILE F 211 24.53 -56.84 49.72
CA ILE F 211 23.30 -56.39 49.06
C ILE F 211 23.27 -56.95 47.64
N PRO F 212 22.16 -57.59 47.26
CA PRO F 212 22.00 -58.23 45.94
C PRO F 212 21.78 -57.22 44.81
N GLN F 213 22.02 -57.64 43.58
CA GLN F 213 21.72 -56.80 42.42
C GLN F 213 20.24 -56.87 42.02
N ALA F 214 19.62 -58.01 42.29
CA ALA F 214 18.29 -58.29 41.76
C ALA F 214 17.33 -58.79 42.84
N ALA F 215 16.07 -58.86 42.47
CA ALA F 215 14.99 -59.24 43.37
C ALA F 215 13.95 -60.03 42.59
N SER F 216 13.16 -60.84 43.29
CA SER F 216 12.00 -61.49 42.70
C SER F 216 10.78 -61.14 43.54
N VAL F 217 9.65 -60.98 42.88
CA VAL F 217 8.43 -60.57 43.56
C VAL F 217 7.24 -61.35 43.01
N ALA F 218 6.45 -61.91 43.91
CA ALA F 218 5.20 -62.55 43.54
C ALA F 218 4.09 -61.50 43.53
N ASP F 219 3.33 -61.47 42.44
CA ASP F 219 2.22 -60.54 42.29
C ASP F 219 0.99 -61.25 42.82
N VAL F 220 0.46 -60.77 43.95
CA VAL F 220 -0.66 -61.45 44.61
C VAL F 220 -1.95 -60.62 44.54
N SER F 221 -2.08 -59.90 43.42
CA SER F 221 -3.32 -59.21 43.02
C SER F 221 -3.48 -57.83 43.66
N GLU F 222 -4.23 -56.98 42.96
CA GLU F 222 -4.50 -55.61 43.39
C GLU F 222 -3.22 -54.87 43.72
N GLY F 223 -2.16 -55.18 42.98
CA GLY F 223 -0.93 -54.42 43.06
C GLY F 223 -0.02 -54.83 44.20
N THR F 224 -0.45 -55.86 44.92
CA THR F 224 0.24 -56.31 46.12
C THR F 224 1.44 -57.18 45.79
N SER F 225 2.56 -56.92 46.48
CA SER F 225 3.82 -57.67 46.33
C SER F 225 3.98 -58.68 47.47
N ALA F 226 4.47 -59.87 47.14
CA ALA F 226 4.78 -60.87 48.17
C ALA F 226 6.17 -61.44 47.91
N SER F 227 6.92 -61.74 48.98
CA SER F 227 8.17 -62.46 48.78
C SER F 227 7.86 -63.91 48.40
N LEU F 228 8.79 -64.54 47.72
CA LEU F 228 8.63 -65.93 47.30
C LEU F 228 8.60 -66.84 48.52
N SER F 229 9.20 -66.38 49.60
CA SER F 229 9.19 -67.15 50.84
C SER F 229 7.75 -67.34 51.33
N PHE F 230 6.92 -66.31 51.13
CA PHE F 230 5.50 -66.40 51.48
C PHE F 230 4.71 -67.15 50.42
N ALA F 231 4.89 -66.74 49.15
CA ALA F 231 4.07 -67.22 48.04
C ALA F 231 4.44 -68.61 47.51
N CYS F 232 5.66 -69.05 47.76
CA CYS F 232 6.08 -70.38 47.33
C CYS F 232 6.59 -71.16 48.53
N PRO F 233 5.69 -71.43 49.49
CA PRO F 233 6.01 -72.03 50.80
C PRO F 233 6.80 -73.34 50.68
N ASP F 234 6.62 -74.06 49.59
CA ASP F 234 7.23 -75.38 49.46
C ASP F 234 8.09 -75.53 48.22
N TRP F 235 8.70 -74.43 47.81
CA TRP F 235 9.68 -74.44 46.72
C TRP F 235 10.57 -75.67 46.78
N SER F 236 10.95 -76.19 45.61
CA SER F 236 11.84 -77.34 45.56
C SER F 236 12.78 -77.26 44.36
N PRO F 237 14.03 -77.72 44.55
CA PRO F 237 15.02 -77.77 43.48
C PRO F 237 14.42 -78.30 42.17
N PRO F 238 14.53 -77.51 41.09
CA PRO F 238 13.95 -77.84 39.78
C PRO F 238 14.12 -79.31 39.39
N ASN F 244 9.73 -76.85 36.75
CA ASN F 244 9.83 -75.51 37.33
C ASN F 244 9.12 -75.43 38.69
N PRO F 245 9.85 -74.99 39.72
CA PRO F 245 9.28 -74.78 41.06
C PRO F 245 8.27 -73.65 41.06
N LEU F 246 8.48 -72.65 40.22
CA LEU F 246 7.59 -71.49 40.16
C LEU F 246 6.14 -71.90 39.92
N ASP F 247 5.95 -73.04 39.26
CA ASP F 247 4.60 -73.52 38.96
C ASP F 247 3.80 -73.76 40.24
N LYS F 248 4.47 -74.17 41.30
CA LYS F 248 3.80 -74.44 42.57
C LYS F 248 3.47 -73.18 43.39
N CYS F 249 4.08 -72.06 43.04
CA CYS F 249 3.81 -70.80 43.77
C CYS F 249 2.36 -70.37 43.64
N ILE F 250 1.86 -69.68 44.65
CA ILE F 250 0.50 -69.15 44.64
C ILE F 250 0.54 -67.64 44.39
N ALA F 251 0.23 -67.25 43.15
CA ALA F 251 0.36 -65.85 42.71
C ALA F 251 -0.10 -65.70 41.27
N GLU F 252 -0.43 -64.46 40.87
CA GLU F 252 -0.77 -64.20 39.47
C GLU F 252 0.44 -64.46 38.60
N LYS F 253 1.61 -64.08 39.08
CA LYS F 253 2.86 -64.28 38.33
C LYS F 253 4.06 -63.88 39.17
N ILE F 254 5.24 -64.24 38.70
CA ILE F 254 6.48 -63.84 39.37
C ILE F 254 7.27 -62.91 38.46
N ASP F 255 7.74 -61.79 39.00
CA ASP F 255 8.55 -60.83 38.25
C ASP F 255 9.93 -60.74 38.86
N ASN F 256 10.94 -60.58 38.02
CA ASN F 256 12.30 -60.34 38.46
C ASN F 256 12.75 -58.94 38.05
N TYR F 257 13.36 -58.22 38.97
CA TYR F 257 13.84 -56.87 38.68
C TYR F 257 15.22 -56.65 39.26
N ASN F 258 16.03 -55.86 38.57
CA ASN F 258 17.20 -55.28 39.23
C ASN F 258 16.71 -54.36 40.33
N LEU F 259 17.47 -54.27 41.41
CA LEU F 259 17.01 -53.52 42.57
C LEU F 259 16.53 -52.12 42.21
N GLN F 260 17.26 -51.44 41.33
CA GLN F 260 16.91 -50.07 41.01
C GLN F 260 15.67 -50.00 40.12
N SER F 261 15.16 -51.16 39.71
CA SER F 261 14.00 -51.24 38.82
C SER F 261 12.72 -51.68 39.54
N LEU F 262 12.87 -52.01 40.82
CA LEU F 262 11.79 -52.57 41.62
C LEU F 262 10.65 -51.58 41.76
N PRO F 263 9.45 -51.93 41.25
CA PRO F 263 8.31 -51.01 41.34
C PRO F 263 7.61 -51.07 42.70
N GLN F 264 6.99 -49.96 43.09
CA GLN F 264 6.17 -49.94 44.30
C GLN F 264 5.00 -50.92 44.20
N TYR F 265 4.38 -51.00 43.02
CA TYR F 265 3.20 -51.85 42.79
C TYR F 265 3.40 -52.92 41.72
N ALA F 266 2.68 -54.02 41.85
CA ALA F 266 2.71 -55.07 40.85
C ALA F 266 1.74 -54.73 39.71
N SER F 267 1.90 -55.40 38.58
CA SER F 267 1.03 -55.21 37.40
C SER F 267 -0.47 -55.23 37.72
N SER F 268 -0.84 -56.12 38.62
CA SER F 268 -2.25 -56.33 39.02
C SER F 268 -2.88 -55.07 39.60
N VAL F 269 -2.09 -54.02 39.80
CA VAL F 269 -2.66 -52.78 40.27
C VAL F 269 -3.71 -52.25 39.26
N LYS F 270 -3.63 -52.73 38.03
CA LYS F 270 -4.64 -52.36 37.03
C LYS F 270 -6.03 -52.91 37.36
N GLU F 271 -6.10 -53.84 38.32
CA GLU F 271 -7.37 -54.44 38.75
C GLU F 271 -8.21 -53.51 39.61
N LEU F 272 -7.60 -52.45 40.12
CA LEU F 272 -8.27 -51.60 41.09
C LEU F 272 -9.43 -50.78 40.52
N GLU F 273 -10.55 -50.78 41.24
CA GLU F 273 -11.75 -50.04 40.86
C GLU F 273 -12.22 -49.24 42.06
N ASP F 274 -12.79 -48.06 41.83
CA ASP F 274 -13.42 -47.32 42.91
C ASP F 274 -14.74 -47.96 43.29
N THR F 275 -14.96 -48.18 44.59
CA THR F 275 -16.21 -48.76 45.06
C THR F 275 -16.79 -48.01 46.24
N PRO F 276 -18.13 -47.82 46.24
CA PRO F 276 -18.75 -47.38 47.48
C PRO F 276 -18.92 -48.61 48.39
N VAL F 277 -19.49 -48.42 49.57
CA VAL F 277 -19.69 -49.50 50.53
C VAL F 277 -21.12 -49.51 51.06
N TYR F 278 -21.81 -50.62 50.85
CA TYR F 278 -23.20 -50.79 51.25
C TYR F 278 -23.28 -51.81 52.36
N LEU F 279 -24.05 -51.49 53.40
CA LEU F 279 -24.25 -52.43 54.50
C LEU F 279 -25.73 -52.63 54.77
N ARG F 280 -26.07 -53.79 55.32
CA ARG F 280 -27.46 -54.12 55.59
C ARG F 280 -27.62 -54.63 57.03
N GLY F 281 -28.63 -54.10 57.72
CA GLY F 281 -28.96 -54.55 59.07
C GLY F 281 -29.56 -55.93 59.00
N ILE F 282 -29.02 -56.88 59.76
CA ILE F 282 -29.42 -58.27 59.67
C ILE F 282 -30.89 -58.51 60.01
N LYS F 283 -31.45 -57.65 60.87
CA LYS F 283 -32.84 -57.84 61.32
C LYS F 283 -33.83 -56.96 60.56
N THR F 284 -33.59 -55.66 60.55
CA THR F 284 -34.50 -54.74 59.88
C THR F 284 -34.39 -54.88 58.36
N GLN F 285 -33.24 -55.37 57.91
CA GLN F 285 -32.95 -55.50 56.48
C GLN F 285 -32.77 -54.14 55.77
N LYS F 286 -32.71 -53.07 56.54
CA LYS F 286 -32.47 -51.74 55.97
C LYS F 286 -31.07 -51.65 55.38
N THR F 287 -30.94 -50.90 54.29
CA THR F 287 -29.68 -50.81 53.55
C THR F 287 -29.07 -49.42 53.67
N PHE F 288 -27.76 -49.37 53.90
CA PHE F 288 -27.08 -48.11 54.16
C PHE F 288 -25.82 -47.96 53.31
N MET F 289 -25.50 -46.71 52.98
CA MET F 289 -24.23 -46.39 52.35
C MET F 289 -23.30 -45.81 53.40
N LEU F 290 -22.07 -46.31 53.42
CA LEU F 290 -21.05 -45.79 54.31
C LEU F 290 -20.52 -44.49 53.73
N GLN F 291 -20.48 -43.43 54.56
CA GLN F 291 -19.94 -42.14 54.13
C GLN F 291 -19.06 -41.53 55.21
N ALA F 292 -18.19 -40.61 54.82
CA ALA F 292 -17.27 -39.97 55.76
C ALA F 292 -16.99 -38.53 55.32
N ASP F 293 -16.59 -37.70 56.26
CA ASP F 293 -16.33 -36.29 56.01
C ASP F 293 -14.96 -35.90 56.54
N PRO F 294 -14.04 -35.52 55.65
CA PRO F 294 -12.66 -35.21 56.04
C PRO F 294 -12.55 -33.90 56.81
N GLN F 295 -13.60 -33.09 56.81
CA GLN F 295 -13.54 -31.79 57.47
C GLN F 295 -13.80 -31.87 58.98
N ASN F 296 -14.41 -32.96 59.42
CA ASN F 296 -14.67 -33.15 60.85
C ASN F 296 -14.44 -34.59 61.28
N ASN F 297 -13.99 -35.42 60.34
CA ASN F 297 -13.63 -36.81 60.62
C ASN F 297 -14.81 -37.73 60.94
N ASN F 298 -16.03 -37.25 60.74
CA ASN F 298 -17.20 -38.08 61.00
C ASN F 298 -17.35 -39.23 60.00
N VAL F 299 -17.74 -40.39 60.53
CA VAL F 299 -18.13 -41.52 59.71
C VAL F 299 -19.59 -41.79 60.06
N PHE F 300 -20.42 -42.03 59.05
CA PHE F 300 -21.85 -42.23 59.29
C PHE F 300 -22.52 -43.05 58.20
N LEU F 301 -23.79 -43.37 58.40
CA LEU F 301 -24.54 -44.20 57.48
C LEU F 301 -25.71 -43.43 56.91
N VAL F 302 -25.93 -43.56 55.60
CA VAL F 302 -27.08 -42.91 54.99
C VAL F 302 -27.98 -43.97 54.38
N GLU F 303 -29.24 -43.97 54.78
CA GLU F 303 -30.17 -45.00 54.33
C GLU F 303 -30.50 -44.84 52.85
N VAL F 304 -30.51 -45.94 52.12
CA VAL F 304 -30.75 -45.93 50.68
C VAL F 304 -32.15 -45.43 50.31
N ASN F 305 -33.18 -46.05 50.90
CA ASN F 305 -34.55 -45.65 50.62
C ASN F 305 -34.89 -45.70 49.12
N SER F 308 -18.90 -24.99 54.47
CA SER F 308 -19.62 -26.24 54.23
C SER F 308 -18.69 -27.32 53.68
N SER F 309 -18.99 -28.58 53.99
CA SER F 309 -18.27 -29.69 53.38
C SER F 309 -19.22 -30.60 52.62
N PHE F 310 -18.79 -31.83 52.40
CA PHE F 310 -19.61 -32.80 51.70
C PHE F 310 -19.11 -34.19 52.02
N PRO F 311 -20.01 -35.18 51.97
CA PRO F 311 -19.65 -36.57 52.24
C PRO F 311 -18.85 -37.15 51.11
N GLN F 312 -17.88 -37.99 51.47
CA GLN F 312 -17.13 -38.77 50.49
C GLN F 312 -17.50 -40.24 50.62
N THR F 313 -17.44 -40.97 49.51
CA THR F 313 -18.17 -42.24 49.43
C THR F 313 -17.38 -43.46 48.97
N ILE F 314 -16.15 -43.25 48.53
CA ILE F 314 -15.36 -44.36 48.01
C ILE F 314 -14.31 -44.77 49.03
N PHE F 315 -14.28 -46.06 49.34
CA PHE F 315 -13.34 -46.61 50.32
C PHE F 315 -12.66 -47.86 49.75
N PHE F 316 -11.50 -48.21 50.30
CA PHE F 316 -10.88 -49.48 50.01
C PHE F 316 -10.33 -50.10 51.29
N TRP F 317 -10.15 -51.41 51.27
CA TRP F 317 -9.58 -52.15 52.39
C TRP F 317 -8.19 -52.57 51.94
N ASP F 318 -7.16 -52.24 52.72
CA ASP F 318 -5.78 -52.48 52.29
C ASP F 318 -5.06 -53.59 53.06
N VAL F 319 -3.81 -53.88 52.67
CA VAL F 319 -3.07 -55.00 53.25
C VAL F 319 -2.67 -54.77 54.72
N TYR F 320 -2.82 -53.55 55.21
CA TYR F 320 -2.66 -53.29 56.66
C TYR F 320 -4.00 -53.46 57.38
N GLN F 321 -4.99 -53.99 56.67
CA GLN F 321 -6.35 -54.20 57.18
C GLN F 321 -7.12 -52.90 57.43
N ARG F 322 -6.65 -51.80 56.84
CA ARG F 322 -7.30 -50.50 57.03
C ARG F 322 -8.41 -50.26 56.00
N ILE F 323 -9.47 -49.60 56.43
CA ILE F 323 -10.48 -49.09 55.51
C ILE F 323 -10.26 -47.60 55.32
N CYS F 324 -9.83 -47.22 54.12
CA CYS F 324 -9.39 -45.86 53.84
C CYS F 324 -10.33 -45.13 52.88
N LEU F 325 -10.50 -43.83 53.12
CA LEU F 325 -11.14 -42.96 52.13
C LEU F 325 -10.21 -42.83 50.91
N LYS F 326 -10.79 -42.87 49.72
CA LYS F 326 -9.99 -42.84 48.51
C LYS F 326 -9.08 -41.60 48.44
N ASP F 327 -9.65 -40.42 48.70
CA ASP F 327 -8.90 -39.19 48.42
C ASP F 327 -8.09 -38.70 49.61
N LEU F 328 -6.90 -38.19 49.30
CA LEU F 328 -6.06 -37.50 50.27
C LEU F 328 -6.67 -36.13 50.54
N THR F 329 -6.34 -35.53 51.68
CA THR F 329 -6.82 -34.20 51.99
C THR F 329 -5.90 -33.20 51.35
N GLY F 330 -6.23 -31.92 51.50
CA GLY F 330 -5.40 -30.85 50.99
C GLY F 330 -3.97 -30.89 51.50
N ALA F 331 -3.77 -31.41 52.70
CA ALA F 331 -2.43 -31.49 53.28
C ALA F 331 -1.78 -32.85 53.01
N GLN F 332 -2.36 -33.60 52.08
CA GLN F 332 -1.73 -34.82 51.59
C GLN F 332 -1.76 -35.99 52.58
N ILE F 333 -2.70 -35.99 53.51
CA ILE F 333 -2.81 -37.16 54.36
C ILE F 333 -4.01 -38.05 53.99
N SER F 334 -3.88 -39.34 54.30
CA SER F 334 -4.89 -40.35 54.08
C SER F 334 -5.65 -40.54 55.38
N LEU F 335 -6.94 -40.86 55.28
CA LEU F 335 -7.79 -41.07 56.47
C LEU F 335 -8.37 -42.49 56.46
N SER F 336 -8.48 -43.10 57.63
CA SER F 336 -8.96 -44.48 57.75
C SER F 336 -9.99 -44.61 58.87
N LEU F 337 -10.93 -45.53 58.70
CA LEU F 337 -11.94 -45.78 59.73
C LEU F 337 -11.24 -46.29 60.97
N THR F 338 -11.52 -45.65 62.10
CA THR F 338 -10.86 -45.97 63.36
C THR F 338 -11.89 -46.27 64.45
N ALA F 339 -11.67 -47.33 65.23
CA ALA F 339 -12.58 -47.66 66.32
C ALA F 339 -12.13 -46.97 67.61
N PHE F 340 -12.98 -46.09 68.14
CA PHE F 340 -12.67 -45.32 69.34
C PHE F 340 -13.53 -45.76 70.53
N THR F 341 -12.93 -45.87 71.71
CA THR F 341 -13.71 -46.18 72.90
C THR F 341 -14.69 -45.05 73.24
N THR F 342 -15.86 -45.44 73.76
CA THR F 342 -16.84 -44.48 74.25
C THR F 342 -17.00 -44.65 75.75
N GLN F 343 -17.95 -43.93 76.34
CA GLN F 343 -18.23 -44.08 77.76
C GLN F 343 -19.08 -45.31 78.03
N GLN F 347 -18.50 -50.00 74.37
CA GLN F 347 -18.89 -50.00 72.97
C GLN F 347 -18.13 -48.93 72.19
N LEU F 348 -17.67 -49.28 71.00
CA LEU F 348 -16.80 -48.42 70.23
C LEU F 348 -17.58 -47.64 69.18
N LYS F 349 -17.12 -46.42 68.91
CA LYS F 349 -17.73 -45.60 67.87
C LYS F 349 -16.71 -45.36 66.75
N VAL F 350 -17.15 -45.52 65.50
CA VAL F 350 -16.23 -45.39 64.38
C VAL F 350 -16.06 -43.94 63.92
N HIS F 351 -14.80 -43.54 63.78
CA HIS F 351 -14.42 -42.17 63.44
C HIS F 351 -13.21 -42.21 62.51
N LEU F 352 -12.93 -41.11 61.81
CA LEU F 352 -11.78 -41.03 60.93
C LEU F 352 -10.55 -40.59 61.70
N SER F 353 -9.39 -41.17 61.40
CA SER F 353 -8.12 -40.61 61.86
C SER F 353 -7.06 -40.85 60.79
N VAL F 354 -5.89 -40.23 60.95
CA VAL F 354 -4.81 -40.37 59.99
C VAL F 354 -4.39 -41.83 59.79
N SER F 355 -4.46 -42.31 58.55
CA SER F 355 -4.09 -43.69 58.25
C SER F 355 -2.69 -44.01 58.78
N ALA F 356 -2.58 -45.09 59.55
CA ALA F 356 -1.32 -45.47 60.16
C ALA F 356 -1.12 -46.97 60.11
N VAL F 357 0.06 -47.40 59.70
CA VAL F 357 0.27 -48.82 59.45
C VAL F 357 0.29 -49.64 60.74
N ASN F 358 0.52 -48.97 61.87
CA ASN F 358 0.69 -49.67 63.16
C ASN F 358 -0.46 -49.48 64.14
N ALA F 359 -1.51 -48.78 63.73
CA ALA F 359 -2.64 -48.54 64.62
C ALA F 359 -3.63 -49.70 64.63
N VAL F 360 -3.64 -50.46 65.73
CA VAL F 360 -4.51 -51.63 65.84
C VAL F 360 -5.97 -51.23 65.72
N ASN F 361 -6.32 -50.04 66.21
CA ASN F 361 -7.68 -49.56 66.13
C ASN F 361 -8.12 -49.14 64.72
N GLN F 362 -7.25 -49.35 63.74
CA GLN F 362 -7.59 -49.13 62.33
C GLN F 362 -7.62 -50.44 61.54
N LYS F 363 -7.47 -51.58 62.22
CA LYS F 363 -7.42 -52.85 61.52
C LYS F 363 -8.75 -53.60 61.59
N TRP F 364 -9.19 -54.11 60.46
CA TRP F 364 -10.51 -54.76 60.32
C TRP F 364 -10.39 -56.10 59.64
N LYS F 365 -11.28 -57.00 60.04
CA LYS F 365 -11.42 -58.29 59.39
C LYS F 365 -12.76 -58.30 58.64
N MET F 366 -12.81 -59.01 57.53
CA MET F 366 -14.05 -59.14 56.79
C MET F 366 -14.32 -60.59 56.45
N THR F 367 -15.32 -61.16 57.12
CA THR F 367 -15.56 -62.59 57.02
C THR F 367 -16.94 -62.86 56.43
N PRO F 368 -16.99 -63.70 55.40
CA PRO F 368 -18.24 -64.05 54.71
C PRO F 368 -19.16 -64.78 55.66
N GLN F 369 -20.46 -64.51 55.59
CA GLN F 369 -21.44 -65.11 56.49
C GLN F 369 -22.39 -66.05 55.76
N ASP F 370 -22.42 -65.96 54.43
CA ASP F 370 -23.35 -66.78 53.65
C ASP F 370 -22.61 -67.70 52.69
N ILE F 371 -23.32 -68.71 52.17
CA ILE F 371 -22.73 -69.66 51.25
C ILE F 371 -22.45 -69.00 49.90
N ALA F 372 -23.20 -67.95 49.58
CA ALA F 372 -23.03 -67.25 48.32
C ALA F 372 -21.87 -66.26 48.38
N ILE F 373 -21.30 -66.09 49.57
CA ILE F 373 -20.14 -65.23 49.76
C ILE F 373 -20.45 -63.80 49.29
N THR F 374 -21.49 -63.21 49.86
CA THR F 374 -21.97 -61.88 49.49
C THR F 374 -22.28 -61.03 50.71
N GLN F 375 -22.33 -61.68 51.87
CA GLN F 375 -22.63 -60.97 53.11
C GLN F 375 -21.45 -61.12 54.05
N PHE F 376 -20.94 -60.00 54.53
CA PHE F 376 -19.67 -59.99 55.25
C PHE F 376 -19.74 -59.29 56.60
N ARG F 377 -19.41 -60.02 57.65
CA ARG F 377 -19.22 -59.42 58.95
C ARG F 377 -17.92 -58.62 58.97
N VAL F 378 -17.97 -57.43 59.52
CA VAL F 378 -16.79 -56.58 59.66
C VAL F 378 -16.41 -56.40 61.13
N SER F 379 -15.24 -56.89 61.50
CA SER F 379 -14.84 -56.82 62.91
C SER F 379 -13.50 -56.12 63.14
N SER F 380 -13.39 -55.48 64.30
CA SER F 380 -12.20 -54.73 64.72
C SER F 380 -11.18 -55.57 65.44
N GLU F 381 -9.93 -55.47 65.00
CA GLU F 381 -8.83 -56.19 65.64
C GLU F 381 -8.63 -55.70 67.07
N LEU F 382 -9.16 -54.52 67.37
CA LEU F 382 -9.01 -53.91 68.67
C LEU F 382 -9.63 -54.79 69.74
N LEU F 383 -10.65 -55.56 69.35
CA LEU F 383 -11.36 -56.44 70.30
C LEU F 383 -10.83 -57.88 70.28
N GLY F 384 -9.65 -58.06 69.68
CA GLY F 384 -8.96 -59.33 69.76
C GLY F 384 -9.82 -60.53 69.45
N GLN F 385 -9.73 -61.55 70.29
CA GLN F 385 -10.41 -62.81 70.04
C GLN F 385 -11.91 -62.76 70.32
N THR F 386 -12.36 -61.66 70.92
CA THR F 386 -13.80 -61.46 71.15
C THR F 386 -14.53 -61.28 69.81
N GLU F 387 -15.57 -62.08 69.58
CA GLU F 387 -16.33 -61.94 68.35
C GLU F 387 -17.12 -60.65 68.35
N ASN F 388 -17.01 -59.89 67.26
CA ASN F 388 -17.61 -58.55 67.22
C ASN F 388 -18.00 -58.13 65.80
N GLY F 389 -18.74 -57.04 65.70
CA GLY F 389 -19.18 -56.56 64.40
C GLY F 389 -19.59 -55.11 64.41
N LEU F 390 -19.96 -54.60 63.24
CA LEU F 390 -20.47 -53.25 63.09
C LEU F 390 -21.95 -53.20 63.45
N PHE F 391 -22.34 -52.14 64.15
CA PHE F 391 -23.73 -51.99 64.59
C PHE F 391 -24.22 -50.59 64.34
N TRP F 392 -25.54 -50.44 64.16
CA TRP F 392 -26.16 -49.12 64.19
C TRP F 392 -27.34 -49.12 65.16
N ASN F 393 -27.70 -47.95 65.65
CA ASN F 393 -28.85 -47.83 66.56
C ASN F 393 -30.15 -47.70 65.76
N THR F 394 -30.96 -48.74 65.75
CA THR F 394 -32.12 -48.84 64.88
C THR F 394 -33.23 -47.85 65.21
N LYS F 395 -33.09 -47.15 66.33
CA LYS F 395 -34.10 -46.18 66.71
C LYS F 395 -33.55 -44.77 66.60
N SER F 396 -32.33 -44.64 66.08
CA SER F 396 -31.73 -43.33 65.89
C SER F 396 -32.47 -42.58 64.79
N GLY F 397 -32.54 -41.26 64.94
CA GLY F 397 -33.24 -40.43 63.97
C GLY F 397 -32.28 -39.62 63.12
N GLY F 398 -32.84 -38.78 62.25
CA GLY F 398 -32.05 -37.95 61.37
C GLY F 398 -31.74 -38.62 60.05
N SER F 399 -30.87 -37.99 59.26
CA SER F 399 -30.51 -38.53 57.95
C SER F 399 -29.20 -39.30 57.99
N GLN F 400 -28.35 -38.96 58.97
CA GLN F 400 -27.06 -39.63 59.12
C GLN F 400 -27.01 -40.37 60.45
N HIS F 401 -26.58 -41.64 60.39
CA HIS F 401 -26.56 -42.50 61.57
C HIS F 401 -25.14 -42.89 61.95
N ASP F 402 -24.88 -42.95 63.25
CA ASP F 402 -23.57 -43.31 63.77
C ASP F 402 -23.24 -44.78 63.56
N LEU F 403 -21.94 -45.07 63.48
CA LEU F 403 -21.48 -46.43 63.26
C LEU F 403 -20.75 -46.92 64.50
N TYR F 404 -21.12 -48.10 64.99
CA TYR F 404 -20.56 -48.62 66.23
C TYR F 404 -19.91 -49.98 66.04
N VAL F 405 -19.05 -50.34 66.99
CA VAL F 405 -18.47 -51.67 67.01
C VAL F 405 -18.88 -52.30 68.35
N CYS F 406 -19.41 -53.52 68.31
CA CYS F 406 -19.84 -54.23 69.53
C CYS F 406 -19.51 -55.71 69.48
N PRO F 407 -19.21 -56.29 70.66
CA PRO F 407 -19.17 -57.75 70.74
C PRO F 407 -20.50 -58.31 70.26
N LEU F 408 -20.48 -59.49 69.66
CA LEU F 408 -21.70 -60.12 69.18
C LEU F 408 -22.59 -60.58 70.33
N LYS F 409 -21.96 -60.94 71.45
CA LYS F 409 -22.70 -61.42 72.61
C LYS F 409 -23.44 -60.28 73.32
N ASN F 410 -24.76 -60.38 73.36
CA ASN F 410 -25.58 -59.41 74.08
C ASN F 410 -25.29 -57.95 73.74
N PRO F 411 -25.42 -57.59 72.46
CA PRO F 411 -25.24 -56.18 72.06
C PRO F 411 -26.19 -55.27 72.83
N PRO F 412 -25.84 -53.98 72.92
CA PRO F 412 -26.72 -52.99 73.54
C PRO F 412 -28.14 -53.08 72.98
N SER F 413 -29.09 -52.52 73.73
CA SER F 413 -30.53 -52.69 73.47
C SER F 413 -30.98 -52.50 72.01
N ASP F 414 -30.93 -51.27 71.52
CA ASP F 414 -31.54 -50.93 70.24
C ASP F 414 -30.62 -51.07 69.01
N LEU F 415 -29.54 -51.84 69.16
CA LEU F 415 -28.55 -51.98 68.09
C LEU F 415 -28.71 -53.26 67.30
N GLU F 416 -28.49 -53.18 65.99
CA GLU F 416 -28.41 -54.39 65.18
C GLU F 416 -27.12 -54.41 64.37
N GLU F 417 -26.62 -55.61 64.07
CA GLU F 417 -25.41 -55.76 63.28
C GLU F 417 -25.66 -55.34 61.84
N LEU F 418 -24.65 -54.71 61.25
CA LEU F 418 -24.65 -54.35 59.83
C LEU F 418 -23.58 -55.18 59.15
N GLN F 419 -23.93 -55.78 58.03
CA GLN F 419 -22.95 -56.53 57.27
C GLN F 419 -22.85 -55.92 55.87
N ILE F 420 -21.65 -55.92 55.32
CA ILE F 420 -21.44 -55.43 53.97
C ILE F 420 -22.08 -56.37 52.95
N ILE F 421 -22.82 -55.81 52.02
CA ILE F 421 -23.43 -56.62 50.97
C ILE F 421 -22.73 -56.36 49.64
N VAL F 422 -22.43 -57.44 48.93
CA VAL F 422 -21.69 -57.40 47.69
C VAL F 422 -22.54 -57.88 46.52
N ASP F 423 -22.71 -57.02 45.51
CA ASP F 423 -23.26 -57.43 44.23
C ASP F 423 -22.93 -56.37 43.20
N GLU F 424 -23.31 -56.62 41.95
CA GLU F 424 -22.85 -55.80 40.83
C GLU F 424 -23.45 -54.39 40.81
N CYS F 425 -24.30 -54.07 41.78
CA CYS F 425 -24.95 -52.76 41.87
C CYS F 425 -24.60 -52.00 43.15
N THR F 426 -24.03 -52.70 44.13
CA THR F 426 -23.69 -52.09 45.40
C THR F 426 -22.18 -52.14 45.63
N THR F 427 -21.73 -52.87 46.64
CA THR F 427 -20.30 -52.96 46.91
C THR F 427 -19.61 -53.89 45.89
N HIS F 428 -18.56 -53.39 45.22
CA HIS F 428 -17.79 -54.23 44.30
C HIS F 428 -17.15 -55.41 45.05
N ALA F 429 -17.09 -56.56 44.39
CA ALA F 429 -16.49 -57.76 45.00
C ALA F 429 -15.10 -57.48 45.60
N GLN F 430 -14.28 -56.67 44.92
CA GLN F 430 -12.90 -56.50 45.38
C GLN F 430 -12.79 -55.72 46.69
N PHE F 431 -13.85 -55.04 47.11
CA PHE F 431 -13.76 -54.28 48.34
C PHE F 431 -13.40 -55.18 49.52
N VAL F 432 -13.98 -56.37 49.56
CA VAL F 432 -13.73 -57.28 50.67
C VAL F 432 -12.48 -58.12 50.42
N THR F 433 -11.52 -57.52 49.72
CA THR F 433 -10.18 -58.07 49.58
C THR F 433 -9.19 -56.97 49.94
N MET F 434 -7.96 -57.35 50.27
CA MET F 434 -6.97 -56.37 50.73
C MET F 434 -6.05 -55.94 49.60
N ARG F 435 -6.21 -54.69 49.18
CA ARG F 435 -5.39 -54.13 48.09
C ARG F 435 -4.07 -53.55 48.62
N ALA F 436 -3.14 -53.28 47.71
CA ALA F 436 -1.88 -52.66 48.11
C ALA F 436 -2.17 -51.30 48.72
N ALA F 437 -1.35 -50.91 49.70
CA ALA F 437 -1.53 -49.63 50.39
C ALA F 437 -1.03 -48.45 49.55
N SER F 438 -1.55 -47.26 49.84
CA SER F 438 -1.16 -46.04 49.13
C SER F 438 -0.40 -45.06 50.02
N THR F 439 -0.49 -45.23 51.33
CA THR F 439 0.35 -44.45 52.26
C THR F 439 0.93 -45.36 53.33
N PHE F 440 2.05 -44.92 53.89
CA PHE F 440 2.86 -45.76 54.77
C PHE F 440 3.32 -44.94 55.98
N PHE F 441 2.34 -44.35 56.66
CA PHE F 441 2.63 -43.51 57.81
C PHE F 441 2.69 -44.36 59.07
N VAL F 442 3.68 -44.10 59.91
CA VAL F 442 3.79 -44.78 61.19
C VAL F 442 3.49 -43.78 62.30
N ASP F 443 2.54 -44.09 63.16
CA ASP F 443 2.25 -43.27 64.32
C ASP F 443 3.39 -43.50 65.33
N VAL F 444 4.21 -42.46 65.54
CA VAL F 444 5.37 -42.59 66.41
C VAL F 444 5.18 -41.87 67.74
N GLN F 445 4.23 -40.93 67.78
CA GLN F 445 3.80 -40.36 69.05
C GLN F 445 5.01 -39.88 69.84
N LEU F 446 5.86 -39.08 69.19
CA LEU F 446 7.11 -38.63 69.80
C LEU F 446 6.89 -37.76 71.02
N GLY F 447 7.74 -37.96 72.02
CA GLY F 447 7.75 -37.09 73.18
C GLY F 447 8.99 -37.34 74.03
N TRP F 448 8.99 -36.77 75.23
CA TRP F 448 10.05 -37.09 76.18
C TRP F 448 9.53 -37.16 77.61
N TYR F 449 10.37 -37.72 78.48
CA TYR F 449 9.96 -38.15 79.81
C TYR F 449 10.94 -37.61 80.84
N TRP F 450 10.43 -36.98 81.88
CA TRP F 450 11.29 -36.46 82.95
C TRP F 450 10.68 -36.63 84.34
N ARG F 451 11.29 -37.49 85.14
CA ARG F 451 10.84 -37.72 86.52
C ARG F 451 9.35 -38.00 86.62
N GLY F 452 8.88 -39.01 85.89
CA GLY F 452 7.49 -39.42 85.97
C GLY F 452 6.49 -38.59 85.18
N TYR F 453 6.96 -37.50 84.58
CA TYR F 453 6.08 -36.67 83.76
C TYR F 453 6.33 -36.88 82.27
N TYR F 454 5.27 -36.81 81.48
CA TYR F 454 5.39 -36.88 80.02
C TYR F 454 5.39 -35.49 79.40
N TYR F 455 6.21 -35.31 78.37
CA TYR F 455 6.25 -34.05 77.63
C TYR F 455 6.05 -34.28 76.13
N THR F 456 5.46 -33.30 75.46
CA THR F 456 5.16 -33.42 74.04
C THR F 456 5.68 -32.21 73.27
N PRO F 457 6.12 -32.44 72.03
CA PRO F 457 6.62 -31.32 71.20
C PRO F 457 5.51 -30.35 70.89
N GLN F 458 5.84 -29.05 70.86
CA GLN F 458 4.94 -28.06 70.30
C GLN F 458 5.50 -27.54 68.97
N LEU F 459 4.61 -27.02 68.13
CA LEU F 459 4.97 -26.59 66.77
C LEU F 459 5.98 -25.45 66.79
N SER F 460 6.01 -24.72 67.91
CA SER F 460 6.95 -23.61 68.08
C SER F 460 8.37 -24.09 68.31
N GLY F 461 8.52 -25.36 68.64
CA GLY F 461 9.83 -25.92 68.92
C GLY F 461 10.09 -26.07 70.41
N TRP F 462 9.11 -25.69 71.21
CA TRP F 462 9.15 -25.89 72.66
C TRP F 462 8.44 -27.17 73.07
N SER F 463 8.21 -27.35 74.37
CA SER F 463 7.50 -28.52 74.87
C SER F 463 6.31 -28.13 75.74
N TYR F 464 5.38 -29.05 75.90
CA TYR F 464 4.26 -28.83 76.81
C TYR F 464 4.11 -30.09 77.63
N GLN F 465 3.76 -29.94 78.91
CA GLN F 465 3.69 -31.09 79.79
C GLN F 465 2.40 -31.86 79.64
N MET F 466 2.42 -32.83 78.73
CA MET F 466 1.32 -33.76 78.56
C MET F 466 1.84 -34.90 77.71
N LYS F 467 1.18 -36.05 77.81
CA LYS F 467 1.53 -37.18 76.97
C LYS F 467 1.10 -36.88 75.54
N THR F 468 1.94 -37.24 74.57
CA THR F 468 1.61 -37.03 73.16
C THR F 468 0.41 -37.90 72.82
N PRO F 469 -0.66 -37.27 72.30
CA PRO F 469 -1.85 -38.05 71.90
C PRO F 469 -1.58 -39.00 70.74
N ASP F 470 -2.38 -40.05 70.61
CA ASP F 470 -2.29 -40.92 69.44
C ASP F 470 -2.66 -40.11 68.21
N GLY F 471 -2.28 -40.58 67.03
CA GLY F 471 -2.71 -39.97 65.78
C GLY F 471 -2.28 -38.54 65.50
N GLN F 472 -1.10 -38.17 65.98
CA GLN F 472 -0.64 -36.80 65.80
C GLN F 472 0.75 -36.70 65.20
N ILE F 473 1.68 -37.53 65.66
CA ILE F 473 3.06 -37.45 65.17
C ILE F 473 3.46 -38.73 64.48
N PHE F 474 3.91 -38.56 63.23
CA PHE F 474 4.06 -39.67 62.31
C PHE F 474 5.42 -39.68 61.63
N TYR F 475 5.79 -40.86 61.15
CA TYR F 475 6.99 -41.05 60.36
C TYR F 475 6.54 -41.64 59.01
N ASP F 476 6.91 -40.97 57.93
CA ASP F 476 6.61 -41.47 56.58
C ASP F 476 7.68 -42.43 56.13
N LEU F 477 7.33 -43.71 56.05
CA LEU F 477 8.26 -44.75 55.63
C LEU F 477 8.75 -44.58 54.18
N LYS F 478 7.98 -43.86 53.37
CA LYS F 478 8.42 -43.67 51.98
C LYS F 478 9.61 -42.72 51.88
N THR F 479 9.61 -41.68 52.71
CA THR F 479 10.57 -40.58 52.55
C THR F 479 11.42 -40.34 53.79
N SER F 480 11.14 -41.06 54.88
CA SER F 480 11.83 -40.87 56.17
C SER F 480 11.57 -39.52 56.81
N LYS F 481 10.44 -38.91 56.49
CA LYS F 481 10.14 -37.61 57.08
C LYS F 481 9.28 -37.79 58.33
N ILE F 482 9.33 -36.81 59.22
CA ILE F 482 8.58 -36.86 60.45
C ILE F 482 7.63 -35.70 60.44
N PHE F 483 6.34 -35.97 60.66
CA PHE F 483 5.38 -34.89 60.58
C PHE F 483 4.34 -34.83 61.71
N PHE F 484 3.80 -33.63 61.89
CA PHE F 484 2.90 -33.31 62.99
C PHE F 484 1.59 -32.88 62.38
N VAL F 485 0.53 -33.63 62.66
CA VAL F 485 -0.78 -33.31 62.10
C VAL F 485 -1.59 -32.42 63.04
N GLN F 486 -1.56 -31.12 62.78
CA GLN F 486 -2.37 -30.19 63.57
C GLN F 486 -3.84 -30.40 63.28
N ASP F 487 -4.17 -30.52 61.99
CA ASP F 487 -5.47 -31.04 61.56
C ASP F 487 -5.37 -31.50 60.11
N ASN F 488 -6.47 -31.97 59.54
CA ASN F 488 -6.42 -32.56 58.21
C ASN F 488 -5.91 -31.65 57.09
N GLN F 489 -6.03 -30.34 57.28
CA GLN F 489 -5.53 -29.38 56.29
C GLN F 489 -4.22 -28.70 56.71
N ASN F 490 -3.62 -29.15 57.81
CA ASN F 490 -2.43 -28.50 58.35
C ASN F 490 -1.42 -29.47 58.93
N VAL F 491 -0.34 -29.67 58.19
CA VAL F 491 0.65 -30.67 58.53
C VAL F 491 2.05 -30.06 58.50
N PHE F 492 2.83 -30.27 59.56
CA PHE F 492 4.15 -29.64 59.65
C PHE F 492 5.25 -30.69 59.75
N PHE F 493 6.39 -30.44 59.13
CA PHE F 493 7.47 -31.41 59.07
C PHE F 493 8.70 -30.99 59.85
N LEU F 494 9.30 -31.95 60.55
CA LEU F 494 10.48 -31.70 61.36
C LEU F 494 11.69 -31.43 60.49
N HIS F 495 12.28 -30.24 60.64
CA HIS F 495 13.37 -29.77 59.81
C HIS F 495 14.67 -29.46 60.58
N ASN F 496 15.76 -30.09 60.14
CA ASN F 496 17.09 -29.78 60.64
C ASN F 496 17.65 -28.50 60.02
N LYS F 497 18.27 -27.67 60.87
CA LYS F 497 18.88 -26.41 60.41
C LYS F 497 20.39 -26.43 60.56
N LEU F 498 20.87 -27.26 61.48
CA LEU F 498 22.30 -27.38 61.76
C LEU F 498 23.10 -27.95 60.60
N ASN F 499 24.25 -27.32 60.32
CA ASN F 499 25.24 -27.87 59.39
C ASN F 499 26.66 -27.44 59.77
N LYS F 500 27.64 -27.92 59.03
CA LYS F 500 29.04 -27.67 59.38
C LYS F 500 29.48 -26.20 59.26
N GLN F 501 28.59 -25.34 58.75
CA GLN F 501 28.88 -23.92 58.62
C GLN F 501 28.04 -23.06 59.55
N THR F 502 27.36 -23.70 60.50
CA THR F 502 26.49 -22.97 61.41
C THR F 502 27.30 -22.01 62.27
N GLY F 503 28.49 -22.46 62.65
CA GLY F 503 29.34 -21.71 63.55
C GLY F 503 29.29 -22.36 64.92
N TYR F 504 28.09 -22.77 65.30
CA TYR F 504 27.88 -23.42 66.59
C TYR F 504 27.79 -24.92 66.42
N SER F 505 27.84 -25.62 67.53
CA SER F 505 27.81 -27.08 67.51
C SER F 505 26.38 -27.61 67.49
N TRP F 506 25.42 -26.69 67.50
CA TRP F 506 24.01 -27.05 67.62
C TRP F 506 23.16 -25.95 67.02
N ASP F 507 21.91 -26.27 66.74
CA ASP F 507 20.93 -25.28 66.34
C ASP F 507 19.52 -25.81 66.57
N TRP F 508 18.56 -24.91 66.69
CA TRP F 508 17.17 -25.30 66.91
C TRP F 508 16.66 -26.08 65.70
N VAL F 509 15.76 -27.03 65.93
CA VAL F 509 14.99 -27.63 64.85
C VAL F 509 13.72 -26.81 64.69
N GLU F 510 12.95 -27.07 63.63
CA GLU F 510 11.73 -26.30 63.36
C GLU F 510 10.70 -27.19 62.67
N TRP F 511 9.43 -26.81 62.76
CA TRP F 511 8.33 -27.57 62.16
C TRP F 511 7.76 -26.75 61.02
N LEU F 512 7.85 -27.27 59.80
CA LEU F 512 7.49 -26.48 58.63
C LEU F 512 6.51 -27.23 57.73
N LYS F 513 5.52 -26.50 57.22
CA LYS F 513 4.68 -27.02 56.14
C LYS F 513 5.58 -27.38 54.96
N HIS F 514 5.25 -28.45 54.27
CA HIS F 514 6.15 -29.02 53.29
C HIS F 514 5.43 -30.06 52.45
N ASP F 515 6.02 -30.42 51.31
CA ASP F 515 5.42 -31.38 50.39
C ASP F 515 5.65 -32.79 50.87
N MET F 516 4.57 -33.50 51.18
CA MET F 516 4.67 -34.88 51.65
C MET F 516 5.46 -35.72 50.65
N ASN F 517 5.39 -35.38 49.36
CA ASN F 517 6.03 -36.22 48.35
C ASN F 517 7.51 -35.91 48.18
N GLU F 518 7.94 -34.77 48.71
CA GLU F 518 9.34 -34.36 48.54
C GLU F 518 10.31 -35.36 49.18
N ASP F 519 11.35 -35.73 48.45
CA ASP F 519 12.14 -36.89 48.85
C ASP F 519 13.65 -36.72 48.65
N LYS F 520 14.13 -35.50 48.45
CA LYS F 520 15.56 -35.27 48.22
C LYS F 520 16.30 -34.53 49.36
N ASP F 521 15.63 -33.57 49.99
CA ASP F 521 16.26 -32.73 51.01
C ASP F 521 16.44 -33.51 52.31
N GLU F 522 17.69 -33.88 52.60
CA GLU F 522 17.99 -34.72 53.77
C GLU F 522 17.83 -34.02 55.13
N ASN F 523 17.63 -32.71 55.11
CA ASN F 523 17.37 -31.97 56.34
C ASN F 523 15.97 -32.26 56.87
N PHE F 524 15.18 -33.00 56.09
CA PHE F 524 13.83 -33.37 56.48
C PHE F 524 13.75 -34.85 56.79
N LYS F 525 14.85 -35.54 56.59
CA LYS F 525 14.89 -36.99 56.72
C LYS F 525 15.55 -37.40 58.04
N TRP F 526 14.90 -38.29 58.77
CA TRP F 526 15.37 -38.70 60.08
C TRP F 526 15.32 -40.21 60.22
N TYR F 527 16.15 -40.75 61.10
CA TYR F 527 16.10 -42.17 61.40
C TYR F 527 16.27 -42.41 62.90
N PHE F 528 15.90 -43.61 63.35
CA PHE F 528 15.91 -43.95 64.77
C PHE F 528 17.10 -44.86 65.09
N SER F 529 17.70 -44.68 66.26
CA SER F 529 18.85 -45.50 66.66
C SER F 529 18.68 -46.09 68.07
N ARG F 530 19.00 -47.37 68.20
CA ARG F 530 18.95 -48.05 69.50
C ARG F 530 20.22 -47.77 70.29
N ASP F 531 21.34 -47.71 69.58
CA ASP F 531 22.64 -47.44 70.20
C ASP F 531 22.83 -48.34 71.42
N ASP F 532 23.24 -47.77 72.55
CA ASP F 532 23.45 -48.55 73.77
C ASP F 532 22.33 -48.38 74.78
N LEU F 533 21.13 -48.04 74.30
CA LEU F 533 20.00 -47.80 75.20
C LEU F 533 19.46 -49.09 75.82
N THR F 534 18.94 -48.97 77.04
CA THR F 534 18.23 -50.07 77.65
C THR F 534 16.83 -50.10 77.07
N ILE F 535 16.48 -51.19 76.41
CA ILE F 535 15.19 -51.29 75.72
C ILE F 535 14.55 -52.63 75.97
N PRO F 536 13.35 -52.63 76.55
CA PRO F 536 12.73 -51.39 77.06
C PRO F 536 13.45 -50.92 78.32
N SER F 537 13.14 -49.70 78.77
CA SER F 537 13.82 -49.14 79.94
C SER F 537 13.37 -49.84 81.22
N VAL F 538 14.02 -49.52 82.33
CA VAL F 538 13.71 -50.16 83.61
C VAL F 538 12.24 -49.96 83.97
N GLU F 539 11.67 -48.81 83.60
CA GLU F 539 10.29 -48.49 83.90
C GLU F 539 9.35 -48.76 82.71
N GLY F 540 9.82 -49.57 81.76
CA GLY F 540 8.99 -50.05 80.67
C GLY F 540 8.73 -49.08 79.52
N LEU F 541 9.56 -48.05 79.40
CA LEU F 541 9.39 -47.05 78.34
C LEU F 541 10.21 -47.40 77.10
N ASN F 542 9.70 -46.97 75.93
CA ASN F 542 10.37 -47.18 74.66
C ASN F 542 11.13 -45.93 74.23
N PHE F 543 12.46 -45.99 74.29
CA PHE F 543 13.29 -44.84 73.93
C PHE F 543 14.12 -45.14 72.69
N ARG F 544 14.40 -44.09 71.92
CA ARG F 544 15.36 -44.16 70.82
C ARG F 544 16.14 -42.86 70.73
N HIS F 545 17.31 -42.93 70.10
CA HIS F 545 17.97 -41.72 69.63
C HIS F 545 17.42 -41.45 68.24
N ILE F 546 17.40 -40.18 67.84
CA ILE F 546 16.89 -39.79 66.53
C ILE F 546 17.91 -38.91 65.85
N ARG F 547 18.29 -39.25 64.62
CA ARG F 547 19.30 -38.47 63.90
C ARG F 547 18.85 -38.09 62.49
N CYS F 548 19.35 -36.96 62.00
CA CYS F 548 19.07 -36.50 60.66
C CYS F 548 20.01 -37.13 59.63
N TYR F 549 19.44 -37.50 58.47
CA TYR F 549 20.22 -38.08 57.37
C TYR F 549 21.38 -37.20 56.93
N ALA F 550 21.14 -35.89 56.92
CA ALA F 550 22.06 -34.95 56.26
C ALA F 550 23.51 -35.13 56.71
N ASP F 551 23.73 -35.04 58.02
CA ASP F 551 25.07 -35.20 58.55
C ASP F 551 25.05 -35.79 59.96
N ASN F 552 24.03 -36.59 60.24
CA ASN F 552 23.90 -37.26 61.53
C ASN F 552 23.73 -36.31 62.73
N GLN F 553 23.18 -35.13 62.47
CA GLN F 553 22.75 -34.25 63.53
C GLN F 553 21.79 -35.01 64.43
N GLN F 554 22.00 -34.91 65.74
CA GLN F 554 21.18 -35.66 66.69
C GLN F 554 20.12 -34.79 67.35
N LEU F 555 18.88 -35.31 67.39
CA LEU F 555 17.75 -34.61 68.00
C LEU F 555 17.78 -34.75 69.52
N LYS F 556 17.66 -33.62 70.21
CA LYS F 556 17.72 -33.59 71.67
C LYS F 556 16.80 -32.49 72.21
N VAL F 557 16.57 -32.53 73.51
CA VAL F 557 15.69 -31.55 74.16
C VAL F 557 16.36 -31.00 75.42
N ILE F 558 16.35 -29.68 75.57
CA ILE F 558 16.88 -29.03 76.76
C ILE F 558 15.94 -29.34 77.92
N ILE F 559 16.48 -29.89 79.01
CA ILE F 559 15.64 -30.34 80.12
C ILE F 559 15.08 -29.19 80.96
N SER F 560 15.97 -28.41 81.57
CA SER F 560 15.52 -27.29 82.40
C SER F 560 16.24 -25.99 82.04
N GLY F 561 15.89 -24.93 82.76
CA GLY F 561 16.52 -23.65 82.56
C GLY F 561 15.71 -22.71 81.69
N SER F 562 16.33 -21.63 81.26
CA SER F 562 15.68 -20.60 80.46
C SER F 562 15.04 -21.19 79.20
N ARG F 563 15.62 -22.29 78.73
CA ARG F 563 15.22 -22.89 77.46
C ARG F 563 14.63 -24.29 77.62
N TRP F 564 14.01 -24.56 78.76
CA TRP F 564 13.44 -25.88 79.04
C TRP F 564 12.47 -26.31 77.92
N GLY F 565 12.60 -27.57 77.51
CA GLY F 565 11.70 -28.14 76.52
C GLY F 565 11.99 -27.75 75.07
N GLY F 566 12.99 -26.91 74.86
CA GLY F 566 13.40 -26.53 73.52
C GLY F 566 14.01 -27.71 72.77
N TRP F 567 13.51 -27.94 71.55
CA TRP F 567 14.01 -29.04 70.73
C TRP F 567 15.09 -28.52 69.79
N TYR F 568 16.17 -29.29 69.62
CA TYR F 568 17.30 -28.84 68.81
C TYR F 568 18.07 -30.03 68.29
N SER F 569 19.04 -29.79 67.41
CA SER F 569 19.91 -30.86 66.95
C SER F 569 21.35 -30.46 67.15
N THR F 570 22.25 -31.44 67.21
CA THR F 570 23.62 -31.13 67.56
C THR F 570 24.64 -32.17 67.10
N TYR F 571 25.88 -31.73 66.99
CA TYR F 571 26.99 -32.64 66.73
C TYR F 571 27.61 -33.12 68.05
N ASP F 572 27.34 -32.39 69.13
CA ASP F 572 27.85 -32.73 70.45
C ASP F 572 27.43 -34.13 70.88
N LYS F 573 28.38 -35.05 70.90
CA LYS F 573 28.09 -36.45 71.22
C LYS F 573 27.24 -36.58 72.49
N VAL F 574 27.72 -35.98 73.57
CA VAL F 574 27.05 -36.04 74.86
C VAL F 574 27.22 -34.72 75.61
N GLU F 575 26.15 -34.27 76.28
CA GLU F 575 26.18 -33.03 77.03
C GLU F 575 25.44 -33.14 78.37
N SER F 576 25.20 -31.99 79.00
CA SER F 576 24.55 -31.94 80.30
C SER F 576 23.32 -31.04 80.28
N ASN F 577 22.34 -31.34 81.14
CA ASN F 577 21.04 -30.65 81.12
C ASN F 577 20.29 -30.89 79.82
N VAL F 578 20.52 -32.04 79.20
CA VAL F 578 19.87 -32.37 77.94
C VAL F 578 19.36 -33.80 77.93
N GLU F 579 18.21 -34.00 77.30
CA GLU F 579 17.65 -35.33 77.16
C GLU F 579 17.81 -35.76 75.70
N ASP F 580 18.48 -36.88 75.48
CA ASP F 580 18.66 -37.37 74.11
C ASP F 580 17.80 -38.61 73.86
N LYS F 581 17.07 -39.03 74.89
CA LYS F 581 16.18 -40.18 74.77
C LYS F 581 14.80 -39.70 74.35
N ILE F 582 14.35 -40.13 73.17
CA ILE F 582 13.05 -39.71 72.70
C ILE F 582 12.06 -40.87 72.85
N LEU F 583 10.88 -40.59 73.37
CA LEU F 583 9.84 -41.61 73.48
C LEU F 583 9.26 -41.94 72.11
N VAL F 584 9.17 -43.22 71.78
CA VAL F 584 8.53 -43.63 70.54
C VAL F 584 7.53 -44.76 70.80
N LYS F 585 6.39 -44.70 70.11
CA LYS F 585 5.34 -45.68 70.33
C LYS F 585 5.87 -47.10 70.19
N ASP F 586 5.57 -47.94 71.19
CA ASP F 586 5.96 -49.34 71.17
C ASP F 586 5.55 -50.00 69.88
N GLY F 587 6.49 -50.73 69.27
CA GLY F 587 6.19 -51.52 68.09
C GLY F 587 6.25 -50.72 66.79
N PHE F 588 6.54 -49.43 66.89
CA PHE F 588 6.60 -48.56 65.72
C PHE F 588 7.52 -49.11 64.63
N ASP F 589 8.56 -49.85 65.03
CA ASP F 589 9.54 -50.37 64.08
C ASP F 589 9.23 -51.79 63.61
N ARG F 590 8.01 -52.25 63.85
CA ARG F 590 7.65 -53.61 63.47
C ARG F 590 6.53 -53.67 62.42
N PHE F 591 5.83 -52.56 62.22
CA PHE F 591 4.74 -52.53 61.26
C PHE F 591 5.15 -51.90 59.93
S SO4 G . -7.67 1.10 -64.05
O1 SO4 G . -7.43 1.80 -65.32
O2 SO4 G . -9.04 0.57 -64.00
O3 SO4 G . -6.73 0.00 -63.94
O4 SO4 G . -7.49 2.07 -62.95
S SO4 H . 19.35 7.02 -30.98
O1 SO4 H . 19.31 7.71 -32.25
O2 SO4 H . 19.65 5.60 -31.20
O3 SO4 H . 18.06 7.18 -30.31
O4 SO4 H . 20.40 7.60 -30.14
C1 GOL I . 8.65 -4.52 -31.21
O1 GOL I . 8.98 -5.14 -29.99
C2 GOL I . 7.31 -5.07 -31.70
O2 GOL I . 6.42 -5.10 -30.60
C3 GOL I . 6.74 -4.17 -32.80
O3 GOL I . 5.41 -4.53 -33.11
C1 GOL J . 25.19 -22.16 -44.11
O1 GOL J . 24.97 -20.97 -44.83
C2 GOL J . 24.13 -22.33 -43.02
O2 GOL J . 22.90 -21.79 -43.45
C3 GOL J . 23.93 -23.81 -42.74
O3 GOL J . 23.07 -24.36 -43.70
C1 GOL K . -3.63 -22.33 -53.90
O1 GOL K . -4.50 -23.23 -53.25
C2 GOL K . -3.96 -22.35 -55.40
O2 GOL K . -4.96 -21.40 -55.68
C3 GOL K . -2.70 -22.04 -56.21
O3 GOL K . -3.02 -22.05 -57.59
C1 GOL L . 2.22 6.71 -42.45
O1 GOL L . 1.62 7.17 -43.66
C2 GOL L . 1.18 6.08 -41.53
O2 GOL L . 1.70 5.90 -40.20
C3 GOL L . -0.11 6.88 -41.61
O3 GOL L . -0.74 6.99 -40.36
C ACT M . -2.91 11.49 -26.90
O ACT M . -2.31 10.62 -27.58
OXT ACT M . -2.27 12.03 -25.96
CH3 ACT M . -4.33 11.89 -27.19
C ACT N . 8.09 -16.89 -48.97
O ACT N . 8.28 -15.68 -49.22
OXT ACT N . 8.97 -17.69 -49.35
CH3 ACT N . 6.84 -17.34 -48.26
S SO4 O . 11.00 -32.65 -1.90
O1 SO4 O . 12.32 -33.12 -2.30
O2 SO4 O . 10.25 -32.29 -3.11
O3 SO4 O . 10.28 -33.72 -1.19
O4 SO4 O . 11.10 -31.49 -1.03
C1 GOL P . 12.49 -6.07 -22.63
O1 GOL P . 12.56 -7.37 -22.09
C2 GOL P . 11.79 -6.11 -23.99
O2 GOL P . 10.88 -7.18 -24.03
C3 GOL P . 11.06 -4.80 -24.25
O3 GOL P . 10.16 -4.93 -25.33
C1 GOL Q . 13.81 -9.69 -29.01
O1 GOL Q . 14.56 -10.28 -27.96
C2 GOL Q . 12.53 -9.07 -28.48
O2 GOL Q . 11.68 -10.05 -27.95
C3 GOL Q . 12.78 -8.04 -27.38
O3 GOL Q . 11.62 -7.25 -27.22
C1 GOL R . 2.26 -26.41 -13.60
O1 GOL R . 2.08 -27.43 -12.65
C2 GOL R . 0.94 -25.67 -13.81
O2 GOL R . 0.24 -25.61 -12.59
C3 GOL R . 1.23 -24.24 -14.25
O3 GOL R . 0.00 -23.66 -14.61
C1 GOL S . -2.82 50.20 -17.68
O1 GOL S . -3.65 49.67 -16.68
C2 GOL S . -3.59 51.30 -18.40
O2 GOL S . -3.95 52.26 -17.43
C3 GOL S . -2.70 51.94 -19.47
O3 GOL S . -3.35 53.02 -20.09
C1 GOL T . -2.47 53.31 -14.04
O1 GOL T . -3.31 52.40 -14.72
C2 GOL T . -3.03 54.70 -14.23
O2 GOL T . -4.35 54.76 -13.75
C3 GOL T . -2.18 55.75 -13.49
O3 GOL T . -2.11 56.86 -14.38
C1 GOL U . -19.04 53.36 -45.52
O1 GOL U . -19.24 52.97 -44.18
C2 GOL U . -17.75 52.75 -46.06
O2 GOL U . -17.39 51.62 -45.30
C3 GOL U . -17.98 52.29 -47.49
O3 GOL U . -16.85 51.57 -47.92
C1 GOL V . -37.25 32.60 -36.51
O1 GOL V . -36.35 32.14 -35.53
C2 GOL V . -38.40 33.33 -35.84
O2 GOL V . -37.92 34.52 -35.25
C3 GOL V . -39.47 33.67 -36.87
O3 GOL V . -40.43 34.52 -36.27
C1 GOL W . -22.44 61.79 -24.85
O1 GOL W . -23.41 61.27 -23.97
C2 GOL W . -23.02 62.91 -25.69
O2 GOL W . -24.34 62.59 -26.09
C3 GOL W . -23.02 64.20 -24.88
O3 GOL W . -23.27 65.29 -25.72
C1 GOL X . -23.48 29.35 -41.09
O1 GOL X . -22.74 28.16 -40.97
C2 GOL X . -22.61 30.46 -41.66
O2 GOL X . -21.26 30.09 -41.80
C3 GOL X . -23.16 30.93 -43.00
O3 GOL X . -22.15 31.72 -43.60
C1 GOL Y . -9.04 23.02 -29.89
O1 GOL Y . -8.34 21.82 -30.14
C2 GOL Y . -8.46 24.09 -30.78
O2 GOL Y . -7.65 24.91 -29.97
C3 GOL Y . -7.59 23.33 -31.79
O3 GOL Y . -7.45 23.99 -33.03
S SO4 Z . 11.08 43.56 -13.31
O1 SO4 Z . 12.20 43.93 -14.26
O2 SO4 Z . 10.06 42.97 -14.10
O3 SO4 Z . 10.48 44.86 -12.78
O4 SO4 Z . 11.71 42.96 -12.19
C1 GOL AA . -4.94 47.66 -8.71
O1 GOL AA . -6.22 47.26 -8.28
C2 GOL AA . -4.89 47.93 -10.21
O2 GOL AA . -6.14 48.31 -10.74
C3 GOL AA . -3.86 49.02 -10.47
O3 GOL AA . -3.97 49.49 -11.80
C1 GOL BA . 12.39 58.76 13.28
O1 GOL BA . 11.11 59.01 13.78
C2 GOL BA . 12.58 59.55 12.00
O2 GOL BA . 11.53 59.29 11.09
C3 GOL BA . 12.61 61.02 12.37
O3 GOL BA . 13.82 61.25 13.06
C1 GOL CA . 2.82 73.02 0.42
O1 GOL CA . 1.52 73.17 0.94
C2 GOL CA . 3.41 71.72 0.96
O2 GOL CA . 2.58 70.64 0.58
C3 GOL CA . 4.83 71.53 0.42
O3 GOL CA . 5.72 71.39 1.49
C1 GOL DA . -17.16 58.95 17.21
O1 GOL DA . -17.17 58.31 18.47
C2 GOL DA . -17.93 58.10 16.21
O2 GOL DA . -18.85 57.26 16.88
C3 GOL DA . -18.65 58.99 15.20
O3 GOL DA . -19.86 58.37 14.80
C1 GOL EA . -8.79 37.90 10.08
O1 GOL EA . -7.56 37.69 9.42
C2 GOL EA . -9.33 36.56 10.57
O2 GOL EA . -8.24 35.74 10.94
C3 GOL EA . -10.22 36.78 11.80
O3 GOL EA . -11.52 36.31 11.54
C1 GOL FA . -6.89 77.50 13.91
O1 GOL FA . -6.89 76.37 14.76
C2 GOL FA . -5.49 77.66 13.32
O2 GOL FA . -5.08 76.42 12.78
C3 GOL FA . -5.52 78.72 12.23
O3 GOL FA . -4.19 79.12 11.96
C ACT GA . -6.91 29.34 -14.22
O ACT GA . -6.22 29.10 -15.23
OXT ACT GA . -6.73 30.45 -13.65
CH3 ACT GA . -7.93 28.37 -13.69
S SO4 HA . -1.03 -24.75 5.65
O1 SO4 HA . -1.14 -25.02 4.23
O2 SO4 HA . -0.83 -23.33 5.95
O3 SO4 HA . 0.09 -25.51 6.21
O4 SO4 HA . -2.28 -25.19 6.28
C1 GOL IA . -2.87 -43.96 37.77
O1 GOL IA . -3.45 -44.19 39.03
C2 GOL IA . -2.75 -42.46 37.54
O2 GOL IA . -1.85 -41.93 38.49
C3 GOL IA . -2.21 -42.20 36.14
O3 GOL IA . -1.80 -40.85 36.02
C1 GOL JA . -28.46 -46.90 32.97
O1 GOL JA . -29.51 -46.07 33.45
C2 GOL JA . -29.02 -48.29 32.66
O2 GOL JA . -30.42 -48.30 32.89
C3 GOL JA . -28.70 -48.66 31.21
O3 GOL JA . -29.45 -49.80 30.82
C1 GOL KA . -22.84 -50.89 15.95
O1 GOL KA . -23.16 -51.33 14.66
C2 GOL KA . -21.63 -49.97 15.85
O2 GOL KA . -20.52 -50.53 16.51
C3 GOL KA . -21.30 -49.90 14.38
O3 GOL KA . -21.40 -48.56 14.02
C1 GOL LA . -7.73 -22.72 31.79
O1 GOL LA . -7.34 -23.26 30.54
C2 GOL LA . -7.62 -21.21 31.77
O2 GOL LA . -7.71 -20.73 30.45
C3 GOL LA . -8.76 -20.62 32.60
O3 GOL LA . -8.55 -19.25 32.77
C ACT MA . 17.05 -41.67 35.77
O ACT MA . 15.84 -41.61 35.46
OXT ACT MA . 17.47 -42.76 36.23
CH3 ACT MA . 17.97 -40.50 35.59
C1 GOL NA . -6.24 -46.91 41.56
O1 GOL NA . -5.05 -46.46 42.16
C2 GOL NA . -7.43 -46.29 42.29
O2 GOL NA . -7.39 -44.90 42.17
C3 GOL NA . -8.74 -46.82 41.71
O3 GOL NA . -9.39 -47.56 42.72
C1 GOL OA . -2.83 -48.44 46.02
O1 GOL OA . -3.86 -48.21 46.97
C2 GOL OA . -3.06 -47.62 44.75
O2 GOL OA . -3.60 -46.35 45.07
C3 GOL OA . -1.76 -47.46 43.98
O3 GOL OA . -1.83 -46.36 43.09
C1 GOL PA . 27.39 -45.86 49.98
O1 GOL PA . 27.97 -47.15 50.08
C2 GOL PA . 27.42 -45.39 48.53
O2 GOL PA . 28.48 -46.00 47.83
C3 GOL PA . 26.09 -45.70 47.85
O3 GOL PA . 26.14 -45.29 46.50
#